data_3GVD
#
_entry.id   3GVD
#
_cell.length_a   68.472
_cell.length_b   81.228
_cell.length_c   139.406
_cell.angle_alpha   97.07
_cell.angle_beta   95.32
_cell.angle_gamma   94.72
#
_symmetry.space_group_name_H-M   'P 1'
#
loop_
_entity.id
_entity.type
_entity.pdbx_description
1 polymer 'Serine acetyltransferase'
2 non-polymer 'SULFATE ION'
3 non-polymer 'ACETIC ACID'
4 non-polymer CYSTEINE
5 non-polymer GLYCEROL
6 non-polymer 1-METHOXY-2-[2-(2-METHOXY-ETHOXY]-ETHANE
7 non-polymer DI(HYDROXYETHYL)ETHER
8 water water
#
_entity_poly.entity_id   1
_entity_poly.type   'polypeptide(L)'
_entity_poly.pdbx_seq_one_letter_code
;SNAMSSEELEQVWSNIKSEARALAECEPMLASFFHATLLKHENLGSALSYILANKLANPIMPAIAIREVVEEAYRSDAHM
IVSAARDILAVRLRDPAVDKYSTPLLYLKGFHALQAYRIGHWLWAQDRKALAIYLQNQVSVAFGVDIHPAATIGCGIMLD
HATGIVIGETAVVENDVSILQSVTLGGTGKTSGDRHPKIREGVMIGAGAKILGNIEVGRGAKIGAGSVVLQSVPAHTTAA
GVPARIVGKPESDKPSLDMDQHFNGSIQGFEYGDGI
;
_entity_poly.pdbx_strand_id   A,B,C,D,E,F,G,H,I,J,K,L
#
loop_
_chem_comp.id
_chem_comp.type
_chem_comp.name
_chem_comp.formula
ACY non-polymer 'ACETIC ACID' 'C2 H4 O2'
GOL non-polymer GLYCEROL 'C3 H8 O3'
PEG non-polymer DI(HYDROXYETHYL)ETHER 'C4 H10 O3'
PG5 non-polymer 1-METHOXY-2-[2-(2-METHOXY-ETHOXY]-ETHANE 'C8 H18 O4'
SO4 non-polymer 'SULFATE ION' 'O4 S -2'
#
# COMPACT_ATOMS: atom_id res chain seq x y z
N MET A 4 -41.43 -50.51 33.21
CA MET A 4 -41.66 -50.26 31.78
C MET A 4 -41.51 -51.51 30.93
N SER A 5 -42.61 -51.93 30.31
CA SER A 5 -42.58 -53.10 29.44
C SER A 5 -41.95 -52.82 28.08
N SER A 6 -41.64 -53.87 27.35
CA SER A 6 -41.09 -53.76 26.00
C SER A 6 -41.99 -52.90 25.11
N GLU A 7 -43.25 -53.30 25.00
CA GLU A 7 -44.23 -52.60 24.18
C GLU A 7 -44.33 -51.11 24.53
N GLU A 8 -44.28 -50.80 25.81
CA GLU A 8 -44.34 -49.41 26.25
C GLU A 8 -43.14 -48.60 25.73
N LEU A 9 -41.96 -49.19 25.85
CA LEU A 9 -40.72 -48.56 25.42
C LEU A 9 -40.75 -48.23 23.92
N GLU A 10 -41.22 -49.19 23.13
CA GLU A 10 -41.23 -49.01 21.69
C GLU A 10 -42.28 -48.00 21.26
N GLN A 11 -43.39 -47.95 21.98
CA GLN A 11 -44.38 -46.92 21.74
C GLN A 11 -43.76 -45.54 21.94
N VAL A 12 -43.04 -45.35 23.04
CA VAL A 12 -42.42 -44.05 23.27
C VAL A 12 -41.49 -43.69 22.11
N TRP A 13 -40.76 -44.67 21.62
CA TRP A 13 -39.78 -44.43 20.57
C TRP A 13 -40.54 -44.17 19.26
N SER A 14 -41.63 -44.91 19.09
CA SER A 14 -42.43 -44.78 17.88
C SER A 14 -43.08 -43.39 17.78
N ASN A 15 -43.54 -42.87 18.91
CA ASN A 15 -44.04 -41.50 19.00
C ASN A 15 -42.97 -40.47 18.64
N ILE A 16 -41.78 -40.68 19.23
CA ILE A 16 -40.65 -39.80 19.05
C ILE A 16 -40.25 -39.71 17.58
N LYS A 17 -40.26 -40.85 16.89
CA LYS A 17 -39.94 -40.82 15.46
C LYS A 17 -41.01 -40.07 14.67
N SER A 18 -42.27 -40.33 15.00
CA SER A 18 -43.36 -39.67 14.31
C SER A 18 -43.26 -38.16 14.49
N GLU A 19 -42.91 -37.73 15.70
CA GLU A 19 -42.72 -36.32 15.97
C GLU A 19 -41.58 -35.78 15.10
N ALA A 20 -40.56 -36.60 14.93
CA ALA A 20 -39.39 -36.23 14.12
C ALA A 20 -39.73 -35.98 12.63
N ARG A 21 -40.34 -36.98 12.00
CA ARG A 21 -40.87 -36.78 10.65
C ARG A 21 -41.52 -35.42 10.49
N ALA A 22 -42.53 -35.15 11.31
CA ALA A 22 -43.28 -33.91 11.19
C ALA A 22 -42.40 -32.71 11.43
N LEU A 23 -41.49 -32.84 12.39
CA LEU A 23 -40.63 -31.72 12.73
C LEU A 23 -39.72 -31.41 11.55
N ALA A 24 -39.36 -32.42 10.79
CA ALA A 24 -38.37 -32.27 9.73
C ALA A 24 -39.00 -31.61 8.52
N GLU A 25 -40.25 -31.96 8.26
CA GLU A 25 -41.02 -31.28 7.22
C GLU A 25 -41.29 -29.81 7.57
N CYS A 26 -41.51 -29.48 8.83
CA CYS A 26 -41.83 -28.09 9.18
C CYS A 26 -40.61 -27.21 9.52
N GLU A 27 -39.41 -27.77 9.54
CA GLU A 27 -38.23 -26.97 9.82
C GLU A 27 -36.97 -27.47 9.11
N PRO A 28 -36.83 -27.09 7.83
CA PRO A 28 -35.78 -27.57 6.93
C PRO A 28 -34.37 -27.30 7.46
N MET A 29 -34.17 -26.17 8.13
CA MET A 29 -32.88 -25.88 8.76
C MET A 29 -32.42 -27.04 9.63
N LEU A 30 -33.40 -27.74 10.21
CA LEU A 30 -33.14 -28.78 11.21
C LEU A 30 -33.47 -30.19 10.73
N ALA A 31 -33.88 -30.34 9.48
CA ALA A 31 -34.28 -31.66 8.99
C ALA A 31 -33.16 -32.71 9.07
N SER A 32 -31.95 -32.34 8.71
CA SER A 32 -30.90 -33.35 8.70
C SER A 32 -30.58 -33.78 10.14
N PHE A 33 -30.54 -32.80 11.04
CA PHE A 33 -30.28 -33.05 12.45
C PHE A 33 -31.31 -34.02 13.06
N PHE A 34 -32.58 -33.83 12.69
CA PHE A 34 -33.64 -34.77 13.09
C PHE A 34 -33.46 -36.14 12.47
N HIS A 35 -33.01 -36.16 11.22
CA HIS A 35 -32.75 -37.43 10.55
C HIS A 35 -31.56 -38.20 11.17
N ALA A 36 -30.44 -37.51 11.38
CA ALA A 36 -29.23 -38.14 11.92
C ALA A 36 -29.43 -38.61 13.36
N THR A 37 -30.05 -37.76 14.16
CA THR A 37 -30.21 -37.99 15.58
C THR A 37 -31.33 -38.98 15.94
N LEU A 38 -32.46 -38.93 15.26
CA LEU A 38 -33.62 -39.76 15.63
C LEU A 38 -34.13 -40.71 14.54
N LEU A 39 -34.51 -40.12 13.40
CA LEU A 39 -35.18 -40.84 12.32
C LEU A 39 -34.39 -42.03 11.80
N LYS A 40 -33.07 -41.91 11.88
CA LYS A 40 -32.16 -42.85 11.27
C LYS A 40 -31.85 -44.01 12.20
N HIS A 41 -32.41 -43.98 13.40
CA HIS A 41 -32.13 -44.99 14.42
C HIS A 41 -33.26 -46.01 14.61
N GLU A 42 -32.91 -47.20 15.08
CA GLU A 42 -33.90 -48.27 15.20
C GLU A 42 -34.54 -48.28 16.58
N ASN A 43 -33.99 -47.50 17.50
CA ASN A 43 -34.50 -47.45 18.85
C ASN A 43 -33.88 -46.31 19.66
N LEU A 44 -34.21 -46.27 20.95
CA LEU A 44 -33.90 -45.12 21.79
C LEU A 44 -32.43 -45.11 22.25
N GLY A 45 -31.92 -46.30 22.58
CA GLY A 45 -30.53 -46.46 22.95
C GLY A 45 -29.57 -45.87 21.91
N SER A 46 -29.82 -46.19 20.65
CA SER A 46 -29.01 -45.67 19.56
C SER A 46 -29.11 -44.15 19.47
N ALA A 47 -30.32 -43.64 19.68
CA ALA A 47 -30.56 -42.21 19.60
C ALA A 47 -29.85 -41.53 20.74
N LEU A 48 -30.10 -42.02 21.94
CA LEU A 48 -29.56 -41.42 23.14
C LEU A 48 -28.01 -41.36 23.16
N SER A 49 -27.36 -42.43 22.69
CA SER A 49 -25.89 -42.41 22.65
C SER A 49 -25.40 -41.36 21.65
N TYR A 50 -26.00 -41.34 20.47
CA TYR A 50 -25.70 -40.33 19.48
C TYR A 50 -25.75 -38.97 20.16
N ILE A 51 -26.91 -38.69 20.79
CA ILE A 51 -27.18 -37.40 21.41
C ILE A 51 -26.10 -37.04 22.41
N LEU A 52 -25.93 -37.90 23.40
CA LEU A 52 -25.01 -37.63 24.50
C LEU A 52 -23.62 -37.40 23.97
N ALA A 53 -23.18 -38.31 23.10
CA ALA A 53 -21.87 -38.19 22.48
C ALA A 53 -21.70 -36.78 21.92
N ASN A 54 -22.69 -36.33 21.18
CA ASN A 54 -22.60 -34.99 20.63
C ASN A 54 -22.61 -33.91 21.70
N LYS A 55 -23.41 -34.12 22.74
CA LYS A 55 -23.58 -33.12 23.78
C LYS A 55 -22.29 -32.99 24.56
N LEU A 56 -21.71 -34.15 24.89
CA LEU A 56 -20.53 -34.23 25.74
C LEU A 56 -19.17 -34.09 25.02
N ALA A 57 -19.18 -34.04 23.69
CA ALA A 57 -17.95 -33.95 22.93
C ALA A 57 -17.09 -32.76 23.36
N ASN A 58 -15.78 -32.92 23.18
CA ASN A 58 -14.78 -31.95 23.61
C ASN A 58 -13.46 -32.25 22.87
N PRO A 59 -12.49 -31.31 22.87
CA PRO A 59 -11.25 -31.68 22.18
C PRO A 59 -10.62 -32.91 22.83
N ILE A 60 -10.59 -32.93 24.15
CA ILE A 60 -9.98 -34.05 24.85
C ILE A 60 -10.59 -35.38 24.41
N MET A 61 -11.91 -35.43 24.27
CA MET A 61 -12.57 -36.65 23.86
C MET A 61 -13.73 -36.35 22.92
N PRO A 62 -13.60 -36.74 21.65
CA PRO A 62 -14.63 -36.30 20.72
C PRO A 62 -15.82 -37.23 20.79
N ALA A 63 -16.97 -36.73 20.36
CA ALA A 63 -18.22 -37.47 20.39
C ALA A 63 -18.10 -38.88 19.81
N ILE A 64 -17.28 -39.06 18.77
CA ILE A 64 -17.26 -40.35 18.12
C ILE A 64 -16.71 -41.44 19.04
N ALA A 65 -15.82 -41.04 19.96
CA ALA A 65 -15.23 -41.95 20.96
C ALA A 65 -16.18 -42.18 22.13
N ILE A 66 -16.78 -41.11 22.65
CA ILE A 66 -17.72 -41.24 23.76
C ILE A 66 -18.88 -42.16 23.41
N ARG A 67 -19.41 -42.02 22.21
CA ARG A 67 -20.48 -42.90 21.78
C ARG A 67 -20.12 -44.37 21.99
N GLU A 68 -18.86 -44.71 21.77
CA GLU A 68 -18.39 -46.08 22.00
C GLU A 68 -18.54 -46.47 23.48
N VAL A 69 -18.20 -45.54 24.37
CA VAL A 69 -18.35 -45.80 25.79
C VAL A 69 -19.81 -45.97 26.19
N VAL A 70 -20.63 -44.97 25.91
CA VAL A 70 -22.05 -45.04 26.21
C VAL A 70 -22.64 -46.35 25.66
N GLU A 71 -22.22 -46.73 24.46
CA GLU A 71 -22.71 -47.93 23.80
C GLU A 71 -22.37 -49.18 24.62
N GLU A 72 -21.16 -49.19 25.17
CA GLU A 72 -20.68 -50.33 25.94
C GLU A 72 -21.46 -50.39 27.24
N ALA A 73 -21.65 -49.24 27.87
CA ALA A 73 -22.53 -49.14 29.04
C ALA A 73 -23.94 -49.65 28.76
N TYR A 74 -24.65 -49.07 27.80
CA TYR A 74 -25.99 -49.58 27.51
C TYR A 74 -25.92 -51.09 27.24
N ARG A 75 -24.85 -51.55 26.58
CA ARG A 75 -24.72 -52.96 26.31
C ARG A 75 -24.60 -53.75 27.61
N SER A 76 -23.97 -53.14 28.61
CA SER A 76 -23.83 -53.73 29.96
C SER A 76 -25.10 -53.62 30.83
N ASP A 77 -25.69 -52.42 30.90
CA ASP A 77 -26.89 -52.19 31.70
C ASP A 77 -27.99 -51.52 30.86
N ALA A 78 -28.84 -52.36 30.28
CA ALA A 78 -29.91 -51.89 29.42
C ALA A 78 -30.98 -51.07 30.16
N HIS A 79 -31.14 -51.31 31.46
CA HIS A 79 -32.16 -50.59 32.23
C HIS A 79 -31.84 -49.10 32.26
N MET A 80 -30.63 -48.72 31.85
CA MET A 80 -30.27 -47.31 31.72
C MET A 80 -31.12 -46.65 30.64
N ILE A 81 -31.44 -47.44 29.62
CA ILE A 81 -32.24 -46.97 28.52
C ILE A 81 -33.68 -46.91 29.00
N VAL A 82 -34.12 -47.96 29.69
CA VAL A 82 -35.42 -47.94 30.33
C VAL A 82 -35.57 -46.74 31.27
N SER A 83 -34.53 -46.47 32.07
CA SER A 83 -34.51 -45.29 32.92
C SER A 83 -34.82 -44.06 32.11
N ALA A 84 -33.99 -43.86 31.08
CA ALA A 84 -34.15 -42.73 30.18
C ALA A 84 -35.58 -42.55 29.65
N ALA A 85 -36.19 -43.63 29.16
CA ALA A 85 -37.56 -43.60 28.68
C ALA A 85 -38.49 -43.09 29.77
N ARG A 86 -38.29 -43.61 30.99
CA ARG A 86 -39.04 -43.18 32.16
C ARG A 86 -38.89 -41.68 32.42
N ASP A 87 -37.69 -41.15 32.25
CA ASP A 87 -37.44 -39.71 32.44
C ASP A 87 -38.09 -38.81 31.36
N ILE A 88 -38.18 -39.30 30.13
CA ILE A 88 -38.88 -38.56 29.09
C ILE A 88 -40.36 -38.40 29.44
N LEU A 89 -41.04 -39.52 29.66
CA LEU A 89 -42.42 -39.52 30.15
C LEU A 89 -42.62 -38.54 31.29
N ALA A 90 -41.71 -38.57 32.26
CA ALA A 90 -41.86 -37.71 33.43
C ALA A 90 -41.93 -36.25 33.02
N VAL A 91 -40.96 -35.82 32.21
CA VAL A 91 -40.91 -34.44 31.73
C VAL A 91 -42.20 -34.06 31.00
N ARG A 92 -42.61 -34.88 30.03
CA ARG A 92 -43.86 -34.66 29.29
C ARG A 92 -45.08 -34.51 30.20
N LEU A 93 -45.26 -35.44 31.13
CA LEU A 93 -46.42 -35.44 32.01
C LEU A 93 -46.45 -34.31 33.03
N ARG A 94 -45.27 -33.85 33.43
CA ARG A 94 -45.16 -32.91 34.54
C ARG A 94 -44.83 -31.48 34.10
N ASP A 95 -44.24 -31.31 32.93
CA ASP A 95 -43.94 -29.96 32.47
C ASP A 95 -44.99 -29.44 31.46
N PRO A 96 -45.82 -28.48 31.89
CA PRO A 96 -46.82 -27.85 31.02
C PRO A 96 -46.16 -27.27 29.79
N ALA A 97 -44.93 -26.79 29.96
CA ALA A 97 -44.15 -26.24 28.86
C ALA A 97 -43.62 -27.31 27.91
N VAL A 98 -43.66 -28.59 28.33
CA VAL A 98 -43.27 -29.67 27.41
C VAL A 98 -44.47 -30.37 26.74
N ASP A 99 -44.55 -30.26 25.42
CA ASP A 99 -45.68 -30.78 24.63
C ASP A 99 -45.28 -31.90 23.65
N LYS A 100 -44.00 -32.24 23.61
CA LYS A 100 -43.55 -33.31 22.72
C LYS A 100 -42.62 -34.26 23.43
N TYR A 101 -42.74 -35.56 23.16
CA TYR A 101 -41.78 -36.56 23.65
C TYR A 101 -40.33 -36.30 23.22
N SER A 102 -40.14 -35.87 21.98
CA SER A 102 -38.78 -35.60 21.50
C SER A 102 -38.09 -34.40 22.16
N THR A 103 -38.81 -33.58 22.92
CA THR A 103 -38.18 -32.36 23.48
C THR A 103 -37.11 -32.61 24.58
N PRO A 104 -37.43 -33.46 25.58
CA PRO A 104 -36.40 -33.77 26.57
C PRO A 104 -35.19 -34.38 25.90
N LEU A 105 -35.40 -35.49 25.18
CA LEU A 105 -34.32 -36.19 24.52
C LEU A 105 -33.42 -35.27 23.67
N LEU A 106 -34.03 -34.37 22.90
CA LEU A 106 -33.26 -33.52 22.00
C LEU A 106 -32.64 -32.32 22.68
N TYR A 107 -33.39 -31.65 23.54
CA TYR A 107 -33.03 -30.27 23.86
C TYR A 107 -32.75 -29.94 25.32
N LEU A 108 -33.27 -30.75 26.23
CA LEU A 108 -33.36 -30.34 27.63
C LEU A 108 -32.16 -30.79 28.46
N LYS A 109 -31.34 -29.82 28.84
CA LYS A 109 -30.06 -30.17 29.44
C LYS A 109 -30.26 -30.89 30.76
N GLY A 110 -31.32 -30.55 31.49
CA GLY A 110 -31.66 -31.31 32.68
C GLY A 110 -31.71 -32.79 32.39
N PHE A 111 -32.48 -33.16 31.38
CA PHE A 111 -32.56 -34.57 31.00
C PHE A 111 -31.21 -35.13 30.53
N HIS A 112 -30.44 -34.29 29.85
CA HIS A 112 -29.18 -34.71 29.28
C HIS A 112 -28.17 -35.00 30.36
N ALA A 113 -28.15 -34.11 31.35
CA ALA A 113 -27.18 -34.19 32.43
C ALA A 113 -27.49 -35.41 33.28
N LEU A 114 -28.71 -35.91 33.15
CA LEU A 114 -29.16 -37.00 34.00
C LEU A 114 -28.67 -38.30 33.39
N GLN A 115 -28.88 -38.43 32.09
CA GLN A 115 -28.47 -39.66 31.43
C GLN A 115 -26.95 -39.75 31.32
N ALA A 116 -26.29 -38.59 31.41
CA ALA A 116 -24.84 -38.53 31.42
C ALA A 116 -24.36 -39.07 32.76
N TYR A 117 -24.98 -38.56 33.83
CA TYR A 117 -24.76 -39.14 35.15
C TYR A 117 -24.81 -40.67 35.05
N ARG A 118 -25.84 -41.20 34.42
CA ARG A 118 -25.99 -42.65 34.31
C ARG A 118 -24.76 -43.35 33.70
N ILE A 119 -24.08 -42.71 32.76
CA ILE A 119 -22.89 -43.32 32.18
C ILE A 119 -21.76 -43.34 33.23
N GLY A 120 -21.52 -42.18 33.85
CA GLY A 120 -20.50 -42.03 34.86
C GLY A 120 -20.69 -42.97 36.05
N HIS A 121 -21.95 -43.14 36.45
CA HIS A 121 -22.32 -44.01 37.57
C HIS A 121 -22.02 -45.46 37.25
N TRP A 122 -22.20 -45.84 35.98
CA TRP A 122 -21.87 -47.17 35.52
C TRP A 122 -20.35 -47.41 35.45
N LEU A 123 -19.62 -46.38 35.00
CA LEU A 123 -18.16 -46.37 35.02
C LEU A 123 -17.66 -46.53 36.45
N TRP A 124 -18.19 -45.69 37.35
CA TRP A 124 -17.83 -45.74 38.75
C TRP A 124 -17.92 -47.17 39.29
N ALA A 125 -18.97 -47.88 38.89
CA ALA A 125 -19.21 -49.24 39.37
C ALA A 125 -18.37 -50.25 38.61
N GLN A 126 -17.78 -49.81 37.51
CA GLN A 126 -16.78 -50.61 36.79
C GLN A 126 -15.37 -50.27 37.25
N ASP A 127 -15.26 -49.37 38.21
CA ASP A 127 -13.96 -48.97 38.77
C ASP A 127 -13.20 -48.10 37.78
N ARG A 128 -13.91 -47.63 36.76
CA ARG A 128 -13.35 -46.66 35.84
C ARG A 128 -13.68 -45.24 36.35
N LYS A 129 -13.16 -44.93 37.54
CA LYS A 129 -13.48 -43.70 38.26
C LYS A 129 -12.87 -42.45 37.63
N ALA A 130 -11.69 -42.60 37.02
CA ALA A 130 -11.02 -41.47 36.38
C ALA A 130 -11.89 -40.92 35.26
N LEU A 131 -12.49 -41.81 34.51
CA LEU A 131 -13.32 -41.43 33.40
C LEU A 131 -14.64 -40.80 33.92
N ALA A 132 -15.24 -41.40 34.94
CA ALA A 132 -16.47 -40.85 35.52
C ALA A 132 -16.26 -39.46 36.10
N ILE A 133 -15.21 -39.29 36.90
CA ILE A 133 -14.83 -37.97 37.41
C ILE A 133 -14.63 -36.96 36.27
N TYR A 134 -14.09 -37.42 35.15
CA TYR A 134 -13.92 -36.56 33.97
C TYR A 134 -15.27 -36.17 33.36
N LEU A 135 -16.11 -37.16 33.10
CA LEU A 135 -17.44 -36.89 32.56
C LEU A 135 -18.24 -35.95 33.47
N GLN A 136 -18.19 -36.21 34.78
CA GLN A 136 -18.91 -35.42 35.77
C GLN A 136 -18.64 -33.93 35.63
N ASN A 137 -17.38 -33.55 35.52
CA ASN A 137 -17.07 -32.13 35.51
C ASN A 137 -17.25 -31.53 34.13
N GLN A 138 -17.34 -32.40 33.13
CA GLN A 138 -17.59 -31.95 31.77
C GLN A 138 -19.07 -31.60 31.68
N VAL A 139 -19.90 -32.46 32.25
CA VAL A 139 -21.32 -32.21 32.34
C VAL A 139 -21.57 -30.93 33.14
N SER A 140 -20.70 -30.66 34.12
CA SER A 140 -20.86 -29.46 34.93
C SER A 140 -20.50 -28.20 34.17
N VAL A 141 -19.46 -28.26 33.34
CA VAL A 141 -19.05 -27.04 32.63
C VAL A 141 -20.01 -26.73 31.48
N ALA A 142 -20.51 -27.78 30.83
CA ALA A 142 -21.34 -27.62 29.66
C ALA A 142 -22.80 -27.28 30.04
N PHE A 143 -23.30 -27.90 31.10
CA PHE A 143 -24.70 -27.78 31.49
C PHE A 143 -24.98 -27.05 32.81
N GLY A 144 -23.94 -26.72 33.56
CA GLY A 144 -24.15 -26.12 34.86
C GLY A 144 -24.85 -27.08 35.81
N VAL A 145 -24.80 -28.36 35.49
CA VAL A 145 -25.33 -29.40 36.38
C VAL A 145 -24.18 -30.23 36.94
N ASP A 146 -24.05 -30.27 38.28
CA ASP A 146 -22.97 -31.03 38.92
C ASP A 146 -23.50 -32.21 39.73
N ILE A 147 -23.45 -33.37 39.11
CA ILE A 147 -23.83 -34.61 39.76
C ILE A 147 -22.62 -35.55 39.91
N HIS A 148 -22.33 -35.95 41.15
CA HIS A 148 -21.28 -36.92 41.44
C HIS A 148 -21.73 -38.32 41.02
N PRO A 149 -20.88 -39.04 40.27
CA PRO A 149 -21.23 -40.36 39.75
C PRO A 149 -21.58 -41.40 40.81
N ALA A 150 -21.03 -41.27 42.03
CA ALA A 150 -21.36 -42.20 43.11
C ALA A 150 -22.77 -42.00 43.72
N ALA A 151 -23.45 -40.92 43.35
CA ALA A 151 -24.85 -40.71 43.76
C ALA A 151 -25.74 -41.85 43.27
N THR A 152 -26.81 -42.14 43.99
CA THR A 152 -27.72 -43.20 43.58
C THR A 152 -29.07 -42.61 43.17
N ILE A 153 -29.28 -42.49 41.86
CA ILE A 153 -30.45 -41.79 41.34
C ILE A 153 -31.37 -42.73 40.57
N GLY A 154 -32.66 -42.66 40.88
CA GLY A 154 -33.66 -43.52 40.27
C GLY A 154 -34.09 -42.98 38.91
N CYS A 155 -35.30 -43.34 38.47
CA CYS A 155 -35.80 -42.87 37.20
C CYS A 155 -37.28 -42.43 37.29
N GLY A 156 -37.77 -41.79 36.23
CA GLY A 156 -39.06 -41.14 36.29
C GLY A 156 -38.81 -39.83 36.99
N ILE A 157 -37.60 -39.32 36.77
CA ILE A 157 -37.08 -38.10 37.39
C ILE A 157 -37.07 -36.90 36.44
N MET A 158 -37.46 -35.73 36.95
CA MET A 158 -37.44 -34.52 36.14
C MET A 158 -36.50 -33.46 36.71
N LEU A 159 -35.61 -32.96 35.84
CA LEU A 159 -34.76 -31.81 36.18
C LEU A 159 -35.11 -30.62 35.29
N ASP A 160 -36.12 -29.88 35.74
CA ASP A 160 -36.64 -28.74 35.00
C ASP A 160 -35.71 -27.54 35.06
N HIS A 161 -35.38 -27.03 33.87
CA HIS A 161 -34.44 -25.91 33.69
C HIS A 161 -33.01 -26.34 34.02
N ALA A 162 -32.79 -26.69 35.28
CA ALA A 162 -31.66 -27.50 35.73
C ALA A 162 -30.39 -26.71 36.07
N THR A 163 -30.21 -25.56 35.45
CA THR A 163 -29.03 -24.74 35.73
C THR A 163 -28.82 -24.61 37.23
N GLY A 164 -27.66 -25.02 37.72
CA GLY A 164 -27.30 -24.79 39.12
C GLY A 164 -27.47 -26.00 40.02
N ILE A 165 -27.96 -27.11 39.48
CA ILE A 165 -28.19 -28.28 40.30
C ILE A 165 -26.89 -28.94 40.78
N VAL A 166 -26.83 -29.21 42.09
CA VAL A 166 -25.72 -29.94 42.68
C VAL A 166 -26.25 -31.19 43.37
N ILE A 167 -25.81 -32.35 42.93
CA ILE A 167 -26.11 -33.58 43.65
C ILE A 167 -24.81 -34.29 44.05
N GLY A 168 -24.60 -34.48 45.35
CA GLY A 168 -23.35 -35.00 45.88
C GLY A 168 -23.14 -36.51 45.99
N GLU A 169 -21.94 -36.88 46.41
CA GLU A 169 -21.43 -38.26 46.36
C GLU A 169 -22.37 -39.30 46.97
N THR A 170 -22.81 -39.04 48.20
CA THR A 170 -23.57 -40.03 48.96
C THR A 170 -25.08 -39.86 48.91
N ALA A 171 -25.57 -39.02 48.00
CA ALA A 171 -26.99 -38.73 47.90
C ALA A 171 -27.75 -39.92 47.32
N VAL A 172 -29.00 -40.07 47.74
CA VAL A 172 -29.89 -40.99 47.07
C VAL A 172 -31.12 -40.22 46.62
N VAL A 173 -31.51 -40.41 45.36
CA VAL A 173 -32.79 -39.90 44.87
C VAL A 173 -33.59 -41.03 44.29
N GLU A 174 -34.66 -41.42 44.97
CA GLU A 174 -35.51 -42.52 44.52
C GLU A 174 -36.33 -42.18 43.28
N ASN A 175 -37.14 -43.13 42.84
CA ASN A 175 -37.96 -42.93 41.64
C ASN A 175 -39.01 -41.81 41.73
N ASP A 176 -39.36 -41.29 40.56
CA ASP A 176 -40.49 -40.37 40.43
C ASP A 176 -40.32 -39.14 41.32
N VAL A 177 -39.20 -38.45 41.11
CA VAL A 177 -38.91 -37.22 41.83
C VAL A 177 -38.77 -36.06 40.84
N SER A 178 -39.18 -34.87 41.26
CA SER A 178 -39.06 -33.68 40.43
C SER A 178 -38.24 -32.64 41.15
N ILE A 179 -37.27 -32.07 40.44
CA ILE A 179 -36.29 -31.14 41.00
C ILE A 179 -36.12 -29.96 40.06
N LEU A 180 -36.11 -28.76 40.64
CA LEU A 180 -36.03 -27.53 39.84
C LEU A 180 -34.61 -26.94 39.81
N GLN A 181 -34.43 -25.88 39.04
CA GLN A 181 -33.15 -25.18 38.96
C GLN A 181 -32.58 -24.81 40.33
N SER A 182 -31.25 -24.77 40.40
CA SER A 182 -30.54 -24.35 41.59
C SER A 182 -30.86 -25.14 42.87
N VAL A 183 -31.22 -26.41 42.73
CA VAL A 183 -31.41 -27.27 43.91
C VAL A 183 -30.11 -27.99 44.27
N THR A 184 -29.67 -27.79 45.50
CA THR A 184 -28.53 -28.47 46.06
C THR A 184 -28.98 -29.65 46.95
N LEU A 185 -28.55 -30.86 46.60
CA LEU A 185 -28.62 -32.02 47.50
C LEU A 185 -27.19 -32.28 48.01
N GLY A 186 -26.71 -31.37 48.86
CA GLY A 186 -25.30 -31.33 49.20
C GLY A 186 -24.90 -31.93 50.53
N GLY A 187 -23.61 -31.86 50.82
CA GLY A 187 -23.07 -32.49 52.01
C GLY A 187 -22.65 -31.45 53.02
N THR A 188 -22.10 -31.92 54.13
CA THR A 188 -21.60 -31.08 55.21
C THR A 188 -20.34 -31.77 55.79
N GLY A 189 -19.44 -30.97 56.37
CA GLY A 189 -18.26 -31.49 57.01
C GLY A 189 -17.13 -31.75 56.01
N LYS A 190 -15.95 -32.09 56.52
CA LYS A 190 -14.81 -32.33 55.64
C LYS A 190 -14.43 -33.80 55.48
N THR A 191 -15.28 -34.72 55.92
CA THR A 191 -14.94 -36.14 55.87
C THR A 191 -15.88 -37.01 55.05
N SER A 192 -15.34 -38.11 54.54
CA SER A 192 -16.10 -39.07 53.76
C SER A 192 -17.16 -39.74 54.62
N GLY A 193 -18.02 -40.55 53.99
CA GLY A 193 -19.17 -41.14 54.67
C GLY A 193 -20.46 -40.41 54.37
N ASP A 194 -21.60 -41.05 54.66
CA ASP A 194 -22.90 -40.46 54.37
C ASP A 194 -23.03 -39.05 54.91
N ARG A 195 -23.31 -38.11 54.02
CA ARG A 195 -23.36 -36.70 54.37
C ARG A 195 -24.23 -35.92 53.39
N HIS A 196 -24.90 -36.63 52.49
CA HIS A 196 -25.81 -36.03 51.50
C HIS A 196 -27.25 -36.56 51.72
N PRO A 197 -28.24 -35.82 51.23
CA PRO A 197 -29.63 -36.18 51.51
C PRO A 197 -30.11 -37.42 50.78
N LYS A 198 -31.17 -38.01 51.31
CA LYS A 198 -31.84 -39.16 50.71
C LYS A 198 -33.29 -38.79 50.38
N ILE A 199 -33.54 -38.60 49.09
CA ILE A 199 -34.84 -38.16 48.58
C ILE A 199 -35.67 -39.35 48.10
N ARG A 200 -36.77 -39.61 48.80
CA ARG A 200 -37.62 -40.77 48.56
C ARG A 200 -38.68 -40.49 47.51
N GLU A 201 -39.34 -41.55 47.06
CA GLU A 201 -40.35 -41.45 45.99
C GLU A 201 -41.38 -40.36 46.21
N GLY A 202 -41.65 -39.60 45.15
CA GLY A 202 -42.79 -38.70 45.14
C GLY A 202 -42.48 -37.27 45.56
N VAL A 203 -41.22 -36.98 45.84
CA VAL A 203 -40.85 -35.65 46.28
C VAL A 203 -40.78 -34.64 45.12
N MET A 204 -41.11 -33.39 45.40
CA MET A 204 -40.78 -32.33 44.48
C MET A 204 -40.09 -31.24 45.26
N ILE A 205 -39.02 -30.72 44.67
CA ILE A 205 -38.20 -29.72 45.33
C ILE A 205 -38.25 -28.50 44.45
N GLY A 206 -38.66 -27.38 45.02
CA GLY A 206 -38.78 -26.12 44.29
C GLY A 206 -37.47 -25.36 44.03
N ALA A 207 -37.49 -24.54 43.00
CA ALA A 207 -36.34 -23.73 42.63
C ALA A 207 -35.52 -23.25 43.83
N GLY A 208 -34.21 -23.47 43.78
CA GLY A 208 -33.28 -22.86 44.72
C GLY A 208 -33.16 -23.50 46.10
N ALA A 209 -33.90 -24.59 46.33
CA ALA A 209 -33.83 -25.28 47.60
C ALA A 209 -32.42 -25.88 47.87
N LYS A 210 -31.95 -25.73 49.10
CA LYS A 210 -30.67 -26.30 49.53
C LYS A 210 -30.91 -27.33 50.65
N ILE A 211 -30.75 -28.59 50.32
CA ILE A 211 -30.94 -29.66 51.27
C ILE A 211 -29.57 -30.21 51.68
N LEU A 212 -29.20 -30.02 52.95
CA LEU A 212 -27.84 -30.32 53.42
C LEU A 212 -27.74 -31.46 54.43
N GLY A 213 -26.64 -32.21 54.35
CA GLY A 213 -26.33 -33.23 55.33
C GLY A 213 -27.00 -34.54 54.99
N ASN A 214 -26.85 -35.52 55.87
CA ASN A 214 -27.38 -36.85 55.62
C ASN A 214 -28.74 -36.95 56.27
N ILE A 215 -29.70 -36.26 55.69
CA ILE A 215 -31.05 -36.27 56.21
C ILE A 215 -31.99 -36.86 55.18
N GLU A 216 -33.14 -37.34 55.65
CA GLU A 216 -34.12 -37.92 54.76
C GLU A 216 -35.22 -36.91 54.49
N VAL A 217 -35.68 -36.81 53.24
CA VAL A 217 -36.93 -36.14 52.90
C VAL A 217 -37.92 -37.24 52.50
N GLY A 218 -38.93 -37.45 53.34
CA GLY A 218 -39.81 -38.60 53.23
C GLY A 218 -40.68 -38.67 52.00
N ARG A 219 -41.29 -39.83 51.80
CA ARG A 219 -42.17 -40.07 50.65
C ARG A 219 -43.29 -39.05 50.49
N GLY A 220 -43.37 -38.45 49.30
CA GLY A 220 -44.45 -37.56 48.94
C GLY A 220 -44.39 -36.21 49.62
N ALA A 221 -43.21 -35.83 50.08
CA ALA A 221 -43.03 -34.54 50.72
C ALA A 221 -42.78 -33.44 49.67
N LYS A 222 -42.87 -32.20 50.11
CA LYS A 222 -42.59 -31.07 49.26
C LYS A 222 -41.65 -30.10 49.96
N ILE A 223 -40.63 -29.65 49.24
CA ILE A 223 -39.76 -28.61 49.73
C ILE A 223 -40.00 -27.37 48.90
N GLY A 224 -40.35 -26.28 49.57
CA GLY A 224 -40.63 -25.04 48.88
C GLY A 224 -39.37 -24.44 48.28
N ALA A 225 -39.58 -23.70 47.19
CA ALA A 225 -38.54 -22.87 46.63
C ALA A 225 -37.79 -22.09 47.71
N GLY A 226 -36.48 -21.95 47.54
CA GLY A 226 -35.68 -21.07 48.38
C GLY A 226 -35.51 -21.60 49.79
N SER A 227 -35.86 -22.86 49.98
CA SER A 227 -35.83 -23.43 51.32
C SER A 227 -34.51 -24.12 51.62
N VAL A 228 -34.07 -24.02 52.88
CA VAL A 228 -32.79 -24.61 53.32
C VAL A 228 -33.03 -25.68 54.38
N VAL A 229 -32.98 -26.94 53.96
CA VAL A 229 -33.42 -28.07 54.78
C VAL A 229 -32.25 -28.66 55.53
N LEU A 230 -32.29 -28.59 56.86
CA LEU A 230 -31.17 -29.04 57.66
C LEU A 230 -31.52 -30.28 58.46
N GLN A 231 -32.74 -30.76 58.28
CA GLN A 231 -33.29 -31.77 59.17
C GLN A 231 -34.18 -32.68 58.35
N SER A 232 -34.36 -33.90 58.80
CA SER A 232 -35.23 -34.79 58.05
C SER A 232 -36.67 -34.28 57.98
N VAL A 233 -37.25 -34.36 56.78
CA VAL A 233 -38.62 -33.98 56.53
C VAL A 233 -39.49 -35.24 56.48
N PRO A 234 -40.51 -35.32 57.33
CA PRO A 234 -41.34 -36.55 57.35
C PRO A 234 -42.08 -36.74 56.03
N ALA A 235 -42.35 -38.00 55.70
CA ALA A 235 -43.19 -38.31 54.55
C ALA A 235 -44.47 -37.48 54.57
N HIS A 236 -44.91 -37.08 53.38
CA HIS A 236 -46.19 -36.42 53.21
C HIS A 236 -46.32 -35.13 54.01
N THR A 237 -45.23 -34.41 54.17
CA THR A 237 -45.31 -33.09 54.79
C THR A 237 -44.73 -32.05 53.85
N THR A 238 -44.94 -30.78 54.16
CA THR A 238 -44.41 -29.71 53.34
C THR A 238 -43.42 -28.92 54.18
N ALA A 239 -42.24 -28.68 53.64
CA ALA A 239 -41.23 -28.01 54.43
C ALA A 239 -40.78 -26.79 53.64
N ALA A 240 -40.64 -25.66 54.34
CA ALA A 240 -40.28 -24.39 53.69
C ALA A 240 -39.64 -23.42 54.67
N GLY A 241 -38.98 -22.40 54.13
CA GLY A 241 -38.26 -21.42 54.94
C GLY A 241 -36.76 -21.68 55.09
N VAL A 242 -36.07 -20.72 55.67
CA VAL A 242 -34.63 -20.79 55.85
C VAL A 242 -34.29 -20.49 57.28
N PRO A 243 -34.18 -21.53 58.14
CA PRO A 243 -34.25 -22.97 57.87
C PRO A 243 -35.67 -23.46 57.69
N ALA A 244 -35.82 -24.45 56.83
CA ALA A 244 -37.11 -25.06 56.60
C ALA A 244 -37.69 -25.63 57.90
N ARG A 245 -38.99 -25.47 58.07
CA ARG A 245 -39.74 -26.29 59.01
C ARG A 245 -40.95 -26.82 58.26
N ILE A 246 -41.67 -27.72 58.91
CA ILE A 246 -42.97 -28.18 58.42
C ILE A 246 -44.04 -27.07 58.54
N VAL A 247 -44.73 -26.85 57.43
CA VAL A 247 -45.68 -25.75 57.31
C VAL A 247 -46.96 -26.24 56.68
N GLY A 248 -47.09 -27.55 56.52
CA GLY A 248 -48.30 -28.12 55.96
C GLY A 248 -48.15 -29.52 55.43
N LYS A 249 -49.16 -29.96 54.67
CA LYS A 249 -49.10 -31.22 53.95
C LYS A 249 -49.39 -30.92 52.49
N PRO A 250 -48.78 -31.69 51.57
CA PRO A 250 -49.09 -31.54 50.15
C PRO A 250 -50.53 -31.91 49.85
N GLU A 251 -51.00 -31.49 48.68
CA GLU A 251 -52.40 -31.67 48.31
C GLU A 251 -52.64 -33.08 47.81
N SER A 252 -51.63 -33.70 47.21
CA SER A 252 -51.74 -35.09 46.80
C SER A 252 -50.63 -35.92 47.43
N ASP A 253 -50.65 -37.22 47.16
CA ASP A 253 -49.72 -38.16 47.78
C ASP A 253 -48.31 -38.17 47.15
N LYS A 254 -48.21 -37.90 45.86
CA LYS A 254 -46.90 -37.82 45.21
C LYS A 254 -46.77 -36.48 44.51
N PRO A 255 -46.39 -35.44 45.26
CA PRO A 255 -46.29 -34.07 44.73
C PRO A 255 -45.41 -33.91 43.49
N SER A 256 -44.45 -34.82 43.29
CA SER A 256 -43.62 -34.78 42.09
C SER A 256 -44.47 -34.69 40.80
N LEU A 257 -45.62 -35.36 40.80
CA LEU A 257 -46.42 -35.47 39.59
C LEU A 257 -47.17 -34.17 39.27
N ASP A 258 -47.36 -33.33 40.27
CA ASP A 258 -48.27 -32.18 40.15
C ASP A 258 -47.62 -30.82 40.17
N MET A 259 -46.44 -30.73 40.76
CA MET A 259 -45.64 -29.53 40.62
C MET A 259 -46.33 -28.29 41.18
N ASP A 260 -47.16 -28.51 42.19
CA ASP A 260 -47.81 -27.41 42.90
C ASP A 260 -46.75 -26.76 43.81
N GLN A 261 -46.36 -25.53 43.45
CA GLN A 261 -45.29 -24.82 44.13
C GLN A 261 -45.70 -24.10 45.44
N HIS A 262 -46.99 -24.11 45.78
CA HIS A 262 -47.47 -23.32 46.92
C HIS A 262 -47.06 -23.86 48.27
N PHE A 263 -46.70 -22.96 49.18
CA PHE A 263 -46.55 -23.30 50.58
C PHE A 263 -46.95 -22.16 51.51
N ASN A 264 -47.23 -22.49 52.77
CA ASN A 264 -47.48 -21.47 53.77
C ASN A 264 -46.19 -21.11 54.52
N GLY A 265 -46.15 -19.91 55.09
CA GLY A 265 -44.96 -19.45 55.79
C GLY A 265 -45.01 -19.86 57.24
N SER A 266 -45.97 -20.73 57.56
CA SER A 266 -46.34 -21.01 58.93
C SER A 266 -47.29 -22.19 58.90
N ILE A 267 -47.14 -23.14 59.82
CA ILE A 267 -48.12 -24.21 59.83
C ILE A 267 -49.46 -23.70 60.34
N GLN A 268 -49.42 -22.65 61.15
CA GLN A 268 -50.63 -22.00 61.61
C GLN A 268 -51.40 -21.59 60.37
N GLY A 269 -50.72 -20.87 59.47
CA GLY A 269 -51.33 -20.37 58.26
C GLY A 269 -51.91 -21.43 57.34
N PHE A 270 -51.30 -22.61 57.30
CA PHE A 270 -51.82 -23.70 56.48
C PHE A 270 -53.12 -24.27 57.08
N GLU A 271 -53.24 -24.22 58.40
CA GLU A 271 -54.47 -24.69 59.03
C GLU A 271 -55.58 -23.66 58.86
N TYR A 272 -55.20 -22.38 58.86
CA TYR A 272 -56.14 -21.28 58.72
C TYR A 272 -56.76 -21.23 57.33
N GLY A 273 -56.07 -21.76 56.34
CA GLY A 273 -56.55 -21.67 54.98
C GLY A 273 -55.75 -20.63 54.23
N ASP A 274 -54.96 -19.85 54.97
CA ASP A 274 -54.07 -18.80 54.43
C ASP A 274 -53.62 -17.83 55.54
N ASN B 2 -40.89 4.12 25.82
CA ASN B 2 -39.52 3.78 25.44
C ASN B 2 -39.18 3.84 23.94
N ALA B 3 -40.09 4.37 23.13
CA ALA B 3 -39.87 4.51 21.69
C ALA B 3 -38.63 5.37 21.40
N MET B 4 -37.99 5.13 20.27
CA MET B 4 -36.72 5.81 19.99
C MET B 4 -36.65 6.38 18.58
N SER B 5 -36.39 7.68 18.46
CA SER B 5 -36.28 8.31 17.15
C SER B 5 -35.10 7.71 16.42
N SER B 6 -35.27 7.35 15.15
CA SER B 6 -34.19 6.72 14.41
C SER B 6 -32.86 7.49 14.52
N GLU B 7 -32.94 8.78 14.78
CA GLU B 7 -31.75 9.62 15.02
C GLU B 7 -31.08 9.33 16.36
N GLU B 8 -31.89 8.97 17.34
CA GLU B 8 -31.42 8.55 18.66
C GLU B 8 -30.66 7.24 18.55
N LEU B 9 -31.24 6.29 17.84
CA LEU B 9 -30.65 4.98 17.64
C LEU B 9 -29.27 5.13 16.98
N GLU B 10 -29.19 6.00 15.99
CA GLU B 10 -27.93 6.23 15.29
C GLU B 10 -26.93 6.99 16.16
N GLN B 11 -27.41 7.69 17.17
CA GLN B 11 -26.55 8.38 18.13
C GLN B 11 -25.91 7.35 19.04
N VAL B 12 -26.72 6.38 19.45
CA VAL B 12 -26.23 5.29 20.24
C VAL B 12 -25.21 4.48 19.45
N TRP B 13 -25.55 4.10 18.23
CA TRP B 13 -24.61 3.37 17.38
C TRP B 13 -23.29 4.11 17.16
N SER B 14 -23.35 5.42 16.98
CA SER B 14 -22.14 6.19 16.76
C SER B 14 -21.27 6.31 18.01
N ASN B 15 -21.90 6.24 19.19
CA ASN B 15 -21.14 6.26 20.43
C ASN B 15 -20.33 4.99 20.57
N ILE B 16 -20.96 3.86 20.25
CA ILE B 16 -20.32 2.55 20.30
C ILE B 16 -19.15 2.44 19.31
N LYS B 17 -19.36 2.90 18.09
CA LYS B 17 -18.32 2.81 17.07
C LYS B 17 -17.15 3.69 17.48
N SER B 18 -17.46 4.74 18.22
CA SER B 18 -16.42 5.60 18.76
C SER B 18 -15.60 4.84 19.81
N GLU B 19 -16.28 4.12 20.69
CA GLU B 19 -15.57 3.32 21.69
C GLU B 19 -14.72 2.27 20.99
N ALA B 20 -15.30 1.58 20.01
CA ALA B 20 -14.61 0.52 19.28
C ALA B 20 -13.24 0.92 18.73
N ARG B 21 -13.11 2.14 18.21
CA ARG B 21 -11.84 2.63 17.66
C ARG B 21 -10.76 2.70 18.74
N ALA B 22 -11.14 3.22 19.91
CA ALA B 22 -10.21 3.37 21.01
C ALA B 22 -9.82 1.99 21.53
N LEU B 23 -10.80 1.09 21.56
CA LEU B 23 -10.58 -0.27 22.02
C LEU B 23 -9.60 -1.02 21.14
N ALA B 24 -9.80 -0.92 19.84
CA ALA B 24 -8.93 -1.62 18.91
C ALA B 24 -7.48 -1.15 19.10
N GLU B 25 -7.30 0.16 19.28
CA GLU B 25 -5.98 0.74 19.41
C GLU B 25 -5.30 0.23 20.65
N CYS B 26 -5.91 0.46 21.80
CA CYS B 26 -5.32 0.11 23.08
C CYS B 26 -5.13 -1.40 23.28
N GLU B 27 -5.81 -2.24 22.49
CA GLU B 27 -5.66 -3.69 22.67
C GLU B 27 -5.52 -4.52 21.39
N PRO B 28 -4.29 -4.66 20.88
CA PRO B 28 -3.99 -5.30 19.59
C PRO B 28 -4.49 -6.73 19.46
N MET B 29 -4.60 -7.42 20.60
CA MET B 29 -5.02 -8.81 20.55
C MET B 29 -6.49 -8.91 20.21
N LEU B 30 -7.21 -7.82 20.46
CA LEU B 30 -8.65 -7.76 20.24
C LEU B 30 -9.07 -6.80 19.12
N ALA B 31 -8.08 -6.16 18.48
CA ALA B 31 -8.32 -5.19 17.42
C ALA B 31 -9.12 -5.78 16.27
N SER B 32 -8.69 -6.94 15.78
CA SER B 32 -9.41 -7.63 14.72
C SER B 32 -10.83 -8.01 15.12
N PHE B 33 -11.03 -8.26 16.40
CA PHE B 33 -12.34 -8.59 16.97
C PHE B 33 -13.29 -7.38 16.98
N PHE B 34 -12.85 -6.28 17.56
CA PHE B 34 -13.57 -5.02 17.53
C PHE B 34 -13.88 -4.58 16.10
N HIS B 35 -12.97 -4.85 15.18
CA HIS B 35 -13.13 -4.42 13.82
C HIS B 35 -14.24 -5.22 13.19
N ALA B 36 -14.13 -6.54 13.20
CA ALA B 36 -15.14 -7.38 12.57
C ALA B 36 -16.54 -7.23 13.16
N THR B 37 -16.66 -6.95 14.46
CA THR B 37 -17.99 -6.88 15.05
C THR B 37 -18.61 -5.47 15.14
N LEU B 38 -17.78 -4.43 15.30
CA LEU B 38 -18.30 -3.08 15.46
C LEU B 38 -17.90 -2.14 14.32
N LEU B 39 -16.60 -2.04 14.04
CA LEU B 39 -16.07 -1.05 13.10
C LEU B 39 -16.42 -1.25 11.62
N LYS B 40 -16.65 -2.49 11.20
CA LYS B 40 -17.06 -2.78 9.83
C LYS B 40 -18.55 -2.48 9.62
N HIS B 41 -19.31 -2.39 10.71
CA HIS B 41 -20.76 -2.20 10.61
C HIS B 41 -21.25 -0.75 10.67
N GLU B 42 -22.36 -0.46 9.98
CA GLU B 42 -22.87 0.90 9.87
C GLU B 42 -24.02 1.21 10.84
N ASN B 43 -24.55 0.17 11.49
CA ASN B 43 -25.64 0.33 12.44
C ASN B 43 -25.67 -0.81 13.48
N LEU B 44 -26.54 -0.67 14.46
CA LEU B 44 -26.56 -1.59 15.60
C LEU B 44 -27.05 -3.00 15.25
N GLY B 45 -27.97 -3.10 14.30
CA GLY B 45 -28.53 -4.38 13.91
C GLY B 45 -27.55 -5.31 13.21
N SER B 46 -26.71 -4.75 12.33
CA SER B 46 -25.59 -5.49 11.74
C SER B 46 -24.71 -6.13 12.82
N ALA B 47 -24.25 -5.29 13.73
CA ALA B 47 -23.37 -5.74 14.78
C ALA B 47 -24.08 -6.82 15.57
N LEU B 48 -25.28 -6.52 16.02
CA LEU B 48 -25.99 -7.44 16.90
C LEU B 48 -26.12 -8.82 16.27
N SER B 49 -26.55 -8.87 15.01
CA SER B 49 -26.75 -10.14 14.35
C SER B 49 -25.43 -10.91 14.24
N TYR B 50 -24.33 -10.15 14.16
CA TYR B 50 -22.99 -10.72 14.09
C TYR B 50 -22.63 -11.33 15.45
N ILE B 51 -22.76 -10.52 16.51
CA ILE B 51 -22.49 -10.98 17.87
C ILE B 51 -23.26 -12.26 18.20
N LEU B 52 -24.57 -12.28 17.93
CA LEU B 52 -25.41 -13.38 18.37
C LEU B 52 -25.10 -14.61 17.55
N ALA B 53 -24.85 -14.41 16.27
CA ALA B 53 -24.53 -15.54 15.40
C ALA B 53 -23.36 -16.34 15.98
N ASN B 54 -22.31 -15.62 16.39
CA ASN B 54 -21.11 -16.22 16.93
C ASN B 54 -21.32 -16.91 18.29
N LYS B 55 -22.06 -16.24 19.19
CA LYS B 55 -22.39 -16.76 20.51
C LYS B 55 -23.22 -18.03 20.42
N LEU B 56 -24.21 -18.02 19.54
CA LEU B 56 -25.19 -19.09 19.46
C LEU B 56 -24.78 -20.26 18.53
N ALA B 57 -23.63 -20.15 17.90
CA ALA B 57 -23.22 -21.18 16.95
C ALA B 57 -22.92 -22.53 17.59
N ASN B 58 -23.25 -23.56 16.83
CA ASN B 58 -23.13 -24.93 17.24
C ASN B 58 -23.10 -25.76 15.95
N PRO B 59 -22.43 -26.93 15.95
CA PRO B 59 -22.40 -27.77 14.73
C PRO B 59 -23.80 -27.97 14.11
N ILE B 60 -24.82 -28.03 14.95
CA ILE B 60 -26.19 -28.19 14.48
C ILE B 60 -26.58 -27.01 13.57
N MET B 61 -26.02 -25.85 13.88
CA MET B 61 -26.34 -24.62 13.19
C MET B 61 -25.27 -23.57 13.43
N PRO B 62 -24.40 -23.38 12.46
CA PRO B 62 -23.25 -22.51 12.66
C PRO B 62 -23.61 -21.04 12.62
N ALA B 63 -22.65 -20.21 13.01
CA ALA B 63 -22.83 -18.77 13.06
C ALA B 63 -23.40 -18.22 11.77
N ILE B 64 -22.90 -18.73 10.66
CA ILE B 64 -23.24 -18.20 9.34
C ILE B 64 -24.71 -18.45 9.02
N ALA B 65 -25.25 -19.56 9.52
CA ALA B 65 -26.65 -19.90 9.30
C ALA B 65 -27.53 -19.17 10.30
N ILE B 66 -26.97 -18.80 11.43
CA ILE B 66 -27.74 -18.15 12.45
C ILE B 66 -27.90 -16.67 12.14
N ARG B 67 -26.87 -16.08 11.54
CA ARG B 67 -26.96 -14.69 11.18
C ARG B 67 -28.09 -14.46 10.17
N GLU B 68 -28.36 -15.45 9.33
CA GLU B 68 -29.47 -15.31 8.38
C GLU B 68 -30.84 -15.23 9.07
N VAL B 69 -31.06 -16.13 10.02
CA VAL B 69 -32.29 -16.10 10.78
C VAL B 69 -32.46 -14.77 11.52
N VAL B 70 -31.45 -14.40 12.28
CA VAL B 70 -31.45 -13.15 13.02
C VAL B 70 -31.71 -11.90 12.20
N GLU B 71 -31.30 -11.90 10.94
CA GLU B 71 -31.37 -10.69 10.16
C GLU B 71 -32.73 -10.59 9.48
N GLU B 72 -33.27 -11.76 9.15
CA GLU B 72 -34.64 -11.86 8.65
C GLU B 72 -35.62 -11.37 9.71
N ALA B 73 -35.40 -11.78 10.95
CA ALA B 73 -36.21 -11.29 12.05
C ALA B 73 -36.17 -9.77 12.12
N TYR B 74 -34.98 -9.20 11.96
CA TYR B 74 -34.80 -7.74 12.09
C TYR B 74 -35.39 -6.93 10.94
N ARG B 75 -35.46 -7.54 9.75
CA ARG B 75 -36.09 -6.88 8.60
C ARG B 75 -37.59 -6.84 8.79
N SER B 76 -38.08 -7.85 9.51
CA SER B 76 -39.50 -8.03 9.75
C SER B 76 -39.97 -7.16 10.92
N ASP B 77 -39.09 -6.94 11.87
CA ASP B 77 -39.42 -6.19 13.08
C ASP B 77 -38.26 -5.31 13.56
N ALA B 78 -38.12 -4.17 12.90
CA ALA B 78 -37.08 -3.22 13.22
C ALA B 78 -37.10 -2.87 14.70
N HIS B 79 -38.27 -2.86 15.33
CA HIS B 79 -38.33 -2.43 16.73
C HIS B 79 -37.43 -3.29 17.65
N MET B 80 -37.09 -4.48 17.19
CA MET B 80 -36.23 -5.34 17.95
C MET B 80 -34.88 -4.68 18.19
N ILE B 81 -34.52 -3.77 17.29
CA ILE B 81 -33.23 -3.11 17.38
C ILE B 81 -33.33 -1.93 18.33
N VAL B 82 -34.46 -1.25 18.30
CA VAL B 82 -34.75 -0.22 19.28
C VAL B 82 -34.72 -0.83 20.69
N SER B 83 -35.29 -2.02 20.82
CA SER B 83 -35.27 -2.75 22.09
C SER B 83 -33.84 -2.97 22.59
N ALA B 84 -32.99 -3.50 21.73
CA ALA B 84 -31.58 -3.74 22.07
C ALA B 84 -30.84 -2.48 22.54
N ALA B 85 -31.16 -1.34 21.95
CA ALA B 85 -30.44 -0.11 22.27
C ALA B 85 -30.89 0.39 23.63
N ARG B 86 -32.17 0.19 23.93
CA ARG B 86 -32.71 0.56 25.23
C ARG B 86 -32.07 -0.32 26.33
N ASP B 87 -31.94 -1.60 26.02
CA ASP B 87 -31.29 -2.56 26.90
C ASP B 87 -29.85 -2.13 27.21
N ILE B 88 -29.12 -1.78 26.15
CA ILE B 88 -27.76 -1.27 26.28
C ILE B 88 -27.70 -0.02 27.16
N LEU B 89 -28.61 0.92 26.90
CA LEU B 89 -28.75 2.12 27.72
C LEU B 89 -29.04 1.78 29.19
N ALA B 90 -29.92 0.82 29.41
CA ALA B 90 -30.25 0.37 30.75
C ALA B 90 -29.01 -0.04 31.57
N VAL B 91 -28.23 -0.99 31.07
CA VAL B 91 -27.12 -1.51 31.88
C VAL B 91 -26.03 -0.47 32.15
N ARG B 92 -25.70 0.33 31.14
CA ARG B 92 -24.74 1.42 31.33
C ARG B 92 -25.12 2.35 32.49
N LEU B 93 -26.38 2.76 32.52
CA LEU B 93 -26.87 3.69 33.53
C LEU B 93 -27.06 3.04 34.89
N ARG B 94 -27.47 1.78 34.89
CA ARG B 94 -27.78 1.08 36.14
C ARG B 94 -26.58 0.33 36.74
N ASP B 95 -25.75 -0.27 35.89
CA ASP B 95 -24.61 -1.08 36.36
C ASP B 95 -23.36 -0.21 36.59
N PRO B 96 -23.00 0.03 37.85
CA PRO B 96 -21.82 0.88 38.10
C PRO B 96 -20.53 0.22 37.59
N ALA B 97 -20.60 -1.05 37.22
CA ALA B 97 -19.46 -1.80 36.68
C ALA B 97 -19.27 -1.55 35.18
N VAL B 98 -20.35 -1.22 34.48
CA VAL B 98 -20.31 -0.93 33.05
C VAL B 98 -20.16 0.57 32.75
N ASP B 99 -19.20 0.93 31.90
CA ASP B 99 -18.87 2.33 31.64
C ASP B 99 -18.66 2.61 30.16
N LYS B 100 -18.91 1.60 29.34
CA LYS B 100 -18.93 1.79 27.91
C LYS B 100 -20.28 1.28 27.42
N TYR B 101 -20.77 1.85 26.33
CA TYR B 101 -21.99 1.33 25.73
C TYR B 101 -21.67 -0.04 25.11
N SER B 102 -20.45 -0.18 24.61
CA SER B 102 -20.10 -1.37 23.84
C SER B 102 -20.02 -2.67 24.65
N THR B 103 -19.87 -2.59 25.96
CA THR B 103 -19.63 -3.81 26.73
C THR B 103 -20.81 -4.77 26.86
N PRO B 104 -22.02 -4.24 27.09
CA PRO B 104 -23.20 -5.10 27.08
C PRO B 104 -23.29 -5.81 25.75
N LEU B 105 -23.10 -5.03 24.70
CA LEU B 105 -23.24 -5.51 23.34
C LEU B 105 -22.19 -6.61 23.04
N LEU B 106 -20.94 -6.33 23.37
CA LEU B 106 -19.83 -7.24 23.11
C LEU B 106 -19.78 -8.48 24.03
N TYR B 107 -20.06 -8.28 25.32
CA TYR B 107 -19.63 -9.25 26.34
C TYR B 107 -20.67 -9.82 27.30
N LEU B 108 -21.67 -9.01 27.63
CA LEU B 108 -22.58 -9.32 28.75
C LEU B 108 -23.66 -10.34 28.37
N LYS B 109 -23.55 -11.54 28.92
CA LYS B 109 -24.40 -12.62 28.46
C LYS B 109 -25.90 -12.45 28.83
N GLY B 110 -26.18 -11.70 29.89
CA GLY B 110 -27.57 -11.39 30.21
C GLY B 110 -28.18 -10.59 29.06
N PHE B 111 -27.45 -9.59 28.61
CA PHE B 111 -27.88 -8.84 27.43
C PHE B 111 -28.05 -9.74 26.20
N HIS B 112 -27.09 -10.64 25.97
CA HIS B 112 -27.17 -11.55 24.83
C HIS B 112 -28.35 -12.51 24.92
N ALA B 113 -28.60 -13.06 26.10
CA ALA B 113 -29.73 -13.96 26.29
C ALA B 113 -31.02 -13.18 26.07
N LEU B 114 -31.04 -11.96 26.58
CA LEU B 114 -32.17 -11.06 26.33
C LEU B 114 -32.44 -10.90 24.84
N GLN B 115 -31.40 -10.58 24.06
CA GLN B 115 -31.61 -10.34 22.63
C GLN B 115 -31.85 -11.63 21.87
N ALA B 116 -31.40 -12.75 22.43
CA ALA B 116 -31.67 -14.04 21.79
C ALA B 116 -33.14 -14.47 21.94
N TYR B 117 -33.73 -14.15 23.09
CA TYR B 117 -35.15 -14.38 23.36
C TYR B 117 -36.02 -13.61 22.33
N ARG B 118 -35.73 -12.34 22.11
CA ARG B 118 -36.41 -11.60 21.06
C ARG B 118 -36.51 -12.42 19.74
N ILE B 119 -35.42 -13.07 19.32
CA ILE B 119 -35.50 -13.90 18.09
C ILE B 119 -36.41 -15.10 18.27
N GLY B 120 -36.24 -15.81 19.39
CA GLY B 120 -37.12 -16.90 19.72
C GLY B 120 -38.59 -16.47 19.72
N HIS B 121 -38.81 -15.24 20.18
CA HIS B 121 -40.15 -14.66 20.36
C HIS B 121 -40.84 -14.40 19.02
N TRP B 122 -40.14 -13.70 18.15
CA TRP B 122 -40.56 -13.48 16.79
C TRP B 122 -40.84 -14.80 16.03
N LEU B 123 -39.95 -15.78 16.23
CA LEU B 123 -40.07 -17.08 15.57
C LEU B 123 -41.34 -17.77 16.07
N TRP B 124 -41.60 -17.56 17.35
CA TRP B 124 -42.78 -18.12 17.97
C TRP B 124 -44.03 -17.53 17.31
N ALA B 125 -44.11 -16.21 17.28
CA ALA B 125 -45.29 -15.55 16.71
C ALA B 125 -45.44 -15.94 15.25
N GLN B 126 -44.34 -16.35 14.64
CA GLN B 126 -44.30 -16.71 13.23
C GLN B 126 -44.68 -18.17 13.01
N ASP B 127 -45.12 -18.82 14.08
CA ASP B 127 -45.37 -20.27 14.09
C ASP B 127 -44.17 -21.10 13.69
N ARG B 128 -42.98 -20.63 14.02
CA ARG B 128 -41.77 -21.41 13.76
C ARG B 128 -41.18 -21.86 15.10
N LYS B 129 -41.99 -22.68 15.79
CA LYS B 129 -41.81 -23.01 17.18
C LYS B 129 -40.67 -23.99 17.40
N ALA B 130 -40.56 -24.96 16.49
CA ALA B 130 -39.45 -25.91 16.49
C ALA B 130 -38.10 -25.20 16.56
N LEU B 131 -37.92 -24.20 15.70
CA LEU B 131 -36.71 -23.39 15.70
C LEU B 131 -36.60 -22.57 17.00
N ALA B 132 -37.71 -22.02 17.46
CA ALA B 132 -37.69 -21.18 18.66
C ALA B 132 -37.24 -21.96 19.89
N ILE B 133 -37.64 -23.22 19.97
CA ILE B 133 -37.29 -24.12 21.06
C ILE B 133 -35.80 -24.48 21.02
N TYR B 134 -35.33 -24.85 19.83
CA TYR B 134 -33.92 -25.07 19.62
C TYR B 134 -33.14 -23.94 20.25
N LEU B 135 -33.47 -22.71 19.88
CA LEU B 135 -32.74 -21.55 20.35
C LEU B 135 -32.86 -21.33 21.86
N GLN B 136 -34.05 -21.60 22.41
CA GLN B 136 -34.29 -21.44 23.83
C GLN B 136 -33.25 -22.25 24.63
N ASN B 137 -33.21 -23.54 24.36
CA ASN B 137 -32.30 -24.43 25.06
C ASN B 137 -30.81 -24.19 24.71
N GLN B 138 -30.51 -23.94 23.44
CA GLN B 138 -29.16 -23.51 23.07
C GLN B 138 -28.68 -22.30 23.87
N VAL B 139 -29.57 -21.36 24.14
CA VAL B 139 -29.22 -20.22 24.99
C VAL B 139 -29.07 -20.64 26.45
N SER B 140 -29.83 -21.65 26.86
CA SER B 140 -29.77 -22.13 28.23
C SER B 140 -28.41 -22.77 28.48
N VAL B 141 -28.01 -23.63 27.55
CA VAL B 141 -26.73 -24.29 27.63
C VAL B 141 -25.56 -23.30 27.52
N ALA B 142 -25.64 -22.34 26.61
CA ALA B 142 -24.52 -21.42 26.43
C ALA B 142 -24.38 -20.35 27.51
N PHE B 143 -25.49 -19.79 27.99
CA PHE B 143 -25.41 -18.66 28.93
C PHE B 143 -25.89 -19.03 30.31
N GLY B 144 -26.46 -20.23 30.46
CA GLY B 144 -27.13 -20.58 31.70
C GLY B 144 -28.37 -19.74 31.97
N VAL B 145 -29.00 -19.18 30.93
CA VAL B 145 -30.25 -18.41 31.09
C VAL B 145 -31.38 -19.05 30.27
N ASP B 146 -32.44 -19.47 30.95
CA ASP B 146 -33.55 -20.17 30.28
C ASP B 146 -34.79 -19.27 30.22
N ILE B 147 -35.05 -18.70 29.04
CA ILE B 147 -36.23 -17.88 28.82
C ILE B 147 -37.10 -18.51 27.75
N HIS B 148 -38.34 -18.86 28.09
CA HIS B 148 -39.24 -19.44 27.11
C HIS B 148 -39.59 -18.41 26.03
N PRO B 149 -39.76 -18.85 24.79
CA PRO B 149 -40.06 -17.99 23.64
C PRO B 149 -41.39 -17.24 23.74
N ALA B 150 -42.39 -17.84 24.37
CA ALA B 150 -43.72 -17.23 24.44
C ALA B 150 -43.81 -16.17 25.53
N ALA B 151 -42.78 -16.07 26.34
CA ALA B 151 -42.76 -15.00 27.35
C ALA B 151 -42.92 -13.65 26.66
N THR B 152 -43.35 -12.64 27.40
CA THR B 152 -43.52 -11.31 26.80
C THR B 152 -42.77 -10.26 27.61
N ILE B 153 -41.70 -9.74 27.02
CA ILE B 153 -40.73 -8.95 27.75
C ILE B 153 -40.49 -7.61 27.06
N GLY B 154 -40.47 -6.54 27.83
CA GLY B 154 -40.24 -5.22 27.27
C GLY B 154 -38.78 -4.97 26.91
N CYS B 155 -38.41 -3.70 26.94
CA CYS B 155 -37.02 -3.34 26.73
C CYS B 155 -36.63 -2.37 27.84
N GLY B 156 -35.41 -1.88 27.82
CA GLY B 156 -34.88 -1.15 28.97
C GLY B 156 -34.71 -2.13 30.13
N ILE B 157 -34.50 -3.40 29.79
CA ILE B 157 -34.35 -4.45 30.78
C ILE B 157 -32.86 -4.79 31.03
N MET B 158 -32.44 -4.72 32.29
CA MET B 158 -31.10 -5.17 32.64
C MET B 158 -31.18 -6.55 33.24
N LEU B 159 -30.55 -7.52 32.58
CA LEU B 159 -30.26 -8.79 33.27
C LEU B 159 -28.77 -8.85 33.68
N ASP B 160 -28.45 -8.30 34.85
CA ASP B 160 -27.08 -8.31 35.38
C ASP B 160 -26.65 -9.72 35.76
N HIS B 161 -25.43 -10.10 35.37
CA HIS B 161 -24.79 -11.40 35.66
C HIS B 161 -25.53 -12.57 35.02
N ALA B 162 -26.84 -12.59 35.24
CA ALA B 162 -27.78 -13.39 34.45
C ALA B 162 -27.76 -14.90 34.66
N THR B 163 -26.62 -15.45 35.06
CA THR B 163 -26.53 -16.91 35.17
C THR B 163 -27.60 -17.49 36.09
N GLY B 164 -28.29 -18.51 35.60
CA GLY B 164 -29.34 -19.14 36.39
C GLY B 164 -30.74 -18.54 36.29
N ILE B 165 -30.91 -17.46 35.53
CA ILE B 165 -32.25 -16.86 35.30
C ILE B 165 -33.20 -17.76 34.54
N VAL B 166 -34.37 -18.01 35.11
CA VAL B 166 -35.40 -18.76 34.43
C VAL B 166 -36.61 -17.86 34.31
N ILE B 167 -37.13 -17.71 33.08
CA ILE B 167 -38.40 -17.03 32.83
C ILE B 167 -39.29 -17.94 32.00
N GLY B 168 -40.49 -18.25 32.50
CA GLY B 168 -41.34 -19.25 31.88
C GLY B 168 -42.33 -18.78 30.82
N GLU B 169 -43.06 -19.75 30.26
CA GLU B 169 -43.85 -19.56 29.03
C GLU B 169 -44.89 -18.44 29.05
N THR B 170 -45.62 -18.26 30.15
CA THR B 170 -46.70 -17.26 30.21
C THR B 170 -46.34 -16.00 30.97
N ALA B 171 -45.07 -15.80 31.28
CA ALA B 171 -44.66 -14.62 32.02
C ALA B 171 -44.80 -13.33 31.20
N VAL B 172 -44.91 -12.20 31.90
CA VAL B 172 -44.86 -10.89 31.28
C VAL B 172 -43.92 -9.97 32.06
N VAL B 173 -42.93 -9.40 31.37
CA VAL B 173 -42.05 -8.42 32.00
C VAL B 173 -42.13 -7.10 31.25
N GLU B 174 -42.50 -6.03 31.94
CA GLU B 174 -42.67 -4.74 31.30
C GLU B 174 -41.35 -3.99 31.18
N ASN B 175 -41.38 -2.81 30.58
CA ASN B 175 -40.16 -2.02 30.39
C ASN B 175 -39.49 -1.57 31.68
N ASP B 176 -38.28 -1.08 31.54
CA ASP B 176 -37.54 -0.50 32.64
C ASP B 176 -37.57 -1.42 33.88
N VAL B 177 -37.35 -2.71 33.65
CA VAL B 177 -37.23 -3.66 34.75
C VAL B 177 -35.77 -4.15 34.91
N SER B 178 -35.33 -4.35 36.16
CA SER B 178 -33.95 -4.79 36.44
C SER B 178 -33.93 -6.10 37.24
N ILE B 179 -33.23 -7.10 36.70
CA ILE B 179 -33.21 -8.45 37.26
C ILE B 179 -31.79 -9.02 37.40
N LEU B 180 -31.55 -9.62 38.57
CA LEU B 180 -30.23 -10.16 38.92
C LEU B 180 -30.10 -11.69 38.76
N GLN B 181 -28.92 -12.22 39.06
CA GLN B 181 -28.61 -13.61 38.80
C GLN B 181 -29.53 -14.56 39.55
N SER B 182 -29.68 -15.76 39.00
CA SER B 182 -30.62 -16.78 39.46
C SER B 182 -32.01 -16.29 39.95
N VAL B 183 -32.61 -15.36 39.22
CA VAL B 183 -33.99 -15.01 39.51
C VAL B 183 -34.86 -15.95 38.69
N THR B 184 -35.92 -16.45 39.31
CA THR B 184 -36.89 -17.26 38.59
C THR B 184 -38.22 -16.50 38.49
N LEU B 185 -38.73 -16.40 37.27
CA LEU B 185 -40.12 -16.03 37.04
C LEU B 185 -40.78 -17.32 36.62
N GLY B 186 -41.19 -18.11 37.61
CA GLY B 186 -41.49 -19.51 37.36
C GLY B 186 -42.95 -19.87 37.45
N GLY B 187 -43.25 -21.08 36.98
CA GLY B 187 -44.62 -21.54 36.89
C GLY B 187 -45.07 -22.27 38.14
N THR B 188 -46.26 -22.86 38.05
CA THR B 188 -46.74 -23.80 39.06
C THR B 188 -47.77 -24.70 38.41
N GLY B 189 -47.87 -25.94 38.85
CA GLY B 189 -48.87 -26.84 38.30
C GLY B 189 -48.41 -27.63 37.08
N LYS B 190 -49.22 -28.60 36.67
CA LYS B 190 -48.85 -29.46 35.57
C LYS B 190 -49.72 -29.26 34.34
N THR B 191 -50.57 -28.24 34.37
CA THR B 191 -51.39 -27.98 33.19
C THR B 191 -50.98 -26.71 32.49
N SER B 192 -51.31 -26.66 31.21
CA SER B 192 -51.10 -25.47 30.42
C SER B 192 -52.05 -24.41 30.97
N GLY B 193 -51.77 -23.15 30.67
CA GLY B 193 -52.58 -22.05 31.17
C GLY B 193 -51.68 -20.98 31.77
N ASP B 194 -52.25 -19.82 31.99
CA ASP B 194 -51.54 -18.71 32.62
C ASP B 194 -51.12 -19.10 34.06
N ARG B 195 -49.83 -19.00 34.33
CA ARG B 195 -49.28 -19.54 35.57
C ARG B 195 -47.92 -18.95 35.86
N HIS B 196 -47.51 -17.98 35.05
CA HIS B 196 -46.25 -17.29 35.30
C HIS B 196 -46.50 -15.84 35.67
N PRO B 197 -45.54 -15.23 36.37
CA PRO B 197 -45.67 -13.88 36.93
C PRO B 197 -45.82 -12.76 35.91
N LYS B 198 -46.39 -11.66 36.37
CA LYS B 198 -46.46 -10.44 35.59
C LYS B 198 -45.66 -9.35 36.31
N ILE B 199 -44.49 -9.01 35.76
CA ILE B 199 -43.66 -7.97 36.37
C ILE B 199 -43.87 -6.61 35.68
N ARG B 200 -44.39 -5.65 36.43
CA ARG B 200 -44.77 -4.35 35.86
C ARG B 200 -43.60 -3.39 35.85
N GLU B 201 -43.74 -2.34 35.07
CA GLU B 201 -42.72 -1.30 34.91
C GLU B 201 -42.05 -0.88 36.23
N GLY B 202 -40.74 -0.68 36.20
CA GLY B 202 -40.05 -0.12 37.35
C GLY B 202 -39.61 -1.13 38.41
N VAL B 203 -40.06 -2.37 38.28
CA VAL B 203 -39.71 -3.38 39.28
C VAL B 203 -38.20 -3.68 39.33
N MET B 204 -37.72 -3.95 40.54
CA MET B 204 -36.34 -4.39 40.75
C MET B 204 -36.37 -5.74 41.50
N ILE B 205 -35.68 -6.74 40.95
CA ILE B 205 -35.73 -8.08 41.52
C ILE B 205 -34.32 -8.48 41.94
N GLY B 206 -34.14 -8.69 43.23
CA GLY B 206 -32.83 -8.99 43.77
C GLY B 206 -32.40 -10.39 43.38
N ALA B 207 -31.09 -10.63 43.41
CA ALA B 207 -30.52 -11.93 43.06
C ALA B 207 -31.15 -13.11 43.82
N GLY B 208 -31.38 -14.22 43.13
CA GLY B 208 -31.85 -15.42 43.78
C GLY B 208 -33.33 -15.43 44.14
N ALA B 209 -34.02 -14.34 43.82
CA ALA B 209 -35.47 -14.29 44.07
C ALA B 209 -36.22 -15.30 43.20
N LYS B 210 -37.22 -15.92 43.81
CA LYS B 210 -38.07 -16.90 43.18
C LYS B 210 -39.53 -16.41 43.25
N ILE B 211 -40.06 -16.02 42.09
CA ILE B 211 -41.43 -15.51 41.98
C ILE B 211 -42.25 -16.50 41.15
N LEU B 212 -43.24 -17.12 41.77
CA LEU B 212 -43.96 -18.22 41.12
C LEU B 212 -45.49 -18.03 41.01
N GLY B 213 -46.07 -18.58 39.94
CA GLY B 213 -47.50 -18.52 39.72
C GLY B 213 -47.94 -17.32 38.88
N ASN B 214 -49.22 -17.30 38.53
CA ASN B 214 -49.83 -16.15 37.89
C ASN B 214 -50.14 -15.05 38.91
N ILE B 215 -49.10 -14.33 39.33
CA ILE B 215 -49.28 -13.24 40.28
C ILE B 215 -48.55 -12.05 39.76
N GLU B 216 -48.78 -10.90 40.37
CA GLU B 216 -48.30 -9.66 39.79
C GLU B 216 -47.37 -8.99 40.74
N VAL B 217 -46.34 -8.37 40.19
CA VAL B 217 -45.55 -7.42 40.93
C VAL B 217 -45.83 -6.03 40.37
N GLY B 218 -46.50 -5.22 41.18
CA GLY B 218 -46.98 -3.92 40.75
C GLY B 218 -45.83 -2.98 40.46
N ARG B 219 -46.12 -1.94 39.69
CA ARG B 219 -45.03 -1.11 39.20
C ARG B 219 -44.22 -0.41 40.32
N GLY B 220 -42.95 -0.16 40.03
CA GLY B 220 -42.07 0.45 41.02
C GLY B 220 -41.95 -0.35 42.31
N ALA B 221 -42.24 -1.65 42.27
CA ALA B 221 -42.06 -2.52 43.41
C ALA B 221 -40.64 -3.05 43.45
N LYS B 222 -40.21 -3.44 44.66
CA LYS B 222 -38.89 -4.04 44.85
C LYS B 222 -39.01 -5.42 45.50
N ILE B 223 -38.48 -6.42 44.81
CA ILE B 223 -38.35 -7.75 45.40
C ILE B 223 -36.93 -7.94 45.96
N GLY B 224 -36.84 -8.21 47.26
CA GLY B 224 -35.54 -8.47 47.90
C GLY B 224 -34.82 -9.66 47.28
N ALA B 225 -33.48 -9.62 47.32
CA ALA B 225 -32.68 -10.77 46.97
C ALA B 225 -33.18 -11.99 47.73
N GLY B 226 -33.29 -13.12 47.03
CA GLY B 226 -33.58 -14.39 47.68
C GLY B 226 -34.96 -14.58 48.26
N SER B 227 -35.90 -13.71 47.90
CA SER B 227 -37.27 -13.90 48.35
C SER B 227 -37.97 -14.97 47.53
N VAL B 228 -38.99 -15.59 48.13
CA VAL B 228 -39.87 -16.47 47.39
C VAL B 228 -41.29 -15.91 47.41
N VAL B 229 -41.68 -15.33 46.28
CA VAL B 229 -42.94 -14.63 46.17
C VAL B 229 -44.01 -15.59 45.66
N LEU B 230 -45.10 -15.73 46.41
CA LEU B 230 -46.24 -16.58 46.01
C LEU B 230 -47.57 -15.81 45.86
N GLN B 231 -47.64 -14.58 46.37
CA GLN B 231 -48.83 -13.77 46.16
C GLN B 231 -48.42 -12.47 45.52
N SER B 232 -49.36 -11.82 44.85
CA SER B 232 -49.12 -10.53 44.20
C SER B 232 -48.61 -9.43 45.14
N VAL B 233 -47.71 -8.60 44.62
CA VAL B 233 -47.07 -7.56 45.40
C VAL B 233 -47.58 -6.19 44.93
N PRO B 234 -48.04 -5.38 45.89
CA PRO B 234 -48.61 -4.06 45.56
C PRO B 234 -47.54 -3.15 44.99
N ALA B 235 -47.92 -2.34 44.01
CA ALA B 235 -47.04 -1.33 43.43
C ALA B 235 -46.36 -0.51 44.52
N HIS B 236 -45.12 -0.12 44.25
CA HIS B 236 -44.33 0.69 45.18
C HIS B 236 -44.23 0.12 46.59
N THR B 237 -44.25 -1.20 46.69
CA THR B 237 -43.92 -1.85 47.93
C THR B 237 -42.63 -2.68 47.77
N THR B 238 -41.96 -2.94 48.89
CA THR B 238 -40.82 -3.86 48.93
C THR B 238 -41.30 -5.17 49.52
N ALA B 239 -41.00 -6.28 48.85
CA ALA B 239 -41.32 -7.59 49.39
C ALA B 239 -40.03 -8.39 49.65
N ALA B 240 -40.08 -9.34 50.57
CA ALA B 240 -38.87 -10.03 51.04
C ALA B 240 -39.18 -11.18 51.97
N GLY B 241 -38.31 -12.19 51.94
CA GLY B 241 -38.43 -13.35 52.81
C GLY B 241 -38.89 -14.61 52.11
N VAL B 242 -38.96 -15.71 52.85
CA VAL B 242 -39.22 -17.03 52.26
C VAL B 242 -40.34 -17.75 53.02
N PRO B 243 -41.60 -17.52 52.63
CA PRO B 243 -42.06 -16.70 51.52
C PRO B 243 -42.09 -15.19 51.83
N ALA B 244 -42.05 -14.38 50.78
CA ALA B 244 -42.00 -12.93 50.90
C ALA B 244 -43.27 -12.37 51.53
N ARG B 245 -43.12 -11.26 52.22
CA ARG B 245 -44.26 -10.51 52.71
C ARG B 245 -43.92 -9.03 52.55
N ILE B 246 -44.91 -8.17 52.56
CA ILE B 246 -44.60 -6.75 52.42
C ILE B 246 -43.84 -6.24 53.63
N VAL B 247 -42.73 -5.59 53.34
CA VAL B 247 -41.73 -5.31 54.33
C VAL B 247 -41.53 -3.81 54.46
N GLY B 248 -42.03 -3.10 53.45
CA GLY B 248 -41.85 -1.66 53.37
C GLY B 248 -42.05 -1.11 51.97
N LYS B 249 -41.30 -0.04 51.66
CA LYS B 249 -41.56 0.76 50.48
C LYS B 249 -40.24 1.34 49.98
N PRO B 250 -39.91 1.11 48.70
CA PRO B 250 -38.65 1.59 48.13
C PRO B 250 -38.42 3.09 48.37
N GLU B 251 -37.17 3.55 48.27
CA GLU B 251 -36.90 4.97 48.51
C GLU B 251 -36.78 5.75 47.21
N SER B 252 -37.27 5.15 46.13
CA SER B 252 -37.45 5.85 44.86
C SER B 252 -38.64 5.24 44.11
N ASP B 253 -39.14 6.00 43.13
CA ASP B 253 -40.33 5.62 42.36
C ASP B 253 -40.16 4.41 41.45
N LYS B 254 -39.00 4.30 40.82
CA LYS B 254 -38.67 3.17 39.96
C LYS B 254 -37.36 2.48 40.39
N PRO B 255 -37.45 1.53 41.34
CA PRO B 255 -36.28 0.90 41.95
C PRO B 255 -35.35 0.27 40.91
N SER B 256 -35.93 -0.14 39.78
CA SER B 256 -35.18 -0.75 38.69
C SER B 256 -34.01 0.13 38.22
N LEU B 257 -34.17 1.44 38.41
CA LEU B 257 -33.20 2.42 37.94
C LEU B 257 -32.15 2.74 38.98
N ASP B 258 -32.35 2.24 40.20
CA ASP B 258 -31.49 2.66 41.31
C ASP B 258 -30.71 1.51 41.94
N MET B 259 -31.19 0.29 41.75
CA MET B 259 -30.48 -0.91 42.16
C MET B 259 -30.12 -0.96 43.65
N ASP B 260 -30.91 -0.27 44.46
CA ASP B 260 -30.76 -0.34 45.91
C ASP B 260 -31.33 -1.66 46.45
N GLN B 261 -30.48 -2.45 47.08
CA GLN B 261 -30.85 -3.82 47.42
C GLN B 261 -31.40 -3.95 48.82
N HIS B 262 -31.41 -2.85 49.57
CA HIS B 262 -31.80 -2.89 50.99
C HIS B 262 -33.24 -3.29 51.16
N PHE B 263 -33.53 -3.95 52.29
CA PHE B 263 -34.89 -4.19 52.76
C PHE B 263 -34.93 -4.55 54.23
N ASN B 264 -36.12 -4.49 54.82
CA ASN B 264 -36.29 -4.66 56.28
C ASN B 264 -36.52 -6.11 56.75
N GLY B 265 -37.33 -6.86 56.01
CA GLY B 265 -37.68 -8.20 56.45
C GLY B 265 -38.15 -8.28 57.90
N SER B 266 -39.15 -7.47 58.24
CA SER B 266 -39.74 -7.44 59.58
C SER B 266 -40.75 -6.30 59.66
N ALA C 3 2.63 -17.66 50.83
CA ALA C 3 3.92 -17.97 51.43
C ALA C 3 4.12 -19.47 51.44
N MET C 4 4.71 -19.97 50.35
CA MET C 4 4.96 -21.39 50.22
C MET C 4 6.38 -21.60 49.72
N SER C 5 7.19 -22.29 50.51
CA SER C 5 8.58 -22.57 50.16
C SER C 5 8.69 -23.44 48.91
N SER C 6 9.83 -23.34 48.23
CA SER C 6 10.07 -24.15 47.03
C SER C 6 9.79 -25.63 47.28
N GLU C 7 10.23 -26.13 48.43
CA GLU C 7 10.06 -27.54 48.77
C GLU C 7 8.59 -27.90 48.84
N GLU C 8 7.81 -26.99 49.40
CA GLU C 8 6.37 -27.18 49.47
C GLU C 8 5.73 -27.16 48.07
N LEU C 9 6.08 -26.15 47.27
CA LEU C 9 5.61 -26.10 45.90
C LEU C 9 5.92 -27.42 45.22
N GLU C 10 7.18 -27.80 45.28
CA GLU C 10 7.65 -29.04 44.68
C GLU C 10 6.86 -30.27 45.14
N GLN C 11 6.61 -30.38 46.44
CA GLN C 11 5.89 -31.56 46.93
C GLN C 11 4.52 -31.65 46.28
N VAL C 12 3.86 -30.49 46.20
CA VAL C 12 2.55 -30.43 45.55
C VAL C 12 2.69 -30.96 44.13
N TRP C 13 3.71 -30.47 43.41
CA TRP C 13 3.90 -30.90 42.04
C TRP C 13 4.21 -32.38 41.96
N SER C 14 5.09 -32.83 42.86
CA SER C 14 5.52 -34.21 42.95
C SER C 14 4.35 -35.17 43.15
N ASN C 15 3.44 -34.79 44.05
CA ASN C 15 2.20 -35.55 44.24
C ASN C 15 1.32 -35.64 42.99
N ILE C 16 1.26 -34.56 42.21
CA ILE C 16 0.40 -34.54 41.05
C ILE C 16 0.97 -35.46 39.96
N LYS C 17 2.25 -35.31 39.66
CA LYS C 17 2.89 -36.13 38.64
C LYS C 17 2.63 -37.58 38.99
N SER C 18 2.80 -37.88 40.28
CA SER C 18 2.64 -39.21 40.81
C SER C 18 1.25 -39.76 40.47
N GLU C 19 0.24 -38.95 40.77
CA GLU C 19 -1.13 -39.33 40.50
C GLU C 19 -1.34 -39.53 39.01
N ALA C 20 -0.71 -38.66 38.21
CA ALA C 20 -0.88 -38.68 36.78
C ALA C 20 -0.32 -39.96 36.16
N ARG C 21 0.90 -40.32 36.54
CA ARG C 21 1.51 -41.55 36.06
C ARG C 21 0.56 -42.74 36.25
N ALA C 22 -0.15 -42.74 37.39
CA ALA C 22 -1.13 -43.77 37.71
C ALA C 22 -2.38 -43.62 36.86
N LEU C 23 -2.86 -42.39 36.75
CA LEU C 23 -4.03 -42.08 35.95
C LEU C 23 -3.87 -42.56 34.50
N ALA C 24 -2.79 -42.12 33.86
CA ALA C 24 -2.47 -42.56 32.49
C ALA C 24 -2.49 -44.08 32.33
N GLU C 25 -2.07 -44.80 33.37
CA GLU C 25 -2.05 -46.25 33.32
C GLU C 25 -3.43 -46.86 33.46
N CYS C 26 -4.30 -46.23 34.23
CA CYS C 26 -5.58 -46.86 34.51
C CYS C 26 -6.63 -46.50 33.46
N GLU C 27 -6.47 -45.34 32.84
CA GLU C 27 -7.44 -44.90 31.84
C GLU C 27 -6.75 -44.45 30.55
N PRO C 28 -6.59 -45.39 29.60
CA PRO C 28 -5.83 -45.16 28.36
C PRO C 28 -6.43 -44.07 27.47
N MET C 29 -7.75 -43.95 27.45
CA MET C 29 -8.35 -42.92 26.63
C MET C 29 -7.91 -41.53 27.09
N LEU C 30 -7.49 -41.42 28.35
CA LEU C 30 -7.10 -40.11 28.90
C LEU C 30 -5.58 -39.94 28.92
N ALA C 31 -4.87 -41.00 28.54
CA ALA C 31 -3.44 -41.07 28.79
C ALA C 31 -2.72 -39.91 28.13
N SER C 32 -2.99 -39.71 26.86
CA SER C 32 -2.27 -38.68 26.14
C SER C 32 -2.60 -37.32 26.74
N PHE C 33 -3.83 -37.20 27.24
CA PHE C 33 -4.31 -36.01 27.94
C PHE C 33 -3.50 -35.73 29.20
N PHE C 34 -3.44 -36.71 30.09
CA PHE C 34 -2.59 -36.60 31.26
C PHE C 34 -1.16 -36.23 30.91
N HIS C 35 -0.66 -36.87 29.86
CA HIS C 35 0.74 -36.75 29.51
C HIS C 35 1.02 -35.31 29.10
N ALA C 36 0.15 -34.77 28.27
CA ALA C 36 0.36 -33.47 27.67
C ALA C 36 0.16 -32.37 28.69
N THR C 37 -0.71 -32.65 29.65
CA THR C 37 -1.14 -31.63 30.58
C THR C 37 -0.25 -31.62 31.82
N LEU C 38 0.16 -32.81 32.24
CA LEU C 38 0.90 -32.93 33.49
C LEU C 38 2.30 -33.55 33.34
N LEU C 39 2.34 -34.85 33.07
CA LEU C 39 3.60 -35.59 32.94
C LEU C 39 4.67 -34.77 32.21
N LYS C 40 4.26 -34.14 31.12
CA LYS C 40 5.14 -33.36 30.24
C LYS C 40 5.80 -32.16 30.92
N HIS C 41 5.26 -31.69 32.04
CA HIS C 41 5.72 -30.42 32.61
C HIS C 41 6.50 -30.67 33.87
N GLU C 42 7.32 -29.69 34.24
CA GLU C 42 8.23 -29.87 35.37
C GLU C 42 7.83 -29.11 36.63
N ASN C 43 6.66 -28.47 36.58
CA ASN C 43 6.17 -27.66 37.70
C ASN C 43 4.74 -27.20 37.46
N LEU C 44 4.08 -26.82 38.55
CA LEU C 44 2.68 -26.35 38.55
C LEU C 44 2.47 -25.17 37.62
N GLY C 45 3.40 -24.23 37.64
CA GLY C 45 3.37 -23.12 36.69
C GLY C 45 3.13 -23.50 35.23
N SER C 46 3.88 -24.47 34.71
CA SER C 46 3.79 -24.83 33.29
C SER C 46 2.49 -25.60 33.03
N ALA C 47 2.06 -26.38 34.00
CA ALA C 47 0.88 -27.18 33.77
C ALA C 47 -0.37 -26.26 33.81
N LEU C 48 -0.35 -25.28 34.71
CA LEU C 48 -1.48 -24.40 34.92
C LEU C 48 -1.74 -23.53 33.69
N SER C 49 -0.70 -22.83 33.25
CA SER C 49 -0.79 -22.02 32.05
C SER C 49 -1.32 -22.82 30.86
N TYR C 50 -1.00 -24.10 30.79
CA TYR C 50 -1.44 -24.95 29.71
C TYR C 50 -2.95 -25.22 29.85
N ILE C 51 -3.36 -25.56 31.06
CA ILE C 51 -4.75 -25.90 31.34
C ILE C 51 -5.69 -24.69 31.24
N LEU C 52 -5.29 -23.59 31.86
CA LEU C 52 -6.03 -22.33 31.80
C LEU C 52 -6.22 -21.86 30.36
N ALA C 53 -5.15 -21.96 29.58
CA ALA C 53 -5.21 -21.59 28.17
C ALA C 53 -6.27 -22.44 27.53
N ASN C 54 -6.10 -23.74 27.54
CA ASN C 54 -7.11 -24.61 26.95
C ASN C 54 -8.54 -24.32 27.43
N LYS C 55 -8.70 -23.92 28.68
CA LYS C 55 -10.03 -23.70 29.27
C LYS C 55 -10.66 -22.38 28.82
N LEU C 56 -9.83 -21.35 28.66
CA LEU C 56 -10.31 -20.04 28.19
C LEU C 56 -10.35 -19.94 26.66
N ALA C 57 -9.84 -20.95 25.97
CA ALA C 57 -9.74 -20.89 24.51
C ALA C 57 -11.06 -20.53 23.82
N ASN C 58 -10.95 -19.68 22.80
CA ASN C 58 -12.09 -19.13 22.10
C ASN C 58 -11.66 -18.86 20.65
N PRO C 59 -12.58 -19.02 19.67
CA PRO C 59 -12.11 -18.70 18.31
C PRO C 59 -11.57 -17.28 18.20
N ILE C 60 -12.07 -16.37 19.04
CA ILE C 60 -11.60 -14.99 19.04
C ILE C 60 -10.13 -14.88 19.54
N MET C 61 -9.78 -15.72 20.51
CA MET C 61 -8.41 -15.77 21.03
C MET C 61 -8.02 -17.19 21.43
N PRO C 62 -7.18 -17.85 20.62
CA PRO C 62 -6.93 -19.30 20.75
C PRO C 62 -6.06 -19.66 21.95
N ALA C 63 -6.12 -20.93 22.34
CA ALA C 63 -5.34 -21.42 23.48
C ALA C 63 -3.89 -20.98 23.36
N ILE C 64 -3.29 -21.26 22.21
CA ILE C 64 -1.87 -21.07 22.05
C ILE C 64 -1.48 -19.62 22.34
N ALA C 65 -2.39 -18.70 22.04
CA ALA C 65 -2.14 -17.28 22.26
C ALA C 65 -2.40 -16.86 23.69
N ILE C 66 -3.32 -17.55 24.37
CA ILE C 66 -3.63 -17.21 25.76
C ILE C 66 -2.52 -17.65 26.69
N ARG C 67 -1.91 -18.79 26.39
CA ARG C 67 -0.80 -19.27 27.20
C ARG C 67 0.27 -18.20 27.38
N GLU C 68 0.60 -17.49 26.30
CA GLU C 68 1.61 -16.45 26.35
C GLU C 68 1.25 -15.37 27.38
N VAL C 69 0.00 -14.91 27.33
CA VAL C 69 -0.43 -13.88 28.30
C VAL C 69 -0.33 -14.45 29.71
N VAL C 70 -0.91 -15.63 29.91
CA VAL C 70 -0.83 -16.30 31.20
C VAL C 70 0.60 -16.36 31.66
N GLU C 71 1.46 -16.84 30.77
CA GLU C 71 2.87 -17.02 31.12
C GLU C 71 3.57 -15.69 31.37
N GLU C 72 3.09 -14.64 30.73
CA GLU C 72 3.61 -13.31 30.98
C GLU C 72 3.27 -12.86 32.41
N ALA C 73 2.07 -13.18 32.85
CA ALA C 73 1.66 -12.82 34.19
C ALA C 73 2.53 -13.56 35.21
N TYR C 74 2.64 -14.88 35.06
CA TYR C 74 3.39 -15.68 36.00
C TYR C 74 4.83 -15.19 36.14
N ARG C 75 5.37 -14.60 35.08
CA ARG C 75 6.70 -13.99 35.16
C ARG C 75 6.70 -12.66 35.90
N SER C 76 5.64 -11.87 35.77
CA SER C 76 5.58 -10.61 36.49
C SER C 76 5.26 -10.86 37.95
N ASP C 77 4.27 -11.73 38.19
CA ASP C 77 3.88 -12.09 39.56
C ASP C 77 3.90 -13.59 39.80
N ALA C 78 5.05 -14.11 40.21
CA ALA C 78 5.19 -15.54 40.39
C ALA C 78 4.30 -16.08 41.51
N HIS C 79 3.89 -15.22 42.44
CA HIS C 79 3.06 -15.64 43.55
C HIS C 79 1.66 -16.13 43.11
N MET C 80 1.29 -15.82 41.88
CA MET C 80 0.03 -16.34 41.34
C MET C 80 0.04 -17.86 41.32
N ILE C 81 1.22 -18.43 41.04
CA ILE C 81 1.40 -19.88 41.05
C ILE C 81 1.29 -20.47 42.46
N VAL C 82 1.81 -19.74 43.45
CA VAL C 82 1.75 -20.18 44.83
C VAL C 82 0.29 -20.18 45.29
N SER C 83 -0.39 -19.05 45.09
CA SER C 83 -1.82 -18.97 45.34
C SER C 83 -2.51 -20.23 44.84
N ALA C 84 -2.26 -20.55 43.58
CA ALA C 84 -2.80 -21.73 42.94
C ALA C 84 -2.54 -22.98 43.76
N ALA C 85 -1.29 -23.13 44.22
CA ALA C 85 -0.94 -24.29 45.04
C ALA C 85 -1.76 -24.35 46.34
N ARG C 86 -1.81 -23.24 47.08
CA ARG C 86 -2.65 -23.15 48.27
C ARG C 86 -4.11 -23.50 47.93
N ASP C 87 -4.58 -23.03 46.78
CA ASP C 87 -5.96 -23.29 46.36
C ASP C 87 -6.23 -24.78 46.06
N ILE C 88 -5.26 -25.49 45.48
CA ILE C 88 -5.38 -26.94 45.32
C ILE C 88 -5.47 -27.62 46.69
N LEU C 89 -4.53 -27.26 47.57
CA LEU C 89 -4.47 -27.89 48.88
C LEU C 89 -5.80 -27.69 49.61
N ALA C 90 -6.26 -26.45 49.69
CA ALA C 90 -7.53 -26.21 50.35
C ALA C 90 -8.63 -27.11 49.78
N VAL C 91 -8.70 -27.22 48.46
CA VAL C 91 -9.72 -28.09 47.88
C VAL C 91 -9.59 -29.53 48.32
N ARG C 92 -8.37 -30.04 48.37
CA ARG C 92 -8.19 -31.43 48.75
C ARG C 92 -8.52 -31.67 50.21
N LEU C 93 -8.14 -30.72 51.06
CA LEU C 93 -8.35 -30.84 52.50
C LEU C 93 -9.81 -30.69 52.90
N ARG C 94 -10.50 -29.73 52.30
CA ARG C 94 -11.86 -29.35 52.74
C ARG C 94 -13.00 -30.18 52.13
N ASP C 95 -12.82 -30.68 50.92
CA ASP C 95 -13.91 -31.33 50.21
C ASP C 95 -13.69 -32.83 50.12
N PRO C 96 -14.48 -33.60 50.86
CA PRO C 96 -14.29 -35.05 51.01
C PRO C 96 -14.49 -35.80 49.69
N ALA C 97 -15.13 -35.16 48.73
CA ALA C 97 -15.31 -35.79 47.43
C ALA C 97 -14.02 -35.77 46.61
N VAL C 98 -13.13 -34.82 46.89
CA VAL C 98 -11.85 -34.79 46.17
C VAL C 98 -10.74 -35.54 46.94
N ASP C 99 -10.14 -36.53 46.29
CA ASP C 99 -9.10 -37.31 46.94
C ASP C 99 -7.79 -37.25 46.19
N LYS C 100 -7.65 -36.30 45.26
CA LYS C 100 -6.40 -36.13 44.53
C LYS C 100 -6.04 -34.67 44.38
N TYR C 101 -4.75 -34.35 44.37
CA TYR C 101 -4.29 -32.98 44.17
C TYR C 101 -4.53 -32.56 42.73
N SER C 102 -4.47 -33.53 41.83
CA SER C 102 -4.63 -33.25 40.41
C SER C 102 -6.09 -32.91 40.06
N THR C 103 -7.03 -33.42 40.86
CA THR C 103 -8.46 -33.25 40.56
C THR C 103 -8.87 -31.79 40.33
N PRO C 104 -8.61 -30.89 41.29
CA PRO C 104 -8.87 -29.45 41.10
C PRO C 104 -8.11 -28.82 39.93
N LEU C 105 -6.84 -29.20 39.76
CA LEU C 105 -6.04 -28.59 38.69
C LEU C 105 -6.60 -28.98 37.35
N LEU C 106 -7.01 -30.23 37.22
CA LEU C 106 -7.52 -30.75 35.96
C LEU C 106 -8.99 -30.38 35.62
N TYR C 107 -9.89 -30.42 36.62
CA TYR C 107 -11.30 -30.59 36.35
C TYR C 107 -12.26 -29.59 37.03
N LEU C 108 -11.88 -29.05 38.18
CA LEU C 108 -12.83 -28.29 38.95
C LEU C 108 -12.85 -26.85 38.47
N LYS C 109 -13.95 -26.52 37.81
CA LYS C 109 -14.10 -25.23 37.14
C LYS C 109 -14.00 -24.10 38.15
N GLY C 110 -14.46 -24.35 39.37
CA GLY C 110 -14.36 -23.33 40.39
C GLY C 110 -12.92 -22.96 40.64
N PHE C 111 -12.07 -23.99 40.62
CA PHE C 111 -10.63 -23.79 40.71
C PHE C 111 -10.12 -23.04 39.49
N HIS C 112 -10.52 -23.50 38.30
CA HIS C 112 -10.22 -22.81 37.04
C HIS C 112 -10.68 -21.36 36.96
N ALA C 113 -11.92 -21.10 37.36
CA ALA C 113 -12.45 -19.74 37.37
C ALA C 113 -11.58 -18.87 38.26
N LEU C 114 -11.31 -19.39 39.45
CA LEU C 114 -10.41 -18.73 40.39
C LEU C 114 -9.06 -18.33 39.75
N GLN C 115 -8.38 -19.29 39.11
CA GLN C 115 -7.08 -19.01 38.51
C GLN C 115 -7.24 -18.02 37.34
N ALA C 116 -8.26 -18.24 36.50
CA ALA C 116 -8.60 -17.28 35.45
C ALA C 116 -8.75 -15.86 35.99
N TYR C 117 -9.43 -15.72 37.12
CA TYR C 117 -9.61 -14.41 37.73
C TYR C 117 -8.26 -13.74 37.99
N ARG C 118 -7.31 -14.50 38.51
CA ARG C 118 -6.01 -13.93 38.86
C ARG C 118 -5.29 -13.42 37.61
N ILE C 119 -5.57 -14.02 36.46
CA ILE C 119 -5.01 -13.48 35.24
C ILE C 119 -5.65 -12.12 34.93
N GLY C 120 -6.97 -12.06 35.11
CA GLY C 120 -7.70 -10.82 34.93
C GLY C 120 -7.19 -9.79 35.93
N HIS C 121 -7.11 -10.19 37.19
CA HIS C 121 -6.67 -9.28 38.25
C HIS C 121 -5.35 -8.59 37.88
N TRP C 122 -4.39 -9.39 37.40
CA TRP C 122 -3.11 -8.87 36.87
C TRP C 122 -3.27 -7.92 35.67
N LEU C 123 -4.04 -8.36 34.66
CA LEU C 123 -4.28 -7.53 33.49
C LEU C 123 -4.81 -6.19 33.96
N TRP C 124 -5.84 -6.22 34.78
CA TRP C 124 -6.33 -5.01 35.44
C TRP C 124 -5.21 -4.12 35.99
N ALA C 125 -4.34 -4.70 36.82
CA ALA C 125 -3.27 -3.93 37.42
C ALA C 125 -2.40 -3.25 36.36
N GLN C 126 -2.20 -3.97 35.25
CA GLN C 126 -1.34 -3.52 34.17
C GLN C 126 -2.01 -2.45 33.31
N ASP C 127 -3.25 -2.10 33.67
CA ASP C 127 -4.06 -1.20 32.85
C ASP C 127 -4.43 -1.82 31.51
N ARG C 128 -4.60 -3.14 31.50
CA ARG C 128 -5.15 -3.81 30.33
C ARG C 128 -6.56 -4.29 30.70
N LYS C 129 -7.40 -3.30 30.98
CA LYS C 129 -8.76 -3.50 31.45
C LYS C 129 -9.67 -4.08 30.39
N ALA C 130 -9.39 -3.76 29.12
CA ALA C 130 -10.18 -4.29 28.03
C ALA C 130 -10.05 -5.81 27.99
N LEU C 131 -8.81 -6.28 28.09
CA LEU C 131 -8.53 -7.72 28.02
C LEU C 131 -9.08 -8.38 29.28
N ALA C 132 -8.93 -7.67 30.39
CA ALA C 132 -9.46 -8.16 31.67
C ALA C 132 -10.97 -8.42 31.55
N ILE C 133 -11.67 -7.44 31.01
CA ILE C 133 -13.12 -7.53 30.87
C ILE C 133 -13.50 -8.66 29.93
N TYR C 134 -12.73 -8.81 28.85
CA TYR C 134 -12.97 -9.90 27.89
C TYR C 134 -12.91 -11.28 28.55
N LEU C 135 -11.91 -11.48 29.41
CA LEU C 135 -11.72 -12.76 30.07
C LEU C 135 -12.77 -13.04 31.16
N GLN C 136 -13.01 -12.05 32.01
CA GLN C 136 -14.06 -12.12 33.00
C GLN C 136 -15.34 -12.74 32.43
N ASN C 137 -15.80 -12.17 31.34
CA ASN C 137 -17.07 -12.60 30.78
C ASN C 137 -16.95 -13.90 30.02
N GLN C 138 -15.74 -14.18 29.55
CA GLN C 138 -15.42 -15.46 28.93
C GLN C 138 -15.48 -16.60 29.98
N VAL C 139 -15.02 -16.32 31.19
CA VAL C 139 -15.14 -17.29 32.27
C VAL C 139 -16.61 -17.46 32.74
N SER C 140 -17.32 -16.35 32.81
CA SER C 140 -18.76 -16.40 33.07
C SER C 140 -19.50 -17.31 32.11
N VAL C 141 -19.37 -17.07 30.81
CA VAL C 141 -20.01 -17.94 29.82
C VAL C 141 -19.53 -19.41 29.90
N ALA C 142 -18.22 -19.59 30.08
CA ALA C 142 -17.62 -20.92 30.06
C ALA C 142 -17.96 -21.74 31.30
N PHE C 143 -17.92 -21.12 32.47
CA PHE C 143 -18.06 -21.86 33.72
C PHE C 143 -19.18 -21.42 34.65
N GLY C 144 -19.93 -20.40 34.25
CA GLY C 144 -21.03 -19.92 35.07
C GLY C 144 -20.57 -19.14 36.28
N VAL C 145 -19.29 -18.75 36.28
CA VAL C 145 -18.71 -18.01 37.39
C VAL C 145 -18.36 -16.60 36.97
N ASP C 146 -18.92 -15.61 37.67
CA ASP C 146 -18.72 -14.22 37.27
C ASP C 146 -17.89 -13.48 38.30
N ILE C 147 -16.60 -13.35 38.02
CA ILE C 147 -15.74 -12.62 38.94
C ILE C 147 -15.14 -11.39 38.29
N HIS C 148 -15.38 -10.24 38.90
CA HIS C 148 -14.80 -9.02 38.39
C HIS C 148 -13.28 -8.93 38.66
N PRO C 149 -12.50 -8.58 37.63
CA PRO C 149 -11.04 -8.49 37.73
C PRO C 149 -10.54 -7.44 38.73
N ALA C 150 -11.36 -6.50 39.16
CA ALA C 150 -10.92 -5.53 40.17
C ALA C 150 -11.04 -6.08 41.59
N ALA C 151 -11.79 -7.17 41.72
CA ALA C 151 -11.87 -7.87 42.99
C ALA C 151 -10.48 -8.16 43.59
N THR C 152 -10.41 -8.21 44.92
CA THR C 152 -9.17 -8.58 45.62
C THR C 152 -9.37 -9.90 46.38
N ILE C 153 -8.91 -11.00 45.80
CA ILE C 153 -9.14 -12.35 46.32
C ILE C 153 -7.83 -13.10 46.68
N GLY C 154 -7.71 -13.49 47.95
CA GLY C 154 -6.56 -14.21 48.44
C GLY C 154 -6.47 -15.64 47.90
N CYS C 155 -5.78 -16.49 48.67
CA CYS C 155 -5.59 -17.89 48.29
C CYS C 155 -5.92 -18.83 49.45
N GLY C 156 -5.83 -20.14 49.21
CA GLY C 156 -6.43 -21.11 50.10
C GLY C 156 -7.93 -20.89 50.05
N ILE C 157 -8.41 -20.57 48.86
CA ILE C 157 -9.82 -20.36 48.64
C ILE C 157 -10.40 -21.57 47.91
N MET C 158 -11.46 -22.15 48.48
CA MET C 158 -12.22 -23.18 47.78
C MET C 158 -13.54 -22.63 47.21
N LEU C 159 -13.73 -22.78 45.89
CA LEU C 159 -15.06 -22.54 45.29
C LEU C 159 -15.66 -23.87 44.84
N ASP C 160 -16.37 -24.53 45.76
CA ASP C 160 -16.88 -25.87 45.54
C ASP C 160 -18.06 -25.83 44.57
N HIS C 161 -18.05 -26.69 43.56
CA HIS C 161 -19.11 -26.72 42.54
C HIS C 161 -19.19 -25.46 41.68
N ALA C 162 -19.48 -24.32 42.31
CA ALA C 162 -19.17 -23.01 41.74
C ALA C 162 -20.20 -22.39 40.79
N THR C 163 -21.09 -23.17 40.20
CA THR C 163 -22.10 -22.63 39.27
C THR C 163 -22.87 -21.48 39.91
N GLY C 164 -22.85 -20.32 39.28
CA GLY C 164 -23.69 -19.22 39.73
C GLY C 164 -23.03 -18.27 40.70
N ILE C 165 -21.76 -18.49 40.97
CA ILE C 165 -21.01 -17.60 41.86
C ILE C 165 -20.82 -16.25 41.20
N VAL C 166 -21.07 -15.21 41.97
CA VAL C 166 -20.90 -13.85 41.49
C VAL C 166 -20.06 -13.08 42.48
N ILE C 167 -19.03 -12.40 41.97
CA ILE C 167 -18.19 -11.58 42.81
C ILE C 167 -17.91 -10.26 42.11
N GLY C 168 -18.27 -9.19 42.80
CA GLY C 168 -18.31 -7.86 42.21
C GLY C 168 -17.02 -7.06 42.29
N GLU C 169 -17.03 -5.94 41.57
CA GLU C 169 -15.87 -5.09 41.36
C GLU C 169 -15.02 -4.71 42.59
N THR C 170 -15.68 -4.40 43.70
CA THR C 170 -14.97 -3.91 44.88
C THR C 170 -14.97 -4.94 46.01
N ALA C 171 -15.26 -6.20 45.65
CA ALA C 171 -15.29 -7.28 46.64
C ALA C 171 -13.88 -7.55 47.16
N VAL C 172 -13.78 -7.82 48.46
CA VAL C 172 -12.56 -8.32 49.02
C VAL C 172 -12.83 -9.66 49.67
N VAL C 173 -12.12 -10.70 49.22
CA VAL C 173 -12.08 -11.99 49.92
C VAL C 173 -10.65 -12.26 50.42
N GLU C 174 -10.52 -12.65 51.68
CA GLU C 174 -9.20 -12.95 52.24
C GLU C 174 -8.89 -14.44 52.18
N ASN C 175 -7.73 -14.81 52.69
CA ASN C 175 -7.27 -16.20 52.64
C ASN C 175 -8.18 -17.14 53.41
N ASP C 176 -8.24 -18.39 52.95
CA ASP C 176 -8.81 -19.50 53.72
C ASP C 176 -10.30 -19.32 53.91
N VAL C 177 -10.96 -19.02 52.81
CA VAL C 177 -12.39 -18.79 52.79
C VAL C 177 -12.98 -19.85 51.88
N SER C 178 -14.08 -20.45 52.29
CA SER C 178 -14.73 -21.44 51.45
C SER C 178 -16.11 -20.94 51.07
N ILE C 179 -16.41 -21.07 49.78
CA ILE C 179 -17.60 -20.49 49.18
C ILE C 179 -18.26 -21.55 48.32
N LEU C 180 -19.56 -21.75 48.50
CA LEU C 180 -20.24 -22.77 47.71
C LEU C 180 -20.92 -22.21 46.48
N GLN C 181 -21.58 -23.09 45.73
CA GLN C 181 -22.32 -22.67 44.55
C GLN C 181 -23.37 -21.58 44.87
N SER C 182 -23.73 -20.83 43.84
CA SER C 182 -24.78 -19.82 43.93
C SER C 182 -24.57 -18.76 45.01
N VAL C 183 -23.32 -18.39 45.29
CA VAL C 183 -23.04 -17.34 46.26
C VAL C 183 -22.81 -16.00 45.57
N THR C 184 -23.35 -14.92 46.13
CA THR C 184 -23.12 -13.60 45.57
C THR C 184 -22.43 -12.70 46.59
N LEU C 185 -21.26 -12.18 46.23
CA LEU C 185 -20.71 -11.02 46.91
C LEU C 185 -21.06 -9.78 46.05
N GLY C 186 -22.25 -9.22 46.30
CA GLY C 186 -22.88 -8.29 45.37
C GLY C 186 -22.87 -6.82 45.77
N GLY C 187 -23.18 -5.97 44.80
CA GLY C 187 -23.15 -4.53 44.99
C GLY C 187 -24.51 -3.91 45.22
N THR C 188 -24.52 -2.61 45.50
CA THR C 188 -25.77 -1.88 45.60
C THR C 188 -25.64 -0.45 45.08
N GLY C 189 -26.69 0.06 44.44
CA GLY C 189 -26.69 1.40 43.87
C GLY C 189 -26.28 1.43 42.40
N LYS C 190 -26.28 2.61 41.81
CA LYS C 190 -25.90 2.75 40.40
C LYS C 190 -24.62 3.54 40.28
N THR C 191 -24.04 3.90 41.42
CA THR C 191 -22.81 4.69 41.40
C THR C 191 -21.54 3.87 41.73
N SER C 192 -20.40 4.39 41.24
CA SER C 192 -19.11 3.80 41.51
C SER C 192 -18.74 3.95 42.98
N GLY C 193 -17.85 3.07 43.45
CA GLY C 193 -17.36 3.15 44.80
C GLY C 193 -17.51 1.86 45.57
N ASP C 194 -16.96 1.84 46.77
CA ASP C 194 -17.09 0.71 47.67
C ASP C 194 -18.57 0.36 47.92
N ARG C 195 -18.96 -0.84 47.53
CA ARG C 195 -20.37 -1.22 47.48
C ARG C 195 -20.50 -2.72 47.39
N HIS C 196 -19.37 -3.42 47.58
CA HIS C 196 -19.29 -4.88 47.55
C HIS C 196 -18.65 -5.35 48.87
N PRO C 197 -18.97 -6.59 49.30
CA PRO C 197 -18.64 -7.02 50.66
C PRO C 197 -17.17 -7.42 50.82
N LYS C 198 -16.65 -7.12 52.00
CA LYS C 198 -15.31 -7.54 52.37
C LYS C 198 -15.44 -8.70 53.34
N ILE C 199 -14.97 -9.86 52.88
CA ILE C 199 -14.99 -11.13 53.60
C ILE C 199 -13.62 -11.46 54.20
N ARG C 200 -13.58 -11.69 55.50
CA ARG C 200 -12.31 -11.92 56.16
C ARG C 200 -11.93 -13.41 56.22
N GLU C 201 -10.76 -13.67 56.79
CA GLU C 201 -10.15 -15.00 56.79
C GLU C 201 -11.03 -16.08 57.38
N GLY C 202 -11.09 -17.21 56.70
CA GLY C 202 -11.64 -18.40 57.32
C GLY C 202 -13.14 -18.48 57.39
N VAL C 203 -13.83 -17.47 56.90
CA VAL C 203 -15.27 -17.52 56.98
C VAL C 203 -15.73 -18.53 55.95
N MET C 204 -16.70 -19.33 56.35
CA MET C 204 -17.32 -20.23 55.41
C MET C 204 -18.70 -19.70 54.96
N ILE C 205 -18.96 -19.76 53.66
CA ILE C 205 -20.23 -19.30 53.11
C ILE C 205 -20.95 -20.44 52.42
N GLY C 206 -22.19 -20.68 52.81
CA GLY C 206 -22.97 -21.77 52.25
C GLY C 206 -23.59 -21.46 50.89
N ALA C 207 -24.09 -22.51 50.24
CA ALA C 207 -24.75 -22.40 48.95
C ALA C 207 -25.87 -21.36 48.91
N GLY C 208 -25.91 -20.58 47.83
CA GLY C 208 -27.01 -19.68 47.57
C GLY C 208 -27.01 -18.42 48.42
N ALA C 209 -25.98 -18.22 49.22
CA ALA C 209 -25.91 -17.03 50.03
C ALA C 209 -25.74 -15.78 49.16
N LYS C 210 -26.46 -14.73 49.53
CA LYS C 210 -26.35 -13.45 48.86
C LYS C 210 -25.82 -12.47 49.88
N ILE C 211 -24.64 -11.92 49.60
CA ILE C 211 -24.04 -10.91 50.45
C ILE C 211 -23.91 -9.60 49.71
N LEU C 212 -24.55 -8.55 50.24
CA LEU C 212 -24.81 -7.34 49.44
C LEU C 212 -24.35 -6.06 50.09
N GLY C 213 -23.67 -5.21 49.34
CA GLY C 213 -23.30 -3.90 49.83
C GLY C 213 -21.93 -3.90 50.44
N ASN C 214 -21.36 -2.71 50.67
CA ASN C 214 -20.08 -2.60 51.34
C ASN C 214 -20.20 -3.02 52.80
N ILE C 215 -20.18 -4.32 53.03
CA ILE C 215 -20.42 -4.93 54.33
C ILE C 215 -19.21 -5.74 54.74
N GLU C 216 -19.11 -6.09 56.02
CA GLU C 216 -18.06 -7.00 56.44
C GLU C 216 -18.61 -8.31 56.96
N VAL C 217 -18.00 -9.42 56.55
CA VAL C 217 -18.12 -10.68 57.26
C VAL C 217 -16.80 -10.90 58.02
N GLY C 218 -16.85 -10.85 59.34
CA GLY C 218 -15.65 -10.91 60.15
C GLY C 218 -14.93 -12.24 60.17
N ARG C 219 -13.71 -12.24 60.71
CA ARG C 219 -12.85 -13.42 60.73
C ARG C 219 -13.58 -14.62 61.31
N GLY C 220 -13.47 -15.73 60.60
CA GLY C 220 -14.04 -16.99 61.06
C GLY C 220 -15.54 -17.01 61.28
N ALA C 221 -16.27 -16.08 60.66
CA ALA C 221 -17.73 -16.13 60.70
C ALA C 221 -18.26 -17.22 59.79
N LYS C 222 -19.40 -17.79 60.14
CA LYS C 222 -20.06 -18.71 59.24
C LYS C 222 -21.29 -18.05 58.61
N ILE C 223 -21.37 -18.05 57.28
CA ILE C 223 -22.58 -17.55 56.66
C ILE C 223 -23.42 -18.71 56.17
N GLY C 224 -24.56 -18.91 56.82
CA GLY C 224 -25.46 -20.00 56.51
C GLY C 224 -25.97 -20.09 55.08
N ALA C 225 -26.16 -21.30 54.60
CA ALA C 225 -26.63 -21.52 53.25
C ALA C 225 -27.99 -20.84 53.00
N GLY C 226 -28.19 -20.39 51.77
CA GLY C 226 -29.44 -19.75 51.37
C GLY C 226 -29.74 -18.46 52.12
N SER C 227 -28.74 -17.87 52.75
CA SER C 227 -28.99 -16.69 53.56
C SER C 227 -28.81 -15.40 52.78
N VAL C 228 -29.48 -14.32 53.20
CA VAL C 228 -29.27 -13.02 52.56
C VAL C 228 -28.76 -12.03 53.59
N VAL C 229 -27.54 -11.55 53.43
CA VAL C 229 -26.96 -10.69 54.45
C VAL C 229 -26.79 -9.26 53.97
N LEU C 230 -27.27 -8.32 54.78
CA LEU C 230 -27.38 -6.90 54.40
C LEU C 230 -26.64 -5.98 55.35
N GLN C 231 -26.29 -6.51 56.52
CA GLN C 231 -25.48 -5.75 57.48
C GLN C 231 -24.25 -6.54 57.85
N SER C 232 -23.23 -5.82 58.31
CA SER C 232 -21.98 -6.43 58.77
C SER C 232 -22.20 -7.52 59.82
N VAL C 233 -21.55 -8.66 59.59
CA VAL C 233 -21.55 -9.78 60.52
C VAL C 233 -20.29 -9.75 61.38
N PRO C 234 -20.44 -9.79 62.71
CA PRO C 234 -19.24 -9.73 63.55
C PRO C 234 -18.40 -10.99 63.47
N ALA C 235 -17.13 -10.87 63.81
CA ALA C 235 -16.20 -12.00 63.75
C ALA C 235 -16.66 -13.16 64.63
N HIS C 236 -16.48 -14.37 64.12
CA HIS C 236 -16.78 -15.59 64.86
C HIS C 236 -18.24 -15.66 65.35
N THR C 237 -19.15 -15.27 64.48
CA THR C 237 -20.57 -15.50 64.68
C THR C 237 -21.12 -16.32 63.51
N THR C 238 -22.27 -16.93 63.70
CA THR C 238 -22.97 -17.53 62.57
C THR C 238 -24.15 -16.65 62.20
N ALA C 239 -24.17 -16.21 60.94
CA ALA C 239 -25.25 -15.36 60.46
C ALA C 239 -26.12 -16.23 59.57
N ALA C 240 -27.44 -16.16 59.78
CA ALA C 240 -28.34 -16.89 58.90
C ALA C 240 -29.76 -16.30 58.80
N GLY C 241 -30.51 -16.72 57.77
CA GLY C 241 -31.84 -16.21 57.53
C GLY C 241 -31.99 -15.34 56.29
N VAL C 242 -33.22 -14.86 56.06
CA VAL C 242 -33.50 -13.97 54.95
C VAL C 242 -34.47 -12.90 55.44
N PRO C 243 -33.95 -11.73 55.85
CA PRO C 243 -32.52 -11.41 55.86
C PRO C 243 -31.83 -12.09 57.03
N ALA C 244 -30.51 -12.09 57.06
CA ALA C 244 -29.75 -12.87 58.03
C ALA C 244 -29.68 -12.22 59.41
N ARG C 245 -29.77 -13.06 60.45
CA ARG C 245 -29.68 -12.61 61.83
C ARG C 245 -28.53 -13.40 62.44
N ILE C 246 -27.89 -12.85 63.46
CA ILE C 246 -26.84 -13.58 64.16
C ILE C 246 -27.47 -14.68 65.00
N VAL C 247 -27.49 -15.90 64.49
CA VAL C 247 -28.10 -17.03 65.21
C VAL C 247 -27.11 -17.96 65.89
N GLY C 248 -25.95 -17.45 66.30
CA GLY C 248 -24.99 -18.25 67.04
C GLY C 248 -23.50 -18.02 66.79
N LYS C 249 -22.70 -19.03 67.12
CA LYS C 249 -21.25 -18.99 66.87
C LYS C 249 -20.76 -20.31 66.28
N PRO C 250 -19.83 -20.22 65.32
CA PRO C 250 -19.25 -21.44 64.76
C PRO C 250 -18.53 -22.28 65.84
N GLU C 251 -18.55 -23.60 65.63
CA GLU C 251 -17.92 -24.55 66.52
C GLU C 251 -16.39 -24.47 66.42
N SER C 252 -15.86 -24.19 65.22
CA SER C 252 -14.42 -24.04 65.06
C SER C 252 -14.01 -22.59 64.81
N ASP C 253 -12.74 -22.29 65.00
CA ASP C 253 -12.24 -20.93 64.84
C ASP C 253 -12.16 -20.51 63.37
N LYS C 254 -12.08 -21.50 62.48
CA LYS C 254 -12.02 -21.25 61.05
C LYS C 254 -12.99 -22.18 60.33
N PRO C 255 -14.26 -21.77 60.23
CA PRO C 255 -15.35 -22.56 59.64
C PRO C 255 -14.99 -23.05 58.26
N SER C 256 -14.26 -22.22 57.52
CA SER C 256 -13.84 -22.51 56.16
C SER C 256 -13.13 -23.85 56.02
N LEU C 257 -12.41 -24.25 57.07
CA LEU C 257 -11.64 -25.48 57.04
C LEU C 257 -12.47 -26.70 57.42
N ASP C 258 -13.62 -26.45 58.04
CA ASP C 258 -14.50 -27.50 58.57
C ASP C 258 -15.66 -27.87 57.65
N MET C 259 -16.24 -26.85 57.02
CA MET C 259 -17.35 -27.04 56.09
C MET C 259 -18.60 -27.62 56.78
N ASP C 260 -18.81 -27.23 58.04
CA ASP C 260 -20.03 -27.65 58.75
C ASP C 260 -21.18 -26.73 58.37
N GLN C 261 -22.17 -27.31 57.71
CA GLN C 261 -23.25 -26.52 57.11
C GLN C 261 -24.36 -26.12 58.08
N HIS C 262 -24.23 -26.55 59.33
CA HIS C 262 -25.31 -26.37 60.28
C HIS C 262 -25.33 -24.99 60.92
N PHE C 263 -26.53 -24.44 61.05
CA PHE C 263 -26.72 -23.25 61.85
C PHE C 263 -27.90 -23.47 62.77
N ASN C 264 -27.72 -23.05 64.03
CA ASN C 264 -28.63 -23.37 65.14
C ASN C 264 -30.05 -23.75 64.73
N MET D 4 -23.56 -12.22 -20.27
CA MET D 4 -24.82 -12.93 -20.07
C MET D 4 -25.92 -12.02 -19.49
N SER D 5 -27.11 -12.08 -20.08
CA SER D 5 -28.20 -11.14 -19.77
C SER D 5 -28.64 -11.25 -18.32
N SER D 6 -29.72 -10.54 -18.00
CA SER D 6 -30.30 -10.61 -16.66
C SER D 6 -31.24 -11.81 -16.59
N GLU D 7 -32.00 -11.99 -17.66
CA GLU D 7 -33.01 -13.05 -17.72
C GLU D 7 -32.41 -14.45 -17.83
N GLU D 8 -31.17 -14.55 -18.27
CA GLU D 8 -30.51 -15.85 -18.40
C GLU D 8 -29.86 -16.30 -17.09
N LEU D 9 -29.36 -15.33 -16.32
CA LEU D 9 -28.86 -15.58 -14.98
C LEU D 9 -29.90 -16.31 -14.16
N GLU D 10 -31.13 -15.81 -14.23
CA GLU D 10 -32.22 -16.27 -13.37
C GLU D 10 -32.68 -17.68 -13.68
N GLN D 11 -32.46 -18.13 -14.91
CA GLN D 11 -32.86 -19.50 -15.28
C GLN D 11 -31.83 -20.51 -14.79
N VAL D 12 -30.57 -20.11 -14.75
CA VAL D 12 -29.53 -20.93 -14.18
C VAL D 12 -29.75 -21.12 -12.67
N TRP D 13 -30.02 -20.01 -11.97
CA TRP D 13 -30.35 -20.04 -10.56
C TRP D 13 -31.52 -20.94 -10.28
N SER D 14 -32.61 -20.74 -11.00
CA SER D 14 -33.84 -21.52 -10.81
C SER D 14 -33.67 -22.97 -11.25
N ASN D 15 -32.80 -23.21 -12.22
CA ASN D 15 -32.46 -24.58 -12.55
C ASN D 15 -31.72 -25.24 -11.37
N ILE D 16 -30.82 -24.48 -10.75
CA ILE D 16 -30.17 -24.97 -9.55
C ILE D 16 -31.19 -25.16 -8.42
N LYS D 17 -32.01 -24.15 -8.15
CA LYS D 17 -32.93 -24.25 -7.04
C LYS D 17 -33.85 -25.42 -7.27
N SER D 18 -34.22 -25.65 -8.52
CA SER D 18 -35.09 -26.76 -8.82
C SER D 18 -34.38 -28.09 -8.61
N GLU D 19 -33.08 -28.12 -8.90
CA GLU D 19 -32.27 -29.31 -8.66
C GLU D 19 -32.16 -29.58 -7.18
N ALA D 20 -31.91 -28.51 -6.43
CA ALA D 20 -31.69 -28.61 -4.99
C ALA D 20 -32.91 -29.14 -4.23
N ARG D 21 -34.10 -28.83 -4.72
CA ARG D 21 -35.33 -29.37 -4.12
C ARG D 21 -35.42 -30.88 -4.36
N ALA D 22 -35.07 -31.32 -5.56
CA ALA D 22 -35.01 -32.76 -5.79
C ALA D 22 -33.95 -33.42 -4.87
N LEU D 23 -32.81 -32.76 -4.71
CA LEU D 23 -31.69 -33.30 -3.93
C LEU D 23 -32.07 -33.48 -2.47
N ALA D 24 -32.67 -32.46 -1.89
CA ALA D 24 -33.03 -32.52 -0.48
C ALA D 24 -34.07 -33.59 -0.16
N GLU D 25 -34.97 -33.87 -1.10
CA GLU D 25 -35.91 -34.99 -0.96
C GLU D 25 -35.22 -36.33 -1.12
N CYS D 26 -34.19 -36.38 -1.95
CA CYS D 26 -33.48 -37.62 -2.25
C CYS D 26 -32.40 -37.99 -1.21
N GLU D 27 -31.79 -37.00 -0.58
CA GLU D 27 -30.80 -37.31 0.43
C GLU D 27 -31.03 -36.54 1.72
N PRO D 28 -31.71 -37.17 2.68
CA PRO D 28 -32.12 -36.56 3.94
C PRO D 28 -30.94 -36.13 4.80
N MET D 29 -29.77 -36.71 4.55
CA MET D 29 -28.61 -36.29 5.31
C MET D 29 -28.04 -34.99 4.76
N LEU D 30 -28.32 -34.69 3.50
CA LEU D 30 -27.84 -33.45 2.93
C LEU D 30 -28.93 -32.37 2.86
N ALA D 31 -30.17 -32.78 3.16
CA ALA D 31 -31.34 -31.90 3.04
C ALA D 31 -31.11 -30.48 3.58
N SER D 32 -30.62 -30.39 4.80
CA SER D 32 -30.36 -29.08 5.41
C SER D 32 -29.20 -28.33 4.72
N PHE D 33 -28.17 -29.08 4.31
CA PHE D 33 -27.10 -28.50 3.53
C PHE D 33 -27.70 -27.81 2.29
N PHE D 34 -28.40 -28.58 1.46
CA PHE D 34 -29.02 -28.05 0.26
C PHE D 34 -29.85 -26.83 0.62
N HIS D 35 -30.63 -26.98 1.69
CA HIS D 35 -31.48 -25.91 2.13
C HIS D 35 -30.70 -24.66 2.55
N ALA D 36 -29.72 -24.80 3.43
CA ALA D 36 -28.98 -23.64 3.96
C ALA D 36 -28.21 -22.90 2.89
N THR D 37 -27.80 -23.63 1.86
CA THR D 37 -26.89 -23.09 0.86
C THR D 37 -27.56 -22.57 -0.42
N LEU D 38 -28.59 -23.26 -0.87
CA LEU D 38 -29.23 -22.89 -2.12
C LEU D 38 -30.64 -22.33 -1.89
N LEU D 39 -31.52 -23.21 -1.42
CA LEU D 39 -32.94 -22.91 -1.30
C LEU D 39 -33.27 -21.61 -0.58
N LYS D 40 -32.65 -21.38 0.57
CA LYS D 40 -32.91 -20.16 1.33
C LYS D 40 -32.50 -18.90 0.58
N HIS D 41 -31.83 -19.05 -0.56
CA HIS D 41 -31.28 -17.89 -1.24
C HIS D 41 -32.10 -17.56 -2.49
N GLU D 42 -32.12 -16.28 -2.89
CA GLU D 42 -32.97 -15.88 -4.01
C GLU D 42 -32.15 -15.44 -5.21
N ASN D 43 -30.89 -15.88 -5.25
CA ASN D 43 -30.00 -15.50 -6.33
C ASN D 43 -28.61 -16.13 -6.15
N LEU D 44 -27.86 -16.23 -7.24
CA LEU D 44 -26.57 -16.92 -7.24
C LEU D 44 -25.55 -16.31 -6.28
N GLY D 45 -25.50 -14.98 -6.24
CA GLY D 45 -24.55 -14.26 -5.44
C GLY D 45 -24.65 -14.57 -3.95
N SER D 46 -25.87 -14.76 -3.48
CA SER D 46 -26.10 -15.11 -2.08
C SER D 46 -25.63 -16.53 -1.78
N ALA D 47 -25.89 -17.44 -2.70
CA ALA D 47 -25.51 -18.83 -2.54
C ALA D 47 -23.97 -18.98 -2.59
N LEU D 48 -23.33 -18.21 -3.47
CA LEU D 48 -21.88 -18.29 -3.64
C LEU D 48 -21.17 -17.75 -2.39
N SER D 49 -21.54 -16.55 -1.97
CA SER D 49 -20.88 -15.91 -0.84
C SER D 49 -21.03 -16.83 0.35
N TYR D 50 -22.15 -17.54 0.40
CA TYR D 50 -22.37 -18.53 1.45
C TYR D 50 -21.39 -19.72 1.32
N ILE D 51 -21.43 -20.38 0.16
CA ILE D 51 -20.59 -21.53 -0.13
C ILE D 51 -19.10 -21.20 0.03
N LEU D 52 -18.71 -20.05 -0.50
CA LEU D 52 -17.31 -19.62 -0.43
C LEU D 52 -16.84 -19.37 1.00
N ALA D 53 -17.63 -18.65 1.77
CA ALA D 53 -17.26 -18.33 3.14
C ALA D 53 -16.93 -19.60 3.96
N ASN D 54 -17.71 -20.66 3.75
CA ASN D 54 -17.47 -21.92 4.45
C ASN D 54 -16.30 -22.74 3.90
N LYS D 55 -16.09 -22.68 2.58
CA LYS D 55 -14.97 -23.41 1.97
C LYS D 55 -13.67 -22.76 2.35
N LEU D 56 -13.68 -21.44 2.48
CA LEU D 56 -12.47 -20.70 2.83
C LEU D 56 -12.28 -20.41 4.31
N ALA D 57 -13.18 -20.93 5.15
CA ALA D 57 -13.16 -20.58 6.57
C ALA D 57 -11.87 -21.03 7.26
N ASN D 58 -11.45 -20.24 8.23
CA ASN D 58 -10.23 -20.47 8.99
C ASN D 58 -10.28 -19.70 10.31
N PRO D 59 -9.81 -20.31 11.40
CA PRO D 59 -9.80 -19.64 12.71
C PRO D 59 -9.28 -18.20 12.63
N ILE D 60 -8.33 -17.99 11.74
CA ILE D 60 -7.77 -16.66 11.57
C ILE D 60 -8.82 -15.69 11.00
N MET D 61 -9.70 -16.23 10.14
CA MET D 61 -10.79 -15.43 9.56
C MET D 61 -11.97 -16.35 9.26
N PRO D 62 -12.97 -16.36 10.14
CA PRO D 62 -14.09 -17.32 10.09
C PRO D 62 -15.05 -17.06 8.93
N ALA D 63 -15.87 -18.06 8.61
CA ALA D 63 -16.85 -17.98 7.54
C ALA D 63 -17.69 -16.68 7.53
N ILE D 64 -18.36 -16.40 8.64
CA ILE D 64 -19.25 -15.25 8.67
C ILE D 64 -18.50 -13.96 8.39
N ALA D 65 -17.22 -13.92 8.73
CA ALA D 65 -16.41 -12.73 8.47
C ALA D 65 -16.09 -12.66 6.97
N ILE D 66 -15.81 -13.82 6.39
CA ILE D 66 -15.50 -13.92 4.98
C ILE D 66 -16.69 -13.55 4.09
N ARG D 67 -17.87 -14.01 4.46
CA ARG D 67 -19.07 -13.72 3.68
C ARG D 67 -19.18 -12.23 3.42
N GLU D 68 -18.95 -11.44 4.46
CA GLU D 68 -19.03 -9.98 4.38
C GLU D 68 -18.10 -9.40 3.34
N VAL D 69 -16.84 -9.78 3.39
CA VAL D 69 -15.91 -9.32 2.36
C VAL D 69 -16.42 -9.64 0.94
N VAL D 70 -16.90 -10.87 0.77
CA VAL D 70 -17.36 -11.37 -0.51
C VAL D 70 -18.62 -10.61 -1.00
N GLU D 71 -19.57 -10.40 -0.10
CA GLU D 71 -20.77 -9.62 -0.43
C GLU D 71 -20.39 -8.20 -0.82
N GLU D 72 -19.35 -7.67 -0.20
CA GLU D 72 -18.91 -6.31 -0.52
C GLU D 72 -18.29 -6.25 -1.91
N ALA D 73 -17.59 -7.33 -2.30
CA ALA D 73 -17.02 -7.43 -3.63
C ALA D 73 -18.14 -7.51 -4.67
N TYR D 74 -19.17 -8.29 -4.38
CA TYR D 74 -20.31 -8.41 -5.30
C TYR D 74 -21.08 -7.10 -5.50
N ARG D 75 -21.42 -6.43 -4.40
CA ARG D 75 -22.01 -5.10 -4.50
C ARG D 75 -21.22 -4.19 -5.45
N SER D 76 -19.89 -4.21 -5.32
CA SER D 76 -19.03 -3.31 -6.09
C SER D 76 -18.85 -3.74 -7.55
N ASP D 77 -18.83 -5.04 -7.82
CA ASP D 77 -18.67 -5.50 -9.19
C ASP D 77 -19.56 -6.72 -9.40
N ALA D 78 -20.81 -6.46 -9.79
CA ALA D 78 -21.76 -7.54 -9.94
C ALA D 78 -21.44 -8.57 -11.04
N HIS D 79 -20.62 -8.20 -12.02
CA HIS D 79 -20.26 -9.10 -13.11
C HIS D 79 -19.49 -10.34 -12.65
N MET D 80 -18.86 -10.26 -11.49
CA MET D 80 -18.23 -11.44 -10.89
C MET D 80 -19.24 -12.60 -10.81
N ILE D 81 -20.50 -12.25 -10.57
CA ILE D 81 -21.57 -13.24 -10.44
C ILE D 81 -21.95 -13.85 -11.79
N VAL D 82 -21.97 -13.03 -12.82
CA VAL D 82 -22.18 -13.52 -14.18
C VAL D 82 -20.98 -14.38 -14.62
N SER D 83 -19.79 -13.95 -14.23
CA SER D 83 -18.60 -14.77 -14.44
C SER D 83 -18.84 -16.18 -13.87
N ALA D 84 -19.19 -16.24 -12.58
CA ALA D 84 -19.49 -17.51 -11.92
C ALA D 84 -20.56 -18.33 -12.64
N ALA D 85 -21.63 -17.69 -13.08
CA ALA D 85 -22.69 -18.44 -13.74
C ALA D 85 -22.19 -18.98 -15.09
N ARG D 86 -21.47 -18.14 -15.82
CA ARG D 86 -20.82 -18.57 -17.05
C ARG D 86 -19.86 -19.72 -16.73
N ASP D 87 -19.16 -19.63 -15.61
CA ASP D 87 -18.32 -20.74 -15.19
C ASP D 87 -19.11 -22.03 -14.91
N ILE D 88 -20.25 -21.90 -14.24
CA ILE D 88 -21.14 -23.06 -14.01
C ILE D 88 -21.52 -23.73 -15.32
N LEU D 89 -22.07 -22.94 -16.24
CA LEU D 89 -22.45 -23.45 -17.56
C LEU D 89 -21.27 -24.17 -18.22
N ALA D 90 -20.10 -23.54 -18.18
CA ALA D 90 -18.89 -24.12 -18.78
C ALA D 90 -18.69 -25.55 -18.31
N VAL D 91 -18.69 -25.77 -17.00
CA VAL D 91 -18.50 -27.12 -16.49
C VAL D 91 -19.61 -28.04 -17.01
N ARG D 92 -20.85 -27.61 -16.82
N ARG D 92 -20.86 -27.62 -16.82
CA ARG D 92 -22.02 -28.43 -17.14
CA ARG D 92 -22.01 -28.46 -17.14
C ARG D 92 -21.93 -29.01 -18.56
C ARG D 92 -21.94 -29.02 -18.56
N LEU D 93 -21.59 -28.16 -19.51
CA LEU D 93 -21.51 -28.53 -20.93
C LEU D 93 -20.25 -29.31 -21.37
N ARG D 94 -19.13 -29.08 -20.68
CA ARG D 94 -17.86 -29.64 -21.13
C ARG D 94 -17.47 -30.94 -20.42
N ASP D 95 -17.85 -31.07 -19.15
CA ASP D 95 -17.42 -32.22 -18.36
C ASP D 95 -18.53 -33.26 -18.27
N PRO D 96 -18.43 -34.34 -19.07
CA PRO D 96 -19.44 -35.41 -19.12
C PRO D 96 -19.70 -36.02 -17.75
N ALA D 97 -18.81 -35.76 -16.80
CA ALA D 97 -18.97 -36.30 -15.45
C ALA D 97 -19.98 -35.52 -14.61
N VAL D 98 -20.25 -34.28 -15.02
CA VAL D 98 -21.18 -33.39 -14.32
C VAL D 98 -22.54 -33.28 -15.04
N ASP D 99 -23.64 -33.51 -14.30
CA ASP D 99 -24.99 -33.50 -14.90
C ASP D 99 -26.00 -32.64 -14.12
N LYS D 100 -25.48 -31.75 -13.28
CA LYS D 100 -26.33 -30.83 -12.55
C LYS D 100 -25.65 -29.48 -12.45
N TYR D 101 -26.39 -28.42 -12.73
CA TYR D 101 -25.86 -27.07 -12.58
C TYR D 101 -25.31 -26.83 -11.17
N SER D 102 -25.80 -27.59 -10.21
CA SER D 102 -25.45 -27.38 -8.81
C SER D 102 -24.13 -28.05 -8.37
N THR D 103 -23.65 -28.98 -9.17
CA THR D 103 -22.43 -29.72 -8.85
C THR D 103 -21.19 -28.81 -8.79
N PRO D 104 -21.00 -27.95 -9.83
CA PRO D 104 -19.92 -26.96 -9.75
C PRO D 104 -20.03 -26.08 -8.51
N LEU D 105 -21.24 -25.57 -8.29
CA LEU D 105 -21.50 -24.63 -7.21
C LEU D 105 -21.25 -25.24 -5.83
N LEU D 106 -21.67 -26.48 -5.65
CA LEU D 106 -21.56 -27.14 -4.35
C LEU D 106 -20.17 -27.71 -4.08
N TYR D 107 -19.66 -28.50 -5.02
CA TYR D 107 -18.61 -29.47 -4.73
C TYR D 107 -17.24 -29.26 -5.38
N LEU D 108 -17.23 -28.88 -6.65
CA LEU D 108 -16.02 -28.79 -7.47
C LEU D 108 -15.03 -27.70 -7.07
N LYS D 109 -13.88 -28.11 -6.51
CA LYS D 109 -12.93 -27.18 -5.92
C LYS D 109 -12.23 -26.27 -6.94
N GLY D 110 -12.14 -26.73 -8.19
CA GLY D 110 -11.52 -25.97 -9.23
C GLY D 110 -12.37 -24.74 -9.53
N PHE D 111 -13.69 -24.92 -9.41
CA PHE D 111 -14.64 -23.84 -9.61
C PHE D 111 -14.66 -22.93 -8.39
N HIS D 112 -14.65 -23.51 -7.20
CA HIS D 112 -14.52 -22.72 -5.99
C HIS D 112 -13.29 -21.83 -6.06
N ALA D 113 -12.16 -22.40 -6.48
CA ALA D 113 -10.86 -21.71 -6.50
C ALA D 113 -10.91 -20.54 -7.47
N LEU D 114 -11.46 -20.80 -8.64
CA LEU D 114 -11.72 -19.76 -9.63
C LEU D 114 -12.48 -18.57 -9.01
N GLN D 115 -13.68 -18.83 -8.50
CA GLN D 115 -14.49 -17.78 -7.84
C GLN D 115 -13.74 -17.13 -6.67
N ALA D 116 -13.02 -17.94 -5.90
CA ALA D 116 -12.13 -17.44 -4.85
C ALA D 116 -11.07 -16.45 -5.37
N TYR D 117 -10.24 -16.91 -6.32
CA TYR D 117 -9.40 -15.99 -7.10
C TYR D 117 -10.11 -14.66 -7.41
N ARG D 118 -11.34 -14.72 -7.91
CA ARG D 118 -12.07 -13.49 -8.29
C ARG D 118 -12.11 -12.46 -7.17
N ILE D 119 -12.49 -12.91 -5.96
CA ILE D 119 -12.51 -12.04 -4.80
C ILE D 119 -11.12 -11.47 -4.49
N GLY D 120 -10.11 -12.33 -4.60
CA GLY D 120 -8.75 -11.93 -4.34
C GLY D 120 -8.34 -10.87 -5.33
N HIS D 121 -8.67 -11.12 -6.59
CA HIS D 121 -8.43 -10.15 -7.66
C HIS D 121 -9.10 -8.81 -7.37
N TRP D 122 -10.33 -8.83 -6.85
CA TRP D 122 -11.04 -7.59 -6.50
C TRP D 122 -10.29 -6.82 -5.42
N LEU D 123 -9.97 -7.51 -4.33
CA LEU D 123 -9.21 -6.92 -3.24
C LEU D 123 -7.92 -6.32 -3.76
N TRP D 124 -7.30 -7.03 -4.72
CA TRP D 124 -5.99 -6.63 -5.22
C TRP D 124 -6.17 -5.25 -5.84
N ALA D 125 -7.23 -5.11 -6.63
CA ALA D 125 -7.56 -3.82 -7.22
C ALA D 125 -7.93 -2.81 -6.14
N GLN D 126 -8.62 -3.27 -5.10
CA GLN D 126 -8.97 -2.39 -4.00
C GLN D 126 -7.75 -1.99 -3.19
N ASP D 127 -6.57 -2.38 -3.66
CA ASP D 127 -5.32 -2.16 -2.93
C ASP D 127 -5.30 -2.90 -1.58
N ARG D 128 -6.25 -3.81 -1.38
CA ARG D 128 -6.17 -4.72 -0.25
C ARG D 128 -5.36 -5.97 -0.64
N LYS D 129 -4.08 -5.74 -0.92
CA LYS D 129 -3.15 -6.79 -1.33
C LYS D 129 -2.93 -7.76 -0.19
N ALA D 130 -2.67 -7.21 0.99
CA ALA D 130 -2.54 -8.01 2.22
C ALA D 130 -3.60 -9.11 2.32
N LEU D 131 -4.87 -8.74 2.23
CA LEU D 131 -5.92 -9.74 2.33
C LEU D 131 -5.91 -10.67 1.11
N ALA D 132 -5.53 -10.12 -0.03
CA ALA D 132 -5.48 -10.89 -1.28
C ALA D 132 -4.50 -12.04 -1.14
N ILE D 133 -3.31 -11.72 -0.63
CA ILE D 133 -2.25 -12.71 -0.44
C ILE D 133 -2.68 -13.77 0.57
N TYR D 134 -3.30 -13.32 1.67
CA TYR D 134 -3.88 -14.24 2.63
C TYR D 134 -4.80 -15.27 1.94
N LEU D 135 -5.74 -14.79 1.13
CA LEU D 135 -6.71 -15.69 0.47
C LEU D 135 -6.05 -16.63 -0.54
N GLN D 136 -5.24 -16.06 -1.44
CA GLN D 136 -4.45 -16.85 -2.39
C GLN D 136 -3.86 -18.11 -1.72
N ASN D 137 -3.14 -17.89 -0.62
CA ASN D 137 -2.48 -19.01 0.00
C ASN D 137 -3.39 -19.89 0.83
N GLN D 138 -4.49 -19.32 1.33
CA GLN D 138 -5.51 -20.11 2.00
C GLN D 138 -6.20 -21.06 1.02
N VAL D 139 -6.44 -20.56 -0.20
CA VAL D 139 -6.94 -21.37 -1.33
C VAL D 139 -5.92 -22.42 -1.83
N SER D 140 -4.64 -22.10 -1.74
CA SER D 140 -3.59 -23.06 -2.11
C SER D 140 -3.62 -24.26 -1.18
N VAL D 141 -3.69 -23.98 0.11
CA VAL D 141 -3.69 -25.01 1.11
C VAL D 141 -4.98 -25.83 1.03
N ALA D 142 -6.12 -25.12 1.02
CA ALA D 142 -7.43 -25.75 1.04
C ALA D 142 -7.70 -26.61 -0.19
N PHE D 143 -7.41 -26.05 -1.37
CA PHE D 143 -7.85 -26.67 -2.62
C PHE D 143 -6.72 -27.23 -3.48
N GLY D 144 -5.48 -26.91 -3.15
CA GLY D 144 -4.34 -27.33 -3.93
C GLY D 144 -4.28 -26.64 -5.27
N VAL D 145 -4.95 -25.49 -5.36
CA VAL D 145 -4.84 -24.62 -6.53
C VAL D 145 -4.21 -23.29 -6.16
N ASP D 146 -3.09 -22.96 -6.80
CA ASP D 146 -2.44 -21.68 -6.52
C ASP D 146 -2.62 -20.65 -7.62
N ILE D 147 -3.50 -19.68 -7.39
CA ILE D 147 -3.71 -18.62 -8.38
C ILE D 147 -3.29 -17.30 -7.79
N HIS D 148 -2.37 -16.59 -8.45
CA HIS D 148 -2.00 -15.28 -7.96
C HIS D 148 -3.07 -14.23 -8.30
N PRO D 149 -3.39 -13.37 -7.32
CA PRO D 149 -4.39 -12.30 -7.35
C PRO D 149 -4.29 -11.30 -8.52
N ALA D 150 -3.07 -10.92 -8.92
CA ALA D 150 -2.90 -9.97 -10.03
C ALA D 150 -3.14 -10.60 -11.40
N ALA D 151 -3.30 -11.91 -11.43
CA ALA D 151 -3.65 -12.62 -12.66
C ALA D 151 -4.93 -12.07 -13.26
N THR D 152 -5.02 -12.08 -14.57
CA THR D 152 -6.21 -11.63 -15.25
C THR D 152 -6.90 -12.79 -15.94
N ILE D 153 -8.02 -13.22 -15.37
CA ILE D 153 -8.70 -14.44 -15.76
C ILE D 153 -10.17 -14.17 -16.10
N GLY D 154 -10.62 -14.71 -17.24
CA GLY D 154 -11.96 -14.46 -17.71
C GLY D 154 -12.98 -15.46 -17.20
N CYS D 155 -14.01 -15.72 -18.00
CA CYS D 155 -15.09 -16.63 -17.61
C CYS D 155 -15.50 -17.61 -18.70
N GLY D 156 -16.42 -18.53 -18.38
CA GLY D 156 -16.65 -19.67 -19.23
C GLY D 156 -15.42 -20.56 -19.17
N ILE D 157 -14.83 -20.62 -17.98
CA ILE D 157 -13.58 -21.34 -17.76
C ILE D 157 -13.81 -22.58 -16.91
N MET D 158 -13.25 -23.70 -17.33
CA MET D 158 -13.31 -24.90 -16.51
C MET D 158 -11.94 -25.25 -15.93
N LEU D 159 -11.87 -25.46 -14.62
CA LEU D 159 -10.70 -26.10 -13.99
C LEU D 159 -11.16 -27.47 -13.52
N ASP D 160 -11.25 -28.41 -14.46
CA ASP D 160 -11.70 -29.77 -14.13
C ASP D 160 -10.66 -30.47 -13.25
N HIS D 161 -11.13 -31.02 -12.12
CA HIS D 161 -10.31 -31.75 -11.12
C HIS D 161 -9.41 -30.81 -10.33
N ALA D 162 -8.41 -30.24 -11.01
CA ALA D 162 -7.76 -29.00 -10.57
C ALA D 162 -6.68 -29.07 -9.49
N THR D 163 -6.50 -30.23 -8.87
CA THR D 163 -5.42 -30.37 -7.89
C THR D 163 -4.10 -30.06 -8.59
N GLY D 164 -3.27 -29.21 -7.99
CA GLY D 164 -1.97 -28.85 -8.53
C GLY D 164 -1.85 -27.70 -9.52
N ILE D 165 -2.97 -27.09 -9.89
CA ILE D 165 -2.91 -25.98 -10.84
C ILE D 165 -2.14 -24.81 -10.23
N VAL D 166 -1.34 -24.13 -11.03
CA VAL D 166 -0.61 -22.93 -10.61
C VAL D 166 -0.72 -21.90 -11.71
N ILE D 167 -1.06 -20.67 -11.34
CA ILE D 167 -1.23 -19.57 -12.29
C ILE D 167 -0.64 -18.32 -11.67
N GLY D 168 0.41 -17.81 -12.27
CA GLY D 168 1.20 -16.78 -11.65
C GLY D 168 0.78 -15.35 -11.90
N GLU D 169 1.41 -14.45 -11.15
CA GLU D 169 1.04 -13.04 -11.09
C GLU D 169 0.77 -12.33 -12.40
N THR D 170 1.54 -12.59 -13.45
CA THR D 170 1.35 -11.84 -14.69
C THR D 170 0.59 -12.60 -15.78
N ALA D 171 -0.02 -13.72 -15.42
CA ALA D 171 -0.77 -14.52 -16.37
C ALA D 171 -2.08 -13.86 -16.81
N VAL D 172 -2.53 -14.27 -17.98
CA VAL D 172 -3.82 -13.92 -18.48
C VAL D 172 -4.48 -15.17 -19.08
N VAL D 173 -5.73 -15.42 -18.71
CA VAL D 173 -6.55 -16.43 -19.38
C VAL D 173 -7.81 -15.73 -19.83
N GLU D 174 -8.12 -15.82 -21.12
CA GLU D 174 -9.31 -15.18 -21.63
C GLU D 174 -10.51 -16.12 -21.49
N ASN D 175 -11.70 -15.60 -21.75
CA ASN D 175 -12.91 -16.40 -21.61
C ASN D 175 -12.76 -17.74 -22.31
N ASP D 176 -13.54 -18.71 -21.86
CA ASP D 176 -13.80 -19.92 -22.65
C ASP D 176 -12.55 -20.76 -22.88
N VAL D 177 -11.84 -20.98 -21.79
CA VAL D 177 -10.67 -21.81 -21.75
C VAL D 177 -10.99 -22.98 -20.81
N SER D 178 -10.51 -24.15 -21.20
CA SER D 178 -10.60 -25.33 -20.36
C SER D 178 -9.21 -25.83 -19.91
N ILE D 179 -9.00 -25.87 -18.60
CA ILE D 179 -7.73 -26.28 -18.01
C ILE D 179 -7.87 -27.48 -17.07
N LEU D 180 -7.07 -28.52 -17.28
CA LEU D 180 -7.15 -29.73 -16.48
C LEU D 180 -6.15 -29.76 -15.33
N GLN D 181 -6.14 -30.85 -14.57
CA GLN D 181 -5.35 -30.94 -13.34
C GLN D 181 -3.86 -30.78 -13.57
N SER D 182 -3.21 -30.20 -12.56
CA SER D 182 -1.75 -30.09 -12.51
C SER D 182 -1.20 -29.27 -13.68
N VAL D 183 -1.87 -28.16 -13.98
CA VAL D 183 -1.41 -27.30 -15.05
C VAL D 183 -0.76 -26.06 -14.48
N THR D 184 0.38 -25.71 -15.02
CA THR D 184 1.07 -24.54 -14.57
C THR D 184 1.03 -23.48 -15.66
N LEU D 185 0.65 -22.26 -15.31
CA LEU D 185 0.93 -21.11 -16.16
C LEU D 185 1.99 -20.35 -15.39
N GLY D 186 3.25 -20.71 -15.62
CA GLY D 186 4.33 -20.33 -14.72
C GLY D 186 5.27 -19.29 -15.27
N GLY D 187 6.06 -18.71 -14.37
CA GLY D 187 6.98 -17.65 -14.74
C GLY D 187 8.38 -18.17 -14.92
N THR D 188 9.27 -17.26 -15.29
CA THR D 188 10.69 -17.53 -15.46
C THR D 188 11.42 -16.29 -14.96
N GLY D 189 12.66 -16.47 -14.48
CA GLY D 189 13.46 -15.35 -14.03
C GLY D 189 13.19 -14.99 -12.58
N LYS D 190 13.96 -14.03 -12.06
CA LYS D 190 13.82 -13.59 -10.68
C LYS D 190 13.41 -12.12 -10.62
N THR D 191 12.95 -11.57 -11.74
CA THR D 191 12.59 -10.15 -11.79
C THR D 191 11.13 -9.94 -12.15
N SER D 192 10.62 -8.77 -11.79
CA SER D 192 9.24 -8.38 -12.04
C SER D 192 8.95 -8.11 -13.50
N GLY D 193 7.68 -8.23 -13.87
CA GLY D 193 7.28 -8.00 -15.24
C GLY D 193 6.70 -9.23 -15.89
N ASP D 194 6.12 -9.03 -17.07
CA ASP D 194 5.49 -10.11 -17.82
C ASP D 194 6.43 -11.30 -17.95
N ARG D 195 6.10 -12.39 -17.27
CA ARG D 195 6.88 -13.61 -17.36
C ARG D 195 5.93 -14.78 -17.29
N HIS D 196 4.65 -14.52 -17.48
CA HIS D 196 3.67 -15.58 -17.39
C HIS D 196 2.90 -15.64 -18.71
N PRO D 197 2.40 -16.83 -19.06
CA PRO D 197 1.65 -17.07 -20.32
C PRO D 197 0.31 -16.32 -20.43
N LYS D 198 -0.03 -15.89 -21.63
CA LYS D 198 -1.36 -15.39 -21.96
C LYS D 198 -2.07 -16.43 -22.79
N ILE D 199 -3.12 -17.02 -22.23
CA ILE D 199 -3.96 -17.98 -22.95
C ILE D 199 -5.18 -17.32 -23.59
N ARG D 200 -5.20 -17.26 -24.91
CA ARG D 200 -6.33 -16.66 -25.60
C ARG D 200 -7.55 -17.57 -25.61
N GLU D 201 -8.71 -16.98 -25.90
CA GLU D 201 -9.99 -17.71 -25.93
C GLU D 201 -9.92 -19.04 -26.68
N GLY D 202 -10.60 -20.05 -26.14
CA GLY D 202 -10.87 -21.27 -26.88
C GLY D 202 -9.93 -22.39 -26.55
N VAL D 203 -8.81 -22.04 -25.92
CA VAL D 203 -7.70 -22.96 -25.68
C VAL D 203 -8.08 -24.07 -24.70
N MET D 204 -7.79 -25.30 -25.08
CA MET D 204 -7.86 -26.42 -24.15
C MET D 204 -6.45 -26.82 -23.71
N ILE D 205 -6.25 -26.98 -22.41
CA ILE D 205 -4.96 -27.38 -21.85
C ILE D 205 -5.13 -28.70 -21.09
N GLY D 206 -4.53 -29.76 -21.62
CA GLY D 206 -4.63 -31.09 -21.04
C GLY D 206 -3.83 -31.19 -19.75
N ALA D 207 -3.99 -32.32 -19.06
CA ALA D 207 -3.44 -32.50 -17.72
C ALA D 207 -1.90 -32.58 -17.70
N GLY D 208 -1.33 -31.89 -16.73
CA GLY D 208 0.11 -32.00 -16.49
C GLY D 208 0.90 -30.98 -17.29
N ALA D 209 0.23 -30.31 -18.23
CA ALA D 209 0.93 -29.36 -19.08
C ALA D 209 1.64 -28.27 -18.26
N LYS D 210 2.84 -27.89 -18.69
CA LYS D 210 3.50 -26.77 -18.03
C LYS D 210 3.80 -25.75 -19.11
N ILE D 211 3.35 -24.51 -18.89
CA ILE D 211 3.53 -23.43 -19.85
C ILE D 211 4.26 -22.28 -19.15
N LEU D 212 5.40 -21.86 -19.68
CA LEU D 212 6.31 -20.98 -18.92
C LEU D 212 6.81 -19.77 -19.69
N GLY D 213 7.06 -18.69 -18.96
CA GLY D 213 7.53 -17.44 -19.53
C GLY D 213 6.40 -16.61 -20.12
N ASN D 214 6.75 -15.40 -20.55
CA ASN D 214 5.82 -14.50 -21.22
C ASN D 214 5.57 -14.93 -22.67
N ILE D 215 4.74 -15.96 -22.83
CA ILE D 215 4.45 -16.49 -24.16
C ILE D 215 2.95 -16.58 -24.43
N GLU D 216 2.59 -16.77 -25.69
CA GLU D 216 1.19 -16.79 -26.03
C GLU D 216 0.76 -18.14 -26.56
N VAL D 217 -0.36 -18.63 -26.09
CA VAL D 217 -1.01 -19.72 -26.79
C VAL D 217 -2.27 -19.18 -27.46
N GLY D 218 -2.19 -19.05 -28.77
CA GLY D 218 -3.23 -18.37 -29.52
C GLY D 218 -4.62 -18.96 -29.41
N ARG D 219 -5.58 -18.23 -29.99
CA ARG D 219 -6.99 -18.58 -29.91
C ARG D 219 -7.28 -19.95 -30.52
N GLY D 220 -8.09 -20.73 -29.80
CA GLY D 220 -8.54 -22.02 -30.28
C GLY D 220 -7.47 -23.07 -30.45
N ALA D 221 -6.31 -22.85 -29.82
CA ALA D 221 -5.21 -23.80 -29.87
C ALA D 221 -5.36 -24.88 -28.80
N LYS D 222 -4.72 -26.03 -29.02
CA LYS D 222 -4.75 -27.11 -28.05
C LYS D 222 -3.35 -27.45 -27.49
N ILE D 223 -3.23 -27.47 -26.16
CA ILE D 223 -1.99 -27.88 -25.51
C ILE D 223 -2.17 -29.26 -24.91
N GLY D 224 -1.47 -30.24 -25.48
CA GLY D 224 -1.65 -31.63 -25.09
C GLY D 224 -1.12 -31.92 -23.71
N ALA D 225 -1.73 -32.88 -23.03
CA ALA D 225 -1.33 -33.21 -21.66
C ALA D 225 0.18 -33.46 -21.61
N GLY D 226 0.79 -33.21 -20.46
CA GLY D 226 2.21 -33.47 -20.29
C GLY D 226 3.13 -32.59 -21.11
N SER D 227 2.57 -31.67 -21.88
CA SER D 227 3.37 -30.78 -22.72
C SER D 227 4.14 -29.79 -21.88
N VAL D 228 5.32 -29.41 -22.35
CA VAL D 228 6.06 -28.30 -21.77
C VAL D 228 6.31 -27.25 -22.84
N VAL D 229 5.64 -26.11 -22.69
CA VAL D 229 5.59 -25.10 -23.74
C VAL D 229 6.46 -23.90 -23.41
N LEU D 230 7.53 -23.70 -24.19
CA LEU D 230 8.48 -22.62 -23.91
C LEU D 230 8.49 -21.53 -24.98
N GLN D 231 7.75 -21.76 -26.06
CA GLN D 231 7.61 -20.78 -27.13
C GLN D 231 6.12 -20.59 -27.44
N SER D 232 5.75 -19.41 -27.92
CA SER D 232 4.36 -19.13 -28.24
C SER D 232 3.80 -20.13 -29.26
N VAL D 233 2.53 -20.45 -29.09
CA VAL D 233 1.90 -21.45 -29.93
C VAL D 233 0.86 -20.78 -30.79
N PRO D 234 0.96 -20.99 -32.11
CA PRO D 234 0.00 -20.32 -33.00
C PRO D 234 -1.43 -20.70 -32.66
N ALA D 235 -2.37 -19.82 -33.00
CA ALA D 235 -3.79 -20.09 -32.85
C ALA D 235 -4.21 -21.31 -33.67
N HIS D 236 -5.15 -22.07 -33.14
CA HIS D 236 -5.76 -23.16 -33.88
C HIS D 236 -4.74 -24.20 -34.28
N THR D 237 -3.74 -24.40 -33.43
CA THR D 237 -2.77 -25.47 -33.62
C THR D 237 -2.69 -26.33 -32.35
N THR D 238 -2.23 -27.56 -32.53
CA THR D 238 -1.97 -28.48 -31.42
C THR D 238 -0.47 -28.53 -31.12
N ALA D 239 -0.09 -28.22 -29.89
CA ALA D 239 1.29 -28.39 -29.47
C ALA D 239 1.41 -29.44 -28.38
N ALA D 240 2.42 -30.31 -28.51
CA ALA D 240 2.65 -31.40 -27.57
C ALA D 240 4.14 -31.74 -27.46
N GLY D 241 4.49 -32.38 -26.36
CA GLY D 241 5.83 -32.87 -26.15
C GLY D 241 6.65 -32.10 -25.13
N VAL D 242 7.79 -32.67 -24.76
CA VAL D 242 8.70 -32.08 -23.80
C VAL D 242 10.04 -31.91 -24.51
N PRO D 243 10.30 -30.70 -25.04
CA PRO D 243 9.41 -29.53 -25.01
C PRO D 243 8.38 -29.64 -26.12
N ALA D 244 7.38 -28.78 -26.12
CA ALA D 244 6.30 -28.88 -27.10
C ALA D 244 6.66 -28.28 -28.44
N ARG D 245 6.26 -28.95 -29.49
CA ARG D 245 6.27 -28.31 -30.78
C ARG D 245 4.89 -28.42 -31.41
N ILE D 246 4.67 -27.69 -32.50
CA ILE D 246 3.42 -27.83 -33.22
C ILE D 246 3.31 -29.24 -33.76
N VAL D 247 2.23 -29.91 -33.44
CA VAL D 247 2.05 -31.31 -33.79
C VAL D 247 0.90 -31.46 -34.78
N GLY D 248 0.03 -30.46 -34.83
CA GLY D 248 -1.12 -30.48 -35.70
C GLY D 248 -2.07 -29.32 -35.47
N LYS D 249 -3.35 -29.55 -35.72
CA LYS D 249 -4.39 -28.55 -35.47
C LYS D 249 -5.58 -29.24 -34.83
N PRO D 250 -6.26 -28.56 -33.88
CA PRO D 250 -7.40 -29.22 -33.24
C PRO D 250 -8.52 -29.46 -34.24
N GLU D 251 -9.37 -30.45 -34.01
CA GLU D 251 -10.44 -30.75 -34.96
C GLU D 251 -11.70 -29.90 -34.80
N SER D 252 -11.82 -29.19 -33.68
CA SER D 252 -12.88 -28.19 -33.52
C SER D 252 -12.24 -26.82 -33.42
N ASP D 253 -13.07 -25.79 -33.59
CA ASP D 253 -12.58 -24.41 -33.69
C ASP D 253 -12.29 -23.79 -32.32
N LYS D 254 -13.04 -24.24 -31.31
CA LYS D 254 -12.74 -23.97 -29.91
C LYS D 254 -12.56 -25.29 -29.17
N PRO D 255 -11.31 -25.76 -29.05
CA PRO D 255 -11.02 -27.02 -28.34
C PRO D 255 -11.48 -26.98 -26.88
N SER D 256 -11.49 -25.80 -26.28
CA SER D 256 -11.94 -25.66 -24.91
C SER D 256 -13.40 -26.10 -24.69
N LEU D 257 -14.12 -26.37 -25.76
CA LEU D 257 -15.51 -26.76 -25.63
C LEU D 257 -15.65 -28.24 -25.86
N ASP D 258 -14.65 -28.83 -26.49
CA ASP D 258 -14.75 -30.19 -26.97
C ASP D 258 -14.02 -31.20 -26.08
N MET D 259 -12.98 -30.75 -25.40
CA MET D 259 -12.21 -31.62 -24.54
C MET D 259 -11.64 -32.87 -25.23
N ASP D 260 -11.28 -32.74 -26.51
CA ASP D 260 -10.61 -33.82 -27.23
C ASP D 260 -9.11 -33.82 -26.86
N GLN D 261 -8.69 -34.86 -26.14
CA GLN D 261 -7.38 -34.90 -25.52
C GLN D 261 -6.29 -35.41 -26.49
N HIS D 262 -6.71 -36.01 -27.59
CA HIS D 262 -5.80 -36.65 -28.53
C HIS D 262 -4.91 -35.63 -29.22
N PHE D 263 -3.61 -35.75 -29.04
CA PHE D 263 -2.65 -34.96 -29.82
C PHE D 263 -1.86 -35.88 -30.72
N ASN D 264 -2.52 -36.27 -31.80
CA ASN D 264 -2.09 -37.35 -32.67
C ASN D 264 -0.84 -37.03 -33.51
N GLY D 265 0.29 -37.57 -33.05
CA GLY D 265 1.59 -37.24 -33.59
C GLY D 265 2.51 -36.89 -32.43
N MET E 4 -8.25 -64.44 0.63
CA MET E 4 -8.20 -63.95 2.01
C MET E 4 -9.24 -64.65 2.91
N SER E 5 -8.74 -65.47 3.82
CA SER E 5 -9.62 -66.28 4.68
C SER E 5 -9.84 -65.64 6.05
N SER E 6 -10.96 -66.01 6.66
CA SER E 6 -11.31 -65.56 8.01
C SER E 6 -10.08 -65.31 8.89
N GLU E 7 -9.23 -66.33 8.98
CA GLU E 7 -8.07 -66.30 9.87
C GLU E 7 -6.92 -65.51 9.28
N GLU E 8 -6.74 -65.59 7.96
CA GLU E 8 -5.78 -64.74 7.27
C GLU E 8 -6.04 -63.27 7.61
N LEU E 9 -7.30 -62.97 7.89
CA LEU E 9 -7.75 -61.63 8.22
C LEU E 9 -7.58 -61.33 9.72
N GLU E 10 -7.92 -62.31 10.56
CA GLU E 10 -7.70 -62.15 12.00
C GLU E 10 -6.23 -61.87 12.24
N GLN E 11 -5.37 -62.59 11.50
CA GLN E 11 -3.94 -62.48 11.65
C GLN E 11 -3.46 -61.05 11.38
N VAL E 12 -3.76 -60.54 10.18
CA VAL E 12 -3.40 -59.17 9.82
C VAL E 12 -3.82 -58.19 10.90
N TRP E 13 -5.03 -58.38 11.41
CA TRP E 13 -5.57 -57.51 12.44
C TRP E 13 -4.76 -57.60 13.74
N SER E 14 -4.31 -58.81 14.08
CA SER E 14 -3.49 -59.03 15.27
C SER E 14 -2.13 -58.37 15.11
N ASN E 15 -1.54 -58.56 13.94
CA ASN E 15 -0.29 -57.90 13.62
C ASN E 15 -0.40 -56.40 13.82
N ILE E 16 -1.54 -55.85 13.42
CA ILE E 16 -1.77 -54.42 13.53
C ILE E 16 -1.97 -53.99 14.98
N LYS E 17 -2.65 -54.83 15.75
CA LYS E 17 -2.88 -54.53 17.16
C LYS E 17 -1.61 -54.63 17.98
N SER E 18 -0.80 -55.65 17.73
CA SER E 18 0.43 -55.80 18.49
C SER E 18 1.42 -54.67 18.19
N GLU E 19 1.42 -54.20 16.95
CA GLU E 19 2.19 -53.00 16.61
C GLU E 19 1.67 -51.84 17.43
N ALA E 20 0.35 -51.75 17.54
CA ALA E 20 -0.29 -50.67 18.29
C ALA E 20 0.14 -50.63 19.75
N ARG E 21 0.26 -51.79 20.38
CA ARG E 21 0.72 -51.83 21.77
C ARG E 21 2.09 -51.13 21.92
N ALA E 22 3.04 -51.47 21.07
CA ALA E 22 4.38 -50.90 21.12
C ALA E 22 4.37 -49.40 20.79
N LEU E 23 3.69 -49.06 19.71
CA LEU E 23 3.49 -47.65 19.37
C LEU E 23 2.95 -46.87 20.58
N ALA E 24 1.88 -47.38 21.18
CA ALA E 24 1.29 -46.70 22.33
C ALA E 24 2.36 -46.46 23.40
N GLU E 25 3.25 -47.44 23.58
CA GLU E 25 4.26 -47.41 24.63
C GLU E 25 5.41 -46.41 24.41
N CYS E 26 5.81 -46.23 23.16
CA CYS E 26 7.01 -45.45 22.85
C CYS E 26 6.70 -44.02 22.44
N GLU E 27 5.43 -43.65 22.46
CA GLU E 27 5.04 -42.28 22.17
C GLU E 27 3.73 -41.91 22.88
N PRO E 28 3.81 -41.54 24.17
CA PRO E 28 2.64 -41.22 25.02
C PRO E 28 1.73 -40.20 24.38
N MET E 29 2.29 -39.29 23.61
CA MET E 29 1.51 -38.26 22.95
C MET E 29 0.43 -38.83 22.03
N LEU E 30 0.65 -40.04 21.54
CA LEU E 30 -0.23 -40.67 20.55
C LEU E 30 -0.87 -41.92 21.14
N ALA E 31 -0.61 -42.16 22.40
CA ALA E 31 -1.08 -43.38 23.05
C ALA E 31 -2.61 -43.47 23.02
N SER E 32 -3.29 -42.38 23.34
CA SER E 32 -4.76 -42.40 23.43
C SER E 32 -5.35 -42.57 22.05
N PHE E 33 -4.66 -41.99 21.07
CA PHE E 33 -5.02 -42.07 19.67
C PHE E 33 -4.87 -43.51 19.15
N PHE E 34 -3.75 -44.15 19.48
CA PHE E 34 -3.50 -45.53 19.06
C PHE E 34 -4.55 -46.41 19.71
N HIS E 35 -4.95 -46.02 20.91
CA HIS E 35 -5.93 -46.78 21.63
C HIS E 35 -7.37 -46.62 21.07
N ALA E 36 -7.74 -45.40 20.68
CA ALA E 36 -9.11 -45.11 20.23
C ALA E 36 -9.38 -45.66 18.84
N THR E 37 -8.31 -45.76 18.05
CA THR E 37 -8.44 -46.15 16.65
C THR E 37 -8.13 -47.64 16.42
N LEU E 38 -7.23 -48.22 17.21
CA LEU E 38 -6.82 -49.60 16.99
C LEU E 38 -7.02 -50.51 18.19
N LEU E 39 -6.32 -50.23 19.29
CA LEU E 39 -6.33 -51.13 20.43
C LEU E 39 -7.74 -51.42 20.92
N LYS E 40 -8.55 -50.37 20.93
CA LYS E 40 -9.88 -50.44 21.52
C LYS E 40 -10.87 -51.14 20.58
N HIS E 41 -10.45 -51.45 19.36
CA HIS E 41 -11.34 -52.12 18.41
C HIS E 41 -11.12 -53.63 18.33
N GLU E 42 -12.11 -54.33 17.79
CA GLU E 42 -12.10 -55.79 17.80
C GLU E 42 -11.71 -56.42 16.48
N ASN E 43 -11.78 -55.61 15.43
CA ASN E 43 -11.46 -56.07 14.09
C ASN E 43 -11.09 -54.91 13.17
N LEU E 44 -10.88 -55.20 11.90
CA LEU E 44 -10.38 -54.20 10.96
C LEU E 44 -11.49 -53.26 10.53
N GLY E 45 -12.69 -53.82 10.31
CA GLY E 45 -13.83 -53.02 9.95
C GLY E 45 -14.12 -51.93 10.97
N SER E 46 -14.11 -52.29 12.24
CA SER E 46 -14.36 -51.30 13.28
C SER E 46 -13.30 -50.22 13.22
N ALA E 47 -12.05 -50.64 13.17
CA ALA E 47 -10.96 -49.69 13.15
C ALA E 47 -11.12 -48.78 11.95
N LEU E 48 -11.36 -49.40 10.80
CA LEU E 48 -11.38 -48.66 9.54
C LEU E 48 -12.53 -47.65 9.43
N SER E 49 -13.68 -47.96 10.04
CA SER E 49 -14.84 -47.07 9.98
C SER E 49 -14.59 -45.84 10.84
N TYR E 50 -13.97 -46.07 11.99
CA TYR E 50 -13.58 -45.01 12.91
C TYR E 50 -12.63 -44.05 12.21
N ILE E 51 -11.65 -44.64 11.53
CA ILE E 51 -10.61 -43.88 10.87
C ILE E 51 -11.19 -43.08 9.71
N LEU E 52 -11.94 -43.75 8.85
CA LEU E 52 -12.51 -43.07 7.72
C LEU E 52 -13.42 -41.96 8.23
N ALA E 53 -14.17 -42.26 9.28
CA ALA E 53 -15.09 -41.28 9.83
C ALA E 53 -14.36 -39.99 10.17
N ASN E 54 -13.31 -40.10 10.98
CA ASN E 54 -12.55 -38.92 11.37
C ASN E 54 -11.78 -38.25 10.25
N LYS E 55 -11.48 -39.01 9.20
CA LYS E 55 -10.74 -38.45 8.08
C LYS E 55 -11.65 -37.59 7.18
N LEU E 56 -12.87 -38.04 6.97
CA LEU E 56 -13.83 -37.35 6.08
C LEU E 56 -14.68 -36.29 6.79
N ALA E 57 -14.52 -36.15 8.11
CA ALA E 57 -15.36 -35.25 8.89
C ALA E 57 -15.45 -33.83 8.34
N ASN E 58 -16.64 -33.25 8.46
CA ASN E 58 -16.91 -31.88 8.04
C ASN E 58 -18.12 -31.41 8.82
N PRO E 59 -18.19 -30.11 9.14
CA PRO E 59 -19.40 -29.51 9.73
C PRO E 59 -20.71 -29.87 9.03
N ILE E 60 -20.67 -30.19 7.74
CA ILE E 60 -21.86 -30.62 7.02
C ILE E 60 -22.25 -32.04 7.42
N MET E 61 -21.25 -32.88 7.61
CA MET E 61 -21.49 -34.25 8.06
C MET E 61 -20.32 -34.74 8.93
N PRO E 62 -20.50 -34.72 10.25
CA PRO E 62 -19.46 -35.04 11.22
C PRO E 62 -19.11 -36.52 11.20
N ALA E 63 -17.96 -36.82 11.79
CA ALA E 63 -17.42 -38.17 11.79
C ALA E 63 -18.44 -39.15 12.35
N ILE E 64 -19.04 -38.80 13.47
CA ILE E 64 -20.03 -39.66 14.11
C ILE E 64 -21.16 -40.12 13.19
N ALA E 65 -21.65 -39.22 12.33
CA ALA E 65 -22.64 -39.61 11.34
C ALA E 65 -21.99 -40.40 10.21
N ILE E 66 -20.87 -39.91 9.71
CA ILE E 66 -20.13 -40.64 8.68
C ILE E 66 -19.84 -42.10 9.04
N ARG E 67 -19.48 -42.34 10.30
CA ARG E 67 -19.20 -43.70 10.73
C ARG E 67 -20.37 -44.65 10.54
N GLU E 68 -21.59 -44.13 10.72
CA GLU E 68 -22.78 -44.97 10.65
C GLU E 68 -23.06 -45.44 9.23
N VAL E 69 -22.80 -44.57 8.27
CA VAL E 69 -22.95 -44.93 6.86
C VAL E 69 -21.90 -45.95 6.44
N VAL E 70 -20.66 -45.68 6.83
CA VAL E 70 -19.56 -46.56 6.51
C VAL E 70 -19.88 -47.96 6.98
N GLU E 71 -20.46 -48.06 8.17
CA GLU E 71 -20.71 -49.36 8.79
C GLU E 71 -21.88 -50.06 8.13
N GLU E 72 -22.82 -49.26 7.64
CA GLU E 72 -23.95 -49.79 6.91
C GLU E 72 -23.38 -50.50 5.69
N ALA E 73 -22.36 -49.89 5.08
CA ALA E 73 -21.78 -50.44 3.86
C ALA E 73 -21.03 -51.76 4.09
N TYR E 74 -20.18 -51.78 5.11
CA TYR E 74 -19.43 -52.98 5.45
C TYR E 74 -20.39 -54.09 5.80
N ARG E 75 -21.49 -53.73 6.45
CA ARG E 75 -22.49 -54.70 6.86
C ARG E 75 -23.13 -55.32 5.60
N SER E 76 -23.40 -54.50 4.59
CA SER E 76 -23.97 -55.00 3.35
C SER E 76 -22.93 -55.66 2.43
N ASP E 77 -21.73 -55.10 2.36
CA ASP E 77 -20.64 -55.69 1.56
C ASP E 77 -19.35 -55.87 2.37
N ALA E 78 -19.20 -57.03 2.98
CA ALA E 78 -18.11 -57.25 3.90
C ALA E 78 -16.75 -57.38 3.19
N HIS E 79 -16.78 -57.72 1.91
CA HIS E 79 -15.55 -57.87 1.14
C HIS E 79 -14.83 -56.53 0.97
N MET E 80 -15.53 -55.43 1.28
CA MET E 80 -14.91 -54.12 1.25
C MET E 80 -13.75 -54.13 2.22
N ILE E 81 -13.96 -54.82 3.34
CA ILE E 81 -12.95 -54.96 4.37
C ILE E 81 -11.83 -55.90 3.94
N VAL E 82 -12.17 -56.99 3.26
CA VAL E 82 -11.14 -57.88 2.71
C VAL E 82 -10.22 -57.07 1.80
N SER E 83 -10.82 -56.26 0.94
CA SER E 83 -10.08 -55.38 0.05
C SER E 83 -9.08 -54.50 0.80
N ALA E 84 -9.51 -53.95 1.93
CA ALA E 84 -8.65 -53.07 2.71
C ALA E 84 -7.49 -53.86 3.29
N ALA E 85 -7.73 -55.14 3.55
CA ALA E 85 -6.66 -56.00 4.05
C ALA E 85 -5.66 -56.20 2.91
N ARG E 86 -6.13 -56.70 1.78
CA ARG E 86 -5.27 -56.90 0.63
C ARG E 86 -4.50 -55.62 0.31
N ASP E 87 -5.12 -54.46 0.51
CA ASP E 87 -4.49 -53.18 0.18
C ASP E 87 -3.39 -52.81 1.15
N ILE E 88 -3.64 -53.07 2.43
CA ILE E 88 -2.67 -52.88 3.47
C ILE E 88 -1.42 -53.73 3.15
N LEU E 89 -1.62 -55.03 2.98
CA LEU E 89 -0.54 -55.96 2.64
C LEU E 89 0.29 -55.48 1.45
N ALA E 90 -0.37 -54.79 0.53
CA ALA E 90 0.26 -54.35 -0.70
C ALA E 90 1.23 -53.21 -0.41
N VAL E 91 0.83 -52.28 0.45
CA VAL E 91 1.67 -51.13 0.77
C VAL E 91 2.90 -51.60 1.55
N ARG E 92 2.68 -52.53 2.48
CA ARG E 92 3.75 -53.09 3.29
C ARG E 92 4.72 -53.90 2.45
N LEU E 93 4.21 -54.56 1.43
CA LEU E 93 5.01 -55.46 0.62
C LEU E 93 5.84 -54.70 -0.43
N ARG E 94 5.27 -53.62 -0.96
CA ARG E 94 5.85 -52.92 -2.11
C ARG E 94 6.49 -51.58 -1.76
N ASP E 95 6.03 -50.92 -0.70
CA ASP E 95 6.65 -49.65 -0.32
C ASP E 95 7.78 -49.88 0.68
N PRO E 96 9.01 -49.68 0.22
CA PRO E 96 10.17 -50.01 1.08
C PRO E 96 10.25 -49.07 2.27
N ALA E 97 9.48 -47.98 2.26
CA ALA E 97 9.52 -47.02 3.34
C ALA E 97 8.41 -47.30 4.34
N VAL E 98 7.73 -48.42 4.16
CA VAL E 98 6.66 -48.79 5.07
C VAL E 98 6.96 -50.11 5.78
N ASP E 99 7.18 -50.04 7.10
CA ASP E 99 7.60 -51.21 7.86
C ASP E 99 6.56 -51.76 8.85
N LYS E 100 5.43 -51.07 8.96
CA LYS E 100 4.35 -51.52 9.85
C LYS E 100 3.04 -51.67 9.06
N TYR E 101 2.26 -52.69 9.37
CA TYR E 101 0.94 -52.84 8.75
C TYR E 101 0.07 -51.65 9.14
N SER E 102 0.27 -51.19 10.37
CA SER E 102 -0.52 -50.09 10.91
C SER E 102 -0.33 -48.78 10.17
N THR E 103 0.74 -48.67 9.38
CA THR E 103 1.05 -47.39 8.77
C THR E 103 0.06 -46.92 7.68
N PRO E 104 -0.23 -47.76 6.66
CA PRO E 104 -1.22 -47.34 5.66
C PRO E 104 -2.55 -46.98 6.34
N LEU E 105 -3.02 -47.92 7.16
CA LEU E 105 -4.29 -47.81 7.89
C LEU E 105 -4.40 -46.54 8.72
N LEU E 106 -3.31 -46.18 9.38
CA LEU E 106 -3.31 -44.99 10.23
C LEU E 106 -3.09 -43.67 9.49
N TYR E 107 -2.20 -43.66 8.49
CA TYR E 107 -1.61 -42.39 8.05
C TYR E 107 -1.63 -42.10 6.56
N LEU E 108 -1.64 -43.16 5.75
CA LEU E 108 -1.34 -42.99 4.35
C LEU E 108 -2.55 -42.50 3.53
N LYS E 109 -2.50 -41.24 3.09
CA LYS E 109 -3.66 -40.58 2.47
C LYS E 109 -4.21 -41.32 1.25
N GLY E 110 -3.33 -41.88 0.42
CA GLY E 110 -3.76 -42.64 -0.73
C GLY E 110 -4.49 -43.94 -0.37
N PHE E 111 -4.14 -44.49 0.78
CA PHE E 111 -4.82 -45.69 1.28
C PHE E 111 -6.20 -45.29 1.82
N HIS E 112 -6.24 -44.21 2.59
CA HIS E 112 -7.51 -43.69 3.07
C HIS E 112 -8.41 -43.29 1.89
N ALA E 113 -7.82 -42.62 0.90
CA ALA E 113 -8.56 -42.18 -0.27
C ALA E 113 -9.18 -43.38 -1.00
N LEU E 114 -8.41 -44.45 -1.08
CA LEU E 114 -8.84 -45.66 -1.77
C LEU E 114 -10.06 -46.29 -1.12
N GLN E 115 -10.02 -46.41 0.20
CA GLN E 115 -11.15 -46.98 0.93
C GLN E 115 -12.37 -46.04 0.92
N ALA E 116 -12.12 -44.72 0.96
CA ALA E 116 -13.20 -43.75 0.85
C ALA E 116 -13.99 -43.97 -0.45
N TYR E 117 -13.27 -44.17 -1.56
CA TYR E 117 -13.88 -44.49 -2.85
C TYR E 117 -14.77 -45.72 -2.72
N ARG E 118 -14.32 -46.71 -1.98
CA ARG E 118 -15.10 -47.93 -1.85
C ARG E 118 -16.52 -47.64 -1.32
N ILE E 119 -16.62 -46.63 -0.47
CA ILE E 119 -17.88 -46.28 0.16
C ILE E 119 -18.72 -45.46 -0.81
N GLY E 120 -18.10 -44.52 -1.52
CA GLY E 120 -18.75 -43.84 -2.62
C GLY E 120 -19.32 -44.84 -3.63
N HIS E 121 -18.51 -45.86 -3.95
CA HIS E 121 -18.84 -46.83 -4.99
C HIS E 121 -20.01 -47.74 -4.60
N TRP E 122 -20.14 -48.01 -3.31
CA TRP E 122 -21.29 -48.74 -2.75
C TRP E 122 -22.51 -47.83 -2.68
N LEU E 123 -22.30 -46.60 -2.22
CA LEU E 123 -23.37 -45.61 -2.24
C LEU E 123 -23.91 -45.48 -3.66
N TRP E 124 -22.99 -45.32 -4.60
CA TRP E 124 -23.33 -45.08 -5.99
C TRP E 124 -24.07 -46.25 -6.62
N ALA E 125 -23.72 -47.46 -6.23
CA ALA E 125 -24.40 -48.64 -6.74
C ALA E 125 -25.74 -48.80 -6.02
N GLN E 126 -25.88 -48.06 -4.93
CA GLN E 126 -27.03 -48.18 -4.06
C GLN E 126 -27.99 -47.06 -4.41
N ASP E 127 -27.57 -46.24 -5.38
CA ASP E 127 -28.40 -45.17 -5.91
C ASP E 127 -28.46 -43.99 -4.96
N ARG E 128 -27.54 -43.98 -3.99
CA ARG E 128 -27.37 -42.86 -3.09
C ARG E 128 -26.27 -41.96 -3.62
N LYS E 129 -26.47 -41.50 -4.86
CA LYS E 129 -25.40 -40.89 -5.65
C LYS E 129 -25.03 -39.51 -5.19
N ALA E 130 -25.98 -38.80 -4.61
CA ALA E 130 -25.73 -37.44 -4.15
C ALA E 130 -24.70 -37.53 -3.03
N LEU E 131 -24.91 -38.49 -2.15
CA LEU E 131 -23.94 -38.77 -1.10
C LEU E 131 -22.60 -39.15 -1.70
N ALA E 132 -22.58 -40.17 -2.55
CA ALA E 132 -21.35 -40.62 -3.18
C ALA E 132 -20.56 -39.42 -3.70
N ILE E 133 -21.28 -38.54 -4.40
CA ILE E 133 -20.63 -37.40 -5.03
C ILE E 133 -20.12 -36.45 -3.98
N TYR E 134 -20.88 -36.27 -2.91
CA TYR E 134 -20.48 -35.36 -1.84
C TYR E 134 -19.16 -35.83 -1.20
N LEU E 135 -19.04 -37.14 -1.06
CA LEU E 135 -17.84 -37.78 -0.52
C LEU E 135 -16.69 -37.74 -1.55
N GLN E 136 -17.03 -37.97 -2.81
CA GLN E 136 -16.02 -37.95 -3.87
C GLN E 136 -15.23 -36.66 -3.84
N ASN E 137 -15.92 -35.56 -3.61
CA ASN E 137 -15.25 -34.27 -3.60
C ASN E 137 -14.69 -33.87 -2.25
N GLN E 138 -15.18 -34.50 -1.20
CA GLN E 138 -14.66 -34.31 0.15
C GLN E 138 -13.32 -35.04 0.26
N VAL E 139 -13.26 -36.26 -0.27
CA VAL E 139 -12.00 -36.99 -0.37
C VAL E 139 -10.98 -36.14 -1.14
N SER E 140 -11.47 -35.49 -2.19
CA SER E 140 -10.60 -34.73 -3.07
C SER E 140 -10.09 -33.44 -2.45
N VAL E 141 -10.86 -32.85 -1.55
CA VAL E 141 -10.45 -31.59 -0.95
C VAL E 141 -9.48 -31.88 0.19
N ALA E 142 -9.72 -32.95 0.94
CA ALA E 142 -8.89 -33.27 2.10
C ALA E 142 -7.56 -33.85 1.70
N PHE E 143 -7.60 -34.82 0.78
CA PHE E 143 -6.43 -35.61 0.41
C PHE E 143 -5.82 -35.32 -0.97
N GLY E 144 -6.37 -34.36 -1.71
CA GLY E 144 -5.92 -34.09 -3.07
C GLY E 144 -6.01 -35.28 -4.00
N VAL E 145 -6.81 -36.26 -3.61
CA VAL E 145 -7.12 -37.38 -4.49
C VAL E 145 -8.57 -37.32 -4.97
N ASP E 146 -8.76 -37.45 -6.28
CA ASP E 146 -10.09 -37.35 -6.88
C ASP E 146 -10.42 -38.59 -7.68
N ILE E 147 -11.16 -39.51 -7.06
CA ILE E 147 -11.71 -40.58 -7.87
C ILE E 147 -13.25 -40.64 -7.88
N HIS E 148 -13.79 -40.90 -9.06
CA HIS E 148 -15.22 -40.95 -9.22
C HIS E 148 -15.73 -42.24 -8.61
N PRO E 149 -16.82 -42.14 -7.81
CA PRO E 149 -17.42 -43.32 -7.18
C PRO E 149 -17.80 -44.39 -8.19
N ALA E 150 -18.07 -43.99 -9.44
CA ALA E 150 -18.52 -44.95 -10.46
C ALA E 150 -17.39 -45.82 -11.00
N ALA E 151 -16.13 -45.42 -10.75
CA ALA E 151 -14.98 -46.20 -11.21
C ALA E 151 -15.04 -47.62 -10.65
N THR E 152 -14.44 -48.56 -11.35
CA THR E 152 -14.35 -49.92 -10.83
C THR E 152 -12.91 -50.27 -10.42
N ILE E 153 -12.60 -50.15 -9.13
CA ILE E 153 -11.24 -50.35 -8.64
C ILE E 153 -11.14 -51.61 -7.79
N GLY E 154 -10.27 -52.53 -8.20
CA GLY E 154 -10.15 -53.79 -7.51
C GLY E 154 -9.33 -53.72 -6.23
N CYS E 155 -8.57 -54.79 -6.00
CA CYS E 155 -8.07 -55.19 -4.68
C CYS E 155 -6.54 -55.30 -4.64
N GLY E 156 -5.94 -55.00 -3.49
CA GLY E 156 -4.50 -55.11 -3.37
C GLY E 156 -3.85 -54.03 -4.20
N ILE E 157 -4.33 -52.81 -3.99
CA ILE E 157 -3.92 -51.67 -4.78
C ILE E 157 -3.11 -50.75 -3.90
N MET E 158 -2.13 -50.09 -4.49
CA MET E 158 -1.32 -49.17 -3.73
C MET E 158 -1.29 -47.85 -4.44
N LEU E 159 -1.67 -46.78 -3.72
CA LEU E 159 -1.56 -45.41 -4.21
C LEU E 159 -0.51 -44.70 -3.40
N ASP E 160 0.74 -44.80 -3.85
CA ASP E 160 1.88 -44.34 -3.08
C ASP E 160 1.94 -42.82 -3.13
N HIS E 161 1.93 -42.16 -1.97
CA HIS E 161 2.00 -40.69 -1.90
C HIS E 161 0.69 -39.97 -2.27
N ALA E 162 0.19 -40.28 -3.46
CA ALA E 162 -1.21 -40.07 -3.84
C ALA E 162 -1.60 -38.67 -4.31
N THR E 163 -0.89 -37.65 -3.85
CA THR E 163 -1.25 -36.28 -4.21
C THR E 163 -1.46 -36.20 -5.72
N GLY E 164 -2.54 -35.54 -6.13
CA GLY E 164 -2.79 -35.28 -7.54
C GLY E 164 -3.44 -36.39 -8.36
N ILE E 165 -3.67 -37.54 -7.75
CA ILE E 165 -4.31 -38.64 -8.45
C ILE E 165 -5.75 -38.33 -8.88
N VAL E 166 -6.06 -38.74 -10.10
CA VAL E 166 -7.34 -38.50 -10.70
C VAL E 166 -7.78 -39.79 -11.39
N ILE E 167 -8.91 -40.35 -11.00
CA ILE E 167 -9.40 -41.54 -11.66
C ILE E 167 -10.84 -41.33 -12.01
N GLY E 168 -11.12 -41.21 -13.30
CA GLY E 168 -12.43 -40.83 -13.80
C GLY E 168 -13.50 -41.91 -13.79
N GLU E 169 -14.70 -41.51 -14.17
CA GLU E 169 -15.94 -42.28 -13.99
C GLU E 169 -15.99 -43.65 -14.64
N THR E 170 -15.35 -43.83 -15.79
CA THR E 170 -15.46 -45.12 -16.46
C THR E 170 -14.16 -45.93 -16.40
N ALA E 171 -13.29 -45.57 -15.46
CA ALA E 171 -12.01 -46.26 -15.27
C ALA E 171 -12.21 -47.65 -14.72
N VAL E 172 -11.39 -48.59 -15.19
CA VAL E 172 -11.27 -49.86 -14.51
C VAL E 172 -9.82 -50.05 -14.10
N VAL E 173 -9.60 -50.44 -12.83
CA VAL E 173 -8.30 -50.89 -12.33
C VAL E 173 -8.44 -52.27 -11.71
N GLU E 174 -7.72 -53.25 -12.24
CA GLU E 174 -7.81 -54.61 -11.71
C GLU E 174 -6.99 -54.82 -10.42
N ASN E 175 -7.06 -56.02 -9.87
CA ASN E 175 -6.27 -56.38 -8.69
C ASN E 175 -4.76 -56.18 -8.88
N ASP E 176 -4.08 -55.87 -7.78
CA ASP E 176 -2.61 -55.79 -7.73
C ASP E 176 -2.09 -54.84 -8.78
N VAL E 177 -2.46 -53.58 -8.66
CA VAL E 177 -1.86 -52.56 -9.50
C VAL E 177 -1.18 -51.60 -8.55
N SER E 178 -0.14 -50.94 -9.04
CA SER E 178 0.50 -49.96 -8.22
C SER E 178 0.57 -48.64 -8.98
N ILE E 179 0.17 -47.58 -8.30
CA ILE E 179 0.12 -46.26 -8.92
C ILE E 179 0.77 -45.26 -7.99
N LEU E 180 1.53 -44.33 -8.56
CA LEU E 180 2.17 -43.28 -7.76
C LEU E 180 1.49 -41.91 -7.88
N GLN E 181 2.10 -40.88 -7.29
CA GLN E 181 1.49 -39.57 -7.24
C GLN E 181 1.37 -38.93 -8.61
N SER E 182 0.50 -37.92 -8.69
CA SER E 182 0.18 -37.19 -9.90
C SER E 182 -0.12 -38.04 -11.12
N VAL E 183 -0.66 -39.25 -10.90
CA VAL E 183 -1.14 -40.07 -12.02
C VAL E 183 -2.61 -39.78 -12.33
N THR E 184 -2.98 -39.87 -13.61
CA THR E 184 -4.34 -39.60 -14.07
C THR E 184 -4.83 -40.77 -14.93
N LEU E 185 -5.97 -41.34 -14.58
CA LEU E 185 -6.62 -42.28 -15.47
C LEU E 185 -7.84 -41.52 -15.98
N GLY E 186 -7.67 -40.86 -17.13
CA GLY E 186 -8.53 -39.75 -17.54
C GLY E 186 -9.42 -39.91 -18.76
N GLY E 187 -10.21 -38.88 -19.04
CA GLY E 187 -11.20 -38.98 -20.09
C GLY E 187 -10.87 -38.17 -21.31
N THR E 188 -11.59 -38.46 -22.39
CA THR E 188 -11.55 -37.59 -23.56
C THR E 188 -12.98 -37.23 -23.95
N GLY E 189 -13.16 -36.07 -24.60
CA GLY E 189 -14.45 -35.67 -25.15
C GLY E 189 -15.37 -34.98 -24.13
N LYS E 190 -16.52 -34.51 -24.60
CA LYS E 190 -17.47 -33.79 -23.75
C LYS E 190 -18.73 -34.60 -23.55
N THR E 191 -18.80 -35.78 -24.15
CA THR E 191 -19.98 -36.61 -24.02
C THR E 191 -19.78 -37.74 -23.04
N SER E 192 -20.89 -38.33 -22.59
CA SER E 192 -20.86 -39.46 -21.68
C SER E 192 -20.53 -40.68 -22.54
N GLY E 193 -20.47 -41.85 -21.91
CA GLY E 193 -19.95 -43.03 -22.58
C GLY E 193 -18.57 -43.39 -22.06
N ASP E 194 -18.16 -44.62 -22.36
CA ASP E 194 -16.87 -45.18 -21.97
C ASP E 194 -15.68 -44.44 -22.57
N ARG E 195 -14.83 -43.89 -21.72
CA ARG E 195 -13.77 -42.99 -22.19
C ARG E 195 -12.60 -42.86 -21.19
N HIS E 196 -12.53 -43.76 -20.22
CA HIS E 196 -11.42 -43.72 -19.27
C HIS E 196 -10.65 -45.03 -19.42
N PRO E 197 -9.40 -45.07 -18.93
CA PRO E 197 -8.59 -46.24 -19.26
C PRO E 197 -8.96 -47.54 -18.52
N LYS E 198 -8.64 -48.66 -19.16
CA LYS E 198 -8.68 -49.98 -18.54
C LYS E 198 -7.25 -50.44 -18.16
N ILE E 199 -6.99 -50.54 -16.86
CA ILE E 199 -5.68 -50.92 -16.32
C ILE E 199 -5.72 -52.37 -15.76
N ARG E 200 -5.09 -53.30 -16.46
CA ARG E 200 -5.15 -54.71 -16.08
C ARG E 200 -4.27 -55.12 -14.90
N GLU E 201 -4.41 -56.38 -14.48
CA GLU E 201 -3.68 -56.94 -13.35
C GLU E 201 -2.19 -56.72 -13.46
N GLY E 202 -1.59 -56.29 -12.36
CA GLY E 202 -0.14 -56.29 -12.25
C GLY E 202 0.58 -55.11 -12.85
N VAL E 203 -0.18 -54.10 -13.28
CA VAL E 203 0.43 -52.94 -13.91
C VAL E 203 1.05 -52.01 -12.89
N MET E 204 2.07 -51.30 -13.34
CA MET E 204 2.78 -50.33 -12.53
C MET E 204 2.76 -49.01 -13.30
N ILE E 205 2.38 -47.95 -12.61
CA ILE E 205 2.29 -46.63 -13.22
C ILE E 205 3.14 -45.61 -12.49
N GLY E 206 4.19 -45.12 -13.14
CA GLY E 206 5.10 -44.19 -12.53
C GLY E 206 4.49 -42.83 -12.31
N ALA E 207 5.07 -42.07 -11.39
CA ALA E 207 4.70 -40.70 -11.09
C ALA E 207 4.45 -39.82 -12.31
N GLY E 208 3.37 -39.05 -12.24
CA GLY E 208 3.06 -38.06 -13.26
C GLY E 208 2.49 -38.59 -14.56
N ALA E 209 2.24 -39.89 -14.64
CA ALA E 209 1.72 -40.47 -15.87
C ALA E 209 0.26 -40.08 -16.13
N LYS E 210 -0.01 -39.55 -17.32
CA LYS E 210 -1.37 -39.27 -17.75
C LYS E 210 -1.85 -40.35 -18.72
N ILE E 211 -2.90 -41.07 -18.36
CA ILE E 211 -3.48 -42.06 -19.27
C ILE E 211 -4.92 -41.65 -19.60
N LEU E 212 -5.19 -41.51 -20.89
CA LEU E 212 -6.41 -40.83 -21.37
C LEU E 212 -7.17 -41.65 -22.40
N GLY E 213 -8.50 -41.68 -22.25
CA GLY E 213 -9.36 -42.30 -23.23
C GLY E 213 -9.69 -43.74 -22.86
N ASN E 214 -10.69 -44.31 -23.53
CA ASN E 214 -11.03 -45.71 -23.31
C ASN E 214 -9.98 -46.61 -23.92
N ILE E 215 -8.79 -46.64 -23.32
CA ILE E 215 -7.71 -47.47 -23.82
C ILE E 215 -7.25 -48.46 -22.75
N GLU E 216 -6.58 -49.52 -23.18
CA GLU E 216 -6.20 -50.58 -22.26
C GLU E 216 -4.71 -50.64 -22.03
N VAL E 217 -4.32 -50.79 -20.77
CA VAL E 217 -2.95 -51.11 -20.39
C VAL E 217 -2.93 -52.57 -19.97
N GLY E 218 -2.40 -53.40 -20.86
CA GLY E 218 -2.39 -54.85 -20.68
C GLY E 218 -1.81 -55.38 -19.38
N ARG E 219 -2.04 -56.67 -19.15
CA ARG E 219 -1.59 -57.37 -17.94
C ARG E 219 -0.08 -57.30 -17.79
N GLY E 220 0.40 -56.96 -16.60
CA GLY E 220 1.83 -56.95 -16.33
C GLY E 220 2.63 -55.85 -17.01
N ALA E 221 1.95 -54.92 -17.66
CA ALA E 221 2.62 -53.82 -18.33
C ALA E 221 3.23 -52.82 -17.34
N LYS E 222 4.19 -52.02 -17.82
CA LYS E 222 4.71 -50.93 -17.04
C LYS E 222 4.57 -49.60 -17.75
N ILE E 223 4.07 -48.59 -17.02
CA ILE E 223 3.97 -47.24 -17.56
C ILE E 223 4.98 -46.34 -16.86
N GLY E 224 5.87 -45.75 -17.64
CA GLY E 224 6.95 -44.97 -17.11
C GLY E 224 6.48 -43.65 -16.53
N ALA E 225 7.20 -43.17 -15.52
CA ALA E 225 6.92 -41.87 -14.94
C ALA E 225 6.87 -40.86 -16.07
N GLY E 226 6.04 -39.84 -15.91
CA GLY E 226 5.98 -38.73 -16.85
C GLY E 226 5.32 -39.05 -18.18
N SER E 227 4.93 -40.30 -18.38
CA SER E 227 4.34 -40.72 -19.66
C SER E 227 2.92 -40.20 -19.94
N VAL E 228 2.64 -39.87 -21.19
CA VAL E 228 1.27 -39.58 -21.64
C VAL E 228 0.85 -40.73 -22.55
N VAL E 229 -0.17 -41.47 -22.17
CA VAL E 229 -0.55 -42.67 -22.90
C VAL E 229 -1.88 -42.49 -23.66
N LEU E 230 -1.80 -42.45 -25.00
CA LEU E 230 -2.95 -42.12 -25.83
C LEU E 230 -3.48 -43.34 -26.59
N GLN E 231 -2.72 -44.43 -26.56
CA GLN E 231 -3.17 -45.63 -27.24
C GLN E 231 -2.89 -46.81 -26.33
N SER E 232 -3.64 -47.88 -26.55
CA SER E 232 -3.47 -49.10 -25.77
C SER E 232 -2.01 -49.57 -25.66
N VAL E 233 -1.72 -50.23 -24.54
CA VAL E 233 -0.38 -50.73 -24.24
C VAL E 233 -0.48 -52.23 -24.03
N PRO E 234 0.19 -53.02 -24.89
CA PRO E 234 0.06 -54.47 -24.79
C PRO E 234 0.56 -54.96 -23.45
N ALA E 235 0.05 -56.10 -23.01
CA ALA E 235 0.53 -56.75 -21.80
C ALA E 235 2.03 -56.98 -21.91
N HIS E 236 2.72 -56.83 -20.78
CA HIS E 236 4.14 -57.23 -20.63
C HIS E 236 5.06 -56.39 -21.49
N THR E 237 4.81 -55.10 -21.47
CA THR E 237 5.40 -54.14 -22.37
C THR E 237 5.69 -52.97 -21.46
N THR E 238 6.74 -52.22 -21.78
CA THR E 238 7.01 -50.98 -21.08
C THR E 238 6.77 -49.80 -21.99
N ALA E 239 6.01 -48.83 -21.50
CA ALA E 239 5.69 -47.66 -22.32
C ALA E 239 6.08 -46.38 -21.59
N ALA E 240 6.66 -45.46 -22.35
CA ALA E 240 7.25 -44.26 -21.79
C ALA E 240 7.24 -43.14 -22.82
N GLY E 241 7.34 -41.90 -22.36
CA GLY E 241 7.42 -40.76 -23.25
C GLY E 241 6.16 -39.94 -23.50
N VAL E 242 6.35 -38.79 -24.12
CA VAL E 242 5.29 -37.83 -24.38
C VAL E 242 5.24 -37.47 -25.86
N PRO E 243 4.38 -38.16 -26.63
CA PRO E 243 3.50 -39.22 -26.14
C PRO E 243 4.26 -40.53 -26.03
N ALA E 244 3.66 -41.52 -25.40
CA ALA E 244 4.37 -42.77 -25.12
C ALA E 244 4.43 -43.73 -26.30
N ARG E 245 5.54 -44.47 -26.36
CA ARG E 245 5.65 -45.58 -27.27
C ARG E 245 6.16 -46.74 -26.44
N ILE E 246 5.87 -47.97 -26.85
CA ILE E 246 6.44 -49.09 -26.12
C ILE E 246 7.96 -49.12 -26.36
N VAL E 247 8.72 -49.10 -25.27
CA VAL E 247 10.18 -48.96 -25.34
C VAL E 247 10.93 -50.15 -24.75
N GLY E 248 10.29 -51.31 -24.68
CA GLY E 248 10.92 -52.48 -24.09
C GLY E 248 9.93 -53.39 -23.39
N LYS E 249 10.44 -54.35 -22.63
CA LYS E 249 9.59 -55.25 -21.85
C LYS E 249 10.03 -55.27 -20.39
N PRO E 250 9.07 -55.18 -19.46
CA PRO E 250 9.38 -55.15 -18.01
C PRO E 250 10.16 -56.39 -17.54
N GLU E 251 11.00 -56.19 -16.53
CA GLU E 251 11.89 -57.24 -16.04
C GLU E 251 11.15 -58.42 -15.41
N SER E 252 10.14 -58.12 -14.61
CA SER E 252 9.34 -59.15 -13.96
C SER E 252 7.90 -59.24 -14.48
N ASP E 253 7.23 -60.34 -14.13
CA ASP E 253 5.88 -60.61 -14.59
C ASP E 253 4.85 -59.57 -14.14
N LYS E 254 4.94 -59.13 -12.89
CA LYS E 254 4.05 -58.10 -12.37
C LYS E 254 4.88 -56.99 -11.76
N PRO E 255 5.19 -55.97 -12.56
CA PRO E 255 6.00 -54.84 -12.09
C PRO E 255 5.37 -54.16 -10.87
N SER E 256 4.05 -54.22 -10.75
CA SER E 256 3.37 -53.62 -9.60
C SER E 256 3.96 -54.15 -8.32
N LEU E 257 4.39 -55.40 -8.36
CA LEU E 257 4.94 -56.04 -7.17
C LEU E 257 6.35 -55.56 -6.84
N ASP E 258 7.04 -55.02 -7.85
CA ASP E 258 8.49 -54.79 -7.70
C ASP E 258 8.88 -53.31 -7.77
N MET E 259 7.98 -52.49 -8.32
CA MET E 259 8.16 -51.04 -8.28
C MET E 259 9.46 -50.54 -8.92
N ASP E 260 9.97 -51.30 -9.90
CA ASP E 260 11.14 -50.93 -10.67
C ASP E 260 10.77 -49.81 -11.65
N GLN E 261 11.34 -48.63 -11.45
CA GLN E 261 10.94 -47.44 -12.22
C GLN E 261 11.70 -47.22 -13.54
N HIS E 262 12.69 -48.06 -13.81
N HIS E 262 12.71 -48.03 -13.81
CA HIS E 262 13.55 -47.83 -14.97
CA HIS E 262 13.51 -47.76 -15.00
C HIS E 262 12.85 -48.12 -16.31
C HIS E 262 12.78 -48.04 -16.30
N PHE E 263 13.20 -47.33 -17.33
CA PHE E 263 12.81 -47.64 -18.70
C PHE E 263 13.87 -47.06 -19.66
N ASN E 264 13.87 -47.55 -20.90
CA ASN E 264 14.80 -47.03 -21.90
C ASN E 264 14.20 -45.92 -22.75
N GLY E 265 15.03 -45.22 -23.50
CA GLY E 265 14.59 -44.06 -24.25
C GLY E 265 13.87 -44.34 -25.57
N SER E 266 14.40 -45.29 -26.34
CA SER E 266 13.90 -45.54 -27.69
C SER E 266 13.60 -47.02 -27.94
N MET F 4 25.44 -18.20 8.84
CA MET F 4 24.72 -16.97 9.18
C MET F 4 24.94 -16.52 10.62
N SER F 5 25.26 -15.24 10.78
CA SER F 5 25.62 -14.69 12.07
C SER F 5 24.43 -14.29 12.90
N SER F 6 24.67 -14.15 14.21
CA SER F 6 23.70 -13.61 15.14
C SER F 6 23.11 -12.28 14.66
N GLU F 7 23.96 -11.39 14.15
CA GLU F 7 23.51 -10.03 13.80
C GLU F 7 22.77 -9.97 12.47
N GLU F 8 22.98 -10.95 11.60
CA GLU F 8 22.29 -11.00 10.32
C GLU F 8 21.01 -11.84 10.43
N LEU F 9 20.90 -12.54 11.55
CA LEU F 9 19.68 -13.27 11.90
C LEU F 9 18.73 -12.26 12.54
N GLU F 10 19.28 -11.43 13.43
CA GLU F 10 18.54 -10.33 14.04
C GLU F 10 17.96 -9.47 12.94
N GLN F 11 18.75 -9.28 11.89
CA GLN F 11 18.37 -8.42 10.77
C GLN F 11 17.07 -8.87 10.14
N VAL F 12 17.01 -10.14 9.76
CA VAL F 12 15.82 -10.68 9.13
C VAL F 12 14.62 -10.54 10.07
N TRP F 13 14.83 -10.84 11.35
CA TRP F 13 13.74 -10.72 12.30
C TRP F 13 13.22 -9.28 12.40
N SER F 14 14.13 -8.32 12.53
CA SER F 14 13.77 -6.90 12.61
C SER F 14 13.03 -6.40 11.37
N ASN F 15 13.39 -6.96 10.20
CA ASN F 15 12.75 -6.59 8.95
C ASN F 15 11.35 -7.14 8.95
N ILE F 16 11.23 -8.41 9.34
CA ILE F 16 9.94 -9.07 9.38
C ILE F 16 8.95 -8.31 10.27
N LYS F 17 9.38 -7.98 11.49
CA LYS F 17 8.57 -7.18 12.41
C LYS F 17 8.12 -5.84 11.82
N SER F 18 9.01 -5.20 11.06
CA SER F 18 8.69 -3.91 10.46
C SER F 18 7.58 -4.06 9.44
N GLU F 19 7.73 -5.05 8.58
CA GLU F 19 6.70 -5.38 7.62
C GLU F 19 5.43 -5.60 8.39
N ALA F 20 5.57 -6.20 9.56
CA ALA F 20 4.45 -6.55 10.41
C ALA F 20 3.68 -5.32 10.93
N ARG F 21 4.41 -4.38 11.54
CA ARG F 21 3.78 -3.16 12.05
C ARG F 21 2.96 -2.52 10.94
N ALA F 22 3.47 -2.59 9.72
CA ALA F 22 2.81 -1.98 8.56
C ALA F 22 1.63 -2.80 8.02
N LEU F 23 1.82 -4.12 7.91
CA LEU F 23 0.74 -4.99 7.47
C LEU F 23 -0.49 -4.81 8.38
N ALA F 24 -0.26 -4.81 9.69
CA ALA F 24 -1.36 -4.62 10.63
C ALA F 24 -2.17 -3.34 10.33
N GLU F 25 -1.48 -2.21 10.22
CA GLU F 25 -2.15 -0.94 10.00
C GLU F 25 -2.99 -0.97 8.73
N CYS F 26 -2.48 -1.62 7.69
CA CYS F 26 -3.15 -1.61 6.38
C CYS F 26 -4.26 -2.67 6.23
N GLU F 27 -4.26 -3.69 7.09
CA GLU F 27 -5.30 -4.70 7.06
C GLU F 27 -5.89 -5.03 8.44
N PRO F 28 -6.84 -4.20 8.91
CA PRO F 28 -7.42 -4.25 10.25
C PRO F 28 -8.04 -5.60 10.58
N MET F 29 -8.35 -6.38 9.56
CA MET F 29 -8.88 -7.72 9.77
C MET F 29 -7.82 -8.77 10.14
N LEU F 30 -6.57 -8.48 9.83
CA LEU F 30 -5.49 -9.42 10.12
C LEU F 30 -4.57 -8.87 11.20
N ALA F 31 -4.78 -7.62 11.61
CA ALA F 31 -3.92 -6.98 12.62
C ALA F 31 -3.71 -7.82 13.88
N SER F 32 -4.73 -8.55 14.30
CA SER F 32 -4.58 -9.37 15.48
C SER F 32 -3.77 -10.62 15.14
N PHE F 33 -3.97 -11.11 13.93
CA PHE F 33 -3.17 -12.20 13.38
C PHE F 33 -1.68 -11.85 13.32
N PHE F 34 -1.39 -10.71 12.71
CA PHE F 34 0.00 -10.28 12.58
C PHE F 34 0.58 -10.02 13.95
N HIS F 35 -0.27 -9.57 14.87
CA HIS F 35 0.19 -9.18 16.18
C HIS F 35 0.57 -10.38 17.02
N ALA F 36 -0.30 -11.39 17.06
CA ALA F 36 -0.05 -12.59 17.87
C ALA F 36 1.03 -13.48 17.27
N THR F 37 1.23 -13.32 15.98
CA THR F 37 2.13 -14.16 15.21
C THR F 37 3.55 -13.59 15.08
N LEU F 38 3.68 -12.28 14.93
CA LEU F 38 4.99 -11.68 14.74
C LEU F 38 5.30 -10.62 15.78
N LEU F 39 4.52 -9.54 15.78
CA LEU F 39 4.79 -8.38 16.63
C LEU F 39 5.00 -8.71 18.10
N LYS F 40 4.37 -9.79 18.59
CA LYS F 40 4.50 -10.20 19.99
C LYS F 40 5.77 -10.97 20.32
N HIS F 41 6.44 -11.49 19.29
CA HIS F 41 7.61 -12.32 19.51
C HIS F 41 8.92 -11.56 19.39
N GLU F 42 9.93 -11.99 20.14
CA GLU F 42 11.19 -11.27 20.20
C GLU F 42 12.23 -11.88 19.27
N ASN F 43 11.84 -12.92 18.53
CA ASN F 43 12.76 -13.58 17.60
C ASN F 43 12.06 -14.54 16.63
N LEU F 44 12.74 -14.86 15.54
CA LEU F 44 12.20 -15.71 14.50
C LEU F 44 11.77 -17.10 15.00
N GLY F 45 12.49 -17.62 15.98
CA GLY F 45 12.22 -18.94 16.51
C GLY F 45 10.87 -19.03 17.20
N SER F 46 10.58 -18.04 18.05
CA SER F 46 9.26 -17.94 18.70
C SER F 46 8.11 -17.90 17.70
N ALA F 47 8.20 -16.96 16.75
CA ALA F 47 7.16 -16.77 15.76
C ALA F 47 6.93 -18.06 14.99
N LEU F 48 8.03 -18.64 14.55
CA LEU F 48 8.02 -19.82 13.71
C LEU F 48 7.45 -21.05 14.39
N SER F 49 7.71 -21.19 15.69
CA SER F 49 7.14 -22.29 16.46
C SER F 49 5.64 -22.05 16.56
N TYR F 50 5.28 -20.78 16.70
CA TYR F 50 3.88 -20.37 16.79
C TYR F 50 3.19 -20.74 15.48
N ILE F 51 3.68 -20.20 14.36
CA ILE F 51 3.12 -20.47 13.06
C ILE F 51 3.01 -21.98 12.84
N LEU F 52 4.09 -22.71 13.12
CA LEU F 52 4.12 -24.11 12.75
C LEU F 52 3.15 -24.94 13.56
N ALA F 53 3.04 -24.59 14.83
CA ALA F 53 2.12 -25.27 15.72
C ALA F 53 0.71 -25.09 15.17
N ASN F 54 0.39 -23.87 14.77
CA ASN F 54 -0.93 -23.58 14.25
C ASN F 54 -1.17 -24.30 12.95
N LYS F 55 -0.11 -24.36 12.15
CA LYS F 55 -0.12 -25.01 10.84
C LYS F 55 -0.27 -26.52 10.91
N LEU F 56 0.39 -27.14 11.89
CA LEU F 56 0.39 -28.59 12.02
C LEU F 56 -0.78 -29.13 12.85
N ALA F 57 -1.56 -28.23 13.46
CA ALA F 57 -2.61 -28.62 14.41
C ALA F 57 -3.67 -29.60 13.88
N ASN F 58 -4.07 -30.51 14.76
CA ASN F 58 -5.10 -31.49 14.48
C ASN F 58 -5.72 -31.79 15.83
N PRO F 59 -6.97 -32.27 15.84
CA PRO F 59 -7.57 -32.71 17.10
C PRO F 59 -6.68 -33.70 17.85
N ILE F 60 -6.14 -34.66 17.12
CA ILE F 60 -5.28 -35.70 17.69
C ILE F 60 -4.11 -35.12 18.49
N MET F 61 -3.59 -34.00 18.03
CA MET F 61 -2.54 -33.29 18.74
C MET F 61 -2.63 -31.82 18.41
N PRO F 62 -3.06 -31.01 19.40
CA PRO F 62 -3.39 -29.59 19.21
C PRO F 62 -2.16 -28.71 19.10
N ALA F 63 -2.36 -27.51 18.60
CA ALA F 63 -1.28 -26.57 18.38
C ALA F 63 -0.55 -26.27 19.68
N ILE F 64 -1.29 -26.17 20.77
CA ILE F 64 -0.65 -25.82 22.02
C ILE F 64 0.40 -26.87 22.37
N ALA F 65 0.11 -28.14 22.04
CA ALA F 65 1.02 -29.26 22.32
C ALA F 65 2.14 -29.34 21.31
N ILE F 66 1.78 -29.28 20.04
CA ILE F 66 2.78 -29.27 19.00
C ILE F 66 3.83 -28.22 19.29
N ARG F 67 3.46 -27.12 19.93
CA ARG F 67 4.41 -26.04 20.09
C ARG F 67 5.56 -26.36 21.05
N GLU F 68 5.27 -27.16 22.07
CA GLU F 68 6.28 -27.58 23.04
C GLU F 68 7.35 -28.46 22.38
N VAL F 69 6.90 -29.43 21.58
CA VAL F 69 7.79 -30.22 20.76
C VAL F 69 8.72 -29.34 19.94
N VAL F 70 8.15 -28.50 19.10
CA VAL F 70 8.93 -27.64 18.20
C VAL F 70 9.87 -26.71 18.97
N GLU F 71 9.43 -26.24 20.12
CA GLU F 71 10.30 -25.41 20.94
C GLU F 71 11.48 -26.23 21.46
N GLU F 72 11.24 -27.53 21.64
CA GLU F 72 12.20 -28.44 22.24
C GLU F 72 13.25 -28.78 21.19
N ALA F 73 12.81 -28.90 19.95
CA ALA F 73 13.71 -29.13 18.83
C ALA F 73 14.63 -27.93 18.64
N TYR F 74 14.14 -26.72 18.90
CA TYR F 74 14.98 -25.53 18.70
C TYR F 74 15.98 -25.28 19.84
N ARG F 75 15.58 -25.55 21.07
CA ARG F 75 16.53 -25.48 22.15
C ARG F 75 17.71 -26.42 21.83
N SER F 76 17.38 -27.59 21.27
CA SER F 76 18.35 -28.65 20.99
C SER F 76 19.24 -28.37 19.78
N ASP F 77 18.64 -27.85 18.71
CA ASP F 77 19.41 -27.58 17.51
C ASP F 77 18.98 -26.25 16.91
N ALA F 78 19.56 -25.18 17.44
CA ALA F 78 19.24 -23.83 17.02
C ALA F 78 19.52 -23.57 15.54
N HIS F 79 20.37 -24.40 14.92
CA HIS F 79 20.65 -24.21 13.50
C HIS F 79 19.40 -24.32 12.63
N MET F 80 18.39 -25.06 13.08
CA MET F 80 17.13 -25.18 12.33
C MET F 80 16.51 -23.81 12.15
N ILE F 81 16.68 -22.96 13.17
CA ILE F 81 16.25 -21.58 13.09
C ILE F 81 17.07 -20.76 12.07
N VAL F 82 18.38 -20.99 12.02
CA VAL F 82 19.22 -20.36 10.99
C VAL F 82 18.83 -20.85 9.60
N SER F 83 18.45 -22.12 9.50
CA SER F 83 18.00 -22.69 8.23
C SER F 83 16.70 -22.03 7.73
N ALA F 84 15.74 -21.84 8.63
CA ALA F 84 14.51 -21.13 8.30
C ALA F 84 14.83 -19.73 7.75
N ALA F 85 15.61 -18.95 8.49
CA ALA F 85 16.03 -17.63 8.02
C ALA F 85 16.57 -17.71 6.60
N ARG F 86 17.49 -18.66 6.37
CA ARG F 86 18.04 -18.90 5.04
C ARG F 86 16.96 -19.24 4.00
N ASP F 87 16.00 -20.07 4.39
CA ASP F 87 14.94 -20.46 3.48
C ASP F 87 14.09 -19.23 3.13
N ILE F 88 13.86 -18.36 4.11
CA ILE F 88 13.13 -17.14 3.87
C ILE F 88 13.85 -16.26 2.86
N LEU F 89 15.15 -16.05 3.06
CA LEU F 89 15.91 -15.17 2.17
C LEU F 89 15.97 -15.75 0.75
N ALA F 90 15.94 -17.07 0.65
CA ALA F 90 15.95 -17.72 -0.65
C ALA F 90 14.69 -17.36 -1.45
N VAL F 91 13.54 -17.38 -0.78
CA VAL F 91 12.28 -17.12 -1.47
C VAL F 91 12.09 -15.65 -1.86
N ARG F 92 12.30 -14.76 -0.91
CA ARG F 92 12.29 -13.33 -1.18
C ARG F 92 13.11 -13.02 -2.43
N LEU F 93 14.31 -13.58 -2.47
CA LEU F 93 15.30 -13.17 -3.47
C LEU F 93 15.09 -13.82 -4.83
N ARG F 94 14.52 -15.02 -4.84
CA ARG F 94 14.41 -15.81 -6.07
C ARG F 94 13.01 -15.85 -6.65
N ASP F 95 12.01 -15.44 -5.88
CA ASP F 95 10.63 -15.39 -6.37
C ASP F 95 10.15 -13.94 -6.52
N PRO F 96 9.85 -13.53 -7.76
CA PRO F 96 9.40 -12.16 -8.09
C PRO F 96 8.02 -11.85 -7.50
N ALA F 97 7.22 -12.88 -7.23
CA ALA F 97 5.91 -12.72 -6.61
C ALA F 97 5.96 -12.43 -5.11
N VAL F 98 7.11 -12.70 -4.50
CA VAL F 98 7.32 -12.40 -3.08
C VAL F 98 8.19 -11.16 -2.89
N ASP F 99 7.76 -10.25 -2.01
CA ASP F 99 8.46 -8.98 -1.84
C ASP F 99 8.50 -8.49 -0.40
N LYS F 100 8.09 -9.39 0.50
CA LYS F 100 8.23 -9.16 1.94
C LYS F 100 8.81 -10.42 2.57
N TYR F 101 9.80 -10.27 3.46
CA TYR F 101 10.35 -11.43 4.15
C TYR F 101 9.22 -12.18 4.89
N SER F 102 8.27 -11.43 5.46
CA SER F 102 7.19 -12.04 6.25
C SER F 102 6.34 -13.01 5.44
N THR F 103 6.33 -12.87 4.13
CA THR F 103 5.40 -13.62 3.30
C THR F 103 5.59 -15.14 3.38
N PRO F 104 6.81 -15.63 3.10
CA PRO F 104 6.98 -17.08 3.21
C PRO F 104 6.72 -17.56 4.63
N LEU F 105 7.19 -16.80 5.61
CA LEU F 105 7.00 -17.17 7.02
C LEU F 105 5.52 -17.32 7.38
N LEU F 106 4.69 -16.37 6.95
CA LEU F 106 3.25 -16.39 7.24
C LEU F 106 2.41 -17.34 6.40
N TYR F 107 2.64 -17.34 5.09
CA TYR F 107 1.65 -17.89 4.14
C TYR F 107 2.09 -19.05 3.27
N LEU F 108 3.37 -19.08 2.94
CA LEU F 108 3.82 -19.96 1.87
C LEU F 108 3.90 -21.41 2.34
N LYS F 109 3.04 -22.26 1.81
CA LYS F 109 2.92 -23.64 2.29
C LYS F 109 4.18 -24.46 2.03
N GLY F 110 4.86 -24.20 0.92
CA GLY F 110 6.13 -24.84 0.64
C GLY F 110 7.14 -24.55 1.74
N PHE F 111 7.33 -23.28 2.07
CA PHE F 111 8.15 -22.91 3.21
C PHE F 111 7.75 -23.61 4.53
N HIS F 112 6.45 -23.74 4.76
CA HIS F 112 5.90 -24.39 5.98
C HIS F 112 6.09 -25.90 5.98
N ALA F 113 6.22 -26.50 4.81
CA ALA F 113 6.35 -27.93 4.73
C ALA F 113 7.81 -28.25 4.94
N LEU F 114 8.67 -27.34 4.47
CA LEU F 114 10.10 -27.48 4.61
C LEU F 114 10.49 -27.46 6.10
N GLN F 115 10.00 -26.45 6.82
CA GLN F 115 10.34 -26.32 8.22
C GLN F 115 9.72 -27.44 9.08
N ALA F 116 8.52 -27.88 8.72
CA ALA F 116 7.89 -29.01 9.37
C ALA F 116 8.73 -30.29 9.17
N TYR F 117 9.39 -30.41 8.03
CA TYR F 117 10.25 -31.55 7.78
C TYR F 117 11.43 -31.54 8.73
N ARG F 118 11.93 -30.36 9.08
CA ARG F 118 13.07 -30.28 9.98
C ARG F 118 12.75 -30.81 11.39
N ILE F 119 11.54 -30.55 11.89
CA ILE F 119 11.11 -31.09 13.18
C ILE F 119 10.97 -32.61 13.10
N GLY F 120 10.41 -33.10 11.99
CA GLY F 120 10.30 -34.52 11.81
C GLY F 120 11.69 -35.13 11.73
N HIS F 121 12.55 -34.46 10.95
CA HIS F 121 13.92 -34.93 10.74
C HIS F 121 14.69 -34.99 12.07
N TRP F 122 14.51 -33.98 12.91
CA TRP F 122 15.05 -33.95 14.27
C TRP F 122 14.55 -35.10 15.14
N LEU F 123 13.25 -35.34 15.09
CA LEU F 123 12.58 -36.34 15.92
C LEU F 123 13.07 -37.72 15.54
N TRP F 124 13.41 -37.85 14.26
CA TRP F 124 13.81 -39.12 13.70
C TRP F 124 15.14 -39.56 14.34
N ALA F 125 15.94 -38.57 14.72
CA ALA F 125 17.23 -38.85 15.34
C ALA F 125 17.12 -38.81 16.85
N GLN F 126 15.90 -38.58 17.35
CA GLN F 126 15.63 -38.60 18.78
C GLN F 126 14.84 -39.85 19.15
N ASP F 127 14.99 -40.91 18.35
CA ASP F 127 14.29 -42.15 18.63
C ASP F 127 12.79 -41.88 18.83
N ARG F 128 12.25 -40.97 18.04
CA ARG F 128 10.84 -40.61 18.09
C ARG F 128 10.24 -40.71 16.71
N LYS F 129 10.39 -41.88 16.09
CA LYS F 129 10.01 -42.10 14.68
C LYS F 129 8.51 -42.12 14.50
N ALA F 130 7.81 -42.69 15.48
CA ALA F 130 6.36 -42.71 15.48
C ALA F 130 5.80 -41.30 15.23
N LEU F 131 6.24 -40.36 16.06
CA LEU F 131 5.84 -38.97 15.93
C LEU F 131 6.25 -38.34 14.58
N ALA F 132 7.45 -38.64 14.09
CA ALA F 132 7.89 -38.06 12.82
C ALA F 132 7.04 -38.53 11.63
N ILE F 133 6.59 -39.77 11.68
CA ILE F 133 5.77 -40.31 10.60
C ILE F 133 4.37 -39.70 10.67
N TYR F 134 3.92 -39.44 11.90
CA TYR F 134 2.64 -38.84 12.11
C TYR F 134 2.63 -37.43 11.51
N LEU F 135 3.65 -36.64 11.80
CA LEU F 135 3.73 -35.26 11.29
C LEU F 135 3.95 -35.21 9.77
N GLN F 136 4.65 -36.19 9.23
CA GLN F 136 4.94 -36.23 7.80
C GLN F 136 3.61 -36.32 7.04
N ASN F 137 2.81 -37.31 7.40
CA ASN F 137 1.60 -37.57 6.65
C ASN F 137 0.57 -36.48 6.92
N GLN F 138 0.71 -35.85 8.08
CA GLN F 138 -0.12 -34.72 8.44
C GLN F 138 0.25 -33.54 7.54
N VAL F 139 1.54 -33.44 7.20
CA VAL F 139 2.01 -32.40 6.28
C VAL F 139 1.55 -32.66 4.85
N SER F 140 1.58 -33.93 4.44
CA SER F 140 1.08 -34.33 3.12
C SER F 140 -0.41 -34.01 2.94
N VAL F 141 -1.20 -34.28 3.98
CA VAL F 141 -2.63 -33.99 3.95
C VAL F 141 -2.90 -32.48 3.96
N ALA F 142 -2.26 -31.76 4.87
CA ALA F 142 -2.51 -30.32 4.97
C ALA F 142 -2.00 -29.53 3.78
N PHE F 143 -0.78 -29.82 3.32
CA PHE F 143 -0.16 -28.99 2.27
C PHE F 143 0.11 -29.70 0.95
N GLY F 144 -0.22 -30.98 0.88
CA GLY F 144 0.04 -31.75 -0.33
C GLY F 144 1.54 -31.97 -0.54
N VAL F 145 2.34 -31.69 0.48
CA VAL F 145 3.78 -31.89 0.43
C VAL F 145 4.20 -33.12 1.24
N ASP F 146 4.73 -34.12 0.54
CA ASP F 146 5.15 -35.36 1.19
C ASP F 146 6.68 -35.48 1.27
N ILE F 147 7.23 -35.10 2.42
CA ILE F 147 8.66 -35.22 2.65
C ILE F 147 8.97 -36.26 3.74
N HIS F 148 9.77 -37.25 3.39
CA HIS F 148 10.18 -38.24 4.38
C HIS F 148 11.14 -37.61 5.38
N PRO F 149 11.00 -37.95 6.66
CA PRO F 149 11.83 -37.27 7.67
C PRO F 149 13.27 -37.77 7.71
N ALA F 150 13.55 -38.89 7.06
CA ALA F 150 14.93 -39.40 6.98
C ALA F 150 15.70 -38.78 5.81
N ALA F 151 15.01 -37.99 4.99
CA ALA F 151 15.69 -37.30 3.91
C ALA F 151 16.58 -36.24 4.54
N THR F 152 17.68 -35.94 3.85
CA THR F 152 18.67 -34.97 4.28
C THR F 152 18.63 -33.75 3.37
N ILE F 153 18.13 -32.64 3.91
CA ILE F 153 17.84 -31.44 3.13
C ILE F 153 18.53 -30.19 3.70
N GLY F 154 19.30 -29.52 2.86
CA GLY F 154 20.03 -28.32 3.28
C GLY F 154 19.14 -27.13 3.57
N CYS F 155 19.70 -25.93 3.51
CA CYS F 155 18.94 -24.69 3.64
C CYS F 155 19.22 -23.73 2.47
N GLY F 156 18.51 -22.60 2.43
CA GLY F 156 18.49 -21.77 1.24
C GLY F 156 17.69 -22.51 0.18
N ILE F 157 16.70 -23.26 0.66
CA ILE F 157 15.83 -24.02 -0.22
C ILE F 157 14.54 -23.24 -0.45
N MET F 158 14.10 -23.19 -1.71
CA MET F 158 12.80 -22.64 -2.09
C MET F 158 11.91 -23.72 -2.70
N LEU F 159 10.75 -23.94 -2.09
CA LEU F 159 9.76 -24.86 -2.63
C LEU F 159 8.56 -24.05 -3.10
N ASP F 160 8.71 -23.43 -4.28
CA ASP F 160 7.68 -22.53 -4.81
C ASP F 160 6.42 -23.29 -5.22
N HIS F 161 5.29 -22.84 -4.69
CA HIS F 161 3.97 -23.43 -4.94
C HIS F 161 3.85 -24.77 -4.22
N ALA F 162 4.64 -25.76 -4.62
CA ALA F 162 4.93 -26.91 -3.74
C ALA F 162 3.92 -28.07 -3.73
N THR F 163 2.69 -27.79 -4.12
CA THR F 163 1.69 -28.86 -4.24
C THR F 163 2.29 -29.96 -5.12
N GLY F 164 2.23 -31.19 -4.66
CA GLY F 164 2.72 -32.31 -5.47
C GLY F 164 4.12 -32.80 -5.14
N ILE F 165 4.93 -31.96 -4.48
CA ILE F 165 6.33 -32.29 -4.13
C ILE F 165 6.44 -33.58 -3.32
N VAL F 166 7.20 -34.53 -3.85
CA VAL F 166 7.48 -35.75 -3.13
C VAL F 166 8.99 -35.97 -2.99
N ILE F 167 9.48 -36.03 -1.76
CA ILE F 167 10.90 -36.26 -1.52
C ILE F 167 11.03 -37.51 -0.67
N GLY F 168 11.73 -38.51 -1.20
CA GLY F 168 11.80 -39.83 -0.57
C GLY F 168 12.79 -39.97 0.59
N GLU F 169 12.75 -41.14 1.22
CA GLU F 169 13.50 -41.42 2.45
C GLU F 169 15.02 -41.29 2.34
N THR F 170 15.60 -41.81 1.26
CA THR F 170 17.06 -41.83 1.13
C THR F 170 17.60 -40.67 0.30
N ALA F 171 16.81 -39.62 0.15
CA ALA F 171 17.16 -38.54 -0.76
C ALA F 171 18.02 -37.51 -0.06
N VAL F 172 18.74 -36.72 -0.86
CA VAL F 172 19.56 -35.63 -0.33
C VAL F 172 19.44 -34.41 -1.22
N VAL F 173 19.16 -33.27 -0.61
CA VAL F 173 19.19 -32.00 -1.29
C VAL F 173 20.19 -31.14 -0.56
N GLU F 174 21.16 -30.61 -1.29
CA GLU F 174 22.14 -29.73 -0.69
C GLU F 174 21.63 -28.30 -0.56
N ASN F 175 22.49 -27.39 -0.15
CA ASN F 175 22.08 -26.01 0.04
C ASN F 175 21.75 -25.30 -1.27
N ASP F 176 21.06 -24.17 -1.15
CA ASP F 176 20.73 -23.31 -2.30
C ASP F 176 20.20 -24.08 -3.49
N VAL F 177 19.16 -24.88 -3.26
CA VAL F 177 18.45 -25.52 -4.34
C VAL F 177 17.07 -24.87 -4.46
N SER F 178 16.47 -24.96 -5.64
CA SER F 178 15.16 -24.37 -5.91
C SER F 178 14.27 -25.40 -6.57
N ILE F 179 13.20 -25.77 -5.88
CA ILE F 179 12.23 -26.73 -6.40
C ILE F 179 10.87 -26.10 -6.61
N LEU F 180 10.21 -26.51 -7.68
CA LEU F 180 8.86 -26.03 -7.95
C LEU F 180 7.80 -27.10 -7.67
N GLN F 181 6.56 -26.78 -8.00
CA GLN F 181 5.44 -27.67 -7.73
C GLN F 181 5.59 -28.98 -8.49
N SER F 182 5.06 -30.07 -7.91
CA SER F 182 4.87 -31.33 -8.62
C SER F 182 6.18 -32.11 -8.90
N VAL F 183 7.25 -31.70 -8.22
CA VAL F 183 8.55 -32.33 -8.36
C VAL F 183 8.75 -33.52 -7.42
N THR F 184 9.06 -34.67 -7.98
CA THR F 184 9.36 -35.88 -7.22
C THR F 184 10.87 -36.13 -7.11
N LEU F 185 11.34 -36.37 -5.90
CA LEU F 185 12.68 -36.92 -5.71
C LEU F 185 12.40 -38.30 -5.19
N GLY F 186 12.17 -39.25 -6.11
CA GLY F 186 11.56 -40.52 -5.75
C GLY F 186 12.42 -41.77 -5.79
N GLY F 187 11.87 -42.83 -5.22
CA GLY F 187 12.62 -44.05 -5.04
C GLY F 187 12.42 -44.99 -6.19
N THR F 188 13.08 -46.14 -6.13
CA THR F 188 12.83 -47.22 -7.07
C THR F 188 13.04 -48.55 -6.35
N GLY F 189 12.24 -49.56 -6.71
CA GLY F 189 12.33 -50.89 -6.13
C GLY F 189 11.53 -51.10 -4.86
N LYS F 190 11.42 -52.34 -4.41
CA LYS F 190 10.64 -52.67 -3.22
C LYS F 190 11.52 -52.78 -1.99
N THR F 191 12.80 -52.50 -2.17
CA THR F 191 13.80 -52.78 -1.17
C THR F 191 14.39 -51.54 -0.51
N SER F 192 14.61 -51.62 0.80
CA SER F 192 15.29 -50.57 1.53
C SER F 192 16.71 -50.31 1.04
N GLY F 193 17.29 -49.20 1.50
CA GLY F 193 18.59 -48.79 1.03
C GLY F 193 18.57 -47.60 0.09
N ASP F 194 19.75 -47.07 -0.20
CA ASP F 194 19.90 -45.89 -1.05
C ASP F 194 19.20 -46.06 -2.42
N ARG F 195 18.25 -45.17 -2.72
CA ARG F 195 17.37 -45.36 -3.88
C ARG F 195 16.69 -44.04 -4.29
N HIS F 196 17.08 -42.95 -3.66
CA HIS F 196 16.45 -41.67 -3.91
C HIS F 196 17.53 -40.72 -4.38
N PRO F 197 17.14 -39.69 -5.14
CA PRO F 197 18.16 -38.85 -5.77
C PRO F 197 19.01 -38.06 -4.79
N LYS F 198 20.16 -37.59 -5.28
CA LYS F 198 21.01 -36.68 -4.54
C LYS F 198 21.20 -35.42 -5.36
N ILE F 199 20.80 -34.30 -4.76
CA ILE F 199 20.70 -33.06 -5.48
C ILE F 199 21.72 -32.14 -4.88
N ARG F 200 22.70 -31.76 -5.68
CA ARG F 200 23.78 -30.94 -5.19
C ARG F 200 23.47 -29.46 -5.23
N GLU F 201 24.15 -28.73 -4.35
CA GLU F 201 24.18 -27.27 -4.33
C GLU F 201 23.98 -26.60 -5.70
N GLY F 202 23.12 -25.59 -5.73
CA GLY F 202 22.92 -24.76 -6.91
C GLY F 202 21.92 -25.22 -7.96
N VAL F 203 21.43 -26.44 -7.84
CA VAL F 203 20.51 -27.00 -8.81
C VAL F 203 19.13 -26.33 -8.79
N MET F 204 18.53 -26.20 -9.97
CA MET F 204 17.15 -25.77 -10.05
C MET F 204 16.36 -26.83 -10.82
N ILE F 205 15.22 -27.21 -10.25
CA ILE F 205 14.39 -28.26 -10.84
C ILE F 205 13.05 -27.67 -11.25
N GLY F 206 12.72 -27.76 -12.53
CA GLY F 206 11.47 -27.21 -13.04
C GLY F 206 10.26 -27.99 -12.57
N ALA F 207 9.09 -27.36 -12.66
CA ALA F 207 7.83 -27.96 -12.21
C ALA F 207 7.57 -29.32 -12.86
N GLY F 208 7.01 -30.24 -12.10
CA GLY F 208 6.60 -31.54 -12.62
C GLY F 208 7.73 -32.49 -13.00
N ALA F 209 8.97 -32.12 -12.65
CA ALA F 209 10.12 -32.96 -12.94
C ALA F 209 10.11 -34.16 -12.00
N LYS F 210 10.51 -35.31 -12.53
CA LYS F 210 10.59 -36.52 -11.73
C LYS F 210 11.99 -37.13 -11.77
N ILE F 211 12.66 -37.09 -10.61
CA ILE F 211 13.98 -37.67 -10.47
C ILE F 211 13.89 -38.96 -9.65
N LEU F 212 14.28 -40.07 -10.27
CA LEU F 212 14.03 -41.40 -9.73
C LEU F 212 15.31 -42.21 -9.50
N GLY F 213 15.38 -42.89 -8.36
CA GLY F 213 16.49 -43.77 -8.05
C GLY F 213 17.62 -43.04 -7.36
N ASN F 214 18.70 -43.77 -7.08
CA ASN F 214 19.86 -43.19 -6.43
C ASN F 214 20.79 -42.62 -7.45
N ILE F 215 20.44 -41.46 -8.03
CA ILE F 215 21.26 -40.81 -9.04
C ILE F 215 21.65 -39.42 -8.57
N GLU F 216 22.60 -38.79 -9.26
CA GLU F 216 23.06 -37.49 -8.81
C GLU F 216 22.67 -36.44 -9.82
N VAL F 217 22.30 -35.27 -9.32
CA VAL F 217 22.18 -34.09 -10.16
C VAL F 217 23.24 -33.12 -9.68
N GLY F 218 24.25 -32.92 -10.53
CA GLY F 218 25.47 -32.23 -10.14
C GLY F 218 25.34 -30.75 -9.87
N ARG F 219 26.35 -30.20 -9.20
CA ARG F 219 26.39 -28.79 -8.88
C ARG F 219 26.01 -27.90 -10.06
N GLY F 220 25.13 -26.95 -9.79
CA GLY F 220 24.77 -25.95 -10.79
C GLY F 220 24.08 -26.51 -12.02
N ALA F 221 23.67 -27.77 -11.97
CA ALA F 221 22.85 -28.34 -13.03
C ALA F 221 21.40 -27.84 -12.97
N LYS F 222 20.75 -27.80 -14.12
CA LYS F 222 19.37 -27.38 -14.20
C LYS F 222 18.51 -28.49 -14.81
N ILE F 223 17.46 -28.87 -14.09
CA ILE F 223 16.50 -29.83 -14.58
C ILE F 223 15.23 -29.14 -15.10
N GLY F 224 14.87 -29.46 -16.34
CA GLY F 224 13.71 -28.83 -16.97
C GLY F 224 12.38 -29.30 -16.40
N ALA F 225 11.39 -28.40 -16.38
CA ALA F 225 10.04 -28.78 -16.01
C ALA F 225 9.62 -29.96 -16.87
N GLY F 226 8.79 -30.84 -16.32
CA GLY F 226 8.26 -31.96 -17.07
C GLY F 226 9.25 -33.10 -17.28
N SER F 227 10.49 -32.89 -16.82
CA SER F 227 11.56 -33.84 -17.09
C SER F 227 11.43 -35.12 -16.27
N VAL F 228 11.79 -36.24 -16.88
CA VAL F 228 11.89 -37.52 -16.17
C VAL F 228 13.36 -37.95 -16.13
N VAL F 229 14.03 -37.68 -15.01
CA VAL F 229 15.46 -37.97 -14.88
C VAL F 229 15.75 -39.35 -14.29
N LEU F 230 16.32 -40.22 -15.13
CA LEU F 230 16.59 -41.61 -14.78
C LEU F 230 18.08 -41.97 -14.56
N GLN F 231 18.99 -41.14 -15.09
CA GLN F 231 20.42 -41.32 -14.84
C GLN F 231 21.04 -40.03 -14.34
N SER F 232 22.22 -40.12 -13.75
CA SER F 232 22.88 -38.93 -13.22
C SER F 232 23.09 -37.81 -14.25
N VAL F 233 23.09 -36.59 -13.73
CA VAL F 233 23.30 -35.40 -14.52
C VAL F 233 24.57 -34.74 -14.02
N PRO F 234 25.59 -34.64 -14.90
CA PRO F 234 26.87 -34.00 -14.58
C PRO F 234 26.65 -32.56 -14.13
N ALA F 235 27.54 -32.08 -13.27
CA ALA F 235 27.47 -30.71 -12.78
C ALA F 235 27.38 -29.71 -13.92
N HIS F 236 26.73 -28.59 -13.66
CA HIS F 236 26.61 -27.52 -14.64
C HIS F 236 26.18 -27.97 -16.04
N THR F 237 25.14 -28.79 -16.09
CA THR F 237 24.47 -29.07 -17.36
C THR F 237 22.96 -28.84 -17.27
N THR F 238 22.32 -28.76 -18.42
CA THR F 238 20.88 -28.69 -18.48
C THR F 238 20.37 -30.02 -19.02
N ALA F 239 19.51 -30.68 -18.24
CA ALA F 239 18.90 -31.94 -18.69
C ALA F 239 17.42 -31.73 -18.89
N ALA F 240 16.85 -32.31 -19.95
CA ALA F 240 15.42 -32.14 -20.19
C ALA F 240 14.83 -33.32 -20.95
N GLY F 241 13.49 -33.38 -20.99
CA GLY F 241 12.78 -34.40 -21.75
C GLY F 241 12.32 -35.63 -20.97
N VAL F 242 11.58 -36.51 -21.67
CA VAL F 242 11.12 -37.78 -21.12
C VAL F 242 11.51 -38.98 -21.99
N PRO F 243 12.50 -39.76 -21.56
CA PRO F 243 13.40 -39.57 -20.41
C PRO F 243 14.35 -38.41 -20.67
N ALA F 244 14.85 -37.78 -19.61
CA ALA F 244 15.69 -36.60 -19.80
C ALA F 244 16.99 -36.91 -20.55
N ARG F 245 17.43 -35.95 -21.35
CA ARG F 245 18.74 -36.03 -22.00
C ARG F 245 19.48 -34.74 -21.70
N ILE F 246 20.80 -34.78 -21.79
CA ILE F 246 21.58 -33.56 -21.64
C ILE F 246 21.41 -32.71 -22.90
N VAL F 247 21.09 -31.44 -22.71
CA VAL F 247 20.72 -30.59 -23.82
C VAL F 247 21.35 -29.21 -23.76
N GLY F 248 22.21 -28.97 -22.79
CA GLY F 248 22.84 -27.67 -22.75
C GLY F 248 23.68 -27.43 -21.52
N LYS F 249 23.91 -26.14 -21.26
CA LYS F 249 24.59 -25.72 -20.05
C LYS F 249 23.86 -24.49 -19.54
N PRO F 250 23.49 -24.49 -18.26
CA PRO F 250 22.88 -23.28 -17.70
C PRO F 250 23.82 -22.10 -17.92
N GLU F 251 23.26 -20.92 -18.11
CA GLU F 251 24.08 -19.74 -18.31
C GLU F 251 24.71 -19.26 -17.00
N SER F 252 24.06 -19.60 -15.89
CA SER F 252 24.58 -19.26 -14.58
C SER F 252 25.20 -20.48 -13.93
N ASP F 253 26.12 -20.23 -13.01
CA ASP F 253 26.78 -21.27 -12.23
C ASP F 253 25.86 -21.92 -11.19
N LYS F 254 24.88 -21.14 -10.72
CA LYS F 254 23.88 -21.59 -9.76
C LYS F 254 22.46 -21.29 -10.26
N PRO F 255 21.95 -22.13 -11.19
CA PRO F 255 20.63 -21.97 -11.80
C PRO F 255 19.57 -21.73 -10.73
N SER F 256 19.80 -22.30 -9.55
CA SER F 256 18.83 -22.26 -8.46
C SER F 256 18.51 -20.82 -8.07
N LEU F 257 19.50 -19.96 -8.21
CA LEU F 257 19.41 -18.56 -7.77
C LEU F 257 18.68 -17.69 -8.76
N ASP F 258 18.50 -18.19 -9.98
CA ASP F 258 18.10 -17.33 -11.09
C ASP F 258 16.75 -17.70 -11.71
N MET F 259 16.38 -18.96 -11.58
CA MET F 259 15.06 -19.43 -11.96
C MET F 259 14.81 -19.23 -13.42
N ASP F 260 15.86 -19.42 -14.22
CA ASP F 260 15.71 -19.41 -15.67
C ASP F 260 15.18 -20.79 -16.07
N GLN F 261 13.92 -20.82 -16.53
CA GLN F 261 13.24 -22.07 -16.85
C GLN F 261 13.59 -22.65 -18.21
N HIS F 262 14.23 -21.84 -19.05
CA HIS F 262 14.50 -22.20 -20.44
C HIS F 262 15.39 -23.43 -20.59
N PHE F 263 15.03 -24.27 -21.55
CA PHE F 263 15.91 -25.30 -22.09
C PHE F 263 15.59 -25.51 -23.56
N ASN F 264 16.46 -26.22 -24.28
CA ASN F 264 16.24 -26.46 -25.71
C ASN F 264 16.39 -27.92 -26.13
N MET G 4 14.16 52.10 -46.90
CA MET G 4 12.96 51.71 -47.63
C MET G 4 11.76 52.55 -47.19
N SER G 5 10.71 52.54 -48.02
CA SER G 5 9.51 53.34 -47.77
C SER G 5 8.80 53.02 -46.46
N SER G 6 8.57 54.05 -45.66
CA SER G 6 7.84 53.90 -44.40
C SER G 6 6.56 53.11 -44.65
N GLU G 7 5.98 53.30 -45.82
CA GLU G 7 4.78 52.60 -46.26
C GLU G 7 5.10 51.13 -46.46
N GLU G 8 6.26 50.86 -47.03
CA GLU G 8 6.74 49.50 -47.22
C GLU G 8 6.96 48.79 -45.89
N LEU G 9 7.61 49.48 -44.94
CA LEU G 9 7.87 48.89 -43.63
C LEU G 9 6.57 48.46 -42.96
N GLU G 10 5.62 49.39 -42.87
CA GLU G 10 4.38 49.10 -42.19
C GLU G 10 3.61 47.99 -42.91
N GLN G 11 3.72 47.95 -44.23
CA GLN G 11 3.05 46.94 -45.02
C GLN G 11 3.57 45.54 -44.70
N VAL G 12 4.86 45.46 -44.35
CA VAL G 12 5.48 44.21 -43.96
C VAL G 12 4.97 43.80 -42.59
N TRP G 13 4.91 44.78 -41.69
CA TRP G 13 4.28 44.55 -40.39
C TRP G 13 2.82 44.16 -40.55
N SER G 14 2.08 44.86 -41.40
CA SER G 14 0.65 44.58 -41.54
C SER G 14 0.40 43.15 -42.01
N ASN G 15 1.16 42.71 -43.00
CA ASN G 15 1.04 41.36 -43.53
C ASN G 15 1.39 40.30 -42.49
N ILE G 16 2.33 40.63 -41.61
CA ILE G 16 2.74 39.71 -40.54
C ILE G 16 1.63 39.54 -39.52
N LYS G 17 1.08 40.66 -39.04
CA LYS G 17 -0.04 40.64 -38.11
C LYS G 17 -1.25 39.96 -38.71
N SER G 18 -1.45 40.12 -40.01
CA SER G 18 -2.58 39.48 -40.67
C SER G 18 -2.36 37.99 -40.55
N GLU G 19 -1.19 37.54 -40.99
CA GLU G 19 -0.85 36.13 -40.90
C GLU G 19 -1.07 35.62 -39.49
N ALA G 20 -0.69 36.44 -38.51
CA ALA G 20 -0.80 36.08 -37.10
C ALA G 20 -2.24 35.79 -36.68
N ARG G 21 -3.16 36.65 -37.11
CA ARG G 21 -4.56 36.48 -36.75
C ARG G 21 -5.09 35.15 -37.26
N ALA G 22 -4.65 34.74 -38.44
CA ALA G 22 -5.02 33.44 -38.99
C ALA G 22 -4.30 32.33 -38.23
N LEU G 23 -3.04 32.56 -37.88
CA LEU G 23 -2.28 31.55 -37.14
C LEU G 23 -2.96 31.21 -35.80
N ALA G 24 -3.42 32.23 -35.09
CA ALA G 24 -4.09 32.05 -33.80
C ALA G 24 -5.32 31.14 -33.86
N GLU G 25 -6.38 31.57 -34.54
CA GLU G 25 -7.56 30.72 -34.70
C GLU G 25 -7.25 29.37 -35.33
N CYS G 26 -6.12 29.27 -36.03
CA CYS G 26 -5.66 28.01 -36.61
C CYS G 26 -5.04 27.06 -35.58
N GLU G 27 -4.11 27.56 -34.77
CA GLU G 27 -3.44 26.71 -33.77
C GLU G 27 -3.59 27.23 -32.34
N PRO G 28 -4.61 26.76 -31.63
CA PRO G 28 -4.90 27.32 -30.30
C PRO G 28 -3.72 27.10 -29.36
N MET G 29 -2.93 26.08 -29.64
CA MET G 29 -1.76 25.81 -28.83
C MET G 29 -0.75 26.94 -28.97
N LEU G 30 -0.69 27.54 -30.15
CA LEU G 30 0.27 28.60 -30.38
C LEU G 30 -0.38 30.00 -30.29
N ALA G 31 -1.70 30.01 -30.17
CA ALA G 31 -2.48 31.24 -30.14
C ALA G 31 -1.91 32.28 -29.18
N SER G 32 -1.61 31.88 -27.95
CA SER G 32 -1.05 32.81 -26.97
C SER G 32 0.34 33.30 -27.35
N PHE G 33 1.18 32.38 -27.86
CA PHE G 33 2.48 32.70 -28.45
C PHE G 33 2.33 33.75 -29.55
N PHE G 34 1.47 33.46 -30.53
CA PHE G 34 1.23 34.40 -31.61
C PHE G 34 0.73 35.76 -31.09
N HIS G 35 -0.02 35.74 -29.99
CA HIS G 35 -0.54 36.97 -29.41
C HIS G 35 0.56 37.80 -28.72
N ALA G 36 1.29 37.16 -27.81
CA ALA G 36 2.27 37.88 -27.00
C ALA G 36 3.44 38.35 -27.86
N THR G 37 3.69 37.63 -28.93
CA THR G 37 4.84 37.91 -29.76
C THR G 37 4.56 38.86 -30.94
N LEU G 38 3.37 38.75 -31.55
CA LEU G 38 3.06 39.57 -32.72
C LEU G 38 1.86 40.52 -32.53
N LEU G 39 0.66 39.96 -32.38
CA LEU G 39 -0.57 40.76 -32.27
C LEU G 39 -0.54 41.93 -31.28
N LYS G 40 0.01 41.70 -30.09
CA LYS G 40 0.03 42.75 -29.07
C LYS G 40 0.98 43.92 -29.38
N HIS G 41 1.75 43.79 -30.46
CA HIS G 41 2.78 44.78 -30.72
C HIS G 41 2.36 45.70 -31.84
N GLU G 42 2.78 46.95 -31.75
CA GLU G 42 2.34 47.93 -32.73
C GLU G 42 3.27 48.00 -33.93
N ASN G 43 4.47 47.42 -33.80
CA ASN G 43 5.48 47.54 -34.86
C ASN G 43 6.48 46.40 -34.85
N LEU G 44 7.30 46.30 -35.90
CA LEU G 44 8.27 45.21 -36.01
C LEU G 44 9.30 45.22 -34.88
N GLY G 45 9.79 46.40 -34.52
CA GLY G 45 10.74 46.53 -33.42
C GLY G 45 10.26 46.06 -32.06
N SER G 46 8.94 46.07 -31.84
CA SER G 46 8.41 45.59 -30.57
C SER G 46 8.36 44.08 -30.54
N ALA G 47 8.04 43.48 -31.68
CA ALA G 47 7.97 42.03 -31.76
C ALA G 47 9.37 41.42 -31.77
N LEU G 48 10.33 42.18 -32.29
CA LEU G 48 11.66 41.65 -32.56
C LEU G 48 12.50 41.63 -31.27
N SER G 49 12.30 42.63 -30.42
CA SER G 49 13.01 42.67 -29.16
C SER G 49 12.48 41.58 -28.24
N TYR G 50 11.21 41.23 -28.41
CA TYR G 50 10.54 40.26 -27.54
C TYR G 50 10.97 38.86 -27.93
N ILE G 51 11.01 38.62 -29.24
CA ILE G 51 11.39 37.31 -29.74
C ILE G 51 12.87 37.01 -29.46
N LEU G 52 13.74 37.94 -29.85
CA LEU G 52 15.17 37.82 -29.63
C LEU G 52 15.50 37.62 -28.14
N ALA G 53 14.83 38.39 -27.29
CA ALA G 53 15.03 38.28 -25.85
C ALA G 53 14.63 36.89 -25.35
N ASN G 54 13.64 36.28 -25.98
CA ASN G 54 13.26 34.94 -25.58
C ASN G 54 14.19 33.87 -26.12
N LYS G 55 14.80 34.19 -27.27
CA LYS G 55 15.64 33.25 -28.00
C LYS G 55 17.06 33.19 -27.46
N LEU G 56 17.47 34.26 -26.78
CA LEU G 56 18.83 34.40 -26.29
C LEU G 56 18.91 34.21 -24.78
N ALA G 57 17.79 34.38 -24.10
CA ALA G 57 17.72 34.19 -22.65
C ALA G 57 18.63 33.08 -22.13
N ASN G 58 19.24 33.33 -20.99
CA ASN G 58 20.12 32.39 -20.31
C ASN G 58 20.08 32.69 -18.84
N PRO G 59 20.31 31.69 -17.99
CA PRO G 59 20.26 32.01 -16.55
C PRO G 59 21.16 33.22 -16.23
N ILE G 60 22.27 33.36 -16.94
CA ILE G 60 23.14 34.51 -16.73
C ILE G 60 22.44 35.81 -17.09
N MET G 61 21.74 35.83 -18.24
CA MET G 61 21.02 37.02 -18.68
C MET G 61 19.64 36.68 -19.25
N PRO G 62 18.59 36.88 -18.43
CA PRO G 62 17.21 36.47 -18.72
C PRO G 62 16.56 37.32 -19.82
N ALA G 63 15.51 36.77 -20.44
CA ALA G 63 14.78 37.45 -21.51
C ALA G 63 14.56 38.91 -21.17
N ILE G 64 14.03 39.16 -19.98
CA ILE G 64 13.61 40.50 -19.57
C ILE G 64 14.73 41.54 -19.61
N ALA G 65 15.97 41.09 -19.39
CA ALA G 65 17.09 42.02 -19.38
C ALA G 65 17.73 42.15 -20.75
N ILE G 66 17.66 41.07 -21.53
CA ILE G 66 18.14 41.11 -22.91
C ILE G 66 17.30 42.10 -23.71
N ARG G 67 15.97 42.00 -23.57
CA ARG G 67 15.07 42.88 -24.29
C ARG G 67 15.35 44.34 -24.02
N GLU G 68 15.72 44.66 -22.79
CA GLU G 68 16.08 46.03 -22.44
C GLU G 68 17.24 46.51 -23.32
N VAL G 69 18.25 45.67 -23.46
CA VAL G 69 19.44 46.07 -24.21
C VAL G 69 19.09 46.18 -25.70
N VAL G 70 18.35 45.20 -26.19
CA VAL G 70 17.90 45.21 -27.57
C VAL G 70 17.16 46.49 -27.86
N GLU G 71 16.26 46.86 -26.95
CA GLU G 71 15.46 48.06 -27.11
C GLU G 71 16.30 49.33 -26.99
N GLU G 72 17.38 49.25 -26.23
CA GLU G 72 18.29 50.38 -26.19
C GLU G 72 18.93 50.56 -27.56
N ALA G 73 19.16 49.45 -28.27
CA ALA G 73 19.80 49.52 -29.59
C ALA G 73 18.84 50.05 -30.66
N TYR G 74 17.65 49.46 -30.72
CA TYR G 74 16.63 49.87 -31.65
C TYR G 74 16.30 51.36 -31.49
N ARG G 75 16.38 51.85 -30.26
CA ARG G 75 16.14 53.26 -30.03
C ARG G 75 17.29 54.06 -30.63
N SER G 76 18.49 53.51 -30.51
CA SER G 76 19.67 54.24 -30.94
C SER G 76 19.91 54.19 -32.45
N ASP G 77 19.49 53.11 -33.08
CA ASP G 77 19.70 52.89 -34.50
C ASP G 77 18.50 52.16 -35.11
N ALA G 78 17.44 52.90 -35.41
CA ALA G 78 16.21 52.28 -35.90
C ALA G 78 16.44 51.49 -37.19
N HIS G 79 17.48 51.84 -37.93
CA HIS G 79 17.77 51.18 -39.21
C HIS G 79 18.01 49.69 -39.04
N MET G 80 18.36 49.27 -37.84
CA MET G 80 18.51 47.85 -37.61
C MET G 80 17.18 47.18 -37.95
N ILE G 81 16.08 47.80 -37.53
CA ILE G 81 14.75 47.26 -37.75
C ILE G 81 14.38 47.23 -39.24
N VAL G 82 14.78 48.23 -40.00
CA VAL G 82 14.59 48.16 -41.45
C VAL G 82 15.47 47.05 -42.05
N SER G 83 16.68 46.92 -41.52
CA SER G 83 17.55 45.79 -41.90
C SER G 83 16.81 44.47 -41.74
N ALA G 84 16.18 44.28 -40.57
CA ALA G 84 15.38 43.09 -40.31
C ALA G 84 14.18 42.94 -41.27
N ALA G 85 13.46 44.02 -41.55
CA ALA G 85 12.39 43.93 -42.55
C ALA G 85 12.94 43.43 -43.88
N ARG G 86 13.97 44.12 -44.38
N ARG G 86 13.97 44.11 -44.38
CA ARG G 86 14.65 43.71 -45.60
CA ARG G 86 14.62 43.71 -45.62
C ARG G 86 15.00 42.22 -45.60
C ARG G 86 15.02 42.23 -45.61
N ASP G 87 15.57 41.75 -44.50
CA ASP G 87 15.93 40.33 -44.36
C ASP G 87 14.73 39.40 -44.40
N ILE G 88 13.63 39.86 -43.81
CA ILE G 88 12.34 39.16 -43.91
C ILE G 88 11.88 39.05 -45.38
N LEU G 89 11.75 40.20 -46.03
CA LEU G 89 11.49 40.24 -47.47
C LEU G 89 12.40 39.27 -48.22
N ALA G 90 13.69 39.33 -47.90
CA ALA G 90 14.70 38.51 -48.58
C ALA G 90 14.40 37.01 -48.54
N VAL G 91 14.17 36.47 -47.36
CA VAL G 91 13.86 35.04 -47.24
C VAL G 91 12.49 34.69 -47.84
N ARG G 92 11.50 35.54 -47.62
CA ARG G 92 10.20 35.33 -48.27
C ARG G 92 10.36 35.14 -49.78
N LEU G 93 11.06 36.07 -50.41
CA LEU G 93 11.24 36.07 -51.86
C LEU G 93 12.13 34.95 -52.43
N ARG G 94 13.24 34.66 -51.74
CA ARG G 94 14.26 33.73 -52.24
C ARG G 94 14.00 32.26 -51.90
N ASP G 95 13.34 32.03 -50.78
CA ASP G 95 13.22 30.68 -50.25
C ASP G 95 11.84 30.06 -50.50
N PRO G 96 11.76 29.08 -51.43
CA PRO G 96 10.52 28.44 -51.87
C PRO G 96 9.73 27.69 -50.80
N ALA G 97 10.35 27.44 -49.65
CA ALA G 97 9.67 26.77 -48.54
C ALA G 97 9.04 27.77 -47.56
N VAL G 98 9.40 29.03 -47.66
CA VAL G 98 8.79 30.06 -46.82
C VAL G 98 7.67 30.80 -47.57
N ASP G 99 6.45 30.71 -47.04
CA ASP G 99 5.30 31.32 -47.70
C ASP G 99 4.58 32.29 -46.78
N LYS G 100 5.29 32.77 -45.76
CA LYS G 100 4.74 33.77 -44.87
C LYS G 100 5.84 34.69 -44.40
N TYR G 101 5.55 35.98 -44.34
CA TYR G 101 6.50 36.95 -43.78
C TYR G 101 6.83 36.69 -42.33
N SER G 102 5.96 35.94 -41.65
CA SER G 102 6.05 35.79 -40.21
C SER G 102 6.97 34.64 -39.84
N THR G 103 7.19 33.76 -40.80
CA THR G 103 8.05 32.59 -40.57
C THR G 103 9.47 32.94 -40.18
N PRO G 104 10.18 33.73 -41.01
CA PRO G 104 11.54 34.13 -40.63
C PRO G 104 11.55 34.71 -39.23
N LEU G 105 10.66 35.67 -39.01
CA LEU G 105 10.59 36.41 -37.75
C LEU G 105 10.37 35.52 -36.54
N LEU G 106 9.63 34.42 -36.72
CA LEU G 106 9.32 33.53 -35.58
C LEU G 106 10.28 32.33 -35.38
N TYR G 107 10.64 31.64 -36.46
CA TYR G 107 11.22 30.30 -36.34
C TYR G 107 12.62 30.10 -36.90
N LEU G 108 12.96 30.79 -37.98
CA LEU G 108 14.21 30.55 -38.68
C LEU G 108 15.42 31.10 -37.91
N LYS G 109 16.23 30.20 -37.41
CA LYS G 109 17.35 30.57 -36.56
C LYS G 109 18.39 31.44 -37.25
N GLY G 110 18.59 31.25 -38.55
CA GLY G 110 19.58 32.04 -39.28
C GLY G 110 19.23 33.52 -39.22
N PHE G 111 17.93 33.79 -39.39
CA PHE G 111 17.39 35.14 -39.27
C PHE G 111 17.55 35.72 -37.87
N HIS G 112 17.15 34.94 -36.86
CA HIS G 112 17.36 35.34 -35.48
C HIS G 112 18.84 35.59 -35.18
N ALA G 113 19.71 34.75 -35.73
CA ALA G 113 21.13 34.88 -35.51
C ALA G 113 21.67 36.16 -36.14
N LEU G 114 21.26 36.40 -37.37
CA LEU G 114 21.52 37.67 -38.05
C LEU G 114 21.11 38.93 -37.23
N GLN G 115 19.88 38.97 -36.75
CA GLN G 115 19.42 40.09 -35.90
C GLN G 115 20.22 40.13 -34.58
N ALA G 116 20.41 38.97 -33.99
CA ALA G 116 21.31 38.87 -32.85
C ALA G 116 22.68 39.51 -33.19
N TYR G 117 23.23 39.21 -34.37
CA TYR G 117 24.49 39.82 -34.80
C TYR G 117 24.43 41.36 -34.69
N ARG G 118 23.37 41.95 -35.22
CA ARG G 118 23.25 43.40 -35.28
C ARG G 118 23.33 44.01 -33.88
N ILE G 119 22.63 43.43 -32.92
CA ILE G 119 22.74 43.93 -31.54
C ILE G 119 24.19 43.90 -31.07
N GLY G 120 24.84 42.74 -31.22
CA GLY G 120 26.28 42.61 -30.96
C GLY G 120 27.13 43.65 -31.68
N HIS G 121 26.92 43.79 -32.99
CA HIS G 121 27.69 44.78 -33.76
C HIS G 121 27.51 46.19 -33.18
N TRP G 122 26.27 46.50 -32.79
CA TRP G 122 25.92 47.77 -32.16
C TRP G 122 26.63 47.94 -30.82
N LEU G 123 26.50 46.95 -29.95
CA LEU G 123 27.26 46.93 -28.69
C LEU G 123 28.73 47.15 -28.97
N TRP G 124 29.25 46.41 -29.94
CA TRP G 124 30.65 46.48 -30.25
C TRP G 124 31.02 47.89 -30.65
N ALA G 125 30.17 48.51 -31.46
CA ALA G 125 30.37 49.89 -31.86
C ALA G 125 30.39 50.81 -30.65
N GLN G 126 29.56 50.51 -29.66
CA GLN G 126 29.46 51.33 -28.45
C GLN G 126 30.68 51.20 -27.54
N ASP G 127 31.50 50.19 -27.80
CA ASP G 127 32.58 49.80 -26.90
C ASP G 127 32.01 49.05 -25.69
N ARG G 128 31.10 48.13 -26.00
CA ARG G 128 30.59 47.17 -25.02
C ARG G 128 30.93 45.79 -25.58
N LYS G 129 32.23 45.55 -25.72
CA LYS G 129 32.71 44.42 -26.46
C LYS G 129 32.53 43.16 -25.62
N ALA G 130 32.73 43.32 -24.32
CA ALA G 130 32.51 42.23 -23.38
C ALA G 130 31.10 41.69 -23.53
N LEU G 131 30.13 42.59 -23.42
CA LEU G 131 28.75 42.18 -23.62
C LEU G 131 28.61 41.56 -25.00
N ALA G 132 29.20 42.21 -25.99
CA ALA G 132 29.16 41.76 -27.36
C ALA G 132 29.57 40.30 -27.53
N ILE G 133 30.77 39.98 -27.07
CA ILE G 133 31.31 38.64 -27.21
C ILE G 133 30.51 37.59 -26.43
N TYR G 134 30.00 37.99 -25.26
CA TYR G 134 29.08 37.14 -24.53
C TYR G 134 27.92 36.69 -25.46
N LEU G 135 27.35 37.66 -26.15
CA LEU G 135 26.19 37.41 -27.00
C LEU G 135 26.55 36.57 -28.20
N GLN G 136 27.71 36.86 -28.78
CA GLN G 136 28.16 36.16 -29.96
C GLN G 136 28.18 34.64 -29.72
N ASN G 137 28.83 34.25 -28.64
CA ASN G 137 28.87 32.84 -28.28
C ASN G 137 27.54 32.28 -27.76
N GLN G 138 26.76 33.10 -27.08
CA GLN G 138 25.41 32.66 -26.75
C GLN G 138 24.65 32.31 -28.03
N VAL G 139 24.75 33.15 -29.05
CA VAL G 139 24.08 32.87 -30.32
C VAL G 139 24.68 31.63 -30.96
N SER G 140 25.99 31.50 -30.80
CA SER G 140 26.73 30.36 -31.33
C SER G 140 26.28 29.05 -30.70
N VAL G 141 26.26 29.00 -29.38
CA VAL G 141 25.72 27.84 -28.68
C VAL G 141 24.26 27.55 -29.01
N ALA G 142 23.42 28.60 -28.98
CA ALA G 142 21.98 28.43 -29.10
C ALA G 142 21.55 28.00 -30.50
N PHE G 143 22.16 28.59 -31.52
CA PHE G 143 21.74 28.35 -32.91
C PHE G 143 22.82 27.71 -33.78
N GLY G 144 24.04 27.61 -33.28
CA GLY G 144 25.11 27.08 -34.08
C GLY G 144 25.49 28.04 -35.19
N VAL G 145 25.33 29.33 -34.95
CA VAL G 145 25.84 30.35 -35.87
C VAL G 145 26.89 31.20 -35.17
N ASP G 146 28.09 31.25 -35.75
CA ASP G 146 29.19 31.98 -35.14
C ASP G 146 29.53 33.21 -35.99
N ILE G 147 29.02 34.35 -35.56
CA ILE G 147 29.26 35.58 -36.28
C ILE G 147 29.90 36.53 -35.31
N HIS G 148 31.08 37.02 -35.67
CA HIS G 148 31.79 37.97 -34.84
C HIS G 148 31.16 39.37 -34.88
N PRO G 149 31.02 39.99 -33.70
CA PRO G 149 30.53 41.35 -33.47
C PRO G 149 31.07 42.36 -34.49
N ALA G 150 32.35 42.28 -34.81
CA ALA G 150 32.98 43.32 -35.61
C ALA G 150 32.80 43.14 -37.12
N ALA G 151 32.29 41.99 -37.52
CA ALA G 151 31.87 41.80 -38.90
C ALA G 151 30.98 42.95 -39.34
N THR G 152 31.08 43.32 -40.61
CA THR G 152 30.25 44.38 -41.18
C THR G 152 29.28 43.77 -42.19
N ILE G 153 28.01 43.62 -41.78
CA ILE G 153 27.02 42.86 -42.54
C ILE G 153 25.76 43.68 -42.91
N GLY G 154 25.50 43.82 -44.22
CA GLY G 154 24.41 44.64 -44.73
C GLY G 154 23.06 43.98 -44.50
N CYS G 155 22.05 44.36 -45.29
CA CYS G 155 20.71 43.77 -45.15
C CYS G 155 20.17 43.18 -46.46
N GLY G 156 19.03 42.50 -46.38
CA GLY G 156 18.55 41.69 -47.49
C GLY G 156 19.35 40.41 -47.58
N ILE G 157 19.74 39.85 -46.42
CA ILE G 157 20.53 38.62 -46.42
C ILE G 157 19.69 37.45 -45.99
N MET G 158 19.71 36.39 -46.79
CA MET G 158 19.19 35.11 -46.32
C MET G 158 20.30 34.17 -45.78
N LEU G 159 20.25 33.88 -44.47
CA LEU G 159 21.00 32.78 -43.92
C LEU G 159 20.13 31.52 -43.84
N ASP G 160 19.93 30.86 -44.96
CA ASP G 160 18.97 29.76 -45.06
C ASP G 160 19.48 28.47 -44.43
N HIS G 161 18.67 27.89 -43.56
CA HIS G 161 19.02 26.68 -42.79
C HIS G 161 20.05 26.97 -41.71
N ALA G 162 21.17 27.57 -42.09
CA ALA G 162 22.02 28.31 -41.15
C ALA G 162 22.99 27.51 -40.28
N THR G 163 22.73 26.23 -40.04
CA THR G 163 23.54 25.45 -39.11
C THR G 163 25.02 25.43 -39.50
N GLY G 164 25.88 25.91 -38.59
CA GLY G 164 27.31 25.86 -38.78
C GLY G 164 27.92 27.00 -39.57
N ILE G 165 27.19 28.09 -39.74
CA ILE G 165 27.72 29.25 -40.45
C ILE G 165 28.71 29.96 -39.55
N VAL G 166 29.85 30.34 -40.14
CA VAL G 166 30.89 31.08 -39.44
C VAL G 166 31.24 32.31 -40.26
N ILE G 167 31.16 33.46 -39.62
CA ILE G 167 31.57 34.72 -40.25
C ILE G 167 32.47 35.42 -39.26
N GLY G 168 33.68 35.73 -39.72
CA GLY G 168 34.75 36.18 -38.85
C GLY G 168 34.89 37.68 -38.61
N GLU G 169 35.75 38.01 -37.66
CA GLU G 169 35.93 39.38 -37.19
C GLU G 169 36.00 40.49 -38.25
N THR G 170 36.78 40.31 -39.32
CA THR G 170 37.00 41.38 -40.29
C THR G 170 36.22 41.20 -41.60
N ALA G 171 35.29 40.25 -41.62
CA ALA G 171 34.46 40.03 -42.80
C ALA G 171 33.53 41.21 -43.14
N VAL G 172 33.29 41.36 -44.43
CA VAL G 172 32.29 42.30 -44.93
C VAL G 172 31.33 41.53 -45.82
N VAL G 173 30.04 41.61 -45.52
CA VAL G 173 28.99 41.05 -46.36
C VAL G 173 28.11 42.22 -46.75
N GLU G 174 28.04 42.52 -48.05
CA GLU G 174 27.23 43.64 -48.50
C GLU G 174 25.75 43.24 -48.61
N ASN G 175 24.91 44.20 -49.00
CA ASN G 175 23.47 43.99 -49.15
C ASN G 175 23.13 42.88 -50.13
N ASP G 176 21.96 42.28 -49.95
CA ASP G 176 21.42 41.33 -50.91
C ASP G 176 22.37 40.17 -51.19
N VAL G 177 22.68 39.44 -50.13
CA VAL G 177 23.54 38.29 -50.27
C VAL G 177 22.76 37.11 -49.69
N SER G 178 22.90 35.95 -50.32
CA SER G 178 22.28 34.72 -49.82
C SER G 178 23.33 33.65 -49.44
N ILE G 179 23.29 33.20 -48.19
CA ILE G 179 24.28 32.24 -47.67
C ILE G 179 23.61 30.97 -47.15
N LEU G 180 24.16 29.81 -47.45
CA LEU G 180 23.51 28.58 -47.02
C LEU G 180 24.21 27.98 -45.81
N GLN G 181 23.73 26.83 -45.33
CA GLN G 181 24.34 26.13 -44.18
C GLN G 181 25.82 25.77 -44.38
N SER G 182 26.56 25.77 -43.27
CA SER G 182 27.94 25.34 -43.25
C SER G 182 28.85 26.21 -44.11
N VAL G 183 28.50 27.50 -44.25
CA VAL G 183 29.38 28.41 -44.96
C VAL G 183 30.29 29.08 -43.96
N THR G 184 31.59 29.11 -44.28
CA THR G 184 32.52 29.89 -43.51
C THR G 184 33.04 31.06 -44.31
N LEU G 185 33.03 32.23 -43.69
CA LEU G 185 33.75 33.38 -44.18
C LEU G 185 34.84 33.62 -43.14
N GLY G 186 35.93 32.89 -43.24
CA GLY G 186 36.90 32.79 -42.15
C GLY G 186 38.24 33.46 -42.36
N GLY G 187 39.04 33.46 -41.31
CA GLY G 187 40.36 34.08 -41.33
C GLY G 187 41.46 33.14 -41.78
N THR G 188 42.67 33.68 -41.90
CA THR G 188 43.88 32.88 -42.06
C THR G 188 44.91 33.62 -41.24
N GLY G 189 45.85 32.87 -40.66
CA GLY G 189 46.93 33.47 -39.89
C GLY G 189 46.59 33.64 -38.43
N LYS G 190 47.62 33.89 -37.62
CA LYS G 190 47.44 34.03 -36.19
C LYS G 190 47.54 35.51 -35.77
N THR G 191 47.60 36.39 -36.75
CA THR G 191 47.75 37.81 -36.53
C THR G 191 46.45 38.58 -36.79
N SER G 192 46.25 39.68 -36.08
CA SER G 192 45.08 40.52 -36.31
C SER G 192 45.31 41.44 -37.51
N GLY G 193 44.21 42.00 -38.02
CA GLY G 193 44.23 42.79 -39.25
C GLY G 193 43.38 42.09 -40.29
N ASP G 194 43.08 42.78 -41.39
CA ASP G 194 42.23 42.20 -42.44
C ASP G 194 42.62 40.79 -42.84
N ARG G 195 41.68 39.85 -42.71
CA ARG G 195 41.97 38.46 -43.00
C ARG G 195 40.73 37.67 -43.36
N HIS G 196 39.59 38.33 -43.33
CA HIS G 196 38.35 37.64 -43.71
C HIS G 196 37.86 38.18 -45.03
N PRO G 197 37.03 37.39 -45.72
CA PRO G 197 36.58 37.76 -47.07
C PRO G 197 35.66 38.99 -47.11
N LYS G 198 35.63 39.68 -48.24
CA LYS G 198 34.69 40.75 -48.47
C LYS G 198 33.72 40.30 -49.57
N ILE G 199 32.44 40.15 -49.21
CA ILE G 199 31.42 39.63 -50.10
C ILE G 199 30.50 40.74 -50.61
N ARG G 200 30.56 41.01 -51.90
CA ARG G 200 29.82 42.12 -52.48
C ARG G 200 28.37 41.77 -52.78
N GLU G 201 27.60 42.78 -53.14
CA GLU G 201 26.18 42.62 -53.35
C GLU G 201 25.83 41.53 -54.37
N GLY G 202 24.70 40.85 -54.16
CA GLY G 202 24.14 39.96 -55.17
C GLY G 202 24.76 38.59 -55.22
N VAL G 203 25.69 38.34 -54.32
CA VAL G 203 26.45 37.11 -54.33
C VAL G 203 25.71 35.98 -53.63
N MET G 204 25.71 34.81 -54.25
CA MET G 204 25.13 33.62 -53.65
C MET G 204 26.21 32.57 -53.32
N ILE G 205 26.07 31.96 -52.14
CA ILE G 205 27.08 31.01 -51.67
C ILE G 205 26.40 29.72 -51.24
N GLY G 206 26.66 28.63 -51.96
CA GLY G 206 26.04 27.35 -51.67
C GLY G 206 26.55 26.72 -50.39
N ALA G 207 25.88 25.65 -49.94
CA ALA G 207 26.18 25.01 -48.67
C ALA G 207 27.58 24.41 -48.65
N GLY G 208 28.24 24.50 -47.49
CA GLY G 208 29.55 23.91 -47.30
C GLY G 208 30.71 24.80 -47.68
N ALA G 209 30.47 25.76 -48.57
CA ALA G 209 31.56 26.62 -49.04
C ALA G 209 32.35 27.26 -47.89
N LYS G 210 33.66 27.30 -48.07
CA LYS G 210 34.54 27.99 -47.13
C LYS G 210 35.29 29.07 -47.90
N ILE G 211 35.19 30.31 -47.44
CA ILE G 211 35.92 31.39 -48.06
C ILE G 211 36.95 31.94 -47.07
N LEU G 212 38.23 31.90 -47.43
CA LEU G 212 39.31 32.12 -46.48
C LEU G 212 40.31 33.21 -46.87
N GLY G 213 40.59 34.13 -45.94
CA GLY G 213 41.53 35.20 -46.17
C GLY G 213 40.92 36.53 -46.57
N ASN G 214 41.69 37.62 -46.39
CA ASN G 214 41.23 38.94 -46.85
C ASN G 214 41.10 38.97 -48.36
N ILE G 215 40.00 38.41 -48.83
CA ILE G 215 39.83 38.02 -50.21
C ILE G 215 38.50 38.63 -50.68
N GLU G 216 38.28 38.74 -52.00
CA GLU G 216 37.03 39.29 -52.49
C GLU G 216 36.21 38.35 -53.37
N VAL G 217 34.89 38.45 -53.23
CA VAL G 217 33.97 37.82 -54.17
C VAL G 217 33.16 38.98 -54.70
N GLY G 218 33.40 39.35 -55.95
CA GLY G 218 32.82 40.57 -56.50
C GLY G 218 31.32 40.54 -56.76
N ARG G 219 30.81 41.61 -57.38
CA ARG G 219 29.37 41.77 -57.54
C ARG G 219 28.75 40.64 -58.36
N GLY G 220 27.63 40.13 -57.87
CA GLY G 220 26.90 39.08 -58.56
C GLY G 220 27.66 37.78 -58.80
N ALA G 221 28.75 37.57 -58.07
CA ALA G 221 29.50 36.32 -58.19
C ALA G 221 28.73 35.17 -57.52
N LYS G 222 29.02 33.96 -57.98
CA LYS G 222 28.41 32.77 -57.42
C LYS G 222 29.49 31.78 -56.93
N ILE G 223 29.36 31.32 -55.69
CA ILE G 223 30.27 30.32 -55.13
C ILE G 223 29.54 29.01 -55.01
N GLY G 224 29.99 27.97 -55.70
CA GLY G 224 29.34 26.68 -55.62
C GLY G 224 29.34 26.07 -54.24
N ALA G 225 28.36 25.22 -53.97
CA ALA G 225 28.33 24.44 -52.75
C ALA G 225 29.61 23.65 -52.73
N GLY G 226 30.16 23.43 -51.53
CA GLY G 226 31.32 22.59 -51.36
C GLY G 226 32.64 23.25 -51.67
N SER G 227 32.60 24.50 -52.12
CA SER G 227 33.81 25.16 -52.61
C SER G 227 34.72 25.63 -51.48
N VAL G 228 36.02 25.67 -51.79
CA VAL G 228 37.04 26.24 -50.91
C VAL G 228 37.70 27.40 -51.64
N VAL G 229 37.44 28.63 -51.17
CA VAL G 229 37.87 29.79 -51.93
C VAL G 229 39.07 30.48 -51.31
N LEU G 230 40.20 30.41 -52.02
CA LEU G 230 41.44 30.97 -51.51
C LEU G 230 41.88 32.27 -52.21
N GLN G 231 41.27 32.59 -53.37
CA GLN G 231 41.55 33.83 -54.11
C GLN G 231 40.30 34.64 -54.54
N SER G 232 40.44 35.96 -54.59
CA SER G 232 39.39 36.85 -55.08
C SER G 232 38.68 36.27 -56.31
N VAL G 233 37.34 36.28 -56.27
CA VAL G 233 36.54 35.85 -57.41
C VAL G 233 35.98 37.08 -58.12
N PRO G 234 36.20 37.18 -59.45
CA PRO G 234 35.74 38.34 -60.21
C PRO G 234 34.22 38.49 -60.25
N ALA G 235 33.76 39.73 -60.31
CA ALA G 235 32.35 40.04 -60.44
C ALA G 235 31.73 39.20 -61.56
N HIS G 236 30.57 38.61 -61.24
CA HIS G 236 29.74 37.98 -62.26
C HIS G 236 30.40 36.75 -62.90
N THR G 237 31.07 35.96 -62.08
CA THR G 237 31.64 34.69 -62.49
C THR G 237 31.19 33.60 -61.53
N THR G 238 31.26 32.34 -61.98
CA THR G 238 30.94 31.20 -61.11
C THR G 238 32.22 30.49 -60.65
N ALA G 239 32.41 30.38 -59.35
CA ALA G 239 33.57 29.72 -58.76
C ALA G 239 33.18 28.43 -58.04
N ALA G 240 33.96 27.38 -58.24
CA ALA G 240 33.63 26.09 -57.66
C ALA G 240 34.83 25.13 -57.59
N GLY G 241 34.77 24.22 -56.63
CA GLY G 241 35.80 23.21 -56.46
C GLY G 241 36.70 23.32 -55.24
N VAL G 242 37.50 22.29 -55.03
CA VAL G 242 38.36 22.24 -53.87
C VAL G 242 39.79 22.06 -54.33
N PRO G 243 40.55 23.17 -54.39
CA PRO G 243 40.06 24.52 -54.10
C PRO G 243 39.43 25.21 -55.34
N ALA G 244 38.91 26.43 -55.16
CA ALA G 244 37.99 27.01 -56.14
C ALA G 244 38.61 27.66 -57.36
N ARG G 245 38.01 27.40 -58.52
CA ARG G 245 38.45 28.02 -59.75
C ARG G 245 37.20 28.44 -60.53
N ILE G 246 37.34 29.50 -61.33
CA ILE G 246 36.26 30.01 -62.15
C ILE G 246 35.81 28.95 -63.14
N VAL G 247 34.56 28.53 -63.03
CA VAL G 247 34.05 27.47 -63.88
C VAL G 247 32.89 27.91 -64.75
N GLY G 248 32.61 29.20 -64.80
CA GLY G 248 31.49 29.71 -65.60
C GLY G 248 31.02 31.12 -65.24
N LYS G 249 29.79 31.44 -65.61
CA LYS G 249 29.15 32.70 -65.24
C LYS G 249 27.73 32.46 -64.75
N PRO G 250 27.32 33.18 -63.69
CA PRO G 250 25.95 33.06 -63.16
C PRO G 250 24.96 33.61 -64.18
N GLU G 251 23.75 33.09 -64.20
CA GLU G 251 22.79 33.51 -65.24
C GLU G 251 22.19 34.88 -64.91
N SER G 252 22.01 35.15 -63.63
CA SER G 252 21.48 36.42 -63.20
C SER G 252 22.59 37.41 -62.82
N ASP G 253 22.29 38.69 -62.93
CA ASP G 253 23.15 39.75 -62.40
C ASP G 253 23.25 39.66 -60.88
N LYS G 254 22.28 39.01 -60.26
CA LYS G 254 22.35 38.69 -58.83
C LYS G 254 21.86 37.26 -58.58
N PRO G 255 22.79 36.28 -58.50
CA PRO G 255 22.38 34.90 -58.19
C PRO G 255 21.84 34.85 -56.78
N SER G 256 22.18 35.88 -56.01
CA SER G 256 21.65 36.08 -54.67
C SER G 256 20.13 35.97 -54.64
N LEU G 257 19.47 36.34 -55.74
CA LEU G 257 18.02 36.40 -55.79
C LEU G 257 17.34 35.15 -56.35
N ASP G 258 18.08 34.34 -57.09
CA ASP G 258 17.50 33.20 -57.80
C ASP G 258 17.73 31.85 -57.12
N MET G 259 18.86 31.70 -56.43
CA MET G 259 19.21 30.47 -55.72
C MET G 259 19.43 29.27 -56.64
N ASP G 260 20.08 29.52 -57.78
CA ASP G 260 20.40 28.45 -58.71
C ASP G 260 21.71 27.83 -58.25
N GLN G 261 21.68 26.55 -57.87
CA GLN G 261 22.86 25.89 -57.30
C GLN G 261 23.79 25.25 -58.34
N HIS G 262 23.42 25.29 -59.61
CA HIS G 262 24.19 24.59 -60.64
C HIS G 262 25.57 25.21 -60.95
N PHE G 263 26.54 24.35 -61.24
CA PHE G 263 27.82 24.81 -61.77
C PHE G 263 28.55 23.69 -62.51
N ASN G 264 29.62 24.04 -63.20
CA ASN G 264 30.37 23.08 -64.02
C ASN G 264 31.68 22.64 -63.39
N GLY G 265 32.15 21.46 -63.78
CA GLY G 265 33.42 20.97 -63.30
C GLY G 265 34.58 21.90 -63.62
N SER G 266 34.71 22.28 -64.89
CA SER G 266 35.94 22.89 -65.41
C SER G 266 35.89 24.40 -65.63
N ALA H 3 6.34 -4.33 -42.62
CA ALA H 3 6.99 -3.70 -41.47
C ALA H 3 7.43 -4.76 -40.46
N MET H 4 6.99 -4.59 -39.21
CA MET H 4 7.30 -5.54 -38.14
C MET H 4 6.04 -6.22 -37.63
N SER H 5 6.17 -7.49 -37.26
CA SER H 5 5.09 -8.20 -36.61
C SER H 5 5.09 -7.88 -35.13
N SER H 6 3.92 -7.95 -34.49
CA SER H 6 3.79 -7.57 -33.09
C SER H 6 4.80 -8.29 -32.20
N GLU H 7 5.19 -9.50 -32.60
CA GLU H 7 6.17 -10.29 -31.86
C GLU H 7 7.54 -9.64 -31.95
N GLU H 8 7.95 -9.29 -33.17
CA GLU H 8 9.23 -8.66 -33.41
C GLU H 8 9.33 -7.32 -32.69
N LEU H 9 8.24 -6.57 -32.69
CA LEU H 9 8.23 -5.23 -32.08
C LEU H 9 8.43 -5.24 -30.56
N GLU H 10 7.70 -6.09 -29.85
CA GLU H 10 7.79 -6.10 -28.39
C GLU H 10 9.03 -6.82 -27.86
N GLN H 11 9.68 -7.57 -28.73
CA GLN H 11 10.93 -8.25 -28.40
C GLN H 11 12.05 -7.22 -28.26
N VAL H 12 12.07 -6.28 -29.20
CA VAL H 12 12.94 -5.12 -29.15
C VAL H 12 12.71 -4.32 -27.86
N TRP H 13 11.45 -4.15 -27.47
CA TRP H 13 11.15 -3.38 -26.28
C TRP H 13 11.72 -4.05 -25.02
N SER H 14 11.53 -5.36 -24.92
CA SER H 14 12.08 -6.09 -23.77
C SER H 14 13.61 -6.06 -23.77
N ASN H 15 14.23 -6.09 -24.94
CA ASN H 15 15.67 -5.89 -25.05
C ASN H 15 16.08 -4.62 -24.33
N ILE H 16 15.47 -3.52 -24.76
CA ILE H 16 15.65 -2.20 -24.15
C ILE H 16 15.45 -2.22 -22.62
N LYS H 17 14.27 -2.67 -22.17
CA LYS H 17 13.98 -2.66 -20.74
C LYS H 17 14.99 -3.51 -19.99
N SER H 18 15.50 -4.55 -20.66
CA SER H 18 16.50 -5.41 -20.06
C SER H 18 17.78 -4.63 -19.86
N GLU H 19 18.30 -4.08 -20.96
CA GLU H 19 19.46 -3.19 -20.88
C GLU H 19 19.25 -2.16 -19.77
N ALA H 20 18.06 -1.57 -19.77
CA ALA H 20 17.71 -0.49 -18.85
C ALA H 20 17.81 -0.88 -17.38
N ARG H 21 17.49 -2.13 -17.05
CA ARG H 21 17.72 -2.62 -15.68
C ARG H 21 19.19 -2.52 -15.23
N ALA H 22 20.09 -3.09 -16.01
CA ALA H 22 21.51 -3.10 -15.63
C ALA H 22 22.08 -1.69 -15.62
N LEU H 23 21.66 -0.88 -16.60
CA LEU H 23 22.06 0.52 -16.64
C LEU H 23 21.72 1.22 -15.32
N ALA H 24 20.56 0.89 -14.75
CA ALA H 24 20.10 1.56 -13.54
C ALA H 24 20.86 1.05 -12.32
N GLU H 25 21.28 -0.21 -12.37
CA GLU H 25 22.16 -0.74 -11.34
C GLU H 25 23.57 -0.17 -11.43
N CYS H 26 24.05 0.04 -12.65
CA CYS H 26 25.45 0.43 -12.87
C CYS H 26 25.71 1.93 -12.77
N GLU H 27 24.65 2.74 -12.80
CA GLU H 27 24.83 4.18 -12.68
C GLU H 27 23.66 4.84 -11.96
N PRO H 28 23.81 5.05 -10.64
CA PRO H 28 22.74 5.53 -9.76
C PRO H 28 22.43 7.02 -9.95
N MET H 29 23.24 7.75 -10.70
CA MET H 29 22.98 9.16 -10.95
C MET H 29 21.90 9.28 -12.02
N LEU H 30 21.64 8.16 -12.69
CA LEU H 30 20.77 8.11 -13.84
C LEU H 30 19.69 7.06 -13.62
N ALA H 31 19.79 6.35 -12.49
CA ALA H 31 18.83 5.30 -12.15
C ALA H 31 17.40 5.77 -12.32
N SER H 32 17.04 6.83 -11.59
CA SER H 32 15.73 7.44 -11.69
C SER H 32 15.42 7.77 -13.14
N PHE H 33 16.40 8.35 -13.84
CA PHE H 33 16.23 8.71 -15.23
C PHE H 33 15.88 7.50 -16.08
N PHE H 34 16.45 6.34 -15.77
CA PHE H 34 16.17 5.16 -16.58
C PHE H 34 14.79 4.59 -16.23
N HIS H 35 14.38 4.79 -14.99
CA HIS H 35 13.10 4.31 -14.54
C HIS H 35 11.97 5.10 -15.21
N ALA H 36 12.05 6.43 -15.11
CA ALA H 36 11.02 7.30 -15.66
C ALA H 36 10.89 7.11 -17.16
N THR H 37 12.03 7.09 -17.84
CA THR H 37 12.00 7.06 -19.29
C THR H 37 11.75 5.67 -19.89
N LEU H 38 12.19 4.60 -19.21
CA LEU H 38 12.11 3.26 -19.81
C LEU H 38 11.37 2.16 -19.03
N LEU H 39 11.80 1.90 -17.79
CA LEU H 39 11.31 0.77 -17.01
C LEU H 39 9.84 0.91 -16.59
N LYS H 40 9.42 2.14 -16.37
CA LYS H 40 8.03 2.44 -16.08
C LYS H 40 7.14 2.05 -17.27
N HIS H 41 7.60 2.36 -18.47
CA HIS H 41 6.80 2.20 -19.68
C HIS H 41 6.63 0.76 -20.15
N GLU H 42 5.53 0.48 -20.83
CA GLU H 42 5.16 -0.89 -21.14
C GLU H 42 5.31 -1.25 -22.61
N ASN H 43 5.66 -0.25 -23.41
CA ASN H 43 5.91 -0.46 -24.82
C ASN H 43 6.83 0.63 -25.32
N LEU H 44 7.28 0.51 -26.57
CA LEU H 44 8.19 1.50 -27.16
C LEU H 44 7.58 2.91 -27.34
N GLY H 45 6.42 2.97 -27.99
CA GLY H 45 5.76 4.25 -28.24
C GLY H 45 5.56 5.10 -27.00
N SER H 46 5.21 4.45 -25.88
CA SER H 46 5.05 5.13 -24.61
C SER H 46 6.35 5.81 -24.17
N ALA H 47 7.45 5.06 -24.18
CA ALA H 47 8.74 5.60 -23.79
C ALA H 47 9.20 6.69 -24.75
N LEU H 48 8.85 6.49 -26.02
CA LEU H 48 9.27 7.36 -27.12
C LEU H 48 8.67 8.75 -27.02
N SER H 49 7.37 8.80 -26.68
CA SER H 49 6.66 10.08 -26.53
C SER H 49 7.26 10.83 -25.37
N TYR H 50 7.52 10.08 -24.31
CA TYR H 50 8.09 10.65 -23.11
C TYR H 50 9.43 11.29 -23.47
N ILE H 51 10.26 10.54 -24.21
CA ILE H 51 11.56 11.01 -24.68
C ILE H 51 11.48 12.32 -25.46
N LEU H 52 10.68 12.32 -26.52
CA LEU H 52 10.60 13.44 -27.44
C LEU H 52 9.97 14.65 -26.76
N ALA H 53 9.02 14.40 -25.86
CA ALA H 53 8.42 15.50 -25.11
C ALA H 53 9.47 16.23 -24.32
N ASN H 54 10.21 15.51 -23.48
CA ASN H 54 11.28 16.13 -22.71
C ASN H 54 12.34 16.77 -23.60
N LYS H 55 12.61 16.11 -24.73
CA LYS H 55 13.73 16.48 -25.61
C LYS H 55 13.57 17.81 -26.34
N LEU H 56 12.35 18.12 -26.79
CA LEU H 56 12.14 19.37 -27.49
C LEU H 56 11.17 20.31 -26.79
N ALA H 57 11.01 20.11 -25.49
CA ALA H 57 10.27 21.07 -24.69
C ALA H 57 10.78 22.51 -24.89
N ASN H 58 9.90 23.46 -24.64
CA ASN H 58 10.24 24.89 -24.69
C ASN H 58 9.24 25.61 -23.80
N PRO H 59 9.63 26.79 -23.28
CA PRO H 59 8.65 27.56 -22.49
C PRO H 59 7.38 27.84 -23.32
N ILE H 60 7.52 27.85 -24.64
CA ILE H 60 6.37 28.05 -25.53
C ILE H 60 5.45 26.83 -25.57
N MET H 61 6.03 25.64 -25.51
CA MET H 61 5.24 24.43 -25.51
C MET H 61 5.92 23.35 -24.69
N PRO H 62 5.50 23.22 -23.42
CA PRO H 62 6.05 22.29 -22.42
C PRO H 62 6.03 20.83 -22.86
N ALA H 63 6.94 20.05 -22.28
CA ALA H 63 7.02 18.62 -22.53
C ALA H 63 5.66 17.98 -22.25
N ILE H 64 5.01 18.40 -21.17
CA ILE H 64 3.73 17.81 -20.83
C ILE H 64 2.75 17.96 -21.99
N ALA H 65 2.70 19.16 -22.59
CA ALA H 65 1.85 19.43 -23.76
C ALA H 65 2.29 18.67 -25.01
N ILE H 66 3.59 18.69 -25.29
CA ILE H 66 4.12 18.01 -26.46
C ILE H 66 3.77 16.53 -26.43
N ARG H 67 3.81 15.95 -25.23
CA ARG H 67 3.61 14.52 -25.14
C ARG H 67 2.28 14.13 -25.77
N GLU H 68 1.21 14.82 -25.37
CA GLU H 68 -0.11 14.57 -25.91
C GLU H 68 -0.11 14.53 -27.44
N VAL H 69 0.47 15.57 -28.04
CA VAL H 69 0.55 15.63 -29.50
C VAL H 69 1.17 14.37 -30.10
N VAL H 70 2.26 13.90 -29.50
CA VAL H 70 2.92 12.69 -29.99
C VAL H 70 2.04 11.46 -29.79
N GLU H 71 1.49 11.32 -28.59
CA GLU H 71 0.54 10.24 -28.28
C GLU H 71 -0.65 10.23 -29.24
N GLU H 72 -1.16 11.42 -29.55
CA GLU H 72 -2.23 11.56 -30.52
C GLU H 72 -1.77 11.10 -31.90
N ALA H 73 -0.56 11.49 -32.29
CA ALA H 73 -0.01 11.02 -33.56
C ALA H 73 0.03 9.50 -33.61
N TYR H 74 0.63 8.88 -32.60
CA TYR H 74 0.82 7.43 -32.57
C TYR H 74 -0.50 6.68 -32.48
N ARG H 75 -1.52 7.30 -31.88
CA ARG H 75 -2.85 6.70 -31.83
C ARG H 75 -3.49 6.70 -33.20
N SER H 76 -3.05 7.60 -34.06
CA SER H 76 -3.57 7.72 -35.41
C SER H 76 -2.75 6.90 -36.42
N ASP H 77 -1.43 7.02 -36.33
CA ASP H 77 -0.51 6.25 -37.18
C ASP H 77 0.42 5.41 -36.33
N ALA H 78 0.02 4.19 -36.03
CA ALA H 78 0.82 3.30 -35.20
C ALA H 78 2.14 2.92 -35.87
N HIS H 79 2.18 2.96 -37.20
CA HIS H 79 3.36 2.53 -37.93
C HIS H 79 4.60 3.40 -37.68
N MET H 80 4.39 4.62 -37.17
CA MET H 80 5.52 5.46 -36.83
C MET H 80 6.37 4.79 -35.76
N ILE H 81 5.72 3.99 -34.93
CA ILE H 81 6.40 3.27 -33.89
C ILE H 81 7.20 2.10 -34.47
N VAL H 82 6.68 1.46 -35.51
CA VAL H 82 7.46 0.43 -36.22
C VAL H 82 8.73 1.07 -36.80
N SER H 83 8.53 2.21 -37.45
CA SER H 83 9.63 3.00 -38.00
C SER H 83 10.67 3.33 -36.94
N ALA H 84 10.24 3.86 -35.81
CA ALA H 84 11.16 4.13 -34.72
C ALA H 84 11.99 2.87 -34.43
N ALA H 85 11.31 1.73 -34.28
CA ALA H 85 11.98 0.47 -33.97
C ALA H 85 12.94 0.01 -35.06
N ARG H 86 12.53 0.10 -36.32
CA ARG H 86 13.41 -0.23 -37.44
C ARG H 86 14.63 0.67 -37.41
N ASP H 87 14.41 1.94 -37.09
CA ASP H 87 15.50 2.92 -37.02
C ASP H 87 16.49 2.58 -35.91
N ILE H 88 15.98 2.02 -34.82
CA ILE H 88 16.82 1.57 -33.73
C ILE H 88 17.69 0.37 -34.16
N LEU H 89 17.09 -0.57 -34.89
CA LEU H 89 17.83 -1.72 -35.39
C LEU H 89 18.99 -1.27 -36.27
N ALA H 90 18.71 -0.36 -37.19
CA ALA H 90 19.74 0.11 -38.11
C ALA H 90 20.97 0.69 -37.40
N VAL H 91 20.76 1.52 -36.38
CA VAL H 91 21.87 2.13 -35.68
C VAL H 91 22.73 1.07 -34.96
N ARG H 92 22.12 0.34 -34.04
CA ARG H 92 22.81 -0.72 -33.32
C ARG H 92 23.64 -1.56 -34.28
N LEU H 93 23.03 -1.94 -35.38
CA LEU H 93 23.65 -2.87 -36.28
C LEU H 93 24.76 -2.22 -37.11
N ARG H 94 24.53 -0.98 -37.54
CA ARG H 94 25.45 -0.29 -38.45
C ARG H 94 26.57 0.54 -37.77
N ASP H 95 26.29 1.07 -36.58
CA ASP H 95 27.27 1.85 -35.84
C ASP H 95 28.10 0.97 -34.91
N PRO H 96 29.42 0.91 -35.15
CA PRO H 96 30.35 0.15 -34.30
C PRO H 96 30.40 0.74 -32.90
N ALA H 97 30.28 2.07 -32.79
CA ALA H 97 30.30 2.75 -31.50
C ALA H 97 29.08 2.42 -30.65
N VAL H 98 27.98 2.01 -31.29
CA VAL H 98 26.73 1.68 -30.62
C VAL H 98 26.57 0.18 -30.34
N ASP H 99 26.26 -0.16 -29.09
CA ASP H 99 26.14 -1.57 -28.73
C ASP H 99 24.96 -1.90 -27.80
N LYS H 100 24.06 -0.93 -27.60
CA LYS H 100 22.82 -1.13 -26.87
C LYS H 100 21.64 -0.52 -27.63
N TYR H 101 20.58 -1.30 -27.81
CA TYR H 101 19.34 -0.78 -28.42
C TYR H 101 18.90 0.53 -27.77
N SER H 102 19.07 0.60 -26.46
CA SER H 102 18.66 1.76 -25.67
C SER H 102 19.45 3.04 -25.94
N THR H 103 20.52 2.96 -26.72
CA THR H 103 21.41 4.10 -26.81
C THR H 103 20.86 5.15 -27.74
N PRO H 104 20.44 4.74 -28.96
CA PRO H 104 19.75 5.64 -29.88
C PRO H 104 18.49 6.28 -29.26
N LEU H 105 17.56 5.45 -28.80
CA LEU H 105 16.32 5.89 -28.18
C LEU H 105 16.53 6.89 -27.04
N LEU H 106 17.63 6.73 -26.31
CA LEU H 106 17.93 7.62 -25.19
C LEU H 106 18.69 8.87 -25.58
N TYR H 107 19.77 8.72 -26.34
CA TYR H 107 20.77 9.78 -26.43
C TYR H 107 20.98 10.36 -27.82
N LEU H 108 20.72 9.55 -28.84
CA LEU H 108 21.25 9.83 -30.16
C LEU H 108 20.41 10.85 -30.95
N LYS H 109 20.91 12.08 -30.98
CA LYS H 109 20.13 13.21 -31.44
C LYS H 109 19.75 13.10 -32.91
N GLY H 110 20.45 12.26 -33.65
CA GLY H 110 20.08 12.03 -35.04
C GLY H 110 18.82 11.17 -35.07
N PHE H 111 18.77 10.22 -34.14
CA PHE H 111 17.59 9.40 -33.98
C PHE H 111 16.37 10.17 -33.44
N HIS H 112 16.62 11.16 -32.59
CA HIS H 112 15.53 11.96 -32.02
C HIS H 112 14.99 12.92 -33.07
N ALA H 113 15.90 13.65 -33.71
CA ALA H 113 15.56 14.52 -34.84
C ALA H 113 14.68 13.77 -35.84
N LEU H 114 15.09 12.55 -36.17
CA LEU H 114 14.38 11.74 -37.15
C LEU H 114 12.98 11.37 -36.69
N GLN H 115 12.88 10.86 -35.46
CA GLN H 115 11.58 10.52 -34.88
C GLN H 115 10.67 11.75 -34.69
N ALA H 116 11.26 12.91 -34.43
CA ALA H 116 10.52 14.14 -34.25
C ALA H 116 9.92 14.63 -35.57
N TYR H 117 10.65 14.37 -36.66
CA TYR H 117 10.20 14.66 -38.02
C TYR H 117 8.96 13.84 -38.31
N ARG H 118 9.00 12.57 -37.93
CA ARG H 118 7.86 11.69 -38.10
C ARG H 118 6.58 12.38 -37.62
N ILE H 119 6.70 13.10 -36.50
CA ILE H 119 5.54 13.76 -35.90
C ILE H 119 5.10 14.96 -36.72
N GLY H 120 6.07 15.77 -37.16
CA GLY H 120 5.78 16.88 -38.06
C GLY H 120 5.14 16.42 -39.35
N HIS H 121 5.60 15.29 -39.87
CA HIS H 121 5.08 14.74 -41.12
C HIS H 121 3.60 14.40 -40.98
N TRP H 122 3.24 13.82 -39.84
CA TRP H 122 1.86 13.49 -39.55
C TRP H 122 1.06 14.77 -39.31
N LEU H 123 1.65 15.72 -38.59
CA LEU H 123 1.06 17.02 -38.41
C LEU H 123 0.76 17.71 -39.77
N TRP H 124 1.72 17.60 -40.69
CA TRP H 124 1.60 18.18 -42.01
C TRP H 124 0.48 17.50 -42.77
N ALA H 125 0.47 16.18 -42.74
CA ALA H 125 -0.57 15.40 -43.42
C ALA H 125 -2.00 15.76 -42.96
N GLN H 126 -2.10 16.29 -41.74
CA GLN H 126 -3.37 16.62 -41.09
C GLN H 126 -3.66 18.12 -41.18
N ASP H 127 -2.98 18.81 -42.10
CA ASP H 127 -3.20 20.23 -42.29
C ASP H 127 -3.07 21.05 -41.01
N ARG H 128 -2.17 20.62 -40.13
CA ARG H 128 -1.77 21.40 -38.97
C ARG H 128 -0.34 21.92 -39.17
N LYS H 129 -0.16 22.58 -40.31
CA LYS H 129 1.16 23.02 -40.77
C LYS H 129 1.84 24.03 -39.84
N ALA H 130 1.06 24.91 -39.23
CA ALA H 130 1.63 25.85 -38.27
C ALA H 130 2.38 25.11 -37.17
N LEU H 131 1.94 23.90 -36.86
CA LEU H 131 2.53 23.13 -35.77
C LEU H 131 3.76 22.38 -36.27
N ALA H 132 3.61 21.68 -37.39
CA ALA H 132 4.74 21.06 -38.06
C ALA H 132 5.91 22.03 -38.25
N ILE H 133 5.60 23.29 -38.56
CA ILE H 133 6.62 24.32 -38.76
C ILE H 133 7.25 24.75 -37.44
N TYR H 134 6.47 24.76 -36.37
CA TYR H 134 7.04 25.05 -35.06
C TYR H 134 7.96 23.93 -34.56
N LEU H 135 7.59 22.68 -34.84
CA LEU H 135 8.42 21.53 -34.51
C LEU H 135 9.69 21.45 -35.37
N GLN H 136 9.54 21.62 -36.69
CA GLN H 136 10.69 21.59 -37.59
C GLN H 136 11.81 22.48 -37.06
N ASN H 137 11.52 23.77 -36.91
CA ASN H 137 12.54 24.72 -36.48
C ASN H 137 12.94 24.63 -35.00
N GLN H 138 12.13 23.96 -34.18
CA GLN H 138 12.48 23.75 -32.78
C GLN H 138 13.46 22.60 -32.73
N VAL H 139 13.24 21.60 -33.58
CA VAL H 139 14.17 20.49 -33.74
C VAL H 139 15.50 21.00 -34.29
N SER H 140 15.46 22.00 -35.15
CA SER H 140 16.69 22.52 -35.72
C SER H 140 17.53 23.28 -34.69
N VAL H 141 16.87 24.05 -33.82
CA VAL H 141 17.60 24.77 -32.79
C VAL H 141 18.25 23.80 -31.79
N ALA H 142 17.46 22.85 -31.29
CA ALA H 142 17.89 21.97 -30.22
C ALA H 142 18.89 20.90 -30.65
N PHE H 143 18.76 20.42 -31.88
CA PHE H 143 19.60 19.31 -32.38
C PHE H 143 20.51 19.67 -33.55
N GLY H 144 20.31 20.85 -34.14
CA GLY H 144 21.07 21.22 -35.32
C GLY H 144 20.73 20.35 -36.52
N VAL H 145 19.52 19.82 -36.55
CA VAL H 145 19.00 19.04 -37.69
C VAL H 145 17.73 19.69 -38.26
N ASP H 146 17.74 19.95 -39.57
CA ASP H 146 16.69 20.72 -40.19
C ASP H 146 15.99 19.90 -41.26
N ILE H 147 14.97 19.15 -40.84
CA ILE H 147 14.19 18.34 -41.75
C ILE H 147 12.80 18.97 -41.93
N HIS H 148 12.45 19.30 -43.16
CA HIS H 148 11.14 19.83 -43.46
C HIS H 148 10.09 18.73 -43.32
N PRO H 149 8.95 19.04 -42.69
CA PRO H 149 7.93 18.03 -42.39
C PRO H 149 7.36 17.38 -43.65
N ALA H 150 7.41 18.10 -44.77
CA ALA H 150 6.73 17.67 -45.99
C ALA H 150 7.56 16.65 -46.76
N ALA H 151 8.80 16.47 -46.33
CA ALA H 151 9.65 15.46 -46.95
C ALA H 151 9.16 14.05 -46.65
N THR H 152 9.50 13.12 -47.53
CA THR H 152 8.99 11.77 -47.43
C THR H 152 10.13 10.82 -47.13
N ILE H 153 10.32 10.53 -45.84
CA ILE H 153 11.43 9.71 -45.34
C ILE H 153 10.92 8.38 -44.78
N GLY H 154 11.48 7.27 -45.24
CA GLY H 154 11.10 5.94 -44.78
C GLY H 154 11.83 5.53 -43.51
N CYS H 155 11.94 4.23 -43.25
CA CYS H 155 12.55 3.77 -42.00
C CYS H 155 13.76 2.84 -42.20
N GLY H 156 14.33 2.36 -41.11
CA GLY H 156 15.58 1.63 -41.19
C GLY H 156 16.69 2.58 -41.61
N ILE H 157 16.65 3.77 -41.05
CA ILE H 157 17.54 4.83 -41.48
C ILE H 157 18.40 5.28 -40.32
N MET H 158 19.67 5.54 -40.61
CA MET H 158 20.59 6.00 -39.58
C MET H 158 21.04 7.43 -39.86
N LEU H 159 20.96 8.29 -38.84
CA LEU H 159 21.50 9.65 -38.93
C LEU H 159 22.63 9.83 -37.92
N ASP H 160 23.77 9.24 -38.21
CA ASP H 160 24.93 9.24 -37.33
C ASP H 160 25.45 10.66 -37.07
N HIS H 161 25.66 10.99 -35.80
CA HIS H 161 26.18 12.30 -35.40
C HIS H 161 25.24 13.45 -35.78
N ALA H 162 24.60 13.33 -36.93
CA ALA H 162 23.51 14.23 -37.34
C ALA H 162 23.85 15.70 -37.57
N THR H 163 24.51 16.35 -36.64
CA THR H 163 24.74 17.80 -36.73
C THR H 163 24.86 18.31 -38.16
N GLY H 164 24.06 19.32 -38.51
CA GLY H 164 24.16 20.00 -39.79
C GLY H 164 23.35 19.37 -40.92
N ILE H 165 22.75 18.21 -40.68
CA ILE H 165 21.93 17.60 -41.71
C ILE H 165 20.78 18.53 -42.07
N VAL H 166 20.57 18.67 -43.37
CA VAL H 166 19.48 19.45 -43.91
C VAL H 166 18.73 18.61 -44.93
N ILE H 167 17.44 18.43 -44.71
CA ILE H 167 16.57 17.78 -45.70
C ILE H 167 15.36 18.67 -45.99
N GLY H 168 15.20 18.97 -47.28
CA GLY H 168 14.23 19.95 -47.74
C GLY H 168 12.85 19.44 -48.08
N GLU H 169 11.93 20.38 -48.28
CA GLU H 169 10.52 20.10 -48.55
C GLU H 169 10.26 18.87 -49.43
N THR H 170 10.74 18.89 -50.67
CA THR H 170 10.41 17.83 -51.62
C THR H 170 11.43 16.71 -51.70
N ALA H 171 11.95 16.29 -50.55
CA ALA H 171 12.94 15.23 -50.55
C ALA H 171 12.31 13.86 -50.27
N VAL H 172 12.83 12.82 -50.90
CA VAL H 172 12.49 11.45 -50.56
C VAL H 172 13.74 10.67 -50.21
N VAL H 173 13.78 10.15 -48.99
CA VAL H 173 14.78 9.19 -48.56
C VAL H 173 14.03 7.88 -48.37
N GLU H 174 14.39 6.85 -49.11
CA GLU H 174 13.67 5.59 -48.97
C GLU H 174 14.13 4.78 -47.75
N ASN H 175 13.66 3.53 -47.66
CA ASN H 175 14.00 2.67 -46.54
C ASN H 175 15.48 2.24 -46.56
N ASP H 176 16.02 1.88 -45.40
CA ASP H 176 17.37 1.31 -45.31
C ASP H 176 18.42 2.20 -45.93
N VAL H 177 18.56 3.40 -45.38
CA VAL H 177 19.50 4.37 -45.89
C VAL H 177 20.35 4.86 -44.73
N SER H 178 21.62 5.18 -44.99
CA SER H 178 22.48 5.69 -43.92
C SER H 178 23.07 7.05 -44.29
N ILE H 179 22.99 7.98 -43.35
CA ILE H 179 23.37 9.36 -43.64
C ILE H 179 24.17 9.96 -42.49
N LEU H 180 25.26 10.61 -42.82
CA LEU H 180 26.13 11.16 -41.78
C LEU H 180 25.98 12.65 -41.61
N GLN H 181 26.81 13.20 -40.73
CA GLN H 181 26.73 14.62 -40.35
C GLN H 181 26.98 15.57 -41.51
N SER H 182 26.49 16.79 -41.38
CA SER H 182 26.62 17.82 -42.43
C SER H 182 26.21 17.37 -43.84
N VAL H 183 25.26 16.45 -43.94
CA VAL H 183 24.73 16.08 -45.24
C VAL H 183 23.49 16.91 -45.58
N THR H 184 23.56 17.64 -46.68
CA THR H 184 22.41 18.41 -47.15
C THR H 184 21.68 17.68 -48.26
N LEU H 185 20.40 17.42 -48.08
CA LEU H 185 19.56 17.00 -49.19
C LEU H 185 18.85 18.27 -49.62
N GLY H 186 19.52 19.06 -50.45
CA GLY H 186 19.09 20.43 -50.74
C GLY H 186 18.40 20.68 -52.08
N GLY H 187 17.71 21.81 -52.17
CA GLY H 187 17.03 22.17 -53.40
C GLY H 187 17.72 23.27 -54.21
N THR H 188 17.12 23.61 -55.33
CA THR H 188 17.65 24.67 -56.18
C THR H 188 16.48 25.58 -56.59
N GLY H 189 16.77 26.84 -56.82
CA GLY H 189 15.79 27.79 -57.37
C GLY H 189 15.01 28.52 -56.30
N LYS H 190 14.28 29.56 -56.70
CA LYS H 190 13.46 30.35 -55.78
C LYS H 190 11.98 30.02 -55.93
N THR H 191 11.68 28.91 -56.60
CA THR H 191 10.31 28.57 -56.98
C THR H 191 9.85 27.25 -56.35
N SER H 192 8.56 27.20 -56.01
CA SER H 192 7.97 26.00 -55.41
C SER H 192 8.08 24.83 -56.36
N GLY H 193 7.81 23.62 -55.86
CA GLY H 193 7.86 22.42 -56.68
C GLY H 193 9.06 21.50 -56.47
N ASP H 194 8.99 20.34 -57.12
CA ASP H 194 10.00 19.30 -56.97
C ASP H 194 11.41 19.80 -57.26
N ARG H 195 12.28 19.83 -56.25
CA ARG H 195 13.59 20.44 -56.41
C ARG H 195 14.65 19.88 -55.48
N HIS H 196 14.25 18.87 -54.70
CA HIS H 196 15.12 18.23 -53.73
C HIS H 196 15.30 16.79 -54.22
N PRO H 197 16.44 16.17 -53.86
CA PRO H 197 16.85 14.88 -54.41
C PRO H 197 16.03 13.70 -53.89
N LYS H 198 16.12 12.58 -54.60
CA LYS H 198 15.40 11.37 -54.21
C LYS H 198 16.37 10.21 -54.00
N ILE H 199 16.50 9.79 -52.73
CA ILE H 199 17.40 8.72 -52.29
C ILE H 199 16.68 7.38 -52.16
N ARG H 200 17.13 6.39 -52.92
CA ARG H 200 16.46 5.10 -52.95
C ARG H 200 17.18 4.15 -52.01
N GLU H 201 16.57 3.00 -51.76
CA GLU H 201 17.07 2.05 -50.77
C GLU H 201 18.51 1.60 -51.02
N GLY H 202 19.21 1.31 -49.93
CA GLY H 202 20.58 0.83 -49.99
C GLY H 202 21.61 1.94 -49.83
N VAL H 203 21.20 3.18 -50.05
CA VAL H 203 22.17 4.24 -50.22
C VAL H 203 22.85 4.71 -48.94
N MET H 204 24.16 4.91 -49.04
CA MET H 204 24.93 5.50 -47.94
C MET H 204 25.57 6.83 -48.36
N ILE H 205 25.60 7.79 -47.46
CA ILE H 205 26.06 9.14 -47.77
C ILE H 205 27.01 9.64 -46.70
N GLY H 206 28.27 9.81 -47.07
CA GLY H 206 29.30 10.22 -46.11
C GLY H 206 29.10 11.64 -45.64
N ALA H 207 29.86 12.03 -44.63
CA ALA H 207 29.75 13.36 -44.03
C ALA H 207 30.04 14.46 -45.03
N GLY H 208 29.37 15.60 -44.85
CA GLY H 208 29.60 16.80 -45.63
C GLY H 208 29.13 16.81 -47.08
N ALA H 209 28.51 15.73 -47.51
CA ALA H 209 27.99 15.61 -48.86
C ALA H 209 26.83 16.58 -49.08
N LYS H 210 26.89 17.35 -50.17
CA LYS H 210 25.79 18.24 -50.52
C LYS H 210 25.17 17.79 -51.84
N ILE H 211 23.98 17.20 -51.78
CA ILE H 211 23.26 16.75 -52.97
C ILE H 211 22.13 17.73 -53.31
N LEU H 212 22.26 18.41 -54.44
CA LEU H 212 21.39 19.53 -54.74
C LEU H 212 20.49 19.29 -55.95
N GLY H 213 19.29 19.85 -55.90
CA GLY H 213 18.37 19.82 -57.02
C GLY H 213 17.49 18.59 -57.04
N ASN H 214 16.62 18.52 -58.04
CA ASN H 214 15.69 17.41 -58.16
C ASN H 214 16.29 16.22 -58.88
N ILE H 215 17.13 15.48 -58.19
CA ILE H 215 17.84 14.37 -58.82
C ILE H 215 17.69 13.12 -58.00
N GLU H 216 18.05 11.98 -58.59
CA GLU H 216 18.00 10.73 -57.84
C GLU H 216 19.39 10.10 -57.68
N VAL H 217 19.61 9.47 -56.54
CA VAL H 217 20.72 8.54 -56.38
C VAL H 217 20.10 7.15 -56.24
N GLY H 218 20.45 6.27 -57.19
CA GLY H 218 19.75 5.02 -57.41
C GLY H 218 19.90 3.99 -56.30
N ARG H 219 19.22 2.86 -56.48
CA ARG H 219 19.25 1.78 -55.50
C ARG H 219 20.71 1.38 -55.15
N GLY H 220 21.04 1.41 -53.85
CA GLY H 220 22.32 0.93 -53.34
C GLY H 220 23.57 1.61 -53.90
N ALA H 221 23.51 2.92 -54.04
CA ALA H 221 24.68 3.68 -54.46
C ALA H 221 25.40 4.18 -53.21
N LYS H 222 26.61 4.72 -53.41
CA LYS H 222 27.39 5.30 -52.34
C LYS H 222 27.81 6.72 -52.73
N ILE H 223 27.62 7.68 -51.84
CA ILE H 223 28.10 9.04 -52.05
C ILE H 223 29.26 9.35 -51.10
N GLY H 224 30.43 9.63 -51.68
CA GLY H 224 31.62 9.88 -50.91
C GLY H 224 31.47 11.06 -49.98
N ALA H 225 32.06 10.97 -48.80
CA ALA H 225 32.07 12.12 -47.93
C ALA H 225 32.58 13.36 -48.68
N GLY H 226 31.96 14.50 -48.42
CA GLY H 226 32.43 15.78 -48.94
C GLY H 226 32.11 16.02 -50.40
N SER H 227 31.20 15.23 -50.96
CA SER H 227 30.85 15.35 -52.38
C SER H 227 29.64 16.25 -52.61
N VAL H 228 29.69 17.01 -53.70
CA VAL H 228 28.58 17.86 -54.10
C VAL H 228 27.96 17.23 -55.33
N VAL H 229 26.73 16.74 -55.20
CA VAL H 229 26.09 16.03 -56.30
C VAL H 229 25.03 16.91 -56.99
N LEU H 230 25.25 17.22 -58.27
CA LEU H 230 24.29 18.02 -59.03
C LEU H 230 23.56 17.16 -60.04
N GLN H 231 24.05 15.94 -60.26
CA GLN H 231 23.43 15.09 -61.25
C GLN H 231 23.04 13.73 -60.70
N SER H 232 21.95 13.21 -61.21
CA SER H 232 21.53 11.86 -60.89
C SER H 232 22.72 10.89 -60.91
N VAL H 233 22.75 10.03 -59.90
CA VAL H 233 23.78 9.02 -59.74
C VAL H 233 23.12 7.66 -59.98
N PRO H 234 23.63 6.90 -60.94
CA PRO H 234 22.92 5.65 -61.23
C PRO H 234 22.97 4.66 -60.06
N ALA H 235 21.99 3.77 -60.04
CA ALA H 235 21.96 2.70 -59.07
C ALA H 235 23.29 1.94 -59.02
N HIS H 236 23.60 1.42 -57.83
CA HIS H 236 24.82 0.65 -57.58
C HIS H 236 26.08 1.22 -58.21
N THR H 237 26.36 2.50 -57.97
CA THR H 237 27.66 3.04 -58.32
C THR H 237 28.15 3.92 -57.19
N THR H 238 29.33 4.50 -57.36
CA THR H 238 29.89 5.35 -56.33
C THR H 238 30.14 6.71 -56.97
N ALA H 239 30.01 7.76 -56.18
CA ALA H 239 30.14 9.10 -56.72
C ALA H 239 30.93 9.94 -55.77
N ALA H 240 31.95 10.62 -56.28
CA ALA H 240 32.67 11.60 -55.47
C ALA H 240 33.22 12.75 -56.32
N GLY H 241 33.72 13.77 -55.65
CA GLY H 241 34.27 14.93 -56.30
C GLY H 241 33.47 16.16 -55.91
N VAL H 242 34.03 17.33 -56.23
CA VAL H 242 33.34 18.60 -56.13
C VAL H 242 33.56 19.29 -57.47
N PRO H 243 32.62 19.13 -58.41
CA PRO H 243 31.40 18.32 -58.27
C PRO H 243 31.71 16.83 -58.36
N ALA H 244 30.75 16.01 -57.95
CA ALA H 244 30.91 14.55 -57.99
C ALA H 244 30.84 14.03 -59.41
N ARG H 245 31.37 12.84 -59.58
CA ARG H 245 31.48 12.18 -60.87
C ARG H 245 31.41 10.70 -60.57
N ILE H 246 30.86 9.90 -61.48
CA ILE H 246 30.79 8.47 -61.23
C ILE H 246 32.21 7.86 -61.26
N VAL H 247 32.63 7.35 -60.10
CA VAL H 247 34.02 6.99 -59.89
C VAL H 247 34.17 5.52 -59.52
N GLY H 248 33.12 4.73 -59.70
CA GLY H 248 33.24 3.31 -59.42
C GLY H 248 31.98 2.69 -58.89
N LYS H 249 32.11 1.49 -58.33
CA LYS H 249 30.97 0.69 -57.92
C LYS H 249 31.22 0.25 -56.49
N PRO H 250 30.16 0.22 -55.66
CA PRO H 250 30.34 -0.26 -54.28
C PRO H 250 30.65 -1.76 -54.17
N GLU H 251 31.39 -2.08 -53.12
CA GLU H 251 31.67 -3.44 -52.70
C GLU H 251 30.37 -4.22 -52.54
N SER H 252 29.50 -3.67 -51.70
CA SER H 252 28.28 -4.36 -51.29
C SER H 252 27.05 -3.87 -52.04
N ASP H 253 26.04 -4.72 -52.12
CA ASP H 253 24.78 -4.41 -52.79
C ASP H 253 24.00 -3.26 -52.09
N LYS H 254 23.86 -3.34 -50.77
CA LYS H 254 23.26 -2.24 -50.01
C LYS H 254 24.32 -1.54 -49.17
N PRO H 255 25.08 -0.62 -49.80
CA PRO H 255 26.14 0.16 -49.15
C PRO H 255 25.78 0.72 -47.78
N SER H 256 24.51 0.99 -47.51
CA SER H 256 24.11 1.57 -46.23
C SER H 256 24.32 0.62 -45.04
N LEU H 257 24.21 -0.68 -45.31
CA LEU H 257 24.40 -1.68 -44.26
C LEU H 257 25.83 -1.70 -43.71
N ASP H 258 26.81 -1.45 -44.58
CA ASP H 258 28.22 -1.77 -44.29
C ASP H 258 29.10 -0.57 -43.98
N MET H 259 28.61 0.63 -44.31
CA MET H 259 29.29 1.86 -43.94
C MET H 259 30.76 1.98 -44.33
N ASP H 260 31.15 1.28 -45.38
CA ASP H 260 32.49 1.40 -45.95
C ASP H 260 32.63 2.79 -46.57
N GLN H 261 33.59 3.57 -46.10
CA GLN H 261 33.73 4.97 -46.54
C GLN H 261 34.73 5.26 -47.67
N HIS H 262 35.15 4.26 -48.44
CA HIS H 262 36.23 4.44 -49.42
C HIS H 262 35.75 4.77 -50.83
N PHE H 263 36.39 5.74 -51.48
CA PHE H 263 36.13 5.95 -52.90
C PHE H 263 37.36 6.04 -53.81
N SER I 1 56.58 17.56 -25.25
CA SER I 1 55.28 17.71 -24.59
C SER I 1 55.18 19.06 -23.89
N ASN I 2 54.13 19.20 -23.10
CA ASN I 2 53.80 20.49 -22.52
C ASN I 2 53.41 20.42 -21.04
N ALA I 3 54.19 19.66 -20.27
CA ALA I 3 54.11 19.69 -18.82
C ALA I 3 54.24 21.12 -18.32
N MET I 4 53.56 21.40 -17.22
CA MET I 4 53.50 22.75 -16.69
C MET I 4 53.80 22.64 -15.21
N SER I 5 54.72 23.46 -14.71
CA SER I 5 55.06 23.39 -13.32
C SER I 5 53.92 24.03 -12.52
N SER I 6 53.83 23.70 -11.24
CA SER I 6 52.86 24.31 -10.35
C SER I 6 52.78 25.82 -10.49
N GLU I 7 53.95 26.44 -10.68
CA GLU I 7 54.06 27.90 -10.73
C GLU I 7 53.53 28.49 -12.01
N GLU I 8 53.69 27.77 -13.11
CA GLU I 8 53.15 28.22 -14.39
C GLU I 8 51.63 28.12 -14.35
N LEU I 9 51.11 27.06 -13.72
CA LEU I 9 49.67 26.87 -13.60
C LEU I 9 49.04 28.02 -12.82
N GLU I 10 49.66 28.39 -11.70
CA GLU I 10 49.17 29.53 -10.94
C GLU I 10 49.21 30.83 -11.73
N GLN I 11 50.19 30.97 -12.62
CA GLN I 11 50.36 32.22 -13.33
C GLN I 11 49.26 32.37 -14.34
N VAL I 12 49.00 31.29 -15.06
CA VAL I 12 47.89 31.28 -15.99
C VAL I 12 46.70 31.85 -15.23
N TRP I 13 46.47 31.32 -14.04
CA TRP I 13 45.27 31.66 -13.27
C TRP I 13 45.20 33.11 -12.77
N SER I 14 46.30 33.64 -12.26
CA SER I 14 46.29 35.02 -11.77
C SER I 14 45.96 35.94 -12.92
N ASN I 15 46.60 35.70 -14.05
CA ASN I 15 46.32 36.45 -15.25
C ASN I 15 44.83 36.47 -15.59
N ILE I 16 44.20 35.31 -15.48
CA ILE I 16 42.75 35.22 -15.70
C ILE I 16 42.00 36.11 -14.70
N LYS I 17 42.32 35.95 -13.42
CA LYS I 17 41.68 36.72 -12.36
C LYS I 17 41.88 38.22 -12.50
N SER I 18 42.98 38.61 -13.14
CA SER I 18 43.26 40.03 -13.33
C SER I 18 42.33 40.56 -14.43
N GLU I 19 42.15 39.75 -15.48
CA GLU I 19 41.22 40.10 -16.54
C GLU I 19 39.82 40.21 -15.95
N ALA I 20 39.45 39.20 -15.16
CA ALA I 20 38.11 39.14 -14.58
C ALA I 20 37.75 40.47 -13.92
N ARG I 21 38.71 41.05 -13.21
CA ARG I 21 38.46 42.28 -12.46
C ARG I 21 38.23 43.48 -13.34
N ALA I 22 38.90 43.51 -14.49
CA ALA I 22 38.68 44.57 -15.44
C ALA I 22 37.33 44.39 -16.11
N LEU I 23 37.01 43.14 -16.45
CA LEU I 23 35.73 42.80 -17.04
C LEU I 23 34.54 43.30 -16.20
N ALA I 24 34.53 42.93 -14.92
CA ALA I 24 33.41 43.26 -14.05
C ALA I 24 33.24 44.74 -13.78
N GLU I 25 34.32 45.51 -13.85
CA GLU I 25 34.23 46.96 -13.68
C GLU I 25 33.75 47.69 -14.93
N CYS I 26 33.85 47.05 -16.08
CA CYS I 26 33.44 47.68 -17.33
C CYS I 26 32.07 47.22 -17.83
N GLU I 27 31.58 46.10 -17.31
CA GLU I 27 30.27 45.58 -17.70
C GLU I 27 29.36 45.17 -16.52
N PRO I 28 28.68 46.15 -15.91
CA PRO I 28 27.94 45.91 -14.66
C PRO I 28 26.93 44.76 -14.78
N MET I 29 26.43 44.55 -15.99
N MET I 29 26.43 44.55 -16.00
CA MET I 29 25.44 43.50 -16.20
CA MET I 29 25.44 43.51 -16.25
C MET I 29 26.05 42.10 -16.12
C MET I 29 26.05 42.11 -16.13
N LEU I 30 27.36 42.00 -16.29
CA LEU I 30 28.04 40.71 -16.20
C LEU I 30 28.95 40.55 -14.96
N ALA I 31 29.07 41.59 -14.15
CA ALA I 31 29.94 41.56 -12.97
C ALA I 31 29.73 40.34 -12.06
N SER I 32 28.55 40.22 -11.47
CA SER I 32 28.24 39.06 -10.63
C SER I 32 28.57 37.74 -11.29
N PHE I 33 28.44 37.68 -12.62
CA PHE I 33 28.80 36.47 -13.38
C PHE I 33 30.33 36.21 -13.39
N PHE I 34 31.12 37.27 -13.58
CA PHE I 34 32.57 37.20 -13.48
C PHE I 34 32.98 36.89 -12.05
N HIS I 35 32.28 37.50 -11.10
CA HIS I 35 32.59 37.31 -9.70
C HIS I 35 32.40 35.87 -9.28
N ALA I 36 31.30 35.26 -9.71
CA ALA I 36 30.98 33.89 -9.28
C ALA I 36 31.78 32.83 -10.04
N THR I 37 32.07 33.09 -11.29
CA THR I 37 32.79 32.09 -12.07
C THR I 37 34.32 32.19 -11.92
N LEU I 38 34.83 33.39 -11.67
CA LEU I 38 36.27 33.61 -11.65
C LEU I 38 36.75 34.27 -10.36
N LEU I 39 36.27 35.47 -10.09
CA LEU I 39 36.84 36.26 -9.00
C LEU I 39 36.78 35.55 -7.64
N LYS I 40 35.89 34.58 -7.53
CA LYS I 40 35.62 33.88 -6.29
C LYS I 40 36.52 32.66 -6.13
N HIS I 41 37.04 32.14 -7.24
CA HIS I 41 37.80 30.91 -7.19
C HIS I 41 39.30 31.13 -7.02
N GLU I 42 39.96 30.13 -6.44
CA GLU I 42 41.38 30.20 -6.07
C GLU I 42 42.29 29.54 -7.09
N ASN I 43 41.70 28.75 -7.98
CA ASN I 43 42.46 28.10 -9.02
C ASN I 43 41.60 27.71 -10.25
N LEU I 44 42.28 27.53 -11.37
CA LEU I 44 41.64 27.19 -12.62
C LEU I 44 40.63 26.04 -12.42
N GLY I 45 41.08 24.96 -11.81
CA GLY I 45 40.24 23.79 -11.63
C GLY I 45 38.91 24.12 -10.99
N SER I 46 38.90 25.09 -10.08
CA SER I 46 37.68 25.50 -9.39
C SER I 46 36.78 26.30 -10.31
N ALA I 47 37.38 27.21 -11.05
CA ALA I 47 36.68 27.98 -12.06
C ALA I 47 36.07 27.06 -13.12
N LEU I 48 36.86 26.10 -13.58
CA LEU I 48 36.44 25.18 -14.63
C LEU I 48 35.26 24.29 -14.20
N SER I 49 35.26 23.83 -12.95
CA SER I 49 34.14 23.05 -12.43
C SER I 49 32.85 23.84 -12.56
N TYR I 50 32.84 24.98 -11.88
CA TYR I 50 31.74 25.92 -11.95
C TYR I 50 31.22 26.01 -13.37
N ILE I 51 32.11 26.43 -14.27
CA ILE I 51 31.78 26.72 -15.66
C ILE I 51 31.27 25.49 -16.43
N LEU I 52 31.97 24.37 -16.33
CA LEU I 52 31.49 23.17 -17.02
C LEU I 52 30.20 22.65 -16.44
N ALA I 53 30.02 22.82 -15.14
CA ALA I 53 28.76 22.42 -14.51
C ALA I 53 27.58 23.22 -15.05
N ASN I 54 27.74 24.54 -15.12
CA ASN I 54 26.67 25.38 -15.66
C ASN I 54 26.42 25.06 -17.13
N LYS I 55 27.48 24.96 -17.92
CA LYS I 55 27.34 24.68 -19.35
C LYS I 55 26.62 23.36 -19.61
N LEU I 56 26.89 22.34 -18.81
CA LEU I 56 26.34 21.01 -19.05
C LEU I 56 25.04 20.71 -18.29
N ALA I 57 24.54 21.66 -17.52
CA ALA I 57 23.32 21.45 -16.73
C ALA I 57 22.12 20.97 -17.56
N ASN I 58 21.18 20.33 -16.87
CA ASN I 58 20.04 19.72 -17.54
C ASN I 58 19.13 19.04 -16.52
N PRO I 59 17.81 19.15 -16.70
CA PRO I 59 16.84 18.43 -15.87
C PRO I 59 17.34 17.07 -15.36
N ILE I 60 17.76 16.19 -16.26
CA ILE I 60 18.19 14.85 -15.84
C ILE I 60 19.31 14.87 -14.78
N MET I 61 20.08 15.95 -14.75
CA MET I 61 21.18 16.10 -13.80
C MET I 61 21.58 17.56 -13.68
N PRO I 62 21.25 18.20 -12.56
CA PRO I 62 21.53 19.65 -12.55
C PRO I 62 23.03 19.99 -12.38
N ALA I 63 23.34 21.27 -12.55
CA ALA I 63 24.71 21.76 -12.48
C ALA I 63 25.38 21.45 -11.15
N ILE I 64 24.64 21.65 -10.06
CA ILE I 64 25.18 21.45 -8.73
C ILE I 64 25.68 20.00 -8.60
N ALA I 65 25.08 19.11 -9.38
CA ALA I 65 25.41 17.68 -9.32
C ALA I 65 26.46 17.31 -10.35
N ILE I 66 26.47 18.00 -11.47
CA ILE I 66 27.49 17.78 -12.47
C ILE I 66 28.82 18.27 -11.92
N ARG I 67 28.77 19.33 -11.12
CA ARG I 67 30.00 19.87 -10.55
C ARG I 67 30.71 18.81 -9.73
N GLU I 68 29.97 18.09 -8.88
CA GLU I 68 30.55 17.00 -8.09
C GLU I 68 31.32 15.95 -8.92
N VAL I 69 30.72 15.45 -10.00
CA VAL I 69 31.42 14.51 -10.87
C VAL I 69 32.67 15.14 -11.46
N VAL I 70 32.57 16.40 -11.84
CA VAL I 70 33.74 17.11 -12.35
C VAL I 70 34.86 17.28 -11.31
N GLU I 71 34.51 17.55 -10.07
CA GLU I 71 35.48 17.88 -9.05
C GLU I 71 36.24 16.62 -8.63
N GLU I 72 35.56 15.48 -8.72
CA GLU I 72 36.12 14.19 -8.39
C GLU I 72 37.13 13.77 -9.44
N ALA I 73 36.76 13.92 -10.70
CA ALA I 73 37.68 13.64 -11.79
C ALA I 73 38.97 14.43 -11.62
N TYR I 74 38.86 15.70 -11.26
CA TYR I 74 40.03 16.55 -11.11
C TYR I 74 40.82 16.11 -9.89
N ARG I 75 40.12 15.56 -8.93
CA ARG I 75 40.73 15.05 -7.72
C ARG I 75 41.56 13.81 -8.08
N SER I 76 41.05 13.02 -9.02
CA SER I 76 41.71 11.77 -9.43
C SER I 76 42.85 11.97 -10.44
N ASP I 77 42.75 13.00 -11.27
CA ASP I 77 43.76 13.29 -12.29
C ASP I 77 43.93 14.80 -12.49
N ALA I 78 44.78 15.38 -11.67
CA ALA I 78 44.95 16.83 -11.66
C ALA I 78 45.59 17.32 -12.96
N HIS I 79 46.12 16.40 -13.75
CA HIS I 79 46.76 16.78 -14.99
C HIS I 79 45.73 17.28 -16.00
N MET I 80 44.46 17.08 -15.68
CA MET I 80 43.39 17.56 -16.54
C MET I 80 43.33 19.10 -16.45
N ILE I 81 43.78 19.65 -15.34
CA ILE I 81 43.79 21.10 -15.23
C ILE I 81 44.95 21.69 -16.02
N VAL I 82 46.06 20.94 -16.06
CA VAL I 82 47.22 21.32 -16.87
C VAL I 82 46.83 21.34 -18.33
N SER I 83 46.17 20.28 -18.77
CA SER I 83 45.74 20.19 -20.16
C SER I 83 44.82 21.37 -20.59
N ALA I 84 43.86 21.71 -19.73
CA ALA I 84 42.96 22.84 -19.98
C ALA I 84 43.71 24.17 -19.96
N ALA I 85 44.75 24.25 -19.13
CA ALA I 85 45.61 25.44 -19.14
C ALA I 85 46.32 25.52 -20.49
N ARG I 86 46.83 24.39 -20.97
CA ARG I 86 47.50 24.39 -22.25
C ARG I 86 46.50 24.75 -23.35
N ASP I 87 45.27 24.28 -23.18
CA ASP I 87 44.21 24.61 -24.13
C ASP I 87 43.87 26.11 -24.18
N ILE I 88 43.73 26.74 -23.02
CA ILE I 88 43.59 28.18 -22.93
C ILE I 88 44.77 28.91 -23.60
N LEU I 89 45.99 28.58 -23.19
CA LEU I 89 47.18 29.17 -23.82
C LEU I 89 47.19 29.05 -25.35
N ALA I 90 46.86 27.85 -25.85
CA ALA I 90 46.77 27.60 -27.28
C ALA I 90 45.83 28.60 -27.97
N VAL I 91 44.59 28.67 -27.49
CA VAL I 91 43.58 29.56 -28.08
C VAL I 91 44.03 31.02 -28.08
N ARG I 92 44.59 31.49 -26.98
CA ARG I 92 45.07 32.86 -26.93
C ARG I 92 46.12 33.17 -28.01
N LEU I 93 46.96 32.19 -28.32
CA LEU I 93 48.08 32.41 -29.23
C LEU I 93 47.76 32.18 -30.69
N ARG I 94 46.94 31.18 -30.98
CA ARG I 94 46.61 30.87 -32.36
C ARG I 94 45.47 31.71 -32.94
N ASP I 95 44.46 32.02 -32.11
CA ASP I 95 43.28 32.80 -32.55
C ASP I 95 43.51 34.30 -32.41
N PRO I 96 43.63 35.00 -33.55
CA PRO I 96 43.74 36.46 -33.62
C PRO I 96 42.53 37.18 -33.02
N ALA I 97 41.38 36.50 -33.00
CA ALA I 97 40.17 37.06 -32.43
C ALA I 97 40.13 37.00 -30.89
N VAL I 98 40.81 36.02 -30.31
CA VAL I 98 40.86 35.91 -28.86
C VAL I 98 42.01 36.73 -28.27
N ASP I 99 41.71 37.55 -27.27
CA ASP I 99 42.72 38.48 -26.78
C ASP I 99 42.75 38.52 -25.27
N LYS I 100 42.04 37.59 -24.65
CA LYS I 100 42.09 37.42 -23.21
C LYS I 100 42.14 35.93 -22.90
N TYR I 101 42.89 35.55 -21.87
CA TYR I 101 42.91 34.15 -21.41
C TYR I 101 41.53 33.67 -20.92
N SER I 102 40.75 34.58 -20.35
CA SER I 102 39.45 34.20 -19.80
C SER I 102 38.44 33.81 -20.89
N THR I 103 38.68 34.25 -22.12
CA THR I 103 37.66 34.14 -23.16
C THR I 103 37.28 32.70 -23.55
N PRO I 104 38.29 31.85 -23.78
CA PRO I 104 38.09 30.40 -23.95
C PRO I 104 37.35 29.79 -22.76
N LEU I 105 37.87 30.04 -21.57
CA LEU I 105 37.32 29.46 -20.36
C LEU I 105 35.84 29.86 -20.15
N LEU I 106 35.55 31.14 -20.34
CA LEU I 106 34.18 31.62 -20.19
C LEU I 106 33.27 31.18 -21.32
N TYR I 107 33.68 31.50 -22.55
CA TYR I 107 32.71 31.60 -23.64
C TYR I 107 32.85 30.57 -24.74
N LEU I 108 34.07 30.13 -25.02
CA LEU I 108 34.29 29.42 -26.27
C LEU I 108 33.84 27.96 -26.19
N LYS I 109 32.68 27.66 -26.79
CA LYS I 109 32.13 26.31 -26.75
C LYS I 109 33.10 25.20 -27.22
N GLY I 110 34.10 25.55 -27.99
CA GLY I 110 35.04 24.56 -28.50
C GLY I 110 35.97 24.15 -27.38
N PHE I 111 36.41 25.12 -26.58
CA PHE I 111 37.13 24.85 -25.35
C PHE I 111 36.33 23.96 -24.41
N HIS I 112 35.08 24.34 -24.17
CA HIS I 112 34.21 23.63 -23.23
C HIS I 112 33.96 22.18 -23.64
N ALA I 113 33.71 21.96 -24.92
CA ALA I 113 33.49 20.59 -25.40
C ALA I 113 34.73 19.72 -25.22
N LEU I 114 35.90 20.32 -25.41
CA LEU I 114 37.15 19.60 -25.25
C LEU I 114 37.34 19.13 -23.79
N GLN I 115 37.19 20.06 -22.86
CA GLN I 115 37.34 19.74 -21.45
C GLN I 115 36.26 18.76 -20.98
N ALA I 116 35.07 18.87 -21.56
CA ALA I 116 33.99 17.94 -21.21
C ALA I 116 34.33 16.53 -21.70
N TYR I 117 34.93 16.44 -22.87
CA TYR I 117 35.33 15.15 -23.39
C TYR I 117 36.27 14.52 -22.39
N ARG I 118 37.13 15.34 -21.80
CA ARG I 118 38.12 14.85 -20.84
C ARG I 118 37.45 14.17 -19.63
N ILE I 119 36.36 14.76 -19.11
CA ILE I 119 35.65 14.11 -18.02
C ILE I 119 35.06 12.80 -18.51
N GLY I 120 34.44 12.82 -19.68
CA GLY I 120 33.97 11.58 -20.29
C GLY I 120 35.06 10.51 -20.39
N HIS I 121 36.24 10.94 -20.80
CA HIS I 121 37.38 10.06 -20.99
C HIS I 121 37.76 9.38 -19.67
N TRP I 122 37.87 10.19 -18.62
CA TRP I 122 38.14 9.72 -17.26
C TRP I 122 37.11 8.68 -16.79
N LEU I 123 35.83 9.00 -16.95
CA LEU I 123 34.75 8.08 -16.57
C LEU I 123 34.81 6.78 -17.36
N TRP I 124 35.10 6.91 -18.65
CA TRP I 124 35.22 5.74 -19.51
C TRP I 124 36.21 4.76 -18.90
N ALA I 125 37.30 5.32 -18.38
CA ALA I 125 38.41 4.55 -17.83
C ALA I 125 38.10 4.01 -16.43
N GLN I 126 37.15 4.65 -15.73
CA GLN I 126 36.73 4.12 -14.43
C GLN I 126 35.66 3.06 -14.62
N ASP I 127 35.53 2.58 -15.85
CA ASP I 127 34.43 1.67 -16.22
C ASP I 127 33.04 2.30 -16.00
N ARG I 128 32.99 3.61 -15.83
CA ARG I 128 31.72 4.32 -15.67
C ARG I 128 31.21 4.82 -17.03
N LYS I 129 31.01 3.86 -17.94
CA LYS I 129 30.78 4.16 -19.34
C LYS I 129 29.43 4.79 -19.59
N ALA I 130 28.39 4.20 -19.03
CA ALA I 130 27.04 4.75 -19.15
C ALA I 130 27.10 6.26 -19.00
N LEU I 131 27.70 6.73 -17.90
CA LEU I 131 27.78 8.16 -17.65
C LEU I 131 28.53 8.94 -18.73
N ALA I 132 29.56 8.33 -19.31
CA ALA I 132 30.34 8.95 -20.38
C ALA I 132 29.53 9.10 -21.67
N ILE I 133 28.71 8.10 -21.96
CA ILE I 133 27.82 8.11 -23.11
C ILE I 133 26.78 9.21 -22.95
N TYR I 134 26.30 9.37 -21.72
CA TYR I 134 25.36 10.42 -21.38
C TYR I 134 25.96 11.82 -21.62
N LEU I 135 27.15 12.04 -21.07
CA LEU I 135 27.81 13.33 -21.25
C LEU I 135 28.18 13.61 -22.72
N GLN I 136 28.60 12.56 -23.43
CA GLN I 136 29.03 12.71 -24.81
C GLN I 136 27.89 13.33 -25.61
N ASN I 137 26.72 12.73 -25.49
CA ASN I 137 25.58 13.14 -26.28
C ASN I 137 24.94 14.46 -25.83
N GLN I 138 25.18 14.84 -24.58
CA GLN I 138 24.69 16.12 -24.06
C GLN I 138 25.56 17.26 -24.56
N VAL I 139 26.81 16.94 -24.88
CA VAL I 139 27.77 17.93 -25.35
C VAL I 139 27.50 18.16 -26.82
N SER I 140 27.07 17.10 -27.50
CA SER I 140 26.68 17.19 -28.90
C SER I 140 25.45 18.10 -29.03
N VAL I 141 24.38 17.76 -28.32
CA VAL I 141 23.20 18.62 -28.26
C VAL I 141 23.54 20.09 -27.92
N ALA I 142 24.08 20.34 -26.72
CA ALA I 142 24.38 21.71 -26.30
C ALA I 142 25.36 22.47 -27.20
N PHE I 143 26.38 21.79 -27.71
CA PHE I 143 27.46 22.50 -28.39
C PHE I 143 27.64 22.17 -29.87
N GLY I 144 27.07 21.06 -30.33
CA GLY I 144 27.25 20.60 -31.70
C GLY I 144 28.63 19.95 -31.92
N VAL I 145 29.27 19.57 -30.82
CA VAL I 145 30.55 18.87 -30.87
C VAL I 145 30.38 17.45 -30.37
N ASP I 146 30.70 16.48 -31.23
CA ASP I 146 30.49 15.08 -30.89
C ASP I 146 31.80 14.30 -30.74
N ILE I 147 32.31 14.23 -29.51
CA ILE I 147 33.54 13.50 -29.21
C ILE I 147 33.29 12.26 -28.34
N HIS I 148 33.54 11.08 -28.91
CA HIS I 148 33.42 9.83 -28.15
C HIS I 148 34.43 9.79 -27.01
N PRO I 149 34.00 9.34 -25.81
CA PRO I 149 34.89 9.29 -24.63
C PRO I 149 36.17 8.41 -24.76
N ALA I 150 36.17 7.38 -25.60
CA ALA I 150 37.35 6.50 -25.77
C ALA I 150 38.44 7.08 -26.67
N ALA I 151 38.11 8.15 -27.38
CA ALA I 151 39.13 8.85 -28.14
C ALA I 151 40.24 9.26 -27.18
N THR I 152 41.45 9.43 -27.71
CA THR I 152 42.60 9.80 -26.90
C THR I 152 43.16 11.15 -27.33
N ILE I 153 42.93 12.17 -26.52
CA ILE I 153 43.18 13.52 -26.99
C ILE I 153 44.11 14.34 -26.10
N GLY I 154 45.20 14.78 -26.69
CA GLY I 154 46.19 15.57 -26.00
C GLY I 154 45.66 16.90 -25.52
N CYS I 155 46.59 17.74 -25.05
CA CYS I 155 46.28 19.12 -24.74
C CYS I 155 47.12 20.02 -25.62
N GLY I 156 46.97 21.33 -25.42
CA GLY I 156 47.52 22.31 -26.34
C GLY I 156 46.69 22.36 -27.62
N ILE I 157 45.41 22.07 -27.47
CA ILE I 157 44.56 21.82 -28.63
C ILE I 157 43.50 22.91 -28.79
N MET I 158 43.41 23.48 -29.99
CA MET I 158 42.40 24.50 -30.30
C MET I 158 41.31 23.94 -31.22
N LEU I 159 40.06 24.05 -30.79
CA LEU I 159 38.92 23.83 -31.69
C LEU I 159 38.23 25.17 -31.91
N ASP I 160 38.67 25.92 -32.91
CA ASP I 160 38.09 27.23 -33.23
C ASP I 160 36.69 27.04 -33.83
N HIS I 161 35.72 27.82 -33.31
CA HIS I 161 34.29 27.77 -33.71
C HIS I 161 33.57 26.46 -33.37
N ALA I 162 34.16 25.36 -33.79
CA ALA I 162 33.85 24.03 -33.26
C ALA I 162 32.55 23.39 -33.75
N THR I 163 31.52 24.19 -34.01
CA THR I 163 30.27 23.60 -34.48
C THR I 163 30.56 22.50 -35.50
N GLY I 164 30.03 21.30 -35.29
CA GLY I 164 30.11 20.26 -36.30
C GLY I 164 31.25 19.25 -36.19
N ILE I 165 32.25 19.54 -35.35
CA ILE I 165 33.37 18.60 -35.16
C ILE I 165 32.86 17.24 -34.70
N VAL I 166 33.31 16.20 -35.39
CA VAL I 166 33.00 14.83 -34.99
C VAL I 166 34.31 14.07 -34.77
N ILE I 167 34.48 13.49 -33.58
CA ILE I 167 35.68 12.68 -33.26
C ILE I 167 35.28 11.36 -32.61
N GLY I 168 35.50 10.26 -33.33
CA GLY I 168 35.06 8.94 -32.93
C GLY I 168 35.98 8.13 -32.01
N GLU I 169 35.47 6.96 -31.63
CA GLU I 169 35.99 6.09 -30.57
C GLU I 169 37.48 5.73 -30.62
N THR I 170 37.96 5.30 -31.77
CA THR I 170 39.35 4.85 -31.90
C THR I 170 40.28 5.90 -32.51
N ALA I 171 40.20 7.14 -32.04
CA ALA I 171 40.97 8.21 -32.66
C ALA I 171 42.00 8.74 -31.69
N VAL I 172 43.12 9.22 -32.23
CA VAL I 172 44.15 9.80 -31.39
C VAL I 172 44.47 11.18 -31.94
N VAL I 173 44.47 12.19 -31.08
CA VAL I 173 44.91 13.54 -31.44
C VAL I 173 46.04 13.99 -30.50
N GLU I 174 47.25 14.15 -31.03
CA GLU I 174 48.38 14.46 -30.15
C GLU I 174 48.40 15.91 -29.69
N ASN I 175 49.41 16.29 -28.92
CA ASN I 175 49.50 17.68 -28.45
C ASN I 175 49.61 18.71 -29.57
N ASP I 176 49.32 19.96 -29.25
CA ASP I 176 49.64 21.06 -30.14
C ASP I 176 49.00 20.90 -31.54
N VAL I 177 47.68 20.75 -31.56
CA VAL I 177 46.93 20.58 -32.79
C VAL I 177 45.79 21.61 -32.86
N SER I 178 45.61 22.25 -34.01
CA SER I 178 44.49 23.17 -34.20
C SER I 178 43.47 22.64 -35.20
N ILE I 179 42.21 22.73 -34.83
CA ILE I 179 41.13 22.14 -35.60
C ILE I 179 39.95 23.09 -35.70
N LEU I 180 39.48 23.37 -36.91
CA LEU I 180 38.36 24.28 -37.11
C LEU I 180 36.99 23.60 -37.19
N GLN I 181 35.97 24.44 -37.38
CA GLN I 181 34.57 24.01 -37.42
C GLN I 181 34.30 22.94 -38.45
N SER I 182 33.37 22.06 -38.11
CA SER I 182 32.97 20.91 -38.93
C SER I 182 34.07 19.98 -39.51
N VAL I 183 35.11 19.69 -38.74
CA VAL I 183 36.01 18.63 -39.21
C VAL I 183 35.62 17.31 -38.57
N THR I 184 35.70 16.24 -39.36
CA THR I 184 35.32 14.91 -38.91
C THR I 184 36.54 13.99 -38.85
N LEU I 185 36.88 13.51 -37.66
CA LEU I 185 37.90 12.46 -37.53
C LEU I 185 37.16 11.16 -37.36
N GLY I 186 36.62 10.64 -38.46
CA GLY I 186 35.58 9.64 -38.40
C GLY I 186 35.97 8.24 -38.80
N GLY I 187 35.04 7.32 -38.59
CA GLY I 187 35.27 5.91 -38.79
C GLY I 187 34.91 5.39 -40.18
N THR I 188 34.97 4.08 -40.34
CA THR I 188 34.56 3.42 -41.57
C THR I 188 34.25 1.97 -41.22
N GLY I 189 33.29 1.38 -41.92
CA GLY I 189 32.85 0.03 -41.60
C GLY I 189 31.87 -0.10 -40.44
N LYS I 190 31.30 -1.29 -40.29
CA LYS I 190 30.27 -1.53 -39.29
C LYS I 190 30.79 -2.38 -38.14
N THR I 191 32.12 -2.44 -38.00
CA THR I 191 32.75 -3.33 -37.05
C THR I 191 33.69 -2.57 -36.15
N SER I 192 33.75 -2.97 -34.89
CA SER I 192 34.66 -2.31 -33.95
C SER I 192 36.09 -2.68 -34.29
N GLY I 193 37.03 -1.92 -33.76
CA GLY I 193 38.42 -2.08 -34.15
C GLY I 193 39.00 -0.73 -34.48
N ASP I 194 40.29 -0.71 -34.78
CA ASP I 194 40.94 0.52 -35.15
C ASP I 194 40.39 0.97 -36.49
N ARG I 195 39.97 2.23 -36.56
CA ARG I 195 39.25 2.72 -37.72
C ARG I 195 39.12 4.23 -37.69
N HIS I 196 39.82 4.89 -36.77
CA HIS I 196 39.73 6.34 -36.70
C HIS I 196 41.12 6.92 -36.88
N PRO I 197 41.19 8.16 -37.40
CA PRO I 197 42.45 8.82 -37.71
C PRO I 197 43.37 9.03 -36.51
N LYS I 198 44.68 8.99 -36.80
CA LYS I 198 45.72 9.26 -35.82
C LYS I 198 46.39 10.58 -36.17
N ILE I 199 46.08 11.64 -35.45
CA ILE I 199 46.65 12.95 -35.76
C ILE I 199 47.87 13.26 -34.90
N ARG I 200 49.04 13.33 -35.54
CA ARG I 200 50.28 13.59 -34.82
C ARG I 200 50.51 15.09 -34.54
N GLU I 201 51.48 15.36 -33.68
CA GLU I 201 51.73 16.69 -33.17
C GLU I 201 51.94 17.76 -34.24
N GLY I 202 51.45 18.97 -33.97
CA GLY I 202 51.72 20.11 -34.82
C GLY I 202 50.80 20.31 -36.00
N VAL I 203 49.84 19.41 -36.15
CA VAL I 203 48.90 19.40 -37.28
C VAL I 203 47.78 20.48 -37.27
N MET I 204 47.50 21.01 -38.45
CA MET I 204 46.43 21.97 -38.66
C MET I 204 45.40 21.35 -39.58
N ILE I 205 44.13 21.41 -39.20
CA ILE I 205 43.06 20.91 -40.05
C ILE I 205 42.03 22.02 -40.29
N GLY I 206 41.97 22.49 -41.54
CA GLY I 206 41.09 23.58 -41.91
C GLY I 206 39.60 23.26 -41.83
N ALA I 207 38.78 24.32 -41.72
CA ALA I 207 37.33 24.17 -41.64
C ALA I 207 36.74 23.12 -42.59
N GLY I 208 35.90 22.26 -42.06
CA GLY I 208 35.15 21.30 -42.87
C GLY I 208 35.88 20.09 -43.45
N ALA I 209 37.05 19.75 -42.91
CA ALA I 209 37.79 18.57 -43.39
C ALA I 209 37.17 17.24 -42.90
N LYS I 210 37.22 16.22 -43.75
CA LYS I 210 36.79 14.87 -43.39
C LYS I 210 37.98 13.89 -43.47
N ILE I 211 38.45 13.41 -42.33
CA ILE I 211 39.58 12.50 -42.27
C ILE I 211 39.09 11.13 -41.81
N LEU I 212 39.24 10.13 -42.68
CA LEU I 212 38.46 8.91 -42.52
C LEU I 212 39.23 7.61 -42.41
N GLY I 213 38.91 6.86 -41.36
CA GLY I 213 39.52 5.56 -41.17
C GLY I 213 40.77 5.62 -40.32
N ASN I 214 41.37 4.46 -40.15
CA ASN I 214 42.58 4.30 -39.34
C ASN I 214 43.82 4.68 -40.17
N ILE I 215 44.11 5.98 -40.20
CA ILE I 215 45.15 6.55 -41.04
C ILE I 215 45.90 7.59 -40.26
N GLU I 216 47.20 7.70 -40.51
CA GLU I 216 48.01 8.66 -39.79
C GLU I 216 48.06 9.98 -40.52
N VAL I 217 48.00 11.08 -39.77
CA VAL I 217 48.43 12.37 -40.29
C VAL I 217 49.72 12.78 -39.59
N GLY I 218 50.80 12.70 -40.34
CA GLY I 218 52.14 12.89 -39.80
C GLY I 218 52.32 14.25 -39.17
N ARG I 219 53.33 14.34 -38.31
CA ARG I 219 53.57 15.55 -37.56
C ARG I 219 53.92 16.78 -38.43
N GLY I 220 53.44 17.95 -38.03
CA GLY I 220 53.68 19.16 -38.79
C GLY I 220 52.95 19.23 -40.13
N ALA I 221 51.97 18.35 -40.37
CA ALA I 221 51.24 18.39 -41.62
C ALA I 221 50.04 19.34 -41.57
N LYS I 222 49.51 19.64 -42.74
CA LYS I 222 48.43 20.59 -42.86
C LYS I 222 47.42 19.94 -43.75
N ILE I 223 46.20 19.81 -43.22
CA ILE I 223 45.04 19.42 -44.03
C ILE I 223 44.22 20.66 -44.40
N GLY I 224 43.94 20.79 -45.70
CA GLY I 224 43.26 21.94 -46.26
C GLY I 224 41.77 21.93 -46.01
N ALA I 225 41.19 23.12 -45.85
CA ALA I 225 39.77 23.25 -45.56
C ALA I 225 39.00 22.46 -46.60
N GLY I 226 37.86 21.91 -46.18
CA GLY I 226 36.96 21.20 -47.07
C GLY I 226 37.55 20.01 -47.80
N SER I 227 38.52 19.35 -47.19
CA SER I 227 39.17 18.24 -47.87
C SER I 227 38.80 16.88 -47.28
N VAL I 228 38.91 15.83 -48.10
CA VAL I 228 38.56 14.48 -47.69
C VAL I 228 39.79 13.59 -47.78
N VAL I 229 40.33 13.20 -46.63
CA VAL I 229 41.59 12.46 -46.56
C VAL I 229 41.26 11.00 -46.32
N LEU I 230 41.69 10.13 -47.24
CA LEU I 230 41.38 8.71 -47.13
C LEU I 230 42.63 7.83 -46.93
N GLN I 231 43.79 8.48 -46.96
CA GLN I 231 45.06 7.78 -46.77
C GLN I 231 45.98 8.62 -45.90
N SER I 232 47.08 8.01 -45.46
CA SER I 232 48.01 8.68 -44.54
C SER I 232 48.79 9.84 -45.18
N VAL I 233 48.89 10.93 -44.44
CA VAL I 233 49.55 12.14 -44.92
C VAL I 233 50.88 12.29 -44.17
N PRO I 234 51.98 12.38 -44.92
CA PRO I 234 53.32 12.41 -44.26
C PRO I 234 53.57 13.69 -43.45
N ALA I 235 54.39 13.58 -42.43
CA ALA I 235 54.78 14.75 -41.64
C ALA I 235 55.11 15.93 -42.55
N HIS I 236 54.86 17.15 -42.07
CA HIS I 236 55.32 18.38 -42.75
C HIS I 236 55.01 18.40 -44.24
N THR I 237 53.83 17.89 -44.56
CA THR I 237 53.32 17.80 -45.90
C THR I 237 51.93 18.45 -45.94
N THR I 238 51.58 19.12 -47.04
CA THR I 238 50.25 19.69 -47.17
C THR I 238 49.36 18.81 -48.03
N ALA I 239 48.17 18.50 -47.51
CA ALA I 239 47.23 17.66 -48.24
C ALA I 239 45.88 18.38 -48.39
N ALA I 240 45.37 18.45 -49.62
CA ALA I 240 44.11 19.12 -49.91
C ALA I 240 43.39 18.43 -51.05
N GLY I 241 42.07 18.62 -51.12
CA GLY I 241 41.27 18.12 -52.23
C GLY I 241 40.24 17.05 -51.89
N VAL I 242 39.47 16.64 -52.89
CA VAL I 242 38.48 15.58 -52.70
C VAL I 242 38.59 14.51 -53.80
N PRO I 243 39.34 13.43 -53.56
CA PRO I 243 40.05 13.10 -52.31
C PRO I 243 41.30 13.96 -52.15
N ALA I 244 41.79 14.09 -50.94
CA ALA I 244 43.01 14.83 -50.71
C ALA I 244 44.23 14.16 -51.36
N ARG I 245 45.13 14.98 -51.86
CA ARG I 245 46.37 14.50 -52.37
C ARG I 245 47.39 15.46 -51.80
N ILE I 246 48.64 15.03 -51.65
CA ILE I 246 49.68 15.91 -51.15
C ILE I 246 49.89 17.02 -52.17
N VAL I 247 49.84 18.27 -51.72
CA VAL I 247 49.86 19.39 -52.68
C VAL I 247 50.91 20.46 -52.38
N GLY I 248 51.89 20.11 -51.56
CA GLY I 248 52.96 21.03 -51.26
C GLY I 248 53.44 20.78 -49.86
N LYS I 249 54.15 21.76 -49.31
CA LYS I 249 54.68 21.70 -47.95
C LYS I 249 54.37 22.99 -47.19
N PRO I 250 53.98 22.86 -45.92
CA PRO I 250 53.62 24.03 -45.12
C PRO I 250 54.73 25.08 -45.02
N GLU I 251 54.36 26.32 -44.72
CA GLU I 251 55.32 27.39 -44.48
C GLU I 251 56.14 27.13 -43.21
N SER I 252 55.57 26.39 -42.28
CA SER I 252 56.22 26.19 -40.99
C SER I 252 56.26 24.72 -40.56
N ASP I 253 56.95 24.48 -39.46
CA ASP I 253 57.15 23.14 -38.91
C ASP I 253 55.91 22.63 -38.18
N LYS I 254 55.35 23.50 -37.34
CA LYS I 254 54.09 23.20 -36.66
C LYS I 254 53.01 24.18 -37.14
N PRO I 255 52.30 23.80 -38.23
CA PRO I 255 51.30 24.64 -38.89
C PRO I 255 50.14 25.04 -37.95
N SER I 256 49.89 24.21 -36.95
CA SER I 256 48.81 24.48 -36.00
C SER I 256 49.13 25.67 -35.09
N LEU I 257 50.40 26.07 -35.03
CA LEU I 257 50.74 27.26 -34.26
C LEU I 257 50.56 28.57 -35.03
N ASP I 258 50.47 28.47 -36.37
CA ASP I 258 50.45 29.63 -37.26
C ASP I 258 49.14 29.86 -38.02
N MET I 259 48.31 28.83 -38.08
CA MET I 259 46.97 28.97 -38.64
C MET I 259 46.90 29.57 -40.06
N ASP I 260 47.88 29.21 -40.89
CA ASP I 260 47.90 29.60 -42.29
C ASP I 260 47.08 28.62 -43.15
N GLN I 261 46.01 29.10 -43.76
CA GLN I 261 45.04 28.23 -44.44
C GLN I 261 45.32 27.91 -45.91
N HIS I 262 46.34 28.53 -46.50
CA HIS I 262 46.60 28.41 -47.95
C HIS I 262 47.06 27.02 -48.40
N PHE I 263 46.61 26.62 -49.59
CA PHE I 263 47.10 25.39 -50.22
C PHE I 263 46.87 25.46 -51.73
N ASN I 264 47.48 24.55 -52.48
CA ASN I 264 47.58 24.73 -53.92
C ASN I 264 46.62 23.97 -54.84
N GLY I 265 46.17 22.79 -54.45
CA GLY I 265 45.28 22.08 -55.35
C GLY I 265 46.01 21.31 -56.44
N SER I 266 47.31 21.53 -56.56
CA SER I 266 48.19 20.57 -57.25
C SER I 266 49.64 20.79 -56.83
N ILE I 267 50.45 19.74 -56.93
CA ILE I 267 51.85 19.84 -56.53
C ILE I 267 52.65 20.61 -57.57
N GLN I 268 52.29 20.42 -58.83
CA GLN I 268 52.84 21.23 -59.91
C GLN I 268 52.63 22.71 -59.57
N GLY I 269 51.39 23.04 -59.23
CA GLY I 269 51.01 24.40 -58.85
C GLY I 269 51.90 24.98 -57.77
N PHE I 270 52.15 24.17 -56.74
CA PHE I 270 52.98 24.54 -55.62
C PHE I 270 54.42 24.83 -56.04
N GLU I 271 54.92 24.01 -56.95
CA GLU I 271 56.31 24.13 -57.39
C GLU I 271 56.53 25.38 -58.23
N TYR I 272 55.46 26.03 -58.65
CA TYR I 272 55.60 27.19 -59.52
C TYR I 272 55.97 28.48 -58.81
N MET J 4 1.14 63.58 -3.28
CA MET J 4 2.56 63.33 -3.47
C MET J 4 3.12 64.14 -4.66
N SER J 5 4.05 65.05 -4.36
CA SER J 5 4.68 65.91 -5.37
C SER J 5 5.39 65.09 -6.45
N SER J 6 5.42 65.63 -7.67
CA SER J 6 6.16 65.00 -8.76
C SER J 6 7.66 65.05 -8.46
N GLU J 7 8.07 66.05 -7.70
CA GLU J 7 9.47 66.15 -7.31
C GLU J 7 9.69 65.43 -6.00
N GLU J 8 8.58 65.06 -5.36
CA GLU J 8 8.62 64.19 -4.20
C GLU J 8 9.01 62.79 -4.66
N LEU J 9 8.38 62.35 -5.74
CA LEU J 9 8.58 61.01 -6.26
C LEU J 9 10.00 60.87 -6.82
N GLU J 10 10.54 61.96 -7.35
CA GLU J 10 11.89 61.93 -7.89
C GLU J 10 12.90 61.80 -6.75
N GLN J 11 12.58 62.41 -5.62
CA GLN J 11 13.46 62.36 -4.46
C GLN J 11 13.60 60.93 -3.95
N VAL J 12 12.47 60.25 -3.75
CA VAL J 12 12.52 58.88 -3.25
C VAL J 12 13.25 57.93 -4.20
N TRP J 13 13.14 58.17 -5.50
CA TRP J 13 13.85 57.33 -6.46
C TRP J 13 15.37 57.57 -6.44
N SER J 14 15.78 58.82 -6.28
CA SER J 14 17.21 59.14 -6.22
C SER J 14 17.87 58.55 -4.97
N ASN J 15 17.08 58.41 -3.91
CA ASN J 15 17.56 57.78 -2.70
C ASN J 15 17.71 56.29 -2.92
N ILE J 16 16.76 55.72 -3.65
CA ILE J 16 16.77 54.33 -4.03
C ILE J 16 17.95 54.06 -4.99
N LYS J 17 18.24 55.03 -5.86
CA LYS J 17 19.36 54.88 -6.77
C LYS J 17 20.66 54.88 -5.96
N SER J 18 20.78 55.83 -5.04
CA SER J 18 21.95 55.90 -4.17
C SER J 18 22.16 54.59 -3.43
N GLU J 19 21.16 54.17 -2.65
CA GLU J 19 21.25 52.90 -1.92
C GLU J 19 21.74 51.77 -2.83
N ALA J 20 21.24 51.75 -4.06
CA ALA J 20 21.63 50.75 -5.05
C ALA J 20 23.12 50.80 -5.42
N ARG J 21 23.67 52.00 -5.62
CA ARG J 21 25.09 52.14 -5.94
C ARG J 21 26.00 51.58 -4.85
N ALA J 22 25.70 51.92 -3.59
CA ALA J 22 26.50 51.40 -2.47
C ALA J 22 26.20 49.92 -2.24
N LEU J 23 24.99 49.50 -2.56
CA LEU J 23 24.61 48.10 -2.47
C LEU J 23 25.47 47.25 -3.41
N ALA J 24 25.48 47.61 -4.68
CA ALA J 24 26.31 46.90 -5.66
C ALA J 24 27.79 46.85 -5.23
N GLU J 25 28.26 47.90 -4.58
CA GLU J 25 29.66 47.98 -4.13
C GLU J 25 29.99 46.90 -3.10
N CYS J 26 29.16 46.84 -2.06
CA CYS J 26 29.34 45.92 -0.92
C CYS J 26 29.20 44.47 -1.27
N GLU J 27 28.34 44.14 -2.23
CA GLU J 27 28.00 42.75 -2.40
C GLU J 27 27.98 42.30 -3.86
N PRO J 28 29.17 42.00 -4.42
CA PRO J 28 29.45 41.72 -5.83
C PRO J 28 28.59 40.59 -6.36
N MET J 29 28.29 39.62 -5.50
CA MET J 29 27.40 38.53 -5.91
C MET J 29 26.05 39.06 -6.37
N LEU J 30 25.70 40.27 -5.93
CA LEU J 30 24.41 40.90 -6.25
C LEU J 30 24.49 42.16 -7.11
N ALA J 31 25.68 42.74 -7.24
CA ALA J 31 25.87 43.96 -8.04
C ALA J 31 25.11 43.98 -9.38
N SER J 32 25.03 42.84 -10.05
CA SER J 32 24.36 42.77 -11.34
C SER J 32 22.85 42.86 -11.14
N PHE J 33 22.36 42.12 -10.14
CA PHE J 33 20.97 42.15 -9.74
C PHE J 33 20.49 43.57 -9.36
N PHE J 34 21.29 44.32 -8.59
CA PHE J 34 20.97 45.70 -8.27
C PHE J 34 21.04 46.58 -9.48
N HIS J 35 21.82 46.15 -10.44
CA HIS J 35 22.07 46.93 -11.63
C HIS J 35 20.88 46.82 -12.58
N ALA J 36 20.52 45.59 -12.93
CA ALA J 36 19.39 45.29 -13.80
C ALA J 36 18.08 45.77 -13.20
N THR J 37 18.02 45.83 -11.87
CA THR J 37 16.78 46.10 -11.16
C THR J 37 16.56 47.58 -10.82
N LEU J 38 17.62 48.29 -10.49
CA LEU J 38 17.49 49.67 -9.99
C LEU J 38 18.29 50.68 -10.80
N LEU J 39 19.60 50.50 -10.84
CA LEU J 39 20.51 51.48 -11.42
C LEU J 39 20.30 51.70 -12.92
N LYS J 40 19.88 50.65 -13.61
CA LYS J 40 19.63 50.73 -15.04
C LYS J 40 18.32 51.47 -15.39
N HIS J 41 17.45 51.69 -14.41
CA HIS J 41 16.15 52.34 -14.65
C HIS J 41 16.09 53.81 -14.28
N GLU J 42 15.20 54.53 -14.95
CA GLU J 42 15.21 55.98 -14.87
C GLU J 42 14.15 56.51 -13.90
N ASN J 43 13.30 55.61 -13.42
CA ASN J 43 12.25 55.97 -12.49
C ASN J 43 11.70 54.77 -11.70
N LEU J 44 10.91 55.06 -10.67
CA LEU J 44 10.32 54.01 -9.84
C LEU J 44 9.35 53.11 -10.62
N GLY J 45 8.66 53.65 -11.62
CA GLY J 45 7.78 52.87 -12.45
C GLY J 45 8.49 51.76 -13.22
N SER J 46 9.58 52.11 -13.88
CA SER J 46 10.36 51.13 -14.64
C SER J 46 10.87 50.04 -13.73
N ALA J 47 11.50 50.47 -12.64
CA ALA J 47 12.03 49.55 -11.66
C ALA J 47 10.95 48.58 -11.19
N LEU J 48 9.86 49.13 -10.64
CA LEU J 48 8.80 48.31 -10.06
C LEU J 48 8.25 47.28 -11.05
N SER J 49 8.10 47.68 -12.31
CA SER J 49 7.46 46.80 -13.29
C SER J 49 8.40 45.66 -13.61
N TYR J 50 9.69 45.94 -13.46
CA TYR J 50 10.71 44.94 -13.66
C TYR J 50 10.63 43.89 -12.53
N ILE J 51 10.79 44.37 -11.31
CA ILE J 51 10.67 43.54 -10.12
C ILE J 51 9.37 42.74 -10.10
N LEU J 52 8.24 43.44 -10.18
CA LEU J 52 6.94 42.77 -10.17
C LEU J 52 6.85 41.70 -11.25
N ALA J 53 7.49 41.97 -12.38
CA ALA J 53 7.47 41.02 -13.49
C ALA J 53 8.19 39.74 -13.11
N ASN J 54 9.36 39.89 -12.49
CA ASN J 54 10.17 38.75 -12.11
C ASN J 54 9.59 37.99 -10.93
N LYS J 55 8.95 38.71 -10.03
CA LYS J 55 8.40 38.09 -8.85
C LYS J 55 7.19 37.22 -9.22
N LEU J 56 6.41 37.70 -10.18
CA LEU J 56 5.15 37.08 -10.58
C LEU J 56 5.23 36.05 -11.71
N ALA J 57 6.41 35.85 -12.28
CA ALA J 57 6.53 35.01 -13.48
C ALA J 57 6.21 33.54 -13.26
N ASN J 58 5.66 32.92 -14.30
CA ASN J 58 5.29 31.51 -14.32
C ASN J 58 5.42 31.11 -15.78
N PRO J 59 5.52 29.81 -16.07
CA PRO J 59 5.50 29.43 -17.49
C PRO J 59 4.18 29.77 -18.18
N ILE J 60 3.13 29.93 -17.39
CA ILE J 60 1.85 30.29 -17.97
C ILE J 60 1.89 31.73 -18.51
N MET J 61 2.72 32.55 -17.89
CA MET J 61 2.83 33.95 -18.29
C MET J 61 4.15 34.55 -17.80
N PRO J 62 5.20 34.47 -18.63
CA PRO J 62 6.54 34.82 -18.17
C PRO J 62 6.69 36.29 -17.83
N ALA J 63 7.84 36.62 -17.25
CA ALA J 63 8.12 37.96 -16.79
C ALA J 63 8.02 39.03 -17.88
N ILE J 64 8.56 38.78 -19.07
CA ILE J 64 8.47 39.79 -20.12
C ILE J 64 7.04 40.10 -20.54
N ALA J 65 6.19 39.08 -20.57
CA ALA J 65 4.77 39.30 -20.90
C ALA J 65 4.10 40.07 -19.78
N ILE J 66 4.44 39.70 -18.54
CA ILE J 66 3.89 40.38 -17.39
C ILE J 66 4.34 41.84 -17.35
N ARG J 67 5.62 42.10 -17.58
CA ARG J 67 6.09 43.48 -17.58
C ARG J 67 5.25 44.37 -18.51
N GLU J 68 4.82 43.83 -19.64
CA GLU J 68 3.99 44.60 -20.57
C GLU J 68 2.65 45.00 -19.93
N VAL J 69 2.04 44.08 -19.20
CA VAL J 69 0.76 44.38 -18.57
C VAL J 69 0.90 45.47 -17.52
N VAL J 70 1.95 45.38 -16.70
CA VAL J 70 2.17 46.37 -15.67
C VAL J 70 2.48 47.74 -16.25
N GLU J 71 3.28 47.78 -17.30
CA GLU J 71 3.66 49.04 -17.91
C GLU J 71 2.44 49.71 -18.52
N GLU J 72 1.55 48.90 -19.08
CA GLU J 72 0.31 49.39 -19.65
C GLU J 72 -0.51 50.06 -18.57
N ALA J 73 -0.55 49.42 -17.40
CA ALA J 73 -1.36 49.91 -16.30
C ALA J 73 -0.84 51.25 -15.80
N TYR J 74 0.49 51.36 -15.68
CA TYR J 74 1.10 52.57 -15.12
C TYR J 74 0.88 53.76 -16.05
N ARG J 75 0.97 53.52 -17.36
CA ARG J 75 0.67 54.58 -18.32
C ARG J 75 -0.77 55.07 -18.17
N SER J 76 -1.68 54.11 -17.98
CA SER J 76 -3.09 54.40 -17.82
C SER J 76 -3.34 55.08 -16.49
N ASP J 77 -2.92 54.45 -15.39
CA ASP J 77 -3.09 55.07 -14.07
C ASP J 77 -1.76 55.32 -13.33
N ALA J 78 -1.20 56.50 -13.58
CA ALA J 78 0.06 56.92 -12.99
C ALA J 78 0.08 56.96 -11.46
N HIS J 79 -1.07 57.16 -10.83
CA HIS J 79 -1.10 57.29 -9.38
C HIS J 79 -0.62 56.02 -8.68
N MET J 80 -0.69 54.89 -9.38
CA MET J 80 -0.20 53.62 -8.84
C MET J 80 1.25 53.70 -8.36
N ILE J 81 2.06 54.48 -9.06
CA ILE J 81 3.46 54.57 -8.69
C ILE J 81 3.61 55.48 -7.48
N VAL J 82 2.70 56.44 -7.35
CA VAL J 82 2.65 57.27 -6.15
C VAL J 82 2.16 56.45 -4.95
N SER J 83 1.24 55.52 -5.21
CA SER J 83 0.83 54.55 -4.19
C SER J 83 2.08 53.81 -3.71
N ALA J 84 2.75 53.17 -4.65
CA ALA J 84 3.94 52.39 -4.38
C ALA J 84 4.96 53.18 -3.56
N ALA J 85 5.28 54.39 -4.03
CA ALA J 85 6.16 55.29 -3.31
C ALA J 85 5.69 55.53 -1.89
N ARG J 86 4.41 55.85 -1.73
CA ARG J 86 3.84 56.01 -0.40
C ARG J 86 4.04 54.76 0.45
N ASP J 87 3.73 53.59 -0.12
CA ASP J 87 3.85 52.32 0.61
C ASP J 87 5.30 52.04 1.04
N ILE J 88 6.24 52.49 0.23
CA ILE J 88 7.65 52.36 0.54
C ILE J 88 7.99 53.25 1.75
N LEU J 89 7.59 54.51 1.69
CA LEU J 89 7.79 55.43 2.79
C LEU J 89 7.24 54.85 4.10
N ALA J 90 6.02 54.32 4.04
CA ALA J 90 5.39 53.73 5.21
C ALA J 90 6.26 52.65 5.89
N VAL J 91 6.72 51.67 5.13
CA VAL J 91 7.52 50.61 5.69
C VAL J 91 8.79 51.17 6.33
N ARG J 92 9.49 52.04 5.60
CA ARG J 92 10.73 52.61 6.09
C ARG J 92 10.50 53.34 7.41
N LEU J 93 9.40 54.07 7.50
CA LEU J 93 9.14 54.90 8.67
C LEU J 93 8.58 54.08 9.82
N ARG J 94 7.87 53.02 9.48
CA ARG J 94 7.09 52.26 10.46
C ARG J 94 7.77 50.97 10.92
N ASP J 95 8.60 50.40 10.06
CA ASP J 95 9.33 49.18 10.42
C ASP J 95 10.77 49.47 10.86
N PRO J 96 11.06 49.25 12.15
CA PRO J 96 12.41 49.42 12.70
C PRO J 96 13.39 48.47 12.00
N ALA J 97 12.89 47.30 11.59
CA ALA J 97 13.68 46.30 10.87
C ALA J 97 14.13 46.74 9.48
N VAL J 98 13.56 47.80 8.93
CA VAL J 98 14.03 48.23 7.63
C VAL J 98 14.65 49.62 7.74
N ASP J 99 15.79 49.80 7.10
CA ASP J 99 16.55 51.04 7.21
C ASP J 99 17.02 51.52 5.85
N LYS J 100 16.40 50.99 4.80
CA LYS J 100 16.70 51.41 3.42
C LYS J 100 15.44 51.40 2.57
N TYR J 101 15.17 52.53 1.91
CA TYR J 101 13.99 52.68 1.05
C TYR J 101 13.88 51.54 0.05
N SER J 102 15.03 51.01 -0.38
CA SER J 102 15.08 50.02 -1.43
C SER J 102 14.69 48.62 -0.97
N THR J 103 14.80 48.38 0.33
CA THR J 103 14.48 47.08 0.93
C THR J 103 13.05 46.59 0.67
N PRO J 104 12.05 47.45 0.94
CA PRO J 104 10.65 47.12 0.66
C PRO J 104 10.45 46.84 -0.82
N LEU J 105 11.15 47.61 -1.66
CA LEU J 105 10.96 47.52 -3.11
C LEU J 105 11.65 46.26 -3.64
N LEU J 106 12.83 45.97 -3.11
CA LEU J 106 13.57 44.82 -3.57
C LEU J 106 13.03 43.49 -3.04
N TYR J 107 12.76 43.43 -1.74
CA TYR J 107 12.67 42.12 -1.07
C TYR J 107 11.33 41.77 -0.40
N LEU J 108 10.67 42.76 0.19
CA LEU J 108 9.52 42.48 1.08
C LEU J 108 8.29 42.02 0.32
N LYS J 109 7.90 40.77 0.53
CA LYS J 109 6.89 40.13 -0.27
C LYS J 109 5.51 40.74 -0.01
N GLY J 110 5.38 41.46 1.11
CA GLY J 110 4.14 42.08 1.49
C GLY J 110 3.99 43.41 0.80
N PHE J 111 5.09 44.08 0.55
CA PHE J 111 5.08 45.25 -0.33
C PHE J 111 4.80 44.81 -1.78
N HIS J 112 5.41 43.70 -2.17
CA HIS J 112 5.19 43.17 -3.51
C HIS J 112 3.75 42.75 -3.74
N ALA J 113 3.15 42.08 -2.75
CA ALA J 113 1.79 41.56 -2.88
C ALA J 113 0.81 42.72 -3.06
N LEU J 114 1.06 43.81 -2.36
CA LEU J 114 0.18 44.95 -2.41
C LEU J 114 0.23 45.69 -3.77
N GLN J 115 1.41 45.82 -4.36
CA GLN J 115 1.51 46.42 -5.70
C GLN J 115 0.98 45.48 -6.78
N ALA J 116 1.10 44.18 -6.57
CA ALA J 116 0.50 43.20 -7.46
C ALA J 116 -1.02 43.28 -7.42
N TYR J 117 -1.58 43.55 -6.25
CA TYR J 117 -3.02 43.75 -6.13
C TYR J 117 -3.46 44.94 -6.98
N ARG J 118 -2.68 46.01 -6.93
CA ARG J 118 -3.04 47.22 -7.66
C ARG J 118 -3.18 46.98 -9.16
N ILE J 119 -2.30 46.13 -9.71
CA ILE J 119 -2.34 45.84 -11.14
C ILE J 119 -3.56 45.02 -11.47
N GLY J 120 -3.88 44.06 -10.61
CA GLY J 120 -5.08 43.26 -10.79
C GLY J 120 -6.35 44.07 -10.61
N HIS J 121 -6.26 45.16 -9.85
CA HIS J 121 -7.40 46.04 -9.57
C HIS J 121 -7.73 46.88 -10.80
N TRP J 122 -6.69 47.21 -11.54
CA TRP J 122 -6.80 47.94 -12.78
C TRP J 122 -7.35 46.99 -13.82
N LEU J 123 -6.84 45.77 -13.84
CA LEU J 123 -7.35 44.75 -14.75
C LEU J 123 -8.85 44.53 -14.52
N TRP J 124 -9.26 44.67 -13.26
CA TRP J 124 -10.62 44.43 -12.85
C TRP J 124 -11.60 45.49 -13.41
N ALA J 125 -11.20 46.76 -13.37
CA ALA J 125 -11.95 47.85 -14.00
C ALA J 125 -11.66 47.99 -15.48
N GLN J 126 -10.95 47.03 -16.05
CA GLN J 126 -10.56 47.10 -17.46
C GLN J 126 -11.11 45.93 -18.23
N ASP J 127 -12.28 45.46 -17.78
CA ASP J 127 -12.86 44.21 -18.24
C ASP J 127 -11.80 43.16 -18.56
N ARG J 128 -10.77 43.10 -17.71
CA ARG J 128 -9.78 42.04 -17.74
C ARG J 128 -9.82 41.28 -16.42
N LYS J 129 -10.99 40.76 -16.07
CA LYS J 129 -11.18 40.08 -14.79
C LYS J 129 -10.55 38.70 -14.85
N ALA J 130 -10.60 38.10 -16.03
CA ALA J 130 -10.07 36.76 -16.21
C ALA J 130 -8.56 36.73 -15.94
N LEU J 131 -7.88 37.86 -16.14
CA LEU J 131 -6.46 37.98 -15.83
C LEU J 131 -6.24 38.40 -14.39
N ALA J 132 -7.14 39.22 -13.86
CA ALA J 132 -6.99 39.68 -12.48
C ALA J 132 -7.09 38.53 -11.44
N ILE J 133 -7.86 37.50 -11.79
CA ILE J 133 -8.06 36.34 -10.92
C ILE J 133 -6.85 35.39 -10.97
N TYR J 134 -6.27 35.27 -12.16
CA TYR J 134 -5.05 34.50 -12.35
C TYR J 134 -3.92 35.12 -11.53
N LEU J 135 -3.80 36.45 -11.56
CA LEU J 135 -2.79 37.16 -10.80
C LEU J 135 -3.05 37.11 -9.29
N GLN J 136 -4.32 37.22 -8.89
CA GLN J 136 -4.68 37.10 -7.49
C GLN J 136 -4.10 35.80 -6.92
N ASN J 137 -4.40 34.70 -7.60
CA ASN J 137 -4.05 33.39 -7.10
C ASN J 137 -2.56 33.07 -7.28
N GLN J 138 -1.97 33.64 -8.33
CA GLN J 138 -0.54 33.53 -8.53
C GLN J 138 0.16 34.18 -7.35
N VAL J 139 -0.36 35.32 -6.90
CA VAL J 139 0.26 36.07 -5.81
C VAL J 139 0.14 35.31 -4.51
N SER J 140 -0.98 34.62 -4.35
CA SER J 140 -1.24 33.84 -3.15
C SER J 140 -0.32 32.63 -3.13
N VAL J 141 -0.06 32.05 -4.29
CA VAL J 141 0.79 30.89 -4.35
C VAL J 141 2.24 31.31 -4.05
N ALA J 142 2.67 32.43 -4.62
CA ALA J 142 4.04 32.91 -4.48
C ALA J 142 4.36 33.51 -3.10
N PHE J 143 3.43 34.28 -2.54
CA PHE J 143 3.74 35.02 -1.32
C PHE J 143 2.86 34.63 -0.15
N GLY J 144 1.90 33.74 -0.37
CA GLY J 144 0.96 33.36 0.66
C GLY J 144 0.17 34.56 1.14
N VAL J 145 -0.12 35.47 0.20
CA VAL J 145 -0.93 36.64 0.46
C VAL J 145 -2.06 36.62 -0.55
N ASP J 146 -3.28 36.50 -0.06
CA ASP J 146 -4.46 36.42 -0.94
C ASP J 146 -5.32 37.70 -0.87
N ILE J 147 -5.18 38.55 -1.88
CA ILE J 147 -5.98 39.78 -1.96
C ILE J 147 -6.88 39.81 -3.20
N HIS J 148 -8.19 39.80 -2.98
CA HIS J 148 -9.12 39.86 -4.10
C HIS J 148 -8.91 41.19 -4.82
N PRO J 149 -8.96 41.17 -6.15
CA PRO J 149 -8.73 42.40 -6.92
C PRO J 149 -9.87 43.42 -6.84
N ALA J 150 -11.04 43.06 -6.32
CA ALA J 150 -12.14 44.04 -6.20
C ALA J 150 -12.03 44.82 -4.90
N ALA J 151 -11.10 44.41 -4.05
CA ALA J 151 -10.87 45.12 -2.83
C ALA J 151 -10.47 46.54 -3.17
N THR J 152 -10.72 47.47 -2.26
CA THR J 152 -10.37 48.86 -2.48
C THR J 152 -9.40 49.33 -1.41
N ILE J 153 -8.11 49.33 -1.78
CA ILE J 153 -7.01 49.58 -0.86
C ILE J 153 -6.33 50.88 -1.24
N GLY J 154 -6.22 51.83 -0.31
CA GLY J 154 -5.52 53.07 -0.59
C GLY J 154 -4.02 52.87 -0.58
N CYS J 155 -3.27 53.90 -0.20
CA CYS J 155 -1.82 53.75 -0.14
C CYS J 155 -1.23 54.18 1.21
N GLY J 156 0.09 54.29 1.28
CA GLY J 156 0.76 54.51 2.56
C GLY J 156 0.48 53.36 3.52
N ILE J 157 0.32 52.18 2.94
CA ILE J 157 -0.09 51.00 3.69
C ILE J 157 1.08 50.04 3.87
N MET J 158 1.27 49.53 5.09
CA MET J 158 2.31 48.52 5.35
C MET J 158 1.73 47.13 5.65
N LEU J 159 2.21 46.12 4.94
CA LEU J 159 1.90 44.73 5.27
C LEU J 159 3.15 43.99 5.76
N ASP J 160 3.53 44.19 7.02
CA ASP J 160 4.74 43.58 7.57
C ASP J 160 4.71 42.06 7.62
N HIS J 161 5.83 41.43 7.23
CA HIS J 161 5.96 39.98 7.17
C HIS J 161 4.90 39.35 6.26
N ALA J 162 3.64 39.66 6.56
CA ALA J 162 2.54 39.58 5.59
C ALA J 162 2.00 38.20 5.25
N THR J 163 2.75 37.16 5.56
CA THR J 163 2.34 35.84 5.14
C THR J 163 0.99 35.42 5.77
N GLY J 164 0.17 34.75 4.97
CA GLY J 164 -1.16 34.36 5.39
C GLY J 164 -2.24 35.45 5.37
N ILE J 165 -1.87 36.69 5.07
CA ILE J 165 -2.87 37.75 4.98
C ILE J 165 -3.92 37.41 3.91
N VAL J 166 -5.20 37.52 4.28
CA VAL J 166 -6.30 37.34 3.34
C VAL J 166 -7.15 38.60 3.35
N ILE J 167 -7.35 39.20 2.18
CA ILE J 167 -8.24 40.36 2.04
C ILE J 167 -9.28 40.08 0.94
N GLY J 168 -10.55 40.11 1.33
CA GLY J 168 -11.67 39.71 0.47
C GLY J 168 -12.27 40.74 -0.49
N GLU J 169 -13.15 40.23 -1.35
CA GLU J 169 -13.71 40.98 -2.49
C GLU J 169 -14.19 42.40 -2.18
N THR J 170 -15.02 42.54 -1.15
CA THR J 170 -15.65 43.82 -0.83
C THR J 170 -14.97 44.60 0.31
N ALA J 171 -13.70 44.34 0.56
CA ALA J 171 -13.01 45.03 1.63
C ALA J 171 -12.57 46.42 1.18
N VAL J 172 -12.50 47.35 2.13
CA VAL J 172 -11.91 48.66 1.89
C VAL J 172 -10.81 48.89 2.90
N VAL J 173 -9.64 49.31 2.44
CA VAL J 173 -8.58 49.64 3.35
C VAL J 173 -8.14 51.03 2.97
N GLU J 174 -8.34 52.00 3.86
CA GLU J 174 -7.96 53.37 3.54
C GLU J 174 -6.46 53.63 3.73
N ASN J 175 -6.02 54.80 3.31
CA ASN J 175 -4.64 55.25 3.47
C ASN J 175 -4.15 55.09 4.89
N ASP J 176 -2.85 54.96 5.03
CA ASP J 176 -2.17 55.00 6.33
C ASP J 176 -2.58 53.93 7.33
N VAL J 177 -2.56 52.68 6.87
CA VAL J 177 -2.94 51.54 7.70
C VAL J 177 -1.80 50.51 7.74
N SER J 178 -1.56 49.94 8.91
CA SER J 178 -0.51 48.96 9.04
C SER J 178 -1.11 47.62 9.40
N ILE J 179 -0.79 46.61 8.60
CA ILE J 179 -1.33 45.27 8.81
C ILE J 179 -0.22 44.24 8.96
N LEU J 180 -0.31 43.44 10.01
CA LEU J 180 0.70 42.43 10.27
C LEU J 180 0.35 41.08 9.67
N GLN J 181 1.31 40.16 9.71
CA GLN J 181 1.10 38.85 9.13
C GLN J 181 -0.16 38.19 9.66
N SER J 182 -0.78 37.36 8.83
CA SER J 182 -1.82 36.47 9.32
C SER J 182 -3.19 37.15 9.51
N VAL J 183 -3.30 38.42 9.15
CA VAL J 183 -4.55 39.16 9.35
C VAL J 183 -5.56 38.79 8.26
N THR J 184 -6.80 38.53 8.66
CA THR J 184 -7.89 38.41 7.67
C THR J 184 -8.94 39.53 7.74
N LEU J 185 -9.23 40.15 6.59
CA LEU J 185 -10.41 41.03 6.46
C LEU J 185 -11.36 40.28 5.55
N GLY J 186 -12.20 39.45 6.15
CA GLY J 186 -12.92 38.44 5.38
C GLY J 186 -14.42 38.53 5.47
N GLY J 187 -15.09 37.62 4.77
CA GLY J 187 -16.53 37.73 4.55
C GLY J 187 -17.37 36.82 5.41
N THR J 188 -18.69 36.96 5.30
CA THR J 188 -19.62 36.04 5.94
C THR J 188 -20.66 35.65 4.91
N GLY J 189 -21.33 34.53 5.14
CA GLY J 189 -22.41 34.09 4.28
C GLY J 189 -21.93 33.57 2.94
N LYS J 190 -22.87 33.28 2.06
CA LYS J 190 -22.57 32.60 0.81
C LYS J 190 -23.15 33.34 -0.40
N THR J 191 -23.52 34.60 -0.20
CA THR J 191 -24.10 35.38 -1.29
C THR J 191 -23.30 36.65 -1.62
N SER J 192 -23.39 37.08 -2.87
CA SER J 192 -22.75 38.31 -3.30
C SER J 192 -23.16 39.48 -2.39
N GLY J 193 -22.39 40.56 -2.40
CA GLY J 193 -22.77 41.72 -1.62
C GLY J 193 -21.73 42.09 -0.59
N ASP J 194 -21.77 43.34 -0.15
CA ASP J 194 -20.84 43.87 0.84
C ASP J 194 -20.82 42.98 2.08
N ARG J 195 -19.67 42.35 2.35
CA ARG J 195 -19.58 41.35 3.40
C ARG J 195 -18.18 41.27 4.03
N HIS J 196 -17.36 42.27 3.71
CA HIS J 196 -16.00 42.36 4.21
C HIS J 196 -15.84 43.71 4.89
N PRO J 197 -14.88 43.80 5.81
CA PRO J 197 -14.72 45.01 6.61
C PRO J 197 -14.31 46.25 5.84
N LYS J 198 -14.47 47.37 6.52
CA LYS J 198 -13.98 48.66 6.07
C LYS J 198 -13.02 49.18 7.12
N ILE J 199 -11.73 49.18 6.79
CA ILE J 199 -10.71 49.71 7.68
C ILE J 199 -10.33 51.13 7.27
N ARG J 200 -10.51 52.07 8.20
CA ARG J 200 -10.34 53.50 7.93
C ARG J 200 -8.95 53.98 8.29
N GLU J 201 -8.61 55.20 7.84
CA GLU J 201 -7.28 55.79 8.03
C GLU J 201 -6.81 55.68 9.48
N GLY J 202 -5.54 55.33 9.64
CA GLY J 202 -4.87 55.36 10.94
C GLY J 202 -4.87 54.07 11.72
N VAL J 203 -5.66 53.11 11.27
CA VAL J 203 -5.83 51.86 11.99
C VAL J 203 -4.62 50.93 11.87
N MET J 204 -4.23 50.31 12.98
CA MET J 204 -3.24 49.25 12.92
C MET J 204 -3.80 47.94 13.46
N ILE J 205 -3.51 46.86 12.77
CA ILE J 205 -4.04 45.54 13.08
C ILE J 205 -2.89 44.56 13.34
N GLY J 206 -2.80 44.11 14.59
CA GLY J 206 -1.75 43.19 15.00
C GLY J 206 -1.90 41.80 14.43
N ALA J 207 -0.82 41.02 14.55
CA ALA J 207 -0.72 39.73 13.89
C ALA J 207 -1.84 38.79 14.27
N GLY J 208 -2.29 37.98 13.32
CA GLY J 208 -3.34 37.00 13.55
C GLY J 208 -4.78 37.50 13.59
N ALA J 209 -5.00 38.82 13.55
CA ALA J 209 -6.37 39.36 13.71
C ALA J 209 -7.36 38.91 12.63
N LYS J 210 -8.48 38.33 13.06
CA LYS J 210 -9.57 37.99 12.16
C LYS J 210 -10.68 39.03 12.23
N ILE J 211 -10.95 39.68 11.11
CA ILE J 211 -11.99 40.71 11.07
C ILE J 211 -13.03 40.33 10.01
N LEU J 212 -14.25 40.04 10.44
CA LEU J 212 -15.22 39.41 9.55
C LEU J 212 -16.52 40.19 9.39
N GLY J 213 -17.19 39.96 8.26
CA GLY J 213 -18.47 40.56 7.96
C GLY J 213 -18.31 41.99 7.51
N ASN J 214 -19.41 42.59 7.10
CA ASN J 214 -19.44 43.99 6.66
C ASN J 214 -19.49 44.94 7.85
N ILE J 215 -18.36 45.09 8.53
CA ILE J 215 -18.30 45.95 9.72
C ILE J 215 -17.18 46.97 9.60
N GLU J 216 -17.15 47.97 10.47
CA GLU J 216 -16.17 49.04 10.37
C GLU J 216 -15.18 49.13 11.53
N VAL J 217 -13.90 49.35 11.21
CA VAL J 217 -12.91 49.82 12.17
C VAL J 217 -12.64 51.29 11.87
N GLY J 218 -13.19 52.18 12.70
CA GLY J 218 -13.13 53.61 12.45
C GLY J 218 -11.77 54.26 12.71
N ARG J 219 -11.59 55.44 12.15
CA ARG J 219 -10.34 56.20 12.20
C ARG J 219 -9.53 56.05 13.48
N GLY J 220 -8.26 55.70 13.29
CA GLY J 220 -7.30 55.70 14.38
C GLY J 220 -7.53 54.61 15.40
N ALA J 221 -8.29 53.58 15.06
CA ALA J 221 -8.50 52.48 15.99
C ALA J 221 -7.38 51.43 15.89
N LYS J 222 -7.22 50.64 16.94
CA LYS J 222 -6.21 49.59 16.94
C LYS J 222 -6.86 48.24 17.24
N ILE J 223 -6.52 47.24 16.44
CA ILE J 223 -7.01 45.89 16.69
C ILE J 223 -5.89 45.03 17.25
N GLY J 224 -6.13 44.47 18.43
CA GLY J 224 -5.16 43.63 19.12
C GLY J 224 -4.78 42.41 18.31
N ALA J 225 -3.53 41.97 18.46
CA ALA J 225 -3.08 40.75 17.80
C ALA J 225 -4.00 39.60 18.19
N GLY J 226 -4.24 38.69 17.27
CA GLY J 226 -4.99 37.49 17.57
C GLY J 226 -6.44 37.76 17.88
N SER J 227 -6.89 38.98 17.61
CA SER J 227 -8.26 39.40 17.83
C SER J 227 -9.26 38.81 16.83
N VAL J 228 -10.47 38.48 17.28
CA VAL J 228 -11.56 38.15 16.37
C VAL J 228 -12.68 39.19 16.42
N VAL J 229 -12.63 40.14 15.49
CA VAL J 229 -13.58 41.24 15.44
C VAL J 229 -14.81 40.93 14.58
N LEU J 230 -15.98 40.94 15.21
CA LEU J 230 -17.23 40.64 14.51
C LEU J 230 -18.17 41.84 14.52
N GLN J 231 -17.81 42.87 15.27
CA GLN J 231 -18.63 44.07 15.35
C GLN J 231 -17.81 45.30 15.06
N SER J 232 -18.46 46.32 14.48
CA SER J 232 -17.79 47.57 14.21
C SER J 232 -17.06 48.03 15.45
N VAL J 233 -15.92 48.65 15.23
CA VAL J 233 -15.16 49.18 16.33
C VAL J 233 -15.15 50.69 16.14
N PRO J 234 -15.46 51.41 17.20
CA PRO J 234 -15.53 52.87 17.10
C PRO J 234 -14.15 53.47 16.89
N ALA J 235 -14.12 54.68 16.37
CA ALA J 235 -12.86 55.34 16.07
C ALA J 235 -12.06 55.54 17.34
N HIS J 236 -10.74 55.60 17.18
CA HIS J 236 -9.83 55.95 18.27
C HIS J 236 -10.07 55.07 19.47
N THR J 237 -10.20 53.79 19.20
CA THR J 237 -10.44 52.81 20.23
C THR J 237 -9.59 51.55 19.98
N THR J 238 -9.33 50.78 21.03
CA THR J 238 -8.64 49.51 20.90
C THR J 238 -9.58 48.37 21.23
N ALA J 239 -9.73 47.43 20.30
CA ALA J 239 -10.50 46.23 20.59
C ALA J 239 -9.53 45.06 20.61
N ALA J 240 -9.76 44.12 21.52
CA ALA J 240 -9.01 42.88 21.52
C ALA J 240 -9.91 41.76 22.05
N GLY J 241 -9.50 40.53 21.80
CA GLY J 241 -10.21 39.38 22.35
C GLY J 241 -10.79 38.44 21.32
N VAL J 242 -11.22 37.27 21.79
CA VAL J 242 -11.89 36.26 20.98
C VAL J 242 -13.22 35.91 21.67
N PRO J 243 -14.32 36.61 21.27
CA PRO J 243 -14.39 37.66 20.25
C PRO J 243 -13.92 38.99 20.82
N ALA J 244 -13.63 39.94 19.94
CA ALA J 244 -13.03 41.21 20.34
C ALA J 244 -14.00 42.06 21.13
N ARG J 245 -13.46 42.91 22.00
CA ARG J 245 -14.28 43.91 22.67
C ARG J 245 -13.45 45.15 22.96
N ILE J 246 -14.13 46.29 23.05
CA ILE J 246 -13.46 47.56 23.27
C ILE J 246 -12.75 47.52 24.61
N VAL J 247 -11.44 47.72 24.61
CA VAL J 247 -10.62 47.53 25.80
C VAL J 247 -9.91 48.80 26.27
N GLY J 248 -9.94 49.84 25.45
CA GLY J 248 -9.35 51.11 25.83
C GLY J 248 -9.31 52.02 24.63
N LYS J 249 -8.34 52.91 24.60
CA LYS J 249 -8.06 53.68 23.40
C LYS J 249 -6.56 53.79 23.22
N PRO J 250 -6.11 53.86 21.96
CA PRO J 250 -4.67 53.95 21.70
C PRO J 250 -4.07 55.22 22.31
N GLU J 251 -2.75 55.32 22.28
CA GLU J 251 -2.05 56.46 22.85
C GLU J 251 -1.81 57.56 21.82
N SER J 252 -1.88 57.20 20.55
CA SER J 252 -1.69 58.17 19.48
C SER J 252 -2.92 58.25 18.58
N ASP J 253 -3.06 59.37 17.87
CA ASP J 253 -4.19 59.54 16.97
C ASP J 253 -4.24 58.48 15.85
N LYS J 254 -3.08 58.16 15.27
CA LYS J 254 -3.03 57.07 14.30
C LYS J 254 -2.09 55.94 14.68
N PRO J 255 -2.66 54.88 15.27
CA PRO J 255 -1.99 53.63 15.68
C PRO J 255 -1.13 53.04 14.58
N SER J 256 -1.48 53.31 13.33
CA SER J 256 -0.79 52.78 12.17
C SER J 256 0.64 53.31 12.07
N LEU J 257 0.84 54.56 12.48
CA LEU J 257 2.15 55.18 12.39
C LEU J 257 3.12 54.74 13.50
N ASP J 258 2.59 54.14 14.56
CA ASP J 258 3.39 53.88 15.75
C ASP J 258 3.68 52.40 16.02
N MET J 259 2.79 51.52 15.59
CA MET J 259 3.01 50.07 15.72
C MET J 259 3.12 49.58 17.16
N ASP J 260 2.47 50.29 18.08
CA ASP J 260 2.41 49.85 19.47
C ASP J 260 1.41 48.70 19.66
N GLN J 261 1.95 47.50 19.88
CA GLN J 261 1.18 46.26 19.94
C GLN J 261 0.39 46.06 21.24
N HIS J 262 0.60 46.93 22.23
CA HIS J 262 -0.01 46.66 23.55
C HIS J 262 -1.47 47.09 23.71
N PHE J 263 -2.21 46.26 24.45
CA PHE J 263 -3.59 46.53 24.83
C PHE J 263 -3.84 45.90 26.19
N ASN J 264 -5.05 46.07 26.70
CA ASN J 264 -5.44 45.47 27.95
C ASN J 264 -6.40 44.34 27.77
N MET K 4 28.01 18.57 21.15
CA MET K 4 27.80 17.23 20.62
C MET K 4 29.08 16.66 20.03
N SER K 5 29.24 15.34 20.12
CA SER K 5 30.49 14.67 19.79
C SER K 5 30.64 14.22 18.32
N SER K 6 31.89 14.11 17.88
CA SER K 6 32.20 13.70 16.51
C SER K 6 31.65 12.33 16.16
N GLU K 7 31.61 11.44 17.14
CA GLU K 7 31.16 10.08 16.91
C GLU K 7 29.65 10.02 16.93
N GLU K 8 29.04 10.84 17.77
CA GLU K 8 27.59 10.95 17.81
C GLU K 8 27.09 11.53 16.49
N LEU K 9 27.86 12.48 15.96
CA LEU K 9 27.59 13.10 14.66
C LEU K 9 27.70 12.09 13.52
N GLU K 10 28.80 11.33 13.54
CA GLU K 10 29.08 10.28 12.59
C GLU K 10 27.95 9.26 12.54
N GLN K 11 27.32 9.03 13.69
CA GLN K 11 26.30 7.99 13.84
C GLN K 11 24.93 8.43 13.33
N VAL K 12 24.52 9.65 13.66
CA VAL K 12 23.31 10.22 13.08
C VAL K 12 23.47 10.29 11.55
N TRP K 13 24.64 10.73 11.08
CA TRP K 13 24.90 10.77 9.65
C TRP K 13 24.79 9.41 8.99
N SER K 14 25.36 8.40 9.65
CA SER K 14 25.42 7.06 9.10
C SER K 14 24.06 6.37 9.25
N ASN K 15 23.30 6.82 10.24
CA ASN K 15 21.89 6.49 10.36
C ASN K 15 21.06 7.03 9.18
N ILE K 16 21.31 8.29 8.84
CA ILE K 16 20.67 8.92 7.70
C ILE K 16 21.00 8.18 6.41
N LYS K 17 22.25 7.76 6.30
CA LYS K 17 22.72 7.10 5.08
C LYS K 17 22.30 5.64 4.98
N SER K 18 22.14 4.97 6.11
CA SER K 18 21.63 3.61 6.05
C SER K 18 20.15 3.66 5.69
N GLU K 19 19.51 4.77 6.02
CA GLU K 19 18.13 5.02 5.61
C GLU K 19 18.02 5.28 4.12
N ALA K 20 18.88 6.18 3.63
CA ALA K 20 18.85 6.60 2.24
C ALA K 20 18.88 5.39 1.31
N ARG K 21 19.84 4.50 1.51
CA ARG K 21 19.92 3.30 0.69
C ARG K 21 18.57 2.55 0.61
N ALA K 22 17.94 2.33 1.76
CA ALA K 22 16.66 1.64 1.81
C ALA K 22 15.61 2.44 1.04
N LEU K 23 15.67 3.75 1.17
CA LEU K 23 14.79 4.62 0.39
C LEU K 23 15.04 4.43 -1.09
N ALA K 24 16.30 4.59 -1.51
CA ALA K 24 16.64 4.43 -2.91
C ALA K 24 16.08 3.13 -3.49
N GLU K 25 16.08 2.06 -2.69
CA GLU K 25 15.59 0.76 -3.15
C GLU K 25 14.07 0.69 -3.29
N CYS K 26 13.35 1.41 -2.44
CA CYS K 26 11.90 1.27 -2.41
C CYS K 26 11.16 2.31 -3.27
N GLU K 27 11.86 3.37 -3.67
CA GLU K 27 11.27 4.40 -4.51
C GLU K 27 12.19 4.81 -5.65
N PRO K 28 12.27 3.96 -6.69
CA PRO K 28 13.07 4.17 -7.91
C PRO K 28 12.91 5.57 -8.53
N MET K 29 11.76 6.21 -8.29
CA MET K 29 11.54 7.56 -8.82
C MET K 29 12.44 8.57 -8.10
N LEU K 30 12.82 8.25 -6.86
CA LEU K 30 13.61 9.16 -6.05
C LEU K 30 15.02 8.63 -5.77
N ALA K 31 15.32 7.44 -6.28
CA ALA K 31 16.64 6.83 -6.13
C ALA K 31 17.80 7.79 -6.46
N SER K 32 17.79 8.37 -7.66
CA SER K 32 18.83 9.31 -8.05
C SER K 32 18.83 10.55 -7.15
N PHE K 33 17.67 10.90 -6.62
CA PHE K 33 17.54 12.00 -5.68
C PHE K 33 18.22 11.68 -4.36
N PHE K 34 17.93 10.51 -3.83
CA PHE K 34 18.51 10.09 -2.57
C PHE K 34 20.04 9.96 -2.71
N HIS K 35 20.47 9.48 -3.87
CA HIS K 35 21.87 9.24 -4.14
C HIS K 35 22.70 10.53 -4.20
N ALA K 36 22.19 11.52 -4.92
CA ALA K 36 22.93 12.75 -5.13
C ALA K 36 22.89 13.64 -3.90
N THR K 37 21.91 13.40 -3.07
CA THR K 37 21.67 14.24 -1.91
C THR K 37 22.36 13.68 -0.66
N LEU K 38 22.25 12.38 -0.49
CA LEU K 38 22.75 11.80 0.74
C LEU K 38 23.83 10.78 0.44
N LEU K 39 23.43 9.67 -0.21
CA LEU K 39 24.33 8.55 -0.45
C LEU K 39 25.74 8.97 -0.86
N LYS K 40 25.83 9.90 -1.80
CA LYS K 40 27.09 10.28 -2.43
C LYS K 40 27.93 11.18 -1.53
N HIS K 41 27.35 11.66 -0.44
CA HIS K 41 28.09 12.50 0.50
C HIS K 41 28.65 11.68 1.67
N GLU K 42 29.74 12.15 2.29
CA GLU K 42 30.32 11.41 3.41
C GLU K 42 30.13 12.07 4.78
N ASN K 43 29.25 13.08 4.83
CA ASN K 43 28.95 13.75 6.09
C ASN K 43 27.76 14.71 6.00
N LEU K 44 27.12 14.95 7.13
CA LEU K 44 25.99 15.87 7.22
C LEU K 44 26.29 17.22 6.56
N GLY K 45 27.45 17.80 6.86
CA GLY K 45 27.78 19.15 6.45
C GLY K 45 27.72 19.44 4.96
N SER K 46 28.16 18.47 4.15
CA SER K 46 28.16 18.67 2.71
C SER K 46 26.81 18.28 2.11
N ALA K 47 26.10 17.36 2.76
CA ALA K 47 24.75 17.02 2.35
C ALA K 47 23.81 18.17 2.61
N LEU K 48 24.05 18.89 3.70
CA LEU K 48 23.21 20.03 4.10
C LEU K 48 23.38 21.20 3.14
N SER K 49 24.62 21.43 2.71
CA SER K 49 24.90 22.55 1.82
C SER K 49 24.27 22.27 0.47
N TYR K 50 24.38 21.02 0.03
CA TYR K 50 23.74 20.55 -1.19
C TYR K 50 22.25 20.89 -1.21
N ILE K 51 21.53 20.33 -0.23
CA ILE K 51 20.10 20.49 -0.07
C ILE K 51 19.66 21.95 0.13
N LEU K 52 20.38 22.66 1.00
CA LEU K 52 20.06 24.06 1.24
C LEU K 52 20.18 24.90 -0.03
N ALA K 53 21.15 24.53 -0.87
CA ALA K 53 21.38 25.27 -2.09
C ALA K 53 20.24 25.04 -3.09
N ASN K 54 19.87 23.78 -3.29
CA ASN K 54 18.74 23.47 -4.15
C ASN K 54 17.42 24.02 -3.63
N LYS K 55 17.34 24.28 -2.33
CA LYS K 55 16.08 24.75 -1.74
C LYS K 55 15.94 26.26 -1.95
N LEU K 56 17.05 26.97 -1.75
CA LEU K 56 17.08 28.43 -1.88
C LEU K 56 17.37 28.93 -3.29
N ALA K 57 17.49 28.01 -4.25
CA ALA K 57 17.92 28.43 -5.59
C ALA K 57 16.96 29.45 -6.17
N ASN K 58 17.52 30.39 -6.92
CA ASN K 58 16.79 31.50 -7.47
C ASN K 58 17.62 32.05 -8.63
N PRO K 59 16.98 32.40 -9.75
CA PRO K 59 17.73 32.94 -10.89
C PRO K 59 18.69 34.08 -10.52
N ILE K 60 18.35 34.82 -9.47
CA ILE K 60 19.23 35.86 -8.97
C ILE K 60 20.51 35.28 -8.35
N MET K 61 20.38 34.16 -7.66
CA MET K 61 21.52 33.43 -7.09
C MET K 61 21.26 31.94 -7.12
N PRO K 62 21.90 31.22 -8.06
CA PRO K 62 21.58 29.81 -8.30
C PRO K 62 22.16 28.88 -7.24
N ALA K 63 21.65 27.67 -7.24
CA ALA K 63 22.02 26.67 -6.26
C ALA K 63 23.53 26.55 -6.17
N ILE K 64 24.18 26.32 -7.32
CA ILE K 64 25.63 26.13 -7.40
C ILE K 64 26.41 27.28 -6.78
N ALA K 65 25.82 28.47 -6.80
CA ALA K 65 26.42 29.66 -6.20
C ALA K 65 26.22 29.64 -4.70
N ILE K 66 25.00 29.33 -4.28
CA ILE K 66 24.66 29.34 -2.89
C ILE K 66 25.48 28.29 -2.12
N ARG K 67 25.82 27.18 -2.78
CA ARG K 67 26.51 26.10 -2.10
C ARG K 67 27.91 26.49 -1.59
N GLU K 68 28.58 27.39 -2.31
CA GLU K 68 29.89 27.87 -1.89
C GLU K 68 29.78 28.74 -0.64
N VAL K 69 28.78 29.61 -0.63
CA VAL K 69 28.57 30.49 0.53
C VAL K 69 28.28 29.66 1.78
N VAL K 70 27.43 28.65 1.61
CA VAL K 70 27.04 27.79 2.71
C VAL K 70 28.27 27.04 3.20
N GLU K 71 29.07 26.56 2.26
CA GLU K 71 30.24 25.83 2.65
C GLU K 71 31.30 26.78 3.21
N GLU K 72 31.40 27.97 2.64
CA GLU K 72 32.25 28.98 3.25
C GLU K 72 31.84 29.21 4.68
N ALA K 73 30.53 29.21 4.93
CA ALA K 73 30.05 29.43 6.27
C ALA K 73 30.45 28.28 7.19
N TYR K 74 30.24 27.04 6.75
CA TYR K 74 30.44 25.86 7.58
C TYR K 74 31.89 25.70 8.02
N ARG K 75 32.80 26.13 7.18
CA ARG K 75 34.20 25.95 7.49
C ARG K 75 34.72 27.13 8.30
N SER K 76 33.91 28.17 8.44
CA SER K 76 34.28 29.23 9.37
C SER K 76 33.66 29.00 10.76
N ASP K 77 32.47 28.41 10.80
CA ASP K 77 31.81 28.05 12.05
C ASP K 77 31.13 26.71 11.92
N ALA K 78 31.84 25.67 12.33
CA ALA K 78 31.38 24.30 12.13
C ALA K 78 30.34 23.84 13.16
N HIS K 79 30.17 24.58 14.25
CA HIS K 79 29.13 24.28 15.23
C HIS K 79 27.76 24.30 14.54
N MET K 80 27.67 25.04 13.44
CA MET K 80 26.41 25.13 12.73
C MET K 80 25.95 23.74 12.30
N ILE K 81 26.91 22.87 12.04
CA ILE K 81 26.59 21.53 11.56
C ILE K 81 26.17 20.69 12.77
N VAL K 82 26.86 20.89 13.88
CA VAL K 82 26.44 20.26 15.12
C VAL K 82 24.99 20.65 15.35
N SER K 83 24.74 21.96 15.31
CA SER K 83 23.39 22.51 15.47
C SER K 83 22.31 21.76 14.66
N ALA K 84 22.58 21.55 13.38
CA ALA K 84 21.68 20.82 12.50
C ALA K 84 21.43 19.38 12.94
N ALA K 85 22.45 18.75 13.49
CA ALA K 85 22.31 17.38 13.94
C ALA K 85 21.31 17.32 15.11
N ARG K 86 21.44 18.23 16.05
CA ARG K 86 20.55 18.27 17.20
C ARG K 86 19.13 18.75 16.83
N ASP K 87 19.04 19.51 15.74
CA ASP K 87 17.73 19.92 15.22
C ASP K 87 17.04 18.73 14.60
N ILE K 88 17.82 17.90 13.92
CA ILE K 88 17.31 16.66 13.35
C ILE K 88 16.84 15.70 14.44
N LEU K 89 17.62 15.57 15.51
CA LEU K 89 17.23 14.68 16.60
C LEU K 89 15.94 15.18 17.23
N ALA K 90 15.91 16.45 17.60
CA ALA K 90 14.69 17.07 18.11
C ALA K 90 13.46 16.56 17.35
N VAL K 91 13.36 16.92 16.07
CA VAL K 91 12.23 16.49 15.24
C VAL K 91 11.97 14.98 15.32
N ARG K 92 12.98 14.16 15.06
CA ARG K 92 12.84 12.70 15.14
C ARG K 92 12.28 12.26 16.49
N LEU K 93 12.72 12.88 17.57
CA LEU K 93 12.24 12.51 18.90
C LEU K 93 10.85 13.09 19.22
N ARG K 94 10.66 14.38 18.95
CA ARG K 94 9.47 15.09 19.42
C ARG K 94 8.19 14.93 18.56
N ASP K 95 8.36 14.63 17.28
CA ASP K 95 7.23 14.57 16.35
C ASP K 95 6.86 13.13 15.96
N PRO K 96 5.69 12.65 16.42
CA PRO K 96 5.25 11.28 16.12
C PRO K 96 5.18 10.95 14.62
N ALA K 97 4.87 11.95 13.80
CA ALA K 97 4.70 11.75 12.36
C ALA K 97 6.03 11.51 11.64
N VAL K 98 7.13 11.77 12.34
CA VAL K 98 8.47 11.63 11.79
C VAL K 98 9.20 10.42 12.38
N ASP K 99 9.34 9.35 11.62
CA ASP K 99 10.08 8.20 12.12
C ASP K 99 11.42 7.95 11.43
N LYS K 100 12.09 9.01 10.98
CA LYS K 100 13.36 8.91 10.25
C LYS K 100 14.22 10.15 10.42
N TYR K 101 15.52 9.96 10.60
CA TYR K 101 16.42 11.09 10.73
C TYR K 101 16.47 11.85 9.42
N SER K 102 16.31 11.13 8.31
CA SER K 102 16.42 11.74 6.99
C SER K 102 15.23 12.64 6.59
N THR K 103 14.05 12.41 7.15
CA THR K 103 12.90 13.22 6.72
C THR K 103 13.01 14.73 7.03
N PRO K 104 13.41 15.12 8.25
CA PRO K 104 13.57 16.56 8.51
C PRO K 104 14.57 17.21 7.57
N LEU K 105 15.61 16.48 7.22
CA LEU K 105 16.69 17.02 6.41
C LEU K 105 16.33 17.13 4.93
N LEU K 106 15.68 16.10 4.41
CA LEU K 106 15.22 16.12 3.02
C LEU K 106 14.01 17.02 2.84
N TYR K 107 13.05 16.96 3.76
CA TYR K 107 11.71 17.43 3.46
C TYR K 107 11.11 18.59 4.27
N LEU K 108 11.46 18.69 5.55
CA LEU K 108 10.72 19.58 6.44
C LEU K 108 11.16 21.04 6.36
N LYS K 109 10.26 21.90 5.90
CA LYS K 109 10.63 23.27 5.61
C LYS K 109 10.99 24.09 6.84
N GLY K 110 10.43 23.69 7.99
CA GLY K 110 10.73 24.33 9.25
C GLY K 110 12.19 24.15 9.55
N PHE K 111 12.69 22.94 9.27
CA PHE K 111 14.10 22.59 9.46
C PHE K 111 15.01 23.33 8.47
N HIS K 112 14.64 23.33 7.20
CA HIS K 112 15.40 24.07 6.18
C HIS K 112 15.48 25.56 6.49
N ALA K 113 14.38 26.14 6.96
CA ALA K 113 14.37 27.57 7.31
C ALA K 113 15.33 27.83 8.45
N LEU K 114 15.25 26.98 9.45
CA LEU K 114 16.16 27.05 10.57
C LEU K 114 17.62 27.10 10.10
N GLN K 115 18.03 26.18 9.24
CA GLN K 115 19.44 26.17 8.82
C GLN K 115 19.73 27.36 7.91
N ALA K 116 18.76 27.66 7.03
CA ALA K 116 18.88 28.85 6.18
C ALA K 116 19.07 30.11 7.03
N TYR K 117 18.29 30.22 8.10
CA TYR K 117 18.54 31.27 9.08
C TYR K 117 20.01 31.27 9.55
N ARG K 118 20.56 30.09 9.83
CA ARG K 118 21.90 30.05 10.42
C ARG K 118 22.92 30.67 9.47
N ILE K 119 22.69 30.52 8.17
CA ILE K 119 23.63 31.04 7.19
C ILE K 119 23.57 32.56 7.10
N GLY K 120 22.40 33.11 7.38
CA GLY K 120 22.22 34.54 7.28
C GLY K 120 22.77 35.15 8.53
N HIS K 121 22.62 34.42 9.62
CA HIS K 121 23.15 34.86 10.88
C HIS K 121 24.68 34.98 10.72
N TRP K 122 25.29 33.95 10.13
CA TRP K 122 26.72 33.97 9.89
C TRP K 122 27.07 35.16 9.00
N LEU K 123 26.39 35.25 7.87
CA LEU K 123 26.63 36.34 6.94
C LEU K 123 26.50 37.67 7.67
N TRP K 124 25.55 37.73 8.59
CA TRP K 124 25.20 38.98 9.24
C TRP K 124 26.36 39.41 10.15
N ALA K 125 26.79 38.49 11.00
CA ALA K 125 27.93 38.74 11.85
C ALA K 125 29.20 39.04 11.03
N GLN K 126 29.23 38.55 9.78
CA GLN K 126 30.35 38.80 8.89
C GLN K 126 30.26 40.21 8.30
N ASP K 127 29.21 40.93 8.69
CA ASP K 127 28.92 42.25 8.11
C ASP K 127 28.61 42.12 6.62
N ARG K 128 28.15 40.96 6.21
CA ARG K 128 27.62 40.77 4.87
C ARG K 128 26.07 40.85 4.97
N LYS K 129 25.61 41.98 5.49
CA LYS K 129 24.21 42.16 5.84
C LYS K 129 23.27 42.10 4.63
N ALA K 130 23.66 42.74 3.54
CA ALA K 130 22.80 42.85 2.37
C ALA K 130 22.41 41.48 1.86
N LEU K 131 23.36 40.55 1.90
CA LEU K 131 23.10 39.19 1.44
C LEU K 131 22.31 38.38 2.49
N ALA K 132 22.45 38.77 3.74
CA ALA K 132 21.67 38.15 4.79
C ALA K 132 20.21 38.51 4.59
N ILE K 133 19.98 39.79 4.30
CA ILE K 133 18.63 40.31 4.06
C ILE K 133 18.04 39.64 2.82
N TYR K 134 18.88 39.46 1.80
CA TYR K 134 18.45 38.79 0.59
C TYR K 134 17.91 37.39 0.91
N LEU K 135 18.73 36.60 1.58
CA LEU K 135 18.37 35.22 1.94
C LEU K 135 17.19 35.10 2.91
N GLN K 136 17.07 36.04 3.85
CA GLN K 136 15.94 36.05 4.77
C GLN K 136 14.61 36.10 4.04
N ASN K 137 14.51 37.04 3.10
CA ASN K 137 13.30 37.21 2.34
C ASN K 137 13.06 36.11 1.33
N GLN K 138 14.16 35.55 0.82
CA GLN K 138 14.05 34.41 -0.08
C GLN K 138 13.47 33.22 0.67
N VAL K 139 13.89 33.04 1.92
CA VAL K 139 13.42 31.95 2.76
C VAL K 139 11.95 32.19 3.10
N SER K 140 11.63 33.45 3.33
CA SER K 140 10.26 33.89 3.56
C SER K 140 9.35 33.57 2.38
N VAL K 141 9.80 33.84 1.16
CA VAL K 141 8.98 33.58 -0.03
C VAL K 141 8.80 32.09 -0.32
N ALA K 142 9.89 31.30 -0.19
CA ALA K 142 9.83 29.87 -0.52
C ALA K 142 9.15 29.00 0.53
N PHE K 143 9.29 29.37 1.80
CA PHE K 143 8.86 28.48 2.88
C PHE K 143 7.81 29.14 3.74
N GLY K 144 7.56 30.42 3.47
CA GLY K 144 6.61 31.18 4.23
C GLY K 144 7.01 31.30 5.67
N VAL K 145 8.32 31.22 5.92
CA VAL K 145 8.90 31.41 7.26
C VAL K 145 9.78 32.68 7.23
N ASP K 146 9.53 33.60 8.15
CA ASP K 146 10.36 34.80 8.21
C ASP K 146 11.17 34.92 9.49
N ILE K 147 12.46 34.60 9.42
CA ILE K 147 13.37 34.75 10.55
C ILE K 147 14.39 35.87 10.26
N HIS K 148 14.39 36.91 11.06
CA HIS K 148 15.42 37.92 10.86
C HIS K 148 16.77 37.30 11.22
N PRO K 149 17.82 37.61 10.43
CA PRO K 149 19.16 37.06 10.61
C PRO K 149 19.87 37.53 11.89
N ALA K 150 19.48 38.66 12.46
CA ALA K 150 20.06 39.18 13.70
C ALA K 150 19.53 38.45 14.95
N ALA K 151 18.46 37.70 14.77
CA ALA K 151 17.93 36.90 15.87
C ALA K 151 19.00 35.92 16.38
N THR K 152 18.92 35.57 17.66
CA THR K 152 19.84 34.61 18.24
C THR K 152 19.12 33.33 18.58
N ILE K 153 19.30 32.30 17.74
CA ILE K 153 18.57 31.05 17.89
C ILE K 153 19.47 29.82 18.14
N GLY K 154 19.37 29.22 19.32
CA GLY K 154 20.06 27.97 19.60
C GLY K 154 19.62 26.78 18.76
N CYS K 155 19.93 25.59 19.23
CA CYS K 155 19.65 24.36 18.48
C CYS K 155 18.84 23.42 19.36
N GLY K 156 18.54 22.23 18.86
CA GLY K 156 17.59 21.35 19.51
C GLY K 156 16.24 22.01 19.38
N ILE K 157 16.08 22.73 18.27
CA ILE K 157 14.85 23.46 17.96
C ILE K 157 14.01 22.68 16.95
N MET K 158 12.74 22.41 17.30
CA MET K 158 11.76 21.92 16.32
C MET K 158 10.78 23.00 15.85
N LEU K 159 10.70 23.21 14.53
CA LEU K 159 9.65 24.06 13.94
C LEU K 159 8.69 23.20 13.14
N ASP K 160 7.76 22.53 13.83
CA ASP K 160 6.85 21.57 13.18
C ASP K 160 5.89 22.31 12.26
N HIS K 161 5.80 21.88 11.00
CA HIS K 161 4.94 22.51 9.98
C HIS K 161 5.45 23.88 9.54
N ALA K 162 5.31 24.86 10.41
CA ALA K 162 6.07 26.12 10.35
C ALA K 162 5.56 27.26 9.45
N THR K 163 4.62 26.99 8.54
CA THR K 163 4.11 28.07 7.68
C THR K 163 3.70 29.23 8.58
N GLY K 164 4.12 30.43 8.23
CA GLY K 164 3.73 31.59 8.99
C GLY K 164 4.56 31.97 10.22
N ILE K 165 5.57 31.18 10.55
CA ILE K 165 6.42 31.56 11.68
C ILE K 165 7.12 32.88 11.37
N VAL K 166 7.09 33.79 12.34
CA VAL K 166 7.83 35.04 12.26
C VAL K 166 8.68 35.18 13.51
N ILE K 167 9.96 35.53 13.33
CA ILE K 167 10.90 35.75 14.43
C ILE K 167 11.68 37.02 14.14
N GLY K 168 11.67 37.93 15.11
CA GLY K 168 12.08 39.30 14.88
C GLY K 168 13.55 39.56 15.13
N GLU K 169 13.97 40.76 14.77
CA GLU K 169 15.37 41.17 14.79
C GLU K 169 16.05 40.98 16.15
N THR K 170 15.37 41.34 17.22
CA THR K 170 15.97 41.18 18.55
C THR K 170 15.54 39.95 19.35
N ALA K 171 14.81 39.04 18.73
CA ALA K 171 14.36 37.85 19.46
C ALA K 171 15.53 37.00 19.93
N VAL K 172 15.26 36.11 20.89
CA VAL K 172 16.22 35.09 21.30
C VAL K 172 15.51 33.78 21.59
N VAL K 173 16.06 32.69 21.06
CA VAL K 173 15.53 31.36 21.32
C VAL K 173 16.64 30.43 21.77
N GLU K 174 16.48 29.87 22.95
CA GLU K 174 17.50 28.99 23.51
C GLU K 174 17.25 27.56 23.08
N ASN K 175 18.11 26.66 23.52
CA ASN K 175 18.08 25.28 23.05
C ASN K 175 16.81 24.56 23.47
N ASP K 176 16.51 23.48 22.77
CA ASP K 176 15.43 22.59 23.18
C ASP K 176 14.10 23.34 23.40
N VAL K 177 13.69 24.02 22.34
CA VAL K 177 12.42 24.72 22.29
C VAL K 177 11.67 24.18 21.09
N SER K 178 10.36 24.04 21.23
CA SER K 178 9.49 23.57 20.15
C SER K 178 8.47 24.64 19.78
N ILE K 179 8.41 24.98 18.49
CA ILE K 179 7.53 26.01 17.99
C ILE K 179 6.69 25.43 16.86
N LEU K 180 5.39 25.70 16.90
CA LEU K 180 4.49 25.21 15.87
C LEU K 180 4.16 26.30 14.85
N GLN K 181 3.43 25.92 13.82
CA GLN K 181 3.07 26.83 12.73
C GLN K 181 2.40 28.10 13.25
N SER K 182 2.63 29.20 12.53
CA SER K 182 1.95 30.47 12.75
C SER K 182 2.33 31.15 14.05
N VAL K 183 3.49 30.80 14.59
CA VAL K 183 3.93 31.49 15.78
C VAL K 183 4.72 32.77 15.47
N THR K 184 4.43 33.81 16.23
CA THR K 184 5.11 35.07 16.08
C THR K 184 5.92 35.37 17.33
N LEU K 185 7.23 35.55 17.16
CA LEU K 185 8.04 36.19 18.20
C LEU K 185 8.31 37.59 17.66
N GLY K 186 7.34 38.47 17.88
CA GLY K 186 7.28 39.74 17.19
C GLY K 186 7.65 40.93 18.05
N GLY K 187 7.96 42.04 17.36
CA GLY K 187 8.40 43.25 18.00
C GLY K 187 7.24 44.17 18.33
N THR K 188 7.57 45.34 18.87
CA THR K 188 6.59 46.39 19.11
C THR K 188 7.32 47.72 18.94
N GLY K 189 6.59 48.72 18.48
CA GLY K 189 7.14 50.07 18.35
C GLY K 189 7.70 50.36 16.98
N LYS K 190 8.19 51.59 16.81
CA LYS K 190 8.70 52.01 15.52
C LYS K 190 10.17 52.42 15.60
N THR K 191 10.79 52.19 16.76
CA THR K 191 12.21 52.50 16.92
C THR K 191 13.07 51.24 17.09
N SER K 192 14.35 51.37 16.75
CA SER K 192 15.28 50.28 16.92
C SER K 192 15.54 50.12 18.40
N GLY K 193 15.85 48.90 18.82
CA GLY K 193 16.01 48.57 20.23
C GLY K 193 15.45 47.20 20.54
N ASP K 194 15.80 46.67 21.72
CA ASP K 194 15.25 45.38 22.13
C ASP K 194 13.75 45.51 22.26
N ARG K 195 13.03 44.62 21.59
CA ARG K 195 11.59 44.79 21.44
C ARG K 195 10.96 43.46 21.09
N HIS K 196 11.79 42.43 20.93
CA HIS K 196 11.28 41.10 20.63
C HIS K 196 11.52 40.15 21.80
N PRO K 197 10.70 39.09 21.90
CA PRO K 197 10.76 38.12 23.00
C PRO K 197 12.08 37.34 23.15
N LYS K 198 12.38 36.98 24.38
CA LYS K 198 13.51 36.12 24.67
C LYS K 198 12.96 34.82 25.23
N ILE K 199 13.30 33.70 24.58
CA ILE K 199 12.68 32.41 24.91
C ILE K 199 13.65 31.35 25.47
N ARG K 200 13.52 31.08 26.78
CA ARG K 200 14.43 30.16 27.46
C ARG K 200 14.17 28.69 27.15
N GLU K 201 15.12 27.86 27.55
CA GLU K 201 15.08 26.43 27.27
C GLU K 201 13.80 25.70 27.65
N GLY K 202 13.44 24.73 26.82
CA GLY K 202 12.39 23.78 27.14
C GLY K 202 10.99 24.31 26.99
N VAL K 203 10.87 25.51 26.43
CA VAL K 203 9.58 26.20 26.27
C VAL K 203 8.84 25.72 25.02
N MET K 204 7.59 25.31 25.19
CA MET K 204 6.82 24.85 24.04
C MET K 204 5.73 25.85 23.65
N ILE K 205 5.89 26.47 22.48
CA ILE K 205 4.92 27.40 21.93
C ILE K 205 3.98 26.68 20.94
N GLY K 206 2.68 26.72 21.23
CA GLY K 206 1.69 26.04 20.41
C GLY K 206 1.24 26.80 19.18
N ALA K 207 0.46 26.11 18.33
CA ALA K 207 0.01 26.65 17.05
C ALA K 207 -0.64 28.04 17.17
N GLY K 208 -0.06 29.00 16.46
CA GLY K 208 -0.68 30.30 16.31
C GLY K 208 -0.41 31.34 17.37
N ALA K 209 0.27 30.95 18.44
CA ALA K 209 0.55 31.90 19.52
C ALA K 209 1.30 33.12 19.00
N LYS K 210 0.90 34.30 19.45
CA LYS K 210 1.64 35.50 19.15
C LYS K 210 2.30 35.93 20.45
N ILE K 211 3.52 36.45 20.37
CA ILE K 211 4.28 36.86 21.55
C ILE K 211 5.04 38.14 21.24
N LEU K 212 4.74 39.22 21.93
CA LEU K 212 5.19 40.53 21.46
C LEU K 212 5.89 41.38 22.50
N GLY K 213 6.98 42.00 22.08
CA GLY K 213 7.71 42.90 22.93
C GLY K 213 8.97 42.28 23.50
N ASN K 214 9.75 43.13 24.15
CA ASN K 214 10.92 42.71 24.89
C ASN K 214 10.50 41.97 26.17
N ILE K 215 10.03 40.74 26.03
CA ILE K 215 9.48 40.02 27.19
C ILE K 215 10.01 38.60 27.26
N GLU K 216 10.06 38.02 28.47
CA GLU K 216 10.63 36.68 28.63
C GLU K 216 9.61 35.61 28.92
N VAL K 217 9.77 34.46 28.25
CA VAL K 217 9.08 33.22 28.63
C VAL K 217 10.11 32.24 29.16
N GLY K 218 10.08 32.00 30.46
CA GLY K 218 11.15 31.29 31.15
C GLY K 218 11.21 29.80 30.94
N ARG K 219 12.23 29.19 31.56
CA ARG K 219 12.56 27.78 31.39
C ARG K 219 11.38 26.84 31.59
N GLY K 220 11.17 25.97 30.60
CA GLY K 220 10.16 24.94 30.69
C GLY K 220 8.75 25.48 30.83
N ALA K 221 8.56 26.76 30.55
CA ALA K 221 7.21 27.34 30.49
C ALA K 221 6.49 26.84 29.24
N LYS K 222 5.16 26.82 29.29
CA LYS K 222 4.38 26.34 28.17
C LYS K 222 3.44 27.42 27.67
N ILE K 223 3.40 27.59 26.36
CA ILE K 223 2.48 28.55 25.76
C ILE K 223 1.52 27.85 24.81
N GLY K 224 0.25 27.91 25.17
CA GLY K 224 -0.80 27.21 24.45
C GLY K 224 -1.07 27.83 23.11
N ALA K 225 -1.69 27.04 22.24
CA ALA K 225 -2.11 27.47 20.91
C ALA K 225 -2.97 28.73 21.01
N GLY K 226 -2.75 29.64 20.06
CA GLY K 226 -3.56 30.84 19.92
C GLY K 226 -3.46 31.87 21.03
N SER K 227 -2.43 31.77 21.86
CA SER K 227 -2.27 32.74 22.95
C SER K 227 -1.62 34.01 22.42
N VAL K 228 -2.00 35.15 22.98
CA VAL K 228 -1.30 36.41 22.69
C VAL K 228 -0.57 36.83 23.96
N VAL K 229 0.76 36.78 23.96
CA VAL K 229 1.51 37.04 25.20
C VAL K 229 2.15 38.43 25.24
N LEU K 230 1.77 39.24 26.22
CA LEU K 230 2.25 40.62 26.26
C LEU K 230 3.07 40.94 27.52
N GLN K 231 2.94 40.11 28.54
CA GLN K 231 3.77 40.21 29.74
C GLN K 231 4.62 38.95 29.87
N SER K 232 5.67 39.03 30.67
CA SER K 232 6.58 37.90 30.86
C SER K 232 5.90 36.68 31.48
N VAL K 233 6.18 35.51 30.92
CA VAL K 233 5.71 34.25 31.48
C VAL K 233 6.83 33.59 32.31
N PRO K 234 6.53 33.29 33.59
CA PRO K 234 7.52 32.74 34.51
C PRO K 234 7.94 31.33 34.12
N ALA K 235 9.16 30.94 34.49
CA ALA K 235 9.64 29.60 34.20
C ALA K 235 8.67 28.51 34.69
N HIS K 236 8.55 27.44 33.91
CA HIS K 236 7.71 26.31 34.28
C HIS K 236 6.23 26.66 34.59
N THR K 237 5.66 27.65 33.89
CA THR K 237 4.22 27.86 34.01
C THR K 237 3.52 27.66 32.67
N THR K 238 2.21 27.51 32.70
CA THR K 238 1.42 27.47 31.46
C THR K 238 0.76 28.82 31.29
N ALA K 239 0.81 29.33 30.07
CA ALA K 239 0.17 30.61 29.78
C ALA K 239 -0.69 30.46 28.53
N ALA K 240 -1.99 30.70 28.68
CA ALA K 240 -2.93 30.71 27.54
C ALA K 240 -3.91 31.86 27.66
N GLY K 241 -4.50 32.25 26.53
CA GLY K 241 -5.53 33.27 26.49
C GLY K 241 -5.27 34.39 25.48
N VAL K 242 -6.21 35.33 25.41
CA VAL K 242 -6.05 36.54 24.61
C VAL K 242 -6.56 37.75 25.40
N PRO K 243 -5.65 38.48 26.06
CA PRO K 243 -4.21 38.18 26.12
C PRO K 243 -3.98 37.00 27.06
N ALA K 244 -2.78 36.44 27.01
CA ALA K 244 -2.45 35.27 27.80
C ALA K 244 -2.44 35.57 29.30
N ARG K 245 -2.92 34.63 30.08
CA ARG K 245 -2.84 34.70 31.52
C ARG K 245 -2.33 33.36 32.05
N ILE K 246 -1.76 33.37 33.25
CA ILE K 246 -1.26 32.13 33.85
C ILE K 246 -2.39 31.16 34.23
N VAL K 247 -2.47 30.03 33.53
CA VAL K 247 -3.57 29.10 33.76
C VAL K 247 -3.10 27.86 34.51
N GLY K 248 -1.80 27.71 34.68
CA GLY K 248 -1.29 26.55 35.38
C GLY K 248 0.18 26.21 35.21
N LYS K 249 0.44 24.92 35.10
CA LYS K 249 1.78 24.37 35.32
C LYS K 249 1.90 23.21 34.37
N PRO K 250 2.99 23.17 33.59
CA PRO K 250 3.10 22.15 32.54
C PRO K 250 3.27 20.73 33.07
N GLU K 251 2.82 19.77 32.27
CA GLU K 251 2.87 18.36 32.62
C GLU K 251 4.29 17.88 32.90
N SER K 252 5.28 18.60 32.39
CA SER K 252 6.66 18.20 32.66
C SER K 252 7.68 19.35 32.61
N ASP K 253 8.93 18.97 32.90
CA ASP K 253 10.02 19.91 33.14
C ASP K 253 10.45 20.63 31.88
N LYS K 254 10.38 19.95 30.75
CA LYS K 254 10.60 20.61 29.48
C LYS K 254 9.47 20.26 28.48
N PRO K 255 8.44 21.12 28.43
CA PRO K 255 7.27 20.89 27.57
C PRO K 255 7.67 20.68 26.10
N SER K 256 8.81 21.25 25.73
CA SER K 256 9.30 21.18 24.37
C SER K 256 9.53 19.75 23.91
N LEU K 257 9.93 18.86 24.81
CA LEU K 257 10.21 17.48 24.45
C LEU K 257 8.93 16.64 24.48
N ASP K 258 7.90 17.22 25.07
CA ASP K 258 6.68 16.51 25.41
C ASP K 258 5.58 16.74 24.38
N MET K 259 5.50 17.96 23.86
CA MET K 259 4.48 18.35 22.88
C MET K 259 3.03 18.12 23.36
N ASP K 260 2.84 18.29 24.67
CA ASP K 260 1.52 18.25 25.29
C ASP K 260 0.80 19.57 25.04
N GLN K 261 -0.33 19.51 24.34
CA GLN K 261 -0.99 20.74 23.90
C GLN K 261 -2.10 21.27 24.84
N HIS K 262 -2.36 20.57 25.95
CA HIS K 262 -3.48 20.94 26.82
C HIS K 262 -3.27 22.22 27.63
N PHE K 263 -4.38 22.91 27.89
CA PHE K 263 -4.43 24.02 28.85
C PHE K 263 -5.86 24.29 29.30
N MET L 4 -22.73 12.04 -6.20
CA MET L 4 -22.31 12.50 -7.52
C MET L 4 -22.43 11.41 -8.59
N SER L 5 -23.44 11.55 -9.45
CA SER L 5 -23.71 10.55 -10.47
C SER L 5 -22.87 10.74 -11.72
N SER L 6 -22.86 9.73 -12.57
CA SER L 6 -22.17 9.79 -13.85
C SER L 6 -22.57 11.02 -14.67
N GLU L 7 -23.83 11.07 -15.07
CA GLU L 7 -24.32 12.15 -15.94
C GLU L 7 -24.27 13.55 -15.28
N GLU L 8 -24.21 13.58 -13.96
CA GLU L 8 -24.03 14.85 -13.25
C GLU L 8 -22.58 15.31 -13.36
N LEU L 9 -21.67 14.35 -13.23
CA LEU L 9 -20.24 14.60 -13.44
C LEU L 9 -20.03 15.15 -14.86
N GLU L 10 -20.85 14.68 -15.79
CA GLU L 10 -20.82 15.16 -17.16
C GLU L 10 -21.11 16.66 -17.20
N GLN L 11 -22.27 17.04 -16.68
CA GLN L 11 -22.68 18.43 -16.73
C GLN L 11 -21.61 19.35 -16.15
N VAL L 12 -20.99 18.95 -15.05
CA VAL L 12 -19.93 19.74 -14.41
C VAL L 12 -18.78 20.03 -15.39
N TRP L 13 -18.33 18.98 -16.04
CA TRP L 13 -17.20 19.05 -16.97
C TRP L 13 -17.57 19.89 -18.17
N SER L 14 -18.73 19.58 -18.76
CA SER L 14 -19.22 20.31 -19.91
C SER L 14 -19.29 21.79 -19.57
N ASN L 15 -19.75 22.08 -18.36
CA ASN L 15 -19.86 23.46 -17.93
C ASN L 15 -18.52 24.13 -17.84
N ILE L 16 -17.55 23.43 -17.25
CA ILE L 16 -16.20 23.95 -17.16
C ILE L 16 -15.67 24.22 -18.59
N LYS L 17 -15.88 23.27 -19.49
CA LYS L 17 -15.47 23.42 -20.88
C LYS L 17 -16.09 24.65 -21.51
N SER L 18 -17.36 24.91 -21.17
CA SER L 18 -18.03 26.02 -21.80
C SER L 18 -17.48 27.35 -21.26
N GLU L 19 -17.22 27.39 -19.96
CA GLU L 19 -16.57 28.57 -19.40
C GLU L 19 -15.19 28.78 -20.06
N ALA L 20 -14.53 27.67 -20.39
CA ALA L 20 -13.18 27.72 -20.91
C ALA L 20 -13.16 28.33 -22.28
N ARG L 21 -14.17 27.99 -23.08
CA ARG L 21 -14.32 28.57 -24.40
C ARG L 21 -14.49 30.07 -24.36
N ALA L 22 -15.30 30.57 -23.43
CA ALA L 22 -15.47 32.01 -23.34
C ALA L 22 -14.23 32.69 -22.75
N LEU L 23 -13.68 32.07 -21.72
CA LEU L 23 -12.46 32.60 -21.11
C LEU L 23 -11.32 32.67 -22.15
N ALA L 24 -11.16 31.61 -22.93
CA ALA L 24 -10.20 31.65 -24.03
C ALA L 24 -10.46 32.90 -24.88
N GLU L 25 -11.73 33.17 -25.16
CA GLU L 25 -12.12 34.24 -26.07
C GLU L 25 -11.84 35.65 -25.56
N CYS L 26 -12.02 35.88 -24.27
CA CYS L 26 -11.85 37.24 -23.75
C CYS L 26 -10.47 37.51 -23.15
N GLU L 27 -9.59 36.52 -23.15
CA GLU L 27 -8.21 36.69 -22.67
C GLU L 27 -7.16 35.94 -23.55
N PRO L 28 -6.67 36.61 -24.59
CA PRO L 28 -5.78 35.90 -25.52
C PRO L 28 -4.45 35.52 -24.87
N MET L 29 -4.02 36.29 -23.87
N MET L 29 -4.02 36.29 -23.87
CA MET L 29 -2.82 35.96 -23.12
CA MET L 29 -2.80 35.96 -23.14
C MET L 29 -2.94 34.59 -22.47
C MET L 29 -2.95 34.62 -22.42
N LEU L 30 -4.18 34.21 -22.15
CA LEU L 30 -4.44 32.98 -21.40
C LEU L 30 -5.10 31.89 -22.24
N ALA L 31 -5.42 32.23 -23.48
CA ALA L 31 -6.13 31.33 -24.39
C ALA L 31 -5.50 29.94 -24.42
N SER L 32 -4.20 29.88 -24.71
CA SER L 32 -3.50 28.60 -24.87
C SER L 32 -3.52 27.79 -23.59
N PHE L 33 -3.48 28.49 -22.46
CA PHE L 33 -3.51 27.86 -21.15
C PHE L 33 -4.86 27.19 -20.92
N PHE L 34 -5.93 27.88 -21.31
CA PHE L 34 -7.26 27.32 -21.22
C PHE L 34 -7.36 26.14 -22.16
N HIS L 35 -6.73 26.27 -23.32
CA HIS L 35 -6.75 25.21 -24.30
C HIS L 35 -6.05 23.93 -23.84
N ALA L 36 -4.78 24.04 -23.43
CA ALA L 36 -3.97 22.87 -23.05
C ALA L 36 -4.49 22.20 -21.80
N THR L 37 -5.02 23.03 -20.90
CA THR L 37 -5.43 22.57 -19.59
C THR L 37 -6.90 22.09 -19.53
N LEU L 38 -7.78 22.70 -20.30
CA LEU L 38 -9.18 22.29 -20.27
C LEU L 38 -9.72 21.74 -21.61
N LEU L 39 -9.77 22.58 -22.63
CA LEU L 39 -10.49 22.23 -23.87
C LEU L 39 -10.03 20.96 -24.59
N LYS L 40 -8.73 20.69 -24.67
CA LYS L 40 -8.33 19.48 -25.39
C LYS L 40 -8.45 18.19 -24.59
N HIS L 41 -8.91 18.28 -23.35
CA HIS L 41 -9.20 17.10 -22.54
C HIS L 41 -10.68 16.73 -22.61
N GLU L 42 -10.96 15.44 -22.69
CA GLU L 42 -12.34 14.96 -22.87
C GLU L 42 -13.06 14.63 -21.57
N ASN L 43 -12.35 14.67 -20.45
CA ASN L 43 -12.98 14.53 -19.14
C ASN L 43 -12.25 15.29 -18.03
N LEU L 44 -12.90 15.42 -16.89
CA LEU L 44 -12.33 16.07 -15.71
C LEU L 44 -11.00 15.47 -15.24
N GLY L 45 -10.90 14.14 -15.31
CA GLY L 45 -9.72 13.43 -14.84
C GLY L 45 -8.45 13.79 -15.60
N SER L 46 -8.56 13.95 -16.91
CA SER L 46 -7.39 14.27 -17.74
C SER L 46 -6.93 15.68 -17.44
N ALA L 47 -7.90 16.57 -17.21
CA ALA L 47 -7.59 17.96 -16.96
C ALA L 47 -6.96 18.09 -15.59
N LEU L 48 -7.52 17.35 -14.65
CA LEU L 48 -6.99 17.28 -13.30
C LEU L 48 -5.50 16.87 -13.30
N SER L 49 -5.18 15.72 -13.88
CA SER L 49 -3.80 15.20 -13.86
C SER L 49 -2.87 16.27 -14.40
N TYR L 50 -3.21 16.79 -15.58
CA TYR L 50 -2.51 17.91 -16.21
C TYR L 50 -2.21 19.06 -15.26
N ILE L 51 -3.27 19.59 -14.62
CA ILE L 51 -3.13 20.74 -13.72
C ILE L 51 -2.23 20.45 -12.51
N LEU L 52 -2.52 19.36 -11.82
CA LEU L 52 -1.74 18.92 -10.69
C LEU L 52 -0.27 18.72 -11.06
N ALA L 53 -0.04 17.91 -12.09
CA ALA L 53 1.31 17.71 -12.62
C ALA L 53 2.04 19.04 -12.68
N ASN L 54 1.43 20.02 -13.32
CA ASN L 54 2.06 21.34 -13.40
C ASN L 54 2.23 22.07 -12.06
N LYS L 55 1.20 22.03 -11.21
CA LYS L 55 1.27 22.76 -9.94
C LYS L 55 2.36 22.19 -9.03
N LEU L 56 2.54 20.87 -9.07
CA LEU L 56 3.51 20.18 -8.21
C LEU L 56 4.92 20.04 -8.78
N ALA L 57 5.09 20.19 -10.09
CA ALA L 57 6.38 19.93 -10.74
C ALA L 57 7.50 20.60 -9.99
N ASN L 58 8.67 19.98 -10.09
CA ASN L 58 9.86 20.34 -9.36
C ASN L 58 11.02 19.67 -10.09
N PRO L 59 12.21 20.28 -10.09
CA PRO L 59 13.38 19.63 -10.69
C PRO L 59 13.52 18.16 -10.28
N ILE L 60 13.17 17.83 -9.04
CA ILE L 60 13.25 16.46 -8.55
C ILE L 60 12.21 15.55 -9.22
N MET L 61 11.03 16.09 -9.46
CA MET L 61 9.91 15.32 -9.99
C MET L 61 9.15 16.16 -11.01
N PRO L 62 9.52 16.04 -12.28
CA PRO L 62 8.96 16.97 -13.27
C PRO L 62 7.47 16.67 -13.52
N ALA L 63 6.77 17.66 -14.04
CA ALA L 63 5.33 17.57 -14.22
C ALA L 63 4.96 16.37 -15.06
N ILE L 64 5.72 16.14 -16.12
CA ILE L 64 5.46 15.05 -17.05
C ILE L 64 5.49 13.67 -16.37
N ALA L 65 6.32 13.52 -15.34
CA ALA L 65 6.41 12.28 -14.58
C ALA L 65 5.34 12.24 -13.52
N ILE L 66 5.18 13.35 -12.81
CA ILE L 66 4.05 13.53 -11.91
C ILE L 66 2.75 13.10 -12.60
N ARG L 67 2.47 13.66 -13.76
CA ARG L 67 1.22 13.34 -14.44
C ARG L 67 0.95 11.82 -14.55
N GLU L 68 1.99 11.02 -14.74
CA GLU L 68 1.83 9.56 -14.84
C GLU L 68 1.34 8.94 -13.54
N VAL L 69 1.97 9.32 -12.44
CA VAL L 69 1.56 8.86 -11.13
C VAL L 69 0.09 9.16 -10.86
N VAL L 70 -0.29 10.42 -11.07
CA VAL L 70 -1.67 10.86 -10.91
C VAL L 70 -2.60 10.07 -11.81
N GLU L 71 -2.23 9.96 -13.08
CA GLU L 71 -3.07 9.26 -14.05
C GLU L 71 -3.19 7.79 -13.64
N GLU L 72 -2.15 7.28 -13.01
CA GLU L 72 -2.19 5.91 -12.56
C GLU L 72 -3.17 5.78 -11.40
N ALA L 73 -3.17 6.77 -10.52
CA ALA L 73 -4.07 6.76 -9.38
C ALA L 73 -5.54 6.85 -9.81
N TYR L 74 -5.86 7.74 -10.74
CA TYR L 74 -7.24 7.84 -11.19
C TYR L 74 -7.66 6.52 -11.82
N ARG L 75 -6.72 5.81 -12.43
CA ARG L 75 -7.04 4.54 -13.06
C ARG L 75 -7.21 3.43 -12.02
N SER L 76 -6.76 3.69 -10.80
CA SER L 76 -6.87 2.71 -9.72
C SER L 76 -8.06 2.99 -8.80
N ASP L 77 -8.25 4.25 -8.47
CA ASP L 77 -9.41 4.67 -7.70
C ASP L 77 -10.05 5.89 -8.33
N ALA L 78 -10.88 5.65 -9.33
CA ALA L 78 -11.53 6.74 -10.06
C ALA L 78 -12.48 7.61 -9.19
N HIS L 79 -13.01 7.08 -8.10
CA HIS L 79 -13.82 7.91 -7.21
C HIS L 79 -13.09 9.20 -6.84
N MET L 80 -11.77 9.18 -6.96
CA MET L 80 -10.97 10.38 -6.71
C MET L 80 -11.49 11.55 -7.54
N ILE L 81 -11.90 11.25 -8.78
CA ILE L 81 -12.47 12.27 -9.66
C ILE L 81 -13.86 12.76 -9.18
N VAL L 82 -14.70 11.84 -8.71
CA VAL L 82 -15.95 12.22 -8.09
C VAL L 82 -15.68 13.18 -6.94
N SER L 83 -14.70 12.82 -6.11
CA SER L 83 -14.28 13.68 -5.02
C SER L 83 -13.94 15.07 -5.54
N ALA L 84 -12.99 15.15 -6.47
CA ALA L 84 -12.59 16.44 -7.02
C ALA L 84 -13.82 17.22 -7.45
N ALA L 85 -14.76 16.55 -8.11
CA ALA L 85 -15.94 17.25 -8.65
C ALA L 85 -16.89 17.75 -7.57
N ARG L 86 -17.03 16.96 -6.50
CA ARG L 86 -17.78 17.35 -5.34
C ARG L 86 -17.12 18.55 -4.66
N ASP L 87 -15.80 18.68 -4.76
CA ASP L 87 -15.12 19.78 -4.09
C ASP L 87 -15.35 21.06 -4.87
N ILE L 88 -15.15 20.96 -6.18
CA ILE L 88 -15.40 22.05 -7.11
C ILE L 88 -16.80 22.62 -6.91
N LEU L 89 -17.78 21.73 -6.89
CA LEU L 89 -19.18 22.08 -6.73
C LEU L 89 -19.40 22.84 -5.42
N ALA L 90 -18.73 22.36 -4.37
CA ALA L 90 -18.82 22.97 -3.06
C ALA L 90 -18.34 24.41 -3.08
N VAL L 91 -17.07 24.58 -3.45
CA VAL L 91 -16.48 25.90 -3.50
C VAL L 91 -17.44 26.84 -4.24
N ARG L 92 -17.93 26.37 -5.38
CA ARG L 92 -18.84 27.13 -6.21
C ARG L 92 -20.12 27.60 -5.48
N LEU L 93 -20.70 26.73 -4.66
CA LEU L 93 -21.89 27.09 -3.89
C LEU L 93 -21.55 28.01 -2.71
N ARG L 94 -20.58 27.59 -1.90
CA ARG L 94 -20.29 28.20 -0.62
C ARG L 94 -19.53 29.52 -0.68
N ASP L 95 -18.56 29.63 -1.59
CA ASP L 95 -17.75 30.85 -1.74
C ASP L 95 -18.34 31.87 -2.71
N PRO L 96 -18.87 32.96 -2.18
CA PRO L 96 -19.51 34.01 -3.00
C PRO L 96 -18.55 34.72 -3.95
N ALA L 97 -17.24 34.48 -3.82
CA ALA L 97 -16.26 35.13 -4.69
C ALA L 97 -15.92 34.26 -5.91
N VAL L 98 -16.48 33.05 -5.93
CA VAL L 98 -16.30 32.14 -7.04
C VAL L 98 -17.61 32.03 -7.84
N ASP L 99 -17.56 32.41 -9.12
CA ASP L 99 -18.74 32.34 -9.98
C ASP L 99 -18.53 31.41 -11.17
N LYS L 100 -17.41 30.72 -11.19
CA LYS L 100 -17.11 29.79 -12.27
C LYS L 100 -16.64 28.47 -11.69
N TYR L 101 -17.22 27.37 -12.18
CA TYR L 101 -16.75 26.04 -11.81
C TYR L 101 -15.25 25.92 -12.06
N SER L 102 -14.78 26.64 -13.08
CA SER L 102 -13.42 26.54 -13.54
C SER L 102 -12.41 27.19 -12.58
N THR L 103 -12.85 28.14 -11.77
CA THR L 103 -11.93 28.87 -10.89
C THR L 103 -11.22 28.00 -9.82
N PRO L 104 -11.97 27.12 -9.12
CA PRO L 104 -11.36 26.16 -8.18
C PRO L 104 -10.34 25.26 -8.87
N LEU L 105 -10.75 24.71 -10.01
CA LEU L 105 -9.95 23.76 -10.76
C LEU L 105 -8.63 24.34 -11.28
N LEU L 106 -8.67 25.58 -11.76
CA LEU L 106 -7.49 26.23 -12.34
C LEU L 106 -6.63 26.96 -11.32
N TYR L 107 -7.25 27.66 -10.38
CA TYR L 107 -6.52 28.66 -9.60
C TYR L 107 -6.39 28.47 -8.10
N LEU L 108 -7.34 27.78 -7.49
CA LEU L 108 -7.43 27.78 -6.02
C LEU L 108 -6.51 26.78 -5.34
N LYS L 109 -5.54 27.30 -4.61
CA LYS L 109 -4.52 26.43 -4.03
C LYS L 109 -5.09 25.45 -3.01
N GLY L 110 -6.05 25.91 -2.21
CA GLY L 110 -6.76 25.06 -1.28
C GLY L 110 -7.41 23.84 -1.91
N PHE L 111 -7.98 24.03 -3.09
CA PHE L 111 -8.55 22.92 -3.84
C PHE L 111 -7.43 22.01 -4.37
N HIS L 112 -6.40 22.62 -4.94
CA HIS L 112 -5.26 21.89 -5.52
C HIS L 112 -4.59 21.03 -4.43
N ALA L 113 -4.42 21.63 -3.25
CA ALA L 113 -3.89 20.92 -2.10
C ALA L 113 -4.75 19.70 -1.77
N LEU L 114 -6.06 19.88 -1.75
CA LEU L 114 -6.96 18.79 -1.42
C LEU L 114 -6.77 17.63 -2.41
N GLN L 115 -6.71 17.97 -3.68
CA GLN L 115 -6.55 16.95 -4.71
C GLN L 115 -5.16 16.27 -4.65
N ALA L 116 -4.12 17.02 -4.30
CA ALA L 116 -2.80 16.42 -4.11
C ALA L 116 -2.83 15.44 -2.94
N TYR L 117 -3.43 15.85 -1.84
CA TYR L 117 -3.59 14.94 -0.72
C TYR L 117 -4.10 13.58 -1.20
N ARG L 118 -5.04 13.59 -2.14
CA ARG L 118 -5.68 12.36 -2.55
C ARG L 118 -4.69 11.42 -3.21
N ILE L 119 -3.69 12.01 -3.84
CA ILE L 119 -2.62 11.24 -4.46
C ILE L 119 -1.77 10.63 -3.36
N GLY L 120 -1.27 11.47 -2.47
CA GLY L 120 -0.51 11.00 -1.31
C GLY L 120 -1.25 9.88 -0.60
N HIS L 121 -2.53 10.13 -0.26
CA HIS L 121 -3.35 9.17 0.48
C HIS L 121 -3.37 7.82 -0.21
N TRP L 122 -3.58 7.85 -1.51
CA TRP L 122 -3.58 6.66 -2.35
C TRP L 122 -2.20 6.01 -2.39
N LEU L 123 -1.18 6.80 -2.67
CA LEU L 123 0.21 6.32 -2.62
C LEU L 123 0.47 5.62 -1.29
N TRP L 124 0.03 6.27 -0.21
CA TRP L 124 0.28 5.80 1.14
C TRP L 124 -0.45 4.49 1.38
N ALA L 125 -1.61 4.35 0.77
CA ALA L 125 -2.43 3.16 0.92
C ALA L 125 -1.77 2.00 0.20
N GLN L 126 -0.66 2.29 -0.47
CA GLN L 126 -0.03 1.34 -1.36
C GLN L 126 1.37 0.96 -0.92
N ASP L 127 1.72 1.37 0.29
CA ASP L 127 3.07 1.21 0.80
C ASP L 127 4.05 1.91 -0.12
N ARG L 128 3.60 3.02 -0.70
CA ARG L 128 4.46 3.90 -1.46
C ARG L 128 4.53 5.19 -0.67
N LYS L 129 5.02 5.06 0.56
CA LYS L 129 4.96 6.16 1.52
C LYS L 129 6.06 7.19 1.30
N ALA L 130 7.20 6.73 0.79
CA ALA L 130 8.34 7.62 0.59
C ALA L 130 7.91 8.68 -0.40
N LEU L 131 7.29 8.23 -1.48
CA LEU L 131 6.80 9.16 -2.48
C LEU L 131 5.70 10.06 -1.88
N ALA L 132 4.88 9.49 -1.00
CA ALA L 132 3.79 10.26 -0.39
C ALA L 132 4.32 11.38 0.50
N ILE L 133 5.35 11.06 1.28
CA ILE L 133 5.93 12.03 2.18
C ILE L 133 6.47 13.19 1.35
N TYR L 134 7.09 12.85 0.23
CA TYR L 134 7.69 13.83 -0.67
C TYR L 134 6.65 14.80 -1.29
N LEU L 135 5.52 14.27 -1.73
CA LEU L 135 4.45 15.12 -2.24
C LEU L 135 3.88 16.07 -1.16
N GLN L 136 3.60 15.53 0.02
CA GLN L 136 2.99 16.32 1.10
C GLN L 136 3.81 17.57 1.41
N ASN L 137 5.13 17.43 1.41
CA ASN L 137 5.99 18.55 1.73
C ASN L 137 6.22 19.49 0.54
N GLN L 138 6.12 18.94 -0.67
CA GLN L 138 6.14 19.77 -1.87
C GLN L 138 4.89 20.67 -1.83
N VAL L 139 3.76 20.05 -1.45
CA VAL L 139 2.49 20.74 -1.30
C VAL L 139 2.61 21.81 -0.23
N SER L 140 3.31 21.50 0.84
CA SER L 140 3.48 22.49 1.90
C SER L 140 4.38 23.63 1.46
N VAL L 141 5.37 23.35 0.62
CA VAL L 141 6.26 24.39 0.14
C VAL L 141 5.53 25.30 -0.86
N ALA L 142 4.93 24.68 -1.86
CA ALA L 142 4.32 25.42 -2.95
C ALA L 142 3.04 26.18 -2.53
N PHE L 143 2.18 25.53 -1.76
CA PHE L 143 0.87 26.10 -1.38
C PHE L 143 0.80 26.60 0.06
N GLY L 144 1.76 26.20 0.90
CA GLY L 144 1.70 26.49 2.33
C GLY L 144 0.57 25.74 3.02
N VAL L 145 0.17 24.62 2.41
CA VAL L 145 -0.83 23.77 3.00
C VAL L 145 -0.17 22.44 3.37
N ASP L 146 -0.39 21.97 4.59
CA ASP L 146 0.28 20.76 5.03
C ASP L 146 -0.69 19.65 5.43
N ILE L 147 -0.96 18.76 4.49
CA ILE L 147 -1.85 17.63 4.75
C ILE L 147 -1.10 16.30 4.74
N HIS L 148 -0.89 15.72 5.92
CA HIS L 148 -0.34 14.38 6.00
C HIS L 148 -1.21 13.36 5.27
N PRO L 149 -0.61 12.55 4.38
CA PRO L 149 -1.40 11.69 3.49
C PRO L 149 -2.15 10.56 4.18
N ALA L 150 -1.86 10.28 5.45
CA ALA L 150 -2.57 9.22 6.15
C ALA L 150 -3.87 9.74 6.78
N ALA L 151 -4.03 11.06 6.76
CA ALA L 151 -5.26 11.68 7.20
C ALA L 151 -6.36 11.10 6.35
N THR L 152 -7.56 11.03 6.90
CA THR L 152 -8.73 10.52 6.19
C THR L 152 -9.80 11.60 5.98
N ILE L 153 -9.92 12.02 4.72
CA ILE L 153 -10.67 13.20 4.34
C ILE L 153 -11.73 12.92 3.27
N GLY L 154 -13.00 13.22 3.55
CA GLY L 154 -14.05 12.99 2.59
C GLY L 154 -14.09 13.97 1.43
N CYS L 155 -15.26 14.13 0.81
CA CYS L 155 -15.41 15.04 -0.34
C CYS L 155 -16.51 16.09 -0.16
N GLY L 156 -16.64 16.97 -1.15
CA GLY L 156 -17.51 18.13 -1.02
C GLY L 156 -16.95 19.07 0.02
N ILE L 157 -15.62 19.22 -0.01
CA ILE L 157 -14.91 20.00 0.99
C ILE L 157 -14.34 21.30 0.42
N MET L 158 -14.42 22.37 1.19
CA MET L 158 -13.89 23.64 0.75
C MET L 158 -12.81 24.03 1.72
N LEU L 159 -11.66 24.41 1.16
CA LEU L 159 -10.54 24.96 1.91
C LEU L 159 -10.29 26.34 1.34
N ASP L 160 -10.91 27.33 1.96
CA ASP L 160 -10.96 28.64 1.34
C ASP L 160 -9.77 29.49 1.77
N HIS L 161 -9.07 30.03 0.76
CA HIS L 161 -7.80 30.75 0.96
C HIS L 161 -6.65 29.79 1.27
N ALA L 162 -6.85 28.94 2.29
CA ALA L 162 -6.01 27.76 2.52
C ALA L 162 -4.63 28.02 3.14
N THR L 163 -4.05 29.19 2.93
CA THR L 163 -2.75 29.50 3.52
C THR L 163 -2.72 29.12 4.99
N GLY L 164 -1.75 28.30 5.39
CA GLY L 164 -1.54 27.95 6.79
C GLY L 164 -2.34 26.76 7.33
N ILE L 165 -3.21 26.21 6.51
CA ILE L 165 -3.94 25.02 6.92
C ILE L 165 -2.96 23.89 7.23
N VAL L 166 -3.24 23.16 8.31
CA VAL L 166 -2.45 22.02 8.75
C VAL L 166 -3.38 20.88 9.12
N ILE L 167 -3.20 19.72 8.50
CA ILE L 167 -4.00 18.57 8.89
C ILE L 167 -3.11 17.36 9.14
N GLY L 168 -2.98 17.00 10.41
CA GLY L 168 -2.10 15.94 10.88
C GLY L 168 -2.57 14.52 10.63
N GLU L 169 -1.67 13.60 10.97
CA GLU L 169 -1.71 12.19 10.60
C GLU L 169 -2.95 11.37 10.95
N THR L 170 -3.45 11.51 12.17
CA THR L 170 -4.64 10.76 12.53
C THR L 170 -5.96 11.57 12.42
N ALA L 171 -5.96 12.69 11.70
CA ALA L 171 -7.16 13.50 11.54
C ALA L 171 -8.20 12.86 10.61
N VAL L 172 -9.47 13.13 10.92
CA VAL L 172 -10.56 12.68 10.07
C VAL L 172 -11.52 13.84 9.75
N VAL L 173 -11.58 14.24 8.48
CA VAL L 173 -12.55 15.23 8.05
C VAL L 173 -13.59 14.55 7.17
N GLU L 174 -14.85 14.65 7.57
CA GLU L 174 -15.92 13.99 6.82
C GLU L 174 -16.44 14.87 5.68
N ASN L 175 -17.40 14.33 4.92
CA ASN L 175 -17.97 15.02 3.76
C ASN L 175 -18.55 16.38 4.10
N ASP L 176 -18.60 17.24 3.10
CA ASP L 176 -19.29 18.53 3.20
C ASP L 176 -18.87 19.30 4.44
N VAL L 177 -17.56 19.53 4.53
CA VAL L 177 -17.02 20.35 5.59
C VAL L 177 -16.34 21.54 4.95
N SER L 178 -16.35 22.67 5.64
CA SER L 178 -15.77 23.90 5.10
C SER L 178 -14.75 24.47 6.07
N ILE L 179 -13.53 24.69 5.55
CA ILE L 179 -12.42 25.10 6.39
C ILE L 179 -11.70 26.31 5.80
N LEU L 180 -11.48 27.31 6.65
CA LEU L 180 -10.84 28.55 6.23
C LEU L 180 -9.32 28.49 6.39
N GLN L 181 -8.63 29.50 5.88
CA GLN L 181 -7.19 29.59 6.01
C GLN L 181 -6.77 29.44 7.48
N SER L 182 -5.48 29.19 7.70
CA SER L 182 -4.90 29.17 9.05
C SER L 182 -5.58 28.26 10.07
N VAL L 183 -6.25 27.22 9.58
CA VAL L 183 -6.97 26.32 10.48
C VAL L 183 -6.09 25.10 10.74
N THR L 184 -5.97 24.70 12.01
CA THR L 184 -5.17 23.52 12.33
C THR L 184 -6.01 22.36 12.85
N LEU L 185 -5.94 21.23 12.16
CA LEU L 185 -6.44 19.98 12.70
C LEU L 185 -5.22 19.21 13.19
N GLY L 186 -4.70 19.62 14.35
CA GLY L 186 -3.39 19.18 14.82
C GLY L 186 -3.42 18.17 15.94
N GLY L 187 -2.25 17.65 16.28
CA GLY L 187 -2.15 16.61 17.30
C GLY L 187 -1.65 17.12 18.64
N THR L 188 -1.53 16.22 19.59
CA THR L 188 -0.90 16.49 20.87
C THR L 188 -0.01 15.29 21.12
N GLY L 189 0.97 15.46 22.01
CA GLY L 189 1.78 14.35 22.46
C GLY L 189 3.01 14.17 21.59
N LYS L 190 3.92 13.31 22.03
CA LYS L 190 5.10 12.98 21.24
C LYS L 190 5.10 11.50 20.89
N THR L 191 3.91 10.94 20.79
CA THR L 191 3.73 9.51 20.61
C THR L 191 2.67 9.17 19.58
N SER L 192 2.87 8.06 18.87
CA SER L 192 2.01 7.68 17.77
C SER L 192 0.63 7.16 18.19
N GLY L 193 -0.28 7.07 17.22
CA GLY L 193 -1.66 6.68 17.50
C GLY L 193 -2.59 7.87 17.34
N ASP L 194 -3.86 7.64 17.65
CA ASP L 194 -4.90 8.66 17.47
C ASP L 194 -4.70 9.86 18.37
N ARG L 195 -4.37 11.00 17.77
CA ARG L 195 -4.05 12.19 18.54
C ARG L 195 -4.49 13.46 17.81
N HIS L 196 -5.30 13.29 16.75
CA HIS L 196 -5.82 14.39 15.95
C HIS L 196 -7.37 14.45 15.94
N PRO L 197 -7.94 15.58 15.51
CA PRO L 197 -9.41 15.76 15.51
C PRO L 197 -10.19 14.91 14.50
N LYS L 198 -11.37 14.46 14.92
CA LYS L 198 -12.36 13.93 13.99
C LYS L 198 -13.44 15.00 13.76
N ILE L 199 -13.57 15.44 12.51
CA ILE L 199 -14.52 16.47 12.14
C ILE L 199 -15.67 15.85 11.35
N ARG L 200 -16.87 15.92 11.92
CA ARG L 200 -18.02 15.28 11.28
C ARG L 200 -18.67 16.11 10.18
N GLU L 201 -19.48 15.43 9.38
CA GLU L 201 -20.25 16.02 8.31
C GLU L 201 -20.92 17.32 8.74
N GLY L 202 -20.76 18.35 7.91
CA GLY L 202 -21.51 19.59 8.08
C GLY L 202 -20.80 20.71 8.80
N VAL L 203 -19.67 20.41 9.40
CA VAL L 203 -18.97 21.43 10.15
C VAL L 203 -18.39 22.56 9.29
N MET L 204 -18.45 23.77 9.82
CA MET L 204 -17.66 24.86 9.28
C MET L 204 -16.59 25.22 10.33
N ILE L 205 -15.38 25.50 9.86
CA ILE L 205 -14.34 25.97 10.75
C ILE L 205 -13.81 27.33 10.33
N GLY L 206 -14.05 28.34 11.17
CA GLY L 206 -13.62 29.70 10.87
C GLY L 206 -12.12 29.90 10.87
N ALA L 207 -11.69 30.95 10.16
CA ALA L 207 -10.27 31.22 9.97
C ALA L 207 -9.58 31.35 11.31
N GLY L 208 -8.34 30.84 11.38
CA GLY L 208 -7.54 30.95 12.58
C GLY L 208 -7.68 29.81 13.60
N ALA L 209 -8.76 29.05 13.51
CA ALA L 209 -9.05 28.02 14.51
C ALA L 209 -7.92 26.98 14.69
N LYS L 210 -7.73 26.53 15.94
CA LYS L 210 -6.75 25.51 16.30
C LYS L 210 -7.48 24.36 17.02
N ILE L 211 -7.54 23.20 16.39
CA ILE L 211 -8.28 22.09 16.96
C ILE L 211 -7.33 20.93 17.23
N LEU L 212 -7.09 20.68 18.52
CA LEU L 212 -6.01 19.82 18.96
C LEU L 212 -6.46 18.61 19.75
N GLY L 213 -6.00 17.44 19.32
CA GLY L 213 -6.14 16.22 20.09
C GLY L 213 -7.06 15.23 19.41
N ASN L 214 -7.06 14.00 19.90
CA ASN L 214 -8.04 13.02 19.48
C ASN L 214 -9.38 13.38 20.09
N ILE L 215 -9.97 14.48 19.61
CA ILE L 215 -11.27 14.95 20.09
C ILE L 215 -12.20 15.10 18.91
N GLU L 216 -13.50 15.15 19.16
CA GLU L 216 -14.48 15.17 18.08
C GLU L 216 -15.24 16.49 17.94
N VAL L 217 -15.60 16.84 16.70
CA VAL L 217 -16.50 17.95 16.43
C VAL L 217 -17.74 17.40 15.73
N GLY L 218 -18.89 17.36 16.42
CA GLY L 218 -20.10 16.75 15.89
C GLY L 218 -20.68 17.30 14.57
N ARG L 219 -21.63 16.55 14.00
CA ARG L 219 -22.27 16.96 12.74
C ARG L 219 -22.91 18.34 12.89
N GLY L 220 -22.80 19.15 11.84
CA GLY L 220 -23.42 20.45 11.83
C GLY L 220 -22.88 21.43 12.86
N ALA L 221 -21.76 21.11 13.48
CA ALA L 221 -21.17 22.04 14.44
C ALA L 221 -20.51 23.20 13.73
N LYS L 222 -20.46 24.36 14.38
CA LYS L 222 -19.68 25.46 13.85
C LYS L 222 -18.58 25.78 14.83
N ILE L 223 -17.43 26.16 14.30
CA ILE L 223 -16.26 26.48 15.13
C ILE L 223 -15.72 27.85 14.76
N GLY L 224 -15.81 28.78 15.69
CA GLY L 224 -15.50 30.17 15.43
C GLY L 224 -14.09 30.48 14.96
N ALA L 225 -13.95 31.65 14.34
CA ALA L 225 -12.65 32.16 13.97
C ALA L 225 -11.78 32.34 15.20
N GLY L 226 -10.51 31.93 15.11
CA GLY L 226 -9.52 32.14 16.16
C GLY L 226 -9.69 31.28 17.41
N SER L 227 -10.66 30.38 17.35
CA SER L 227 -10.95 29.50 18.48
C SER L 227 -9.86 28.45 18.71
N VAL L 228 -9.65 28.09 19.97
CA VAL L 228 -8.75 26.99 20.30
C VAL L 228 -9.52 25.85 20.96
N VAL L 229 -9.81 24.83 20.18
CA VAL L 229 -10.63 23.73 20.63
C VAL L 229 -9.79 22.59 21.21
N LEU L 230 -9.92 22.35 22.51
CA LEU L 230 -9.17 21.27 23.16
C LEU L 230 -10.08 20.15 23.66
N GLN L 231 -11.40 20.37 23.59
CA GLN L 231 -12.35 19.36 24.01
C GLN L 231 -13.42 19.13 22.95
N SER L 232 -13.96 17.93 22.90
CA SER L 232 -15.03 17.60 21.96
C SER L 232 -16.16 18.64 21.91
N VAL L 233 -16.73 18.82 20.73
CA VAL L 233 -17.78 19.82 20.51
C VAL L 233 -19.05 19.12 20.00
N PRO L 234 -20.14 19.25 20.76
CA PRO L 234 -21.32 18.45 20.46
C PRO L 234 -21.92 18.78 19.09
N ALA L 235 -22.52 17.78 18.46
CA ALA L 235 -23.31 17.98 17.25
C ALA L 235 -24.16 19.23 17.37
N HIS L 236 -24.24 19.99 16.29
CA HIS L 236 -25.22 21.06 16.19
C HIS L 236 -25.07 22.14 17.27
N THR L 237 -23.84 22.38 17.70
CA THR L 237 -23.55 23.48 18.60
C THR L 237 -22.43 24.34 18.05
N THR L 238 -22.28 25.52 18.63
CA THR L 238 -21.26 26.49 18.23
C THR L 238 -20.22 26.64 19.35
N ALA L 239 -18.95 26.53 18.97
CA ALA L 239 -17.85 26.61 19.93
C ALA L 239 -16.94 27.74 19.55
N ALA L 240 -16.65 28.63 20.50
CA ALA L 240 -15.73 29.72 20.21
C ALA L 240 -14.93 30.20 21.42
N GLY L 241 -13.82 30.88 21.15
CA GLY L 241 -12.93 31.42 22.19
C GLY L 241 -11.61 30.69 22.38
N VAL L 242 -10.76 31.26 23.25
CA VAL L 242 -9.44 30.70 23.57
C VAL L 242 -9.28 30.55 25.09
N PRO L 243 -9.50 29.33 25.60
CA PRO L 243 -9.89 28.17 24.79
C PRO L 243 -11.38 28.17 24.51
N ALA L 244 -11.80 27.33 23.56
CA ALA L 244 -13.18 27.32 23.10
C ALA L 244 -14.18 26.74 24.11
N ARG L 245 -15.46 27.08 23.87
CA ARG L 245 -16.58 26.45 24.57
C ARG L 245 -17.89 26.71 23.83
N ILE L 246 -18.92 25.95 24.19
CA ILE L 246 -20.20 26.07 23.51
C ILE L 246 -20.82 27.43 23.83
N VAL L 247 -20.96 28.29 22.83
CA VAL L 247 -21.55 29.61 23.03
C VAL L 247 -22.96 29.70 22.44
N GLY L 248 -23.43 28.61 21.84
CA GLY L 248 -24.74 28.56 21.26
C GLY L 248 -24.94 27.40 20.31
N LYS L 249 -25.69 27.66 19.24
CA LYS L 249 -25.97 26.66 18.22
C LYS L 249 -25.96 27.32 16.84
N PRO L 250 -25.61 26.56 15.79
CA PRO L 250 -25.67 27.14 14.44
C PRO L 250 -27.12 27.36 14.02
N GLU L 251 -27.35 28.32 13.14
CA GLU L 251 -28.69 28.64 12.68
C GLU L 251 -29.17 27.61 11.66
N SER L 252 -28.23 26.92 11.03
CA SER L 252 -28.58 25.91 10.02
C SER L 252 -28.12 24.48 10.39
N ASP L 253 -28.78 23.51 9.77
CA ASP L 253 -28.41 22.11 9.87
C ASP L 253 -26.92 21.87 9.66
N LYS L 254 -26.38 22.50 8.62
CA LYS L 254 -25.02 22.28 8.22
C LYS L 254 -24.37 23.61 7.89
N PRO L 255 -23.78 24.26 8.90
CA PRO L 255 -23.17 25.59 8.78
C PRO L 255 -22.18 25.63 7.62
N SER L 256 -21.70 24.45 7.22
CA SER L 256 -20.70 24.31 6.16
C SER L 256 -21.26 24.75 4.81
N LEU L 257 -22.58 24.70 4.68
CA LEU L 257 -23.19 25.14 3.44
C LEU L 257 -23.38 26.65 3.39
N ASP L 258 -23.34 27.29 4.55
CA ASP L 258 -23.81 28.67 4.67
C ASP L 258 -22.71 29.65 4.99
N MET L 259 -21.64 29.18 5.61
CA MET L 259 -20.48 30.01 5.87
C MET L 259 -20.78 31.24 6.71
N ASP L 260 -21.70 31.12 7.65
CA ASP L 260 -21.95 32.21 8.58
C ASP L 260 -20.89 32.23 9.68
N GLN L 261 -20.20 33.36 9.79
CA GLN L 261 -19.03 33.51 10.64
C GLN L 261 -19.35 34.09 12.01
N HIS L 262 -20.64 34.29 12.29
CA HIS L 262 -21.00 34.94 13.54
C HIS L 262 -21.06 33.95 14.70
N PHE L 263 -20.82 34.46 15.91
CA PHE L 263 -21.01 33.74 17.17
C PHE L 263 -21.15 34.70 18.37
N ASN L 264 -21.57 34.18 19.51
CA ASN L 264 -21.92 35.04 20.65
C ASN L 264 -20.94 35.06 21.82
S SO4 M . -30.16 -19.64 44.46
O1 SO4 M . -29.14 -20.66 44.66
O2 SO4 M . -31.00 -19.52 45.64
O3 SO4 M . -29.50 -18.36 44.24
O4 SO4 M . -30.99 -20.06 43.33
C ACY N . -42.86 -27.28 19.63
O ACY N . -43.55 -28.00 20.39
OXT ACY N . -42.25 -27.68 18.58
CH3 ACY N . -42.78 -25.84 20.04
N CYS O . -18.33 -31.58 48.10
CA CYS O . -18.93 -31.39 49.40
C CYS O . -19.14 -32.75 50.04
O CYS O . -19.40 -32.85 51.25
CB CYS O . -20.28 -30.67 49.28
SG CYS O . -21.50 -31.58 48.24
OXT CYS O . -19.08 -33.77 49.36
N CYS P . -41.84 -25.65 33.27
CA CYS P . -42.75 -25.23 34.32
C CYS P . -43.91 -24.43 33.74
O CYS P . -44.91 -24.17 34.43
CB CYS P . -42.01 -24.40 35.36
SG CYS P . -41.60 -22.70 34.80
OXT CYS P . -43.88 -24.00 32.58
C1 GOL Q . -12.98 -1.69 29.04
O1 GOL Q . -11.79 -1.18 28.51
C2 GOL Q . -13.22 -1.03 30.39
O2 GOL Q . -14.10 0.06 30.25
C3 GOL Q . -13.79 -2.08 31.34
O3 GOL Q . -14.37 -1.49 32.49
N CYS R . -23.28 -5.09 38.86
CA CYS R . -23.55 -4.48 40.15
C CYS R . -22.33 -3.70 40.61
O CYS R . -22.37 -3.00 41.63
CB CYS R . -23.94 -5.52 41.20
SG CYS R . -22.69 -6.77 41.55
OXT CYS R . -21.28 -3.78 39.97
C1 PG5 S . -5.51 -24.47 53.27
O1 PG5 S . -5.36 -23.19 52.71
C2 PG5 S . -4.13 -22.69 52.25
C3 PG5 S . -3.49 -21.56 53.05
O2 PG5 S . -2.83 -20.51 52.40
C4 PG5 S . -2.62 -19.31 53.08
C5 PG5 S . -1.22 -18.73 53.09
O3 PG5 S . -0.84 -17.99 51.97
C6 PG5 S . 0.22 -17.09 52.12
C7 PG5 S . 0.42 -16.00 51.07
O4 PG5 S . 0.14 -14.67 51.44
C8 PG5 S . -1.06 -14.06 51.07
C ACY T . -10.68 -40.54 41.47
O ACY T . -11.94 -40.61 41.64
OXT ACY T . -9.88 -40.31 42.42
CH3 ACY T . -10.11 -40.71 40.08
N CYS U . 6.63 -17.79 -8.70
CA CYS U . 7.31 -17.64 -9.98
C CYS U . 7.08 -16.26 -10.59
O CYS U . 7.84 -15.86 -11.49
CB CYS U . 6.87 -18.75 -10.94
SG CYS U . 5.09 -18.94 -11.14
OXT CYS U . 6.17 -15.50 -10.21
N CYS V . -13.96 -35.11 -16.13
CA CYS V . -13.55 -35.57 -17.47
C CYS V . -14.40 -36.76 -17.90
O CYS V . -14.23 -37.25 -19.01
CB CYS V . -12.07 -35.97 -17.46
SG CYS V . -11.75 -37.44 -16.41
OXT CYS V . -15.22 -37.27 -17.13
C1 GOL W . 7.92 -45.56 13.35
O1 GOL W . 7.00 -46.29 14.12
C2 GOL W . 7.85 -46.10 11.95
O2 GOL W . 7.81 -47.49 12.02
C3 GOL W . 9.10 -45.70 11.16
O3 GOL W . 8.78 -45.78 9.79
N CYS X . 7.77 -44.77 -1.58
CA CYS X . 8.80 -45.28 -2.49
C CYS X . 10.09 -45.46 -1.70
O CYS X . 11.15 -45.79 -2.26
CB CYS X . 9.02 -44.30 -3.63
SG CYS X . 9.55 -42.69 -3.05
OXT CYS X . 10.10 -45.25 -0.47
S SO4 Y . 2.73 -33.65 -13.18
O1 SO4 Y . 2.90 -34.68 -12.16
O2 SO4 Y . 1.29 -33.49 -13.45
O3 SO4 Y . 3.30 -32.39 -12.74
O4 SO4 Y . 3.40 -34.11 -14.38
C1 GOL Z . 0.85 -7.58 0.20
O1 GOL Z . 1.22 -7.32 1.54
C2 GOL Z . 2.04 -8.18 -0.52
O2 GOL Z . 3.22 -7.70 0.10
C3 GOL Z . 2.05 -7.77 -1.99
O3 GOL Z . 2.69 -8.81 -2.73
N CYS AA . 15.08 26.34 -48.46
CA CYS AA . 15.59 26.16 -49.81
C CYS AA . 14.61 25.34 -50.63
O CYS AA . 13.66 24.79 -50.08
CB CYS AA . 16.91 25.38 -49.78
SG CYS AA . 16.67 23.64 -49.25
OXT CYS AA . 14.81 25.17 -51.83
S SO4 BA . 30.56 20.76 -44.46
O1 SO4 BA . 30.35 19.42 -43.88
O2 SO4 BA . 29.29 21.46 -44.57
O3 SO4 BA . 31.46 21.56 -43.62
O4 SO4 BA . 31.11 20.61 -45.80
C1 GOL CA . 28.95 2.34 -23.92
O1 GOL CA . 29.08 2.39 -25.33
C2 GOL CA . 27.91 1.30 -23.56
O2 GOL CA . 27.26 0.86 -24.73
C3 GOL CA . 26.87 1.85 -22.58
O3 GOL CA . 27.27 1.64 -21.25
N CYS DA . 29.98 6.33 -35.95
CA CYS DA . 30.87 5.72 -36.95
C CYS DA . 31.89 4.76 -36.32
O CYS DA . 32.67 4.13 -37.03
CB CYS DA . 31.61 6.81 -37.74
SG CYS DA . 32.66 7.82 -36.68
OXT CYS DA . 31.94 4.59 -35.10
N CYS EA . 39.07 32.74 -35.42
CA CYS EA . 40.01 32.84 -36.51
C CYS EA . 40.29 34.29 -36.88
O CYS EA . 41.14 34.61 -37.70
CB CYS EA . 39.46 32.09 -37.73
SG CYS EA . 37.95 32.87 -38.42
OXT CYS EA . 39.65 35.21 -36.38
C1 GOL FA . 14.15 52.49 10.77
O1 GOL FA . 13.02 51.86 10.17
C2 GOL FA . 14.45 53.73 9.95
O2 GOL FA . 15.83 53.74 9.64
C3 GOL FA . 14.11 54.98 10.76
O3 GOL FA . 13.76 56.03 9.87
C ACY GA . -16.03 39.42 -20.16
O ACY GA . -16.14 40.43 -19.43
OXT ACY GA . -15.71 39.47 -21.37
CH3 ACY GA . -16.34 38.09 -19.51
C ACY HA . 20.60 46.60 5.91
O ACY HA . 20.74 47.81 6.19
OXT ACY HA . 21.01 46.08 4.84
CH3 ACY HA . 19.90 45.71 6.92
N CYS IA . 9.22 44.05 11.89
CA CYS IA . 8.73 44.60 13.15
C CYS IA . 9.87 44.94 14.11
O CYS IA . 9.67 45.41 15.23
CB CYS IA . 7.78 43.61 13.82
SG CYS IA . 8.52 41.98 14.14
OXT CYS IA . 11.04 44.76 13.79
S SO4 JA . 25.01 34.71 -11.33
O1 SO4 JA . 24.23 33.56 -10.91
O2 SO4 JA . 24.12 35.79 -11.75
O3 SO4 JA . 25.83 35.15 -10.20
O4 SO4 JA . 25.86 34.34 -12.45
S SO4 KA . -3.20 32.61 13.29
O1 SO4 KA . -3.06 31.16 13.20
O2 SO4 KA . -3.96 32.96 14.50
O3 SO4 KA . -1.89 33.26 13.33
O4 SO4 KA . -3.87 33.08 12.09
C1 PEG LA . -12.20 33.91 -14.09
O1 PEG LA . -11.33 32.99 -14.69
C2 PEG LA . -13.21 34.74 -14.92
O2 PEG LA . -13.82 35.84 -14.30
C3 PEG LA . -14.55 35.71 -13.11
C4 PEG LA . -14.52 36.91 -12.18
O4 PEG LA . -14.45 36.65 -10.80
N CYS MA . -14.28 33.62 0.55
CA CYS MA . -15.26 34.26 1.42
C CYS MA . -15.93 35.42 0.67
O CYS MA . -15.49 35.83 -0.42
CB CYS MA . -14.58 34.78 2.69
SG CYS MA . -13.38 36.07 2.35
OXT CYS MA . -16.93 35.97 1.14
N CYS NA . 3.31 16.73 14.02
CA CYS NA . 2.54 16.54 15.26
C CYS NA . 1.83 15.20 15.27
O CYS NA . 1.20 14.85 16.27
CB CYS NA . 1.50 17.66 15.42
SG CYS NA . 0.27 17.70 14.07
OXT CYS NA . 1.84 14.44 14.30
#